data_9B4X
#
_entry.id   9B4X
#
_cell.length_a   1.00
_cell.length_b   1.00
_cell.length_c   1.00
_cell.angle_alpha   90.00
_cell.angle_beta   90.00
_cell.angle_gamma   90.00
#
_symmetry.space_group_name_H-M   'P 1'
#
loop_
_entity.id
_entity.type
_entity.pdbx_description
1 polymer 'Spike glycoprotein'
2 branched 2-acetamido-2-deoxy-beta-D-glucopyranose-(1-4)-2-acetamido-2-deoxy-beta-D-glucopyranose
3 branched beta-D-mannopyranose-(1-4)-2-acetamido-2-deoxy-beta-D-glucopyranose-(1-4)-2-acetamido-2-deoxy-beta-D-glucopyranose
4 branched alpha-D-mannopyranose-(1-3)-[2-acetamido-2-deoxy-beta-D-glucopyranose-(1-4)]beta-D-mannopyranose-(1-4)-2-acetamido-2-deoxy-beta-D-glucopyranose-(1-4)-[alpha-L-fucopyranose-(1-6)]2-acetamido-2-deoxy-beta-D-glucopyranose
5 branched alpha-D-mannopyranose-(1-6)-beta-D-mannopyranose-(1-4)-2-acetamido-2-deoxy-beta-D-glucopyranose-(1-4)-2-acetamido-2-deoxy-beta-D-glucopyranose
6 branched 2-acetamido-2-deoxy-beta-D-glucopyranose-(1-4)-[alpha-L-fucopyranose-(1-6)]2-acetamido-2-deoxy-beta-D-glucopyranose
7 branched 2-acetamido-2-deoxy-beta-D-glucopyranose-(1-2)-alpha-D-mannopyranose-(1-3)-beta-D-mannopyranose-(1-4)-2-acetamido-2-deoxy-beta-D-glucopyranose-(1-4)-2-acetamido-2-deoxy-beta-D-glucopyranose
8 non-polymer 2-acetamido-2-deoxy-beta-D-glucopyranose
#
_entity_poly.entity_id   1
_entity_poly.type   'polypeptide(L)'
_entity_poly.pdbx_seq_one_letter_code
;MFVFLVLLPLVSSQCVNLSAWSHPQFEKGGGSGGGSGGSSAWSHPQFEKSALVPRGSTTRTQLPPAYTNSFTRGVYYPDK
VFRSSVLHSTQDLFLPFFSNVTWFHAIHVSGTNGTKRFDNPVLPFNDGVYFASTEKSNIIRGWIFGTTLDSKTQSLLIVN
NATNVVIKVCEFQFCNDPFLGVYYHKNNKSWMESEFRVYSSANNCTFEYVSQPFLMDLEGKQGNFKNLREFVFKNIDGYF
KIYSKHTPINLVRDLPQGFSALEPLVDLPIGINITRFQTLLALHRSYLTPGDSSSGWTAGAAAYYVGYLQPRTFLLKYNE
NGTITDAVDCALDPLSETKCTLKSFTVEKGIYQTSNFRVQPTESIVRFPNITNLCPFGEVFNATRFASVYAWNRKRISNC
VADYSVLYNSASFSTFKCYGVSPTKLNDLCFTNVYADSFVIRGDEVRQIAPGQTGKIADYNYKLPDDFTGCVIAWNSNNL
DSKVGGNYNYLYRLFRKSNLKPFERDISTEIYQAGSTPCNGVEGFNCYFPLQSYGFQPTNGVGYQPYRVVVLSFELLHAP
ATVCGPKKSTNLVKNKCVNFNFNGLTGTGVLTESNKKFLPFQQFGRDIADTTDAVRDPQTLEILDITPCSFGGVSVITPG
TNTSNQVAVLYQGVNCTEVPVAIHADQLTPTWRVYSTGSNVFQTRAGCLIGAEHVNNSYECDIPIGAGICASYQTQTNSP
GSASSVASQSIIAYTMSLGAENSVAYSNNSIAIPTNFTISVTTEILPVSMTKTSVDCTMYICGDSTECSNLLLQYGSFCT
QLNRALTGIAVEQDKNTQEVFAQVKQIYKTPPIKDFGGFNFSQILPDPSKPSKRSFIEDLLFNKVTLADAGFIKQYGDCL
GDIAARDLICAQKFNGLTVLPPLLTDEMIAQYTSALLAGTITSGWTFGAGAALQIPFAMQMAYRFNGIGVTQNVLYENQK
LIANQFNSAIGKIQDSLSSTASALGKLQDVVNQNAQALNTLVKQLSSNFGAISSVLNDILSRLDPPEAEVQIDRLITGRL
QSLQTYVTQQLIRAAEIRASANLAATKMSECVLGQSKRVDFCGKGYHLMSFPQSAPHGVVFLHVTYVPAQEKNFTTAPAI
CHDGKAHFPREGVFVSNGTHWFVTQRNFYEPQIITTDNTFVSGNCDVVIGIVNNTVYDPLQPELDSFKEELDKYFKNHTS
PDVDLGDISGINASVVNIQKEIDRLNEVAKNLNESLIDLQELGKYEQYIKWPWYIWLGFIAGLIAIVMVTIMLCCMTSCC
SCLKGCCSCGSCCKFDEDDSEPVLKGVALAYT
;
_entity_poly.pdbx_strand_id   A,B,C
#
loop_
_chem_comp.id
_chem_comp.type
_chem_comp.name
_chem_comp.formula
BMA D-saccharide, beta linking beta-D-mannopyranose 'C6 H12 O6'
FUC L-saccharide, alpha linking alpha-L-fucopyranose 'C6 H12 O5'
MAN D-saccharide, alpha linking alpha-D-mannopyranose 'C6 H12 O6'
NAG D-saccharide, beta linking 2-acetamido-2-deoxy-beta-D-glucopyranose 'C8 H15 N O6'
#
# COMPACT_ATOMS: atom_id res chain seq x y z
N ALA A 66 -33.52 -44.44 -28.57
CA ALA A 66 -32.12 -44.05 -28.73
C ALA A 66 -31.88 -42.68 -28.11
N TYR A 67 -30.75 -42.06 -28.46
CA TYR A 67 -30.40 -40.73 -27.97
C TYR A 67 -29.68 -39.98 -29.07
N THR A 68 -29.50 -38.68 -28.86
CA THR A 68 -28.72 -37.84 -29.75
C THR A 68 -27.94 -36.83 -28.92
N ASN A 69 -26.98 -36.17 -29.55
CA ASN A 69 -26.07 -35.26 -28.87
C ASN A 69 -26.43 -33.81 -29.21
N SER A 70 -26.76 -33.04 -28.19
CA SER A 70 -27.09 -31.62 -28.35
C SER A 70 -25.78 -30.84 -28.39
N PHE A 71 -25.32 -30.54 -29.61
CA PHE A 71 -23.99 -29.97 -29.76
C PHE A 71 -23.88 -28.62 -29.07
N THR A 72 -24.65 -27.64 -29.52
CA THR A 72 -24.48 -26.27 -29.01
C THR A 72 -25.83 -25.55 -28.97
N ARG A 73 -26.87 -26.23 -28.52
CA ARG A 73 -28.20 -25.65 -28.47
C ARG A 73 -28.47 -25.09 -27.08
N GLY A 74 -29.60 -24.41 -26.94
CA GLY A 74 -30.06 -23.95 -25.64
C GLY A 74 -29.23 -22.83 -25.05
N VAL A 75 -29.12 -21.71 -25.77
CA VAL A 75 -28.51 -20.50 -25.26
C VAL A 75 -29.44 -19.34 -25.55
N TYR A 76 -29.72 -18.54 -24.53
CA TYR A 76 -30.74 -17.50 -24.60
C TYR A 76 -30.19 -16.21 -24.01
N TYR A 77 -30.75 -15.09 -24.45
CA TYR A 77 -30.31 -13.81 -23.94
C TYR A 77 -30.57 -13.75 -22.45
N PRO A 78 -29.55 -13.62 -21.60
CA PRO A 78 -29.78 -13.69 -20.15
C PRO A 78 -30.60 -12.52 -19.62
N ASP A 79 -30.19 -11.29 -19.93
CA ASP A 79 -30.76 -10.09 -19.35
C ASP A 79 -31.29 -9.18 -20.44
N LYS A 80 -31.71 -7.98 -20.04
CA LYS A 80 -32.39 -7.05 -20.93
C LYS A 80 -31.48 -5.96 -21.48
N VAL A 81 -30.34 -5.70 -20.84
CA VAL A 81 -29.48 -4.60 -21.26
C VAL A 81 -28.87 -4.90 -22.63
N PHE A 82 -28.74 -3.86 -23.45
CA PHE A 82 -28.17 -3.99 -24.78
C PHE A 82 -26.67 -3.88 -24.71
N ARG A 83 -25.97 -4.73 -25.46
CA ARG A 83 -24.52 -4.72 -25.52
C ARG A 83 -24.08 -4.91 -26.96
N SER A 84 -22.85 -4.53 -27.25
CA SER A 84 -22.34 -4.67 -28.61
C SER A 84 -20.82 -4.74 -28.58
N SER A 85 -20.27 -5.64 -29.39
CA SER A 85 -18.84 -5.76 -29.59
C SER A 85 -18.10 -5.91 -28.27
N VAL A 86 -18.62 -6.77 -27.40
CA VAL A 86 -18.04 -7.00 -26.09
C VAL A 86 -18.28 -8.45 -25.71
N LEU A 87 -17.34 -9.02 -24.96
CA LEU A 87 -17.44 -10.38 -24.46
C LEU A 87 -17.85 -10.32 -22.99
N HIS A 88 -19.02 -10.87 -22.68
CA HIS A 88 -19.57 -10.81 -21.34
C HIS A 88 -19.60 -12.19 -20.72
N SER A 89 -19.15 -12.29 -19.48
CA SER A 89 -19.16 -13.54 -18.73
C SER A 89 -20.33 -13.52 -17.75
N THR A 90 -21.15 -14.56 -17.80
CA THR A 90 -22.34 -14.63 -16.97
C THR A 90 -22.44 -16.01 -16.34
N GLN A 91 -23.17 -16.07 -15.23
CA GLN A 91 -23.40 -17.31 -14.50
C GLN A 91 -24.90 -17.50 -14.33
N ASP A 92 -25.45 -18.52 -14.98
CA ASP A 92 -26.88 -18.79 -14.92
C ASP A 92 -27.11 -20.21 -15.41
N LEU A 93 -28.37 -20.64 -15.34
CA LEU A 93 -28.71 -21.98 -15.82
C LEU A 93 -28.61 -22.04 -17.34
N PHE A 94 -28.08 -23.16 -17.83
CA PHE A 94 -27.90 -23.37 -19.26
C PHE A 94 -27.93 -24.87 -19.54
N LEU A 95 -27.87 -25.22 -20.82
CA LEU A 95 -27.74 -26.61 -21.25
C LEU A 95 -26.29 -26.89 -21.56
N PRO A 96 -25.62 -27.79 -20.84
CA PRO A 96 -24.19 -28.01 -21.11
C PRO A 96 -23.96 -28.47 -22.54
N PHE A 97 -22.86 -28.00 -23.12
CA PHE A 97 -22.52 -28.40 -24.48
C PHE A 97 -22.28 -29.89 -24.56
N PHE A 98 -22.66 -30.48 -25.69
CA PHE A 98 -22.46 -31.90 -25.94
C PHE A 98 -23.09 -32.74 -24.84
N SER A 99 -24.26 -32.32 -24.37
CA SER A 99 -24.97 -33.03 -23.32
C SER A 99 -26.01 -33.95 -23.95
N ASN A 100 -26.01 -35.20 -23.52
CA ASN A 100 -26.94 -36.18 -24.08
C ASN A 100 -28.37 -35.78 -23.77
N VAL A 101 -29.25 -35.92 -24.76
CA VAL A 101 -30.65 -35.53 -24.65
C VAL A 101 -31.52 -36.71 -25.04
N THR A 102 -32.51 -37.01 -24.20
CA THR A 102 -33.43 -38.10 -24.51
C THR A 102 -34.24 -37.76 -25.77
N TRP A 103 -34.55 -38.80 -26.54
CA TRP A 103 -35.30 -38.62 -27.77
C TRP A 103 -36.39 -39.68 -27.86
N PHE A 104 -37.55 -39.28 -28.36
CA PHE A 104 -38.67 -40.16 -28.58
C PHE A 104 -38.93 -40.34 -30.07
N HIS A 105 -39.26 -41.56 -30.46
CA HIS A 105 -39.59 -41.88 -31.85
C HIS A 105 -40.58 -43.03 -31.86
N ALA A 106 -41.57 -42.94 -32.74
CA ALA A 106 -42.61 -43.95 -32.86
C ALA A 106 -42.37 -44.75 -34.15
N ILE A 107 -42.19 -46.06 -34.00
CA ILE A 107 -41.97 -46.95 -35.13
C ILE A 107 -43.31 -47.61 -35.44
N HIS A 108 -43.95 -47.16 -36.51
CA HIS A 108 -45.24 -47.72 -36.93
C HIS A 108 -46.28 -47.56 -35.83
N LYS A 116 -53.50 -51.72 -29.72
CA LYS A 116 -52.07 -51.87 -29.60
C LYS A 116 -51.57 -51.21 -28.32
N ARG A 117 -50.27 -50.95 -28.25
CA ARG A 117 -49.65 -50.37 -27.07
C ARG A 117 -49.49 -48.87 -27.26
N PHE A 118 -49.83 -48.10 -26.22
CA PHE A 118 -49.80 -46.66 -26.25
C PHE A 118 -48.68 -46.15 -25.35
N ASP A 119 -47.82 -45.30 -25.89
CA ASP A 119 -46.70 -44.72 -25.15
C ASP A 119 -46.92 -43.21 -25.05
N ASN A 120 -46.92 -42.69 -23.83
CA ASN A 120 -47.12 -41.27 -23.58
C ASN A 120 -46.68 -40.91 -22.16
N PRO A 121 -45.40 -40.72 -21.92
CA PRO A 121 -44.88 -40.63 -20.55
C PRO A 121 -45.13 -39.25 -19.95
N VAL A 122 -44.76 -39.13 -18.68
CA VAL A 122 -44.88 -37.88 -17.93
C VAL A 122 -43.47 -37.55 -17.44
N LEU A 123 -42.75 -36.75 -18.21
CA LEU A 123 -41.35 -36.47 -17.89
C LEU A 123 -41.26 -35.61 -16.63
N PRO A 124 -40.26 -35.82 -15.78
CA PRO A 124 -40.09 -34.95 -14.62
C PRO A 124 -39.55 -33.58 -15.00
N PHE A 125 -39.76 -32.63 -14.10
CA PHE A 125 -39.30 -31.26 -14.26
C PHE A 125 -38.22 -30.98 -13.22
N ASN A 126 -37.08 -30.46 -13.66
CA ASN A 126 -35.95 -30.22 -12.77
C ASN A 126 -35.25 -28.93 -13.17
N ASP A 127 -35.63 -27.82 -12.55
CA ASP A 127 -34.95 -26.54 -12.74
C ASP A 127 -34.95 -26.12 -14.20
N GLY A 128 -35.97 -26.51 -14.94
CA GLY A 128 -36.10 -26.10 -16.33
C GLY A 128 -35.88 -27.26 -17.29
N VAL A 129 -36.39 -27.08 -18.50
CA VAL A 129 -36.36 -28.13 -19.52
C VAL A 129 -36.20 -27.47 -20.86
N TYR A 130 -35.45 -28.13 -21.74
CA TYR A 130 -35.22 -27.66 -23.10
C TYR A 130 -36.02 -28.55 -24.05
N PHE A 131 -37.05 -28.00 -24.67
CA PHE A 131 -37.96 -28.74 -25.54
C PHE A 131 -37.80 -28.28 -26.97
N ALA A 132 -37.61 -29.22 -27.89
CA ALA A 132 -37.49 -28.93 -29.30
C ALA A 132 -37.99 -30.11 -30.10
N SER A 133 -38.63 -29.84 -31.24
CA SER A 133 -39.22 -30.90 -32.03
C SER A 133 -39.29 -30.48 -33.49
N THR A 134 -39.24 -31.48 -34.38
CA THR A 134 -39.38 -31.25 -35.81
C THR A 134 -40.87 -31.27 -36.15
N GLU A 135 -41.53 -30.16 -35.82
CA GLU A 135 -42.97 -30.08 -35.99
C GLU A 135 -43.35 -30.37 -37.43
N LYS A 136 -44.35 -31.23 -37.62
CA LYS A 136 -44.89 -31.55 -38.93
C LYS A 136 -46.40 -31.49 -38.87
N SER A 137 -47.00 -30.77 -39.82
CA SER A 137 -48.44 -30.58 -39.87
C SER A 137 -48.98 -29.94 -38.60
N ASN A 138 -48.14 -29.25 -37.85
CA ASN A 138 -48.53 -28.60 -36.60
C ASN A 138 -49.17 -29.60 -35.63
N ILE A 139 -48.58 -30.79 -35.56
CA ILE A 139 -49.11 -31.82 -34.68
C ILE A 139 -48.99 -31.39 -33.22
N ILE A 140 -47.88 -30.74 -32.87
CA ILE A 140 -47.71 -30.23 -31.51
C ILE A 140 -48.73 -29.12 -31.27
N ARG A 141 -49.50 -29.26 -30.18
CA ARG A 141 -50.57 -28.32 -29.91
C ARG A 141 -50.66 -27.96 -28.43
N GLY A 142 -49.54 -28.01 -27.71
CA GLY A 142 -49.53 -27.49 -26.35
C GLY A 142 -48.71 -28.29 -25.36
N TRP A 143 -48.73 -27.85 -24.11
CA TRP A 143 -48.02 -28.51 -23.01
C TRP A 143 -48.92 -28.53 -21.80
N ILE A 144 -48.89 -29.62 -21.05
CA ILE A 144 -49.64 -29.77 -19.82
C ILE A 144 -48.65 -29.75 -18.67
N PHE A 145 -48.68 -28.69 -17.89
CA PHE A 145 -47.75 -28.51 -16.79
C PHE A 145 -48.46 -28.81 -15.47
N GLY A 146 -47.71 -28.68 -14.37
CA GLY A 146 -48.25 -28.82 -13.05
C GLY A 146 -47.39 -29.73 -12.20
N THR A 147 -47.94 -30.14 -11.06
CA THR A 147 -47.23 -30.99 -10.12
C THR A 147 -48.05 -32.18 -9.62
N THR A 148 -49.37 -32.15 -9.73
CA THR A 148 -50.21 -33.29 -9.38
C THR A 148 -51.10 -33.75 -10.51
N LEU A 149 -51.42 -32.88 -11.48
CA LEU A 149 -52.24 -33.26 -12.63
C LEU A 149 -53.59 -33.80 -12.19
N ASP A 150 -54.18 -33.17 -11.17
CA ASP A 150 -55.49 -33.54 -10.66
C ASP A 150 -56.41 -32.31 -10.59
N SER A 151 -56.25 -31.38 -11.52
CA SER A 151 -57.06 -30.16 -11.57
C SER A 151 -56.87 -29.32 -10.31
N LYS A 152 -55.64 -29.28 -9.79
CA LYS A 152 -55.33 -28.53 -8.57
C LYS A 152 -54.20 -27.53 -8.74
N THR A 153 -53.53 -27.51 -9.89
CA THR A 153 -52.36 -26.65 -10.07
C THR A 153 -52.30 -26.22 -11.53
N GLN A 154 -51.15 -25.69 -11.96
CA GLN A 154 -50.96 -25.22 -13.32
C GLN A 154 -51.53 -26.21 -14.33
N SER A 155 -52.20 -25.68 -15.34
CA SER A 155 -52.78 -26.51 -16.39
C SER A 155 -52.97 -25.67 -17.63
N LEU A 156 -53.17 -26.37 -18.75
CA LEU A 156 -53.31 -25.72 -20.06
C LEU A 156 -54.04 -26.68 -20.97
N LEU A 157 -55.31 -26.41 -21.24
CA LEU A 157 -56.14 -27.26 -22.09
C LEU A 157 -56.58 -26.46 -23.31
N ILE A 158 -55.62 -25.79 -23.96
CA ILE A 158 -55.92 -24.85 -25.02
C ILE A 158 -56.94 -25.44 -25.98
N VAL A 159 -58.02 -24.71 -26.22
CA VAL A 159 -59.02 -25.04 -27.23
C VAL A 159 -58.82 -24.08 -28.39
N ASN A 160 -58.45 -24.63 -29.56
CA ASN A 160 -58.13 -23.79 -30.70
C ASN A 160 -59.32 -22.91 -31.06
N ASN A 161 -59.02 -21.65 -31.39
CA ASN A 161 -60.05 -20.72 -31.82
C ASN A 161 -59.62 -20.02 -33.10
N ALA A 162 -60.41 -19.04 -33.54
CA ALA A 162 -60.20 -18.46 -34.87
C ALA A 162 -58.81 -17.86 -35.02
N THR A 163 -58.42 -16.98 -34.10
CA THR A 163 -57.17 -16.25 -34.26
C THR A 163 -55.99 -17.21 -34.26
N ASN A 164 -55.77 -17.91 -33.15
CA ASN A 164 -54.61 -18.78 -33.03
C ASN A 164 -54.62 -19.51 -31.69
N VAL A 165 -53.57 -20.27 -31.42
CA VAL A 165 -53.43 -20.99 -30.15
C VAL A 165 -53.21 -19.95 -29.05
N VAL A 166 -54.21 -19.78 -28.19
CA VAL A 166 -54.17 -18.82 -27.10
C VAL A 166 -54.20 -19.59 -25.79
N ILE A 167 -53.33 -19.22 -24.86
CA ILE A 167 -53.18 -19.97 -23.62
C ILE A 167 -54.29 -19.59 -22.65
N LYS A 168 -54.66 -20.54 -21.80
CA LYS A 168 -55.60 -20.30 -20.72
C LYS A 168 -55.20 -21.17 -19.54
N VAL A 169 -55.27 -20.61 -18.34
CA VAL A 169 -54.77 -21.26 -17.13
C VAL A 169 -55.97 -21.43 -16.20
N CYS A 170 -56.62 -22.59 -16.30
CA CYS A 170 -57.68 -22.96 -15.37
C CYS A 170 -57.41 -24.38 -14.88
N GLU A 171 -58.37 -24.98 -14.18
CA GLU A 171 -58.24 -26.35 -13.67
C GLU A 171 -59.33 -27.21 -14.31
N PHE A 172 -58.97 -27.85 -15.43
CA PHE A 172 -59.87 -28.77 -16.10
C PHE A 172 -59.67 -30.18 -15.57
N GLN A 173 -60.73 -30.97 -15.64
CA GLN A 173 -60.68 -32.37 -15.22
C GLN A 173 -59.97 -33.15 -16.32
N PHE A 174 -58.67 -33.33 -16.16
CA PHE A 174 -57.88 -34.04 -17.15
C PHE A 174 -58.44 -35.45 -17.35
N CYS A 175 -58.58 -35.85 -18.61
CA CYS A 175 -59.10 -37.16 -18.92
C CYS A 175 -58.12 -38.24 -18.46
N ASN A 176 -58.66 -39.43 -18.20
CA ASN A 176 -57.81 -40.55 -17.80
C ASN A 176 -56.79 -40.87 -18.88
N ASP A 177 -57.22 -40.86 -20.14
CA ASP A 177 -56.36 -41.12 -21.29
C ASP A 177 -56.54 -39.98 -22.29
N PRO A 178 -55.91 -38.83 -22.05
CA PRO A 178 -56.04 -37.71 -22.99
C PRO A 178 -55.27 -37.96 -24.27
N PHE A 179 -55.99 -38.25 -25.35
CA PHE A 179 -55.34 -38.46 -26.65
C PHE A 179 -56.28 -37.99 -27.76
N LEU A 180 -55.69 -37.71 -28.91
CA LEU A 180 -56.41 -37.23 -30.08
C LEU A 180 -56.74 -38.41 -30.98
N GLY A 181 -58.03 -38.65 -31.20
CA GLY A 181 -58.45 -39.78 -31.99
C GLY A 181 -57.97 -39.67 -33.43
N VAL A 182 -57.19 -40.64 -33.88
CA VAL A 182 -56.76 -40.73 -35.28
C VAL A 182 -57.02 -42.15 -35.75
N TYR A 183 -57.75 -42.28 -36.86
CA TYR A 183 -58.06 -43.59 -37.41
C TYR A 183 -56.89 -44.06 -38.28
N TYR A 184 -56.34 -45.24 -37.96
CA TYR A 184 -55.26 -45.83 -38.72
C TYR A 184 -55.83 -46.55 -39.94
N HIS A 185 -56.35 -45.75 -40.87
CA HIS A 185 -56.97 -46.28 -42.08
C HIS A 185 -58.11 -47.23 -41.75
N LYS A 189 -59.06 -33.06 -42.64
CA LYS A 189 -59.20 -34.26 -43.44
C LYS A 189 -59.88 -35.37 -42.66
N SER A 190 -59.16 -35.93 -41.69
CA SER A 190 -59.69 -37.03 -40.89
C SER A 190 -59.74 -36.64 -39.43
N TRP A 191 -60.23 -35.43 -39.14
CA TRP A 191 -60.34 -34.91 -37.78
C TRP A 191 -61.81 -34.94 -37.38
N MET A 192 -62.23 -36.07 -36.79
CA MET A 192 -63.56 -36.21 -36.22
C MET A 192 -63.44 -36.80 -34.83
N GLU A 193 -64.40 -36.48 -33.97
CA GLU A 193 -64.40 -36.96 -32.60
C GLU A 193 -64.97 -38.37 -32.54
N SER A 194 -64.24 -39.28 -31.91
CA SER A 194 -64.66 -40.66 -31.74
C SER A 194 -65.09 -40.97 -30.31
N GLU A 195 -64.33 -40.51 -29.32
CA GLU A 195 -64.70 -40.65 -27.91
C GLU A 195 -65.07 -39.27 -27.37
N PHE A 196 -66.25 -39.19 -26.75
CA PHE A 196 -66.78 -37.92 -26.26
C PHE A 196 -66.24 -37.64 -24.86
N ARG A 197 -64.93 -37.39 -24.81
CA ARG A 197 -64.24 -37.03 -23.57
C ARG A 197 -63.61 -35.65 -23.68
N VAL A 198 -64.27 -34.73 -24.40
CA VAL A 198 -63.69 -33.42 -24.66
C VAL A 198 -63.48 -32.67 -23.35
N TYR A 199 -64.51 -32.65 -22.50
CA TYR A 199 -64.46 -31.87 -21.26
C TYR A 199 -65.56 -32.34 -20.34
N SER A 200 -65.42 -31.98 -19.06
CA SER A 200 -66.45 -32.19 -18.05
C SER A 200 -66.91 -30.88 -17.43
N SER A 201 -65.97 -30.03 -17.03
CA SER A 201 -66.29 -28.72 -16.45
C SER A 201 -64.98 -27.96 -16.26
N ALA A 202 -65.09 -26.72 -15.81
CA ALA A 202 -63.94 -25.88 -15.50
C ALA A 202 -63.75 -25.67 -14.01
N ASN A 203 -64.84 -25.57 -13.26
CA ASN A 203 -64.78 -25.49 -11.81
C ASN A 203 -64.03 -24.24 -11.34
N ASN A 204 -62.74 -24.39 -11.06
CA ASN A 204 -61.95 -23.41 -10.32
C ASN A 204 -60.79 -22.97 -11.19
N CYS A 205 -61.01 -21.92 -11.99
CA CYS A 205 -60.01 -21.42 -12.90
C CYS A 205 -59.07 -20.45 -12.19
N THR A 206 -58.14 -19.87 -12.96
CA THR A 206 -57.16 -18.94 -12.44
C THR A 206 -57.03 -17.81 -13.46
N PHE A 207 -56.00 -16.99 -13.30
CA PHE A 207 -55.84 -15.82 -14.14
C PHE A 207 -55.47 -16.20 -15.58
N GLU A 208 -55.76 -15.28 -16.50
CA GLU A 208 -55.40 -15.37 -17.90
C GLU A 208 -54.45 -14.23 -18.23
N TYR A 209 -53.43 -14.50 -19.04
CA TYR A 209 -52.38 -13.52 -19.24
C TYR A 209 -51.85 -13.64 -20.67
N VAL A 210 -51.72 -12.50 -21.36
CA VAL A 210 -51.03 -12.43 -22.63
C VAL A 210 -50.33 -11.07 -22.72
N SER A 211 -49.01 -11.07 -22.89
CA SER A 211 -48.25 -9.82 -22.99
C SER A 211 -47.02 -10.08 -23.86
N GLN A 212 -46.04 -9.18 -23.76
CA GLN A 212 -44.87 -9.18 -24.64
C GLN A 212 -45.33 -9.10 -26.08
N PRO A 213 -45.84 -7.94 -26.51
CA PRO A 213 -46.43 -7.86 -27.86
C PRO A 213 -45.39 -8.03 -28.96
N PHE A 214 -44.84 -9.23 -29.05
CA PHE A 214 -43.90 -9.61 -30.11
C PHE A 214 -44.66 -10.50 -31.07
N LEU A 215 -45.12 -9.92 -32.18
CA LEU A 215 -45.94 -10.66 -33.13
C LEU A 215 -45.20 -11.90 -33.62
N MET A 216 -45.90 -13.03 -33.63
CA MET A 216 -45.31 -14.30 -34.05
C MET A 216 -44.10 -14.63 -33.20
N LYS A 226 -37.85 -29.33 -41.28
CA LYS A 226 -37.90 -27.94 -41.70
C LYS A 226 -38.44 -27.05 -40.59
N ASN A 227 -39.66 -27.35 -40.14
CA ASN A 227 -40.30 -26.60 -39.06
C ASN A 227 -39.79 -27.15 -37.73
N LEU A 228 -38.55 -26.79 -37.42
CA LEU A 228 -37.90 -27.18 -36.18
C LEU A 228 -37.99 -26.03 -35.19
N ARG A 229 -38.52 -26.31 -34.00
CA ARG A 229 -38.75 -25.30 -32.99
C ARG A 229 -37.93 -25.61 -31.74
N GLU A 230 -37.66 -24.57 -30.98
CA GLU A 230 -36.95 -24.69 -29.71
C GLU A 230 -37.68 -23.89 -28.65
N PHE A 231 -37.69 -24.40 -27.42
CA PHE A 231 -38.32 -23.71 -26.31
C PHE A 231 -37.58 -24.05 -25.04
N VAL A 232 -37.36 -23.06 -24.19
CA VAL A 232 -36.67 -23.22 -22.93
C VAL A 232 -37.59 -22.71 -21.83
N PHE A 233 -38.03 -23.61 -20.96
CA PHE A 233 -38.86 -23.26 -19.83
C PHE A 233 -38.01 -23.28 -18.57
N LYS A 234 -37.99 -22.17 -17.83
CA LYS A 234 -37.35 -22.14 -16.52
C LYS A 234 -38.23 -21.38 -15.56
N ASN A 235 -38.50 -21.98 -14.41
CA ASN A 235 -39.38 -21.39 -13.39
C ASN A 235 -38.56 -21.07 -12.15
N ILE A 236 -38.51 -19.80 -11.78
CA ILE A 236 -37.67 -19.35 -10.68
C ILE A 236 -38.26 -18.08 -10.09
N ASP A 237 -38.09 -17.94 -8.78
CA ASP A 237 -38.50 -16.75 -8.01
C ASP A 237 -39.85 -16.22 -8.47
N GLY A 238 -40.82 -17.14 -8.56
CA GLY A 238 -42.19 -16.76 -8.82
C GLY A 238 -42.51 -16.35 -10.24
N TYR A 239 -41.58 -16.50 -11.17
CA TYR A 239 -41.79 -16.14 -12.56
C TYR A 239 -41.59 -17.37 -13.44
N PHE A 240 -42.49 -17.53 -14.42
CA PHE A 240 -42.43 -18.66 -15.34
C PHE A 240 -41.88 -18.16 -16.68
N LYS A 241 -40.56 -18.07 -16.75
CA LYS A 241 -39.91 -17.58 -17.95
C LYS A 241 -40.11 -18.56 -19.11
N ILE A 242 -40.17 -18.02 -20.32
CA ILE A 242 -40.23 -18.85 -21.53
C ILE A 242 -39.46 -18.13 -22.62
N TYR A 243 -38.65 -18.88 -23.37
CA TYR A 243 -37.95 -18.37 -24.53
C TYR A 243 -38.35 -19.20 -25.74
N SER A 244 -37.87 -18.81 -26.91
CA SER A 244 -38.21 -19.51 -28.13
C SER A 244 -37.35 -18.99 -29.27
N LYS A 245 -37.51 -19.60 -30.43
CA LYS A 245 -36.78 -19.24 -31.64
C LYS A 245 -37.32 -20.09 -32.78
N HIS A 246 -37.19 -19.57 -34.00
CA HIS A 246 -37.68 -20.27 -35.18
C HIS A 246 -36.71 -20.02 -36.32
N THR A 247 -36.10 -21.08 -36.83
CA THR A 247 -35.14 -20.96 -37.91
C THR A 247 -35.43 -21.98 -39.00
N PRO A 248 -35.14 -21.66 -40.25
CA PRO A 248 -35.31 -22.64 -41.33
C PRO A 248 -34.18 -23.65 -41.36
N ILE A 249 -34.51 -24.88 -41.74
CA ILE A 249 -33.53 -25.95 -41.87
C ILE A 249 -33.91 -26.82 -43.05
N ASN A 250 -32.89 -27.32 -43.76
CA ASN A 250 -33.09 -28.18 -44.92
C ASN A 250 -32.73 -29.63 -44.67
N LEU A 251 -31.80 -29.90 -43.76
CA LEU A 251 -31.45 -31.28 -43.43
C LEU A 251 -32.57 -31.92 -42.61
N VAL A 252 -32.56 -33.25 -42.60
CA VAL A 252 -33.63 -34.01 -41.97
C VAL A 252 -33.07 -34.92 -40.88
N ARG A 253 -32.19 -35.85 -41.27
CA ARG A 253 -31.73 -36.86 -40.33
C ARG A 253 -30.93 -36.25 -39.19
N ASP A 254 -30.03 -35.33 -39.49
CA ASP A 254 -29.08 -34.81 -38.52
C ASP A 254 -29.52 -33.45 -38.00
N LEU A 255 -29.23 -33.21 -36.72
CA LEU A 255 -29.51 -31.91 -36.13
C LEU A 255 -28.66 -30.84 -36.81
N PRO A 256 -29.18 -29.63 -36.95
CA PRO A 256 -28.43 -28.59 -37.67
C PRO A 256 -27.11 -28.28 -36.97
N GLN A 257 -26.09 -28.03 -37.79
CA GLN A 257 -24.78 -27.60 -37.30
C GLN A 257 -24.70 -26.10 -37.44
N GLY A 258 -24.77 -25.39 -36.31
CA GLY A 258 -24.76 -23.95 -36.34
C GLY A 258 -25.12 -23.39 -34.98
N PHE A 259 -25.45 -22.10 -34.99
CA PHE A 259 -25.75 -21.37 -33.78
C PHE A 259 -27.07 -20.62 -33.94
N SER A 260 -27.87 -20.59 -32.88
CA SER A 260 -29.15 -19.89 -32.89
C SER A 260 -29.45 -19.44 -31.48
N ALA A 261 -29.19 -18.17 -31.20
CA ALA A 261 -29.48 -17.61 -29.89
C ALA A 261 -30.99 -17.50 -29.69
N LEU A 262 -31.43 -17.70 -28.45
CA LEU A 262 -32.82 -17.59 -28.09
C LEU A 262 -33.10 -16.24 -27.45
N GLU A 263 -34.35 -15.81 -27.52
CA GLU A 263 -34.78 -14.53 -26.98
C GLU A 263 -36.08 -14.68 -26.20
N PRO A 264 -36.31 -13.83 -25.20
CA PRO A 264 -37.49 -13.98 -24.36
C PRO A 264 -38.78 -13.71 -25.10
N LEU A 265 -39.85 -14.34 -24.64
CA LEU A 265 -41.13 -14.25 -25.31
C LEU A 265 -42.26 -13.88 -24.35
N VAL A 266 -42.17 -14.33 -23.11
CA VAL A 266 -43.24 -14.08 -22.14
C VAL A 266 -42.71 -14.40 -20.75
N ASP A 267 -43.30 -13.78 -19.73
CA ASP A 267 -42.81 -13.87 -18.35
C ASP A 267 -43.96 -14.12 -17.37
N LEU A 268 -44.79 -15.12 -17.67
CA LEU A 268 -45.92 -15.46 -16.81
C LEU A 268 -45.49 -15.56 -15.35
N PRO A 269 -45.96 -14.66 -14.47
CA PRO A 269 -45.61 -14.76 -13.04
C PRO A 269 -46.63 -15.56 -12.23
N ILE A 270 -46.78 -16.84 -12.55
CA ILE A 270 -47.75 -17.68 -11.84
C ILE A 270 -47.27 -17.92 -10.41
N GLY A 271 -46.01 -18.31 -10.23
CA GLY A 271 -45.48 -18.57 -8.91
C GLY A 271 -46.05 -19.79 -8.21
N ILE A 272 -45.99 -20.95 -8.87
CA ILE A 272 -46.36 -22.22 -8.25
C ILE A 272 -45.39 -23.29 -8.74
N ASN A 273 -44.96 -24.17 -7.84
CA ASN A 273 -43.87 -25.08 -8.18
C ASN A 273 -44.35 -26.24 -9.03
N ILE A 274 -43.57 -26.57 -10.04
CA ILE A 274 -43.90 -27.59 -11.03
C ILE A 274 -42.83 -28.67 -10.96
N THR A 275 -43.27 -29.93 -10.94
CA THR A 275 -42.36 -31.06 -10.89
C THR A 275 -42.44 -31.98 -12.09
N ARG A 276 -43.53 -31.94 -12.86
CA ARG A 276 -43.67 -32.83 -14.00
C ARG A 276 -44.58 -32.17 -15.04
N PHE A 277 -44.53 -32.70 -16.25
CA PHE A 277 -45.34 -32.17 -17.34
C PHE A 277 -45.50 -33.27 -18.39
N GLN A 278 -46.41 -33.02 -19.33
CA GLN A 278 -46.74 -34.00 -20.35
C GLN A 278 -47.06 -33.29 -21.65
N THR A 279 -46.98 -34.05 -22.75
CA THR A 279 -47.33 -33.56 -24.08
C THR A 279 -48.28 -34.55 -24.74
N LEU A 280 -48.50 -34.40 -26.05
CA LEU A 280 -49.43 -35.25 -26.79
C LEU A 280 -48.64 -36.24 -27.64
N LEU A 281 -49.01 -37.52 -27.56
CA LEU A 281 -48.38 -38.59 -28.33
C LEU A 281 -49.35 -39.14 -29.37
N ALA A 282 -48.81 -39.53 -30.53
CA ALA A 282 -49.59 -40.09 -31.62
C ALA A 282 -48.97 -41.42 -32.06
N LEU A 283 -49.84 -42.38 -32.35
CA LEU A 283 -49.40 -43.71 -32.76
C LEU A 283 -49.12 -43.74 -34.26
N ALA A 301 -44.06 -41.65 -36.04
CA ALA A 301 -43.15 -40.60 -36.47
C ALA A 301 -43.00 -39.53 -35.40
N ALA A 302 -43.14 -39.93 -34.14
CA ALA A 302 -43.02 -38.99 -33.03
C ALA A 302 -41.62 -38.40 -33.00
N ALA A 303 -41.54 -37.11 -32.68
CA ALA A 303 -40.27 -36.40 -32.71
C ALA A 303 -40.30 -35.27 -31.69
N TYR A 304 -39.39 -35.35 -30.71
CA TYR A 304 -39.18 -34.27 -29.76
C TYR A 304 -38.00 -34.63 -28.87
N TYR A 305 -37.64 -33.77 -27.93
CA TYR A 305 -36.49 -34.01 -27.06
C TYR A 305 -36.74 -33.34 -25.72
N VAL A 306 -35.93 -33.69 -24.74
CA VAL A 306 -36.02 -33.13 -23.40
C VAL A 306 -34.62 -33.01 -22.83
N GLY A 307 -34.13 -31.77 -22.71
CA GLY A 307 -32.86 -31.51 -22.05
C GLY A 307 -33.05 -31.27 -20.57
N TYR A 308 -31.99 -30.76 -19.95
CA TYR A 308 -32.03 -30.41 -18.53
C TYR A 308 -30.99 -29.33 -18.26
N LEU A 309 -31.43 -28.20 -17.72
CA LEU A 309 -30.53 -27.10 -17.43
C LEU A 309 -29.69 -27.41 -16.20
N GLN A 310 -28.52 -26.77 -16.14
CA GLN A 310 -27.65 -26.87 -14.99
C GLN A 310 -26.98 -25.53 -14.76
N PRO A 311 -26.56 -25.23 -13.54
CA PRO A 311 -25.92 -23.94 -13.25
C PRO A 311 -24.47 -23.94 -13.69
N ARG A 312 -24.17 -23.20 -14.76
CA ARG A 312 -22.82 -23.11 -15.29
C ARG A 312 -22.55 -21.68 -15.71
N THR A 313 -21.27 -21.35 -15.82
CA THR A 313 -20.84 -20.02 -16.23
C THR A 313 -20.42 -20.08 -17.70
N PHE A 314 -21.03 -19.24 -18.52
CA PHE A 314 -20.78 -19.20 -19.95
C PHE A 314 -20.02 -17.92 -20.30
N LEU A 315 -19.52 -17.89 -21.53
CA LEU A 315 -18.92 -16.70 -22.11
C LEU A 315 -19.61 -16.42 -23.43
N LEU A 316 -20.22 -15.24 -23.55
CA LEU A 316 -20.98 -14.89 -24.74
C LEU A 316 -20.29 -13.76 -25.49
N LYS A 317 -20.42 -13.80 -26.81
CA LYS A 317 -19.80 -12.81 -27.70
C LYS A 317 -20.90 -12.03 -28.39
N TYR A 318 -21.11 -10.80 -27.94
CA TYR A 318 -22.06 -9.90 -28.59
C TYR A 318 -21.35 -9.20 -29.75
N ASN A 319 -21.96 -9.24 -30.93
CA ASN A 319 -21.40 -8.58 -32.10
C ASN A 319 -21.73 -7.10 -32.04
N GLU A 320 -21.46 -6.38 -33.13
CA GLU A 320 -21.74 -4.94 -33.15
C GLU A 320 -23.23 -4.64 -33.11
N ASN A 321 -24.04 -5.51 -33.71
CA ASN A 321 -25.48 -5.28 -33.77
C ASN A 321 -26.21 -5.74 -32.51
N GLY A 322 -25.49 -6.29 -31.53
CA GLY A 322 -26.10 -6.75 -30.31
C GLY A 322 -26.69 -8.14 -30.36
N THR A 323 -26.42 -8.89 -31.42
CA THR A 323 -26.92 -10.26 -31.55
C THR A 323 -25.79 -11.23 -31.20
N ILE A 324 -26.10 -12.20 -30.34
CA ILE A 324 -25.11 -13.19 -29.94
C ILE A 324 -24.69 -14.02 -31.14
N THR A 325 -23.41 -14.35 -31.20
CA THR A 325 -22.86 -15.13 -32.30
C THR A 325 -22.23 -16.43 -31.86
N ASP A 326 -21.47 -16.42 -30.77
CA ASP A 326 -20.76 -17.62 -30.33
C ASP A 326 -20.62 -17.58 -28.81
N ALA A 327 -20.51 -18.77 -28.22
CA ALA A 327 -20.39 -18.88 -26.78
C ALA A 327 -19.45 -20.03 -26.43
N VAL A 328 -18.82 -19.92 -25.27
CA VAL A 328 -17.83 -20.91 -24.81
C VAL A 328 -18.20 -21.31 -23.40
N ASP A 329 -18.48 -22.60 -23.20
CA ASP A 329 -18.70 -23.11 -21.86
C ASP A 329 -17.39 -23.05 -21.08
N CYS A 330 -17.49 -22.82 -19.77
CA CYS A 330 -16.33 -22.63 -18.92
C CYS A 330 -16.11 -23.79 -17.96
N ALA A 331 -16.69 -24.95 -18.23
CA ALA A 331 -16.40 -26.13 -17.41
C ALA A 331 -16.33 -27.41 -18.24
N LEU A 332 -16.24 -27.29 -19.56
CA LEU A 332 -16.29 -28.48 -20.40
C LEU A 332 -14.95 -29.21 -20.41
N ASP A 333 -13.84 -28.47 -20.51
CA ASP A 333 -12.53 -29.08 -20.57
C ASP A 333 -11.44 -28.04 -20.34
N PRO A 334 -10.19 -28.47 -20.11
CA PRO A 334 -9.15 -27.49 -19.76
C PRO A 334 -8.96 -26.40 -20.80
N LEU A 335 -9.10 -26.71 -22.09
CA LEU A 335 -8.97 -25.66 -23.09
C LEU A 335 -10.00 -24.57 -22.89
N SER A 336 -11.26 -24.98 -22.66
CA SER A 336 -12.31 -23.99 -22.42
C SER A 336 -12.06 -23.25 -21.11
N GLU A 337 -11.50 -23.91 -20.10
CA GLU A 337 -11.16 -23.20 -18.88
C GLU A 337 -10.12 -22.11 -19.15
N THR A 338 -9.12 -22.43 -19.96
CA THR A 338 -8.12 -21.41 -20.33
C THR A 338 -8.76 -20.27 -21.09
N LYS A 339 -9.66 -20.58 -22.03
CA LYS A 339 -10.37 -19.52 -22.76
C LYS A 339 -11.13 -18.63 -21.79
N CYS A 340 -11.83 -19.24 -20.83
CA CYS A 340 -12.61 -18.46 -19.89
C CYS A 340 -11.72 -17.58 -19.04
N THR A 341 -10.57 -18.11 -18.60
CA THR A 341 -9.68 -17.32 -17.75
C THR A 341 -9.03 -16.18 -18.52
N LEU A 342 -8.75 -16.38 -19.81
CA LEU A 342 -8.13 -15.34 -20.61
C LEU A 342 -9.14 -14.37 -21.22
N LYS A 343 -10.44 -14.67 -21.13
CA LYS A 343 -11.47 -13.80 -21.70
C LYS A 343 -11.24 -13.60 -23.20
N SER A 344 -10.96 -14.70 -23.90
CA SER A 344 -10.71 -14.63 -25.33
C SER A 344 -11.07 -15.96 -25.96
N PHE A 345 -11.32 -15.92 -27.26
CA PHE A 345 -11.64 -17.10 -28.04
C PHE A 345 -10.41 -17.73 -28.69
N THR A 346 -9.25 -17.10 -28.59
CA THR A 346 -8.02 -17.65 -29.15
C THR A 346 -6.90 -17.45 -28.15
N VAL A 347 -6.09 -18.48 -27.95
CA VAL A 347 -5.02 -18.48 -26.98
C VAL A 347 -3.72 -18.76 -27.69
N GLU A 348 -2.68 -17.98 -27.37
CA GLU A 348 -1.38 -18.13 -27.97
C GLU A 348 -0.62 -19.29 -27.33
N LYS A 349 0.37 -19.79 -28.07
CA LYS A 349 1.20 -20.87 -27.57
C LYS A 349 1.85 -20.48 -26.24
N GLY A 350 1.82 -21.38 -25.27
CA GLY A 350 2.45 -21.12 -24.00
C GLY A 350 1.83 -21.99 -22.91
N ILE A 351 2.18 -21.65 -21.68
CA ILE A 351 1.67 -22.33 -20.48
C ILE A 351 0.94 -21.30 -19.65
N TYR A 352 -0.29 -21.61 -19.26
CA TYR A 352 -1.16 -20.66 -18.59
C TYR A 352 -1.65 -21.22 -17.27
N GLN A 353 -1.89 -20.32 -16.33
CA GLN A 353 -2.45 -20.65 -15.02
C GLN A 353 -3.95 -20.91 -15.15
N THR A 354 -4.49 -21.63 -14.17
CA THR A 354 -5.92 -21.88 -14.11
C THR A 354 -6.29 -22.05 -12.64
N SER A 355 -7.46 -22.63 -12.38
CA SER A 355 -7.97 -22.73 -11.02
C SER A 355 -7.01 -23.50 -10.13
N ASN A 356 -7.28 -23.46 -8.83
CA ASN A 356 -6.49 -24.15 -7.83
C ASN A 356 -7.07 -25.53 -7.53
N PHE A 357 -6.24 -26.38 -6.95
CA PHE A 357 -6.60 -27.77 -6.68
C PHE A 357 -6.36 -28.10 -5.22
N ARG A 358 -7.33 -28.75 -4.58
CA ARG A 358 -7.23 -29.11 -3.18
C ARG A 358 -8.03 -30.39 -2.95
N VAL A 359 -7.67 -31.11 -1.89
CA VAL A 359 -8.28 -32.40 -1.57
C VAL A 359 -9.28 -32.18 -0.44
N GLN A 360 -10.52 -32.60 -0.67
CA GLN A 360 -11.56 -32.42 0.34
C GLN A 360 -11.42 -33.46 1.45
N PRO A 361 -11.79 -33.10 2.68
CA PRO A 361 -11.74 -34.09 3.76
C PRO A 361 -12.78 -35.18 3.55
N THR A 362 -12.41 -36.40 3.95
CA THR A 362 -13.31 -37.53 3.74
C THR A 362 -14.46 -37.52 4.73
N GLU A 363 -14.19 -37.24 6.00
CA GLU A 363 -15.23 -37.28 7.04
C GLU A 363 -14.72 -36.50 8.26
N SER A 364 -15.46 -36.61 9.36
CA SER A 364 -15.14 -35.91 10.59
C SER A 364 -14.88 -36.91 11.70
N ILE A 365 -14.02 -36.51 12.64
CA ILE A 365 -13.63 -37.36 13.76
C ILE A 365 -13.60 -36.51 15.02
N VAL A 366 -14.12 -37.07 16.11
CA VAL A 366 -14.18 -36.38 17.39
C VAL A 366 -13.65 -37.32 18.47
N ARG A 367 -12.76 -36.81 19.32
CA ARG A 367 -12.19 -37.58 20.41
C ARG A 367 -12.19 -36.74 21.68
N PHE A 368 -12.56 -37.36 22.80
CA PHE A 368 -12.65 -36.68 24.07
C PHE A 368 -12.24 -37.64 25.17
N PRO A 369 -11.87 -37.13 26.34
CA PRO A 369 -11.49 -38.00 27.45
C PRO A 369 -12.67 -38.71 28.09
N ASN A 370 -12.96 -39.91 27.60
CA ASN A 370 -14.14 -40.67 28.04
C ASN A 370 -14.36 -40.51 29.54
N ILE A 371 -15.62 -40.31 29.90
CA ILE A 371 -15.98 -39.92 31.26
C ILE A 371 -15.90 -41.12 32.17
N THR A 372 -15.35 -40.91 33.37
CA THR A 372 -15.43 -41.86 34.46
C THR A 372 -16.08 -41.27 35.71
N ASN A 373 -16.11 -39.95 35.84
CA ASN A 373 -16.74 -39.28 36.97
C ASN A 373 -18.16 -38.89 36.58
N LEU A 374 -19.13 -39.45 37.29
CA LEU A 374 -20.54 -39.19 37.05
C LEU A 374 -21.21 -38.81 38.35
N CYS A 375 -22.09 -37.82 38.30
CA CYS A 375 -22.77 -37.36 39.49
C CYS A 375 -23.72 -38.46 39.99
N PRO A 376 -23.92 -38.56 41.32
CA PRO A 376 -24.76 -39.64 41.88
C PRO A 376 -26.25 -39.39 41.71
N PHE A 377 -26.66 -39.22 40.46
CA PHE A 377 -28.07 -38.94 40.17
C PHE A 377 -28.96 -40.08 40.65
N GLY A 378 -28.47 -41.32 40.60
CA GLY A 378 -29.28 -42.44 41.05
C GLY A 378 -29.70 -42.29 42.49
N GLU A 379 -28.73 -42.08 43.38
CA GLU A 379 -29.06 -41.86 44.78
C GLU A 379 -29.82 -40.55 44.96
N VAL A 380 -29.56 -39.55 44.10
CA VAL A 380 -30.25 -38.27 44.21
C VAL A 380 -31.76 -38.47 44.05
N PHE A 381 -32.17 -39.18 43.02
CA PHE A 381 -33.59 -39.36 42.73
C PHE A 381 -34.14 -40.65 43.31
N ASN A 382 -33.35 -41.42 44.07
CA ASN A 382 -33.83 -42.60 44.76
C ASN A 382 -33.87 -42.37 46.28
N ALA A 383 -34.09 -41.13 46.70
CA ALA A 383 -34.19 -40.82 48.12
C ALA A 383 -35.45 -41.45 48.71
N THR A 384 -35.31 -42.08 49.87
CA THR A 384 -36.46 -42.74 50.49
C THR A 384 -37.53 -41.74 50.86
N ARG A 385 -37.15 -40.60 51.45
CA ARG A 385 -38.12 -39.60 51.89
C ARG A 385 -37.51 -38.22 51.73
N PHE A 386 -38.27 -37.32 51.11
CA PHE A 386 -37.79 -35.96 50.91
C PHE A 386 -37.84 -35.17 52.21
N ALA A 387 -37.03 -34.11 52.26
CA ALA A 387 -36.97 -33.25 53.43
C ALA A 387 -38.22 -32.37 53.49
N SER A 388 -38.25 -31.49 54.49
CA SER A 388 -39.37 -30.59 54.66
C SER A 388 -39.43 -29.58 53.53
N VAL A 389 -40.65 -29.17 53.18
CA VAL A 389 -40.83 -28.21 52.10
C VAL A 389 -40.14 -26.90 52.42
N TYR A 390 -40.30 -26.42 53.67
CA TYR A 390 -39.65 -25.17 54.07
C TYR A 390 -38.15 -25.32 54.25
N ALA A 391 -37.64 -26.55 54.24
CA ALA A 391 -36.21 -26.82 54.35
C ALA A 391 -35.69 -27.54 53.11
N TRP A 392 -36.11 -27.07 51.94
CA TRP A 392 -35.69 -27.68 50.69
C TRP A 392 -34.17 -27.65 50.56
N ASN A 393 -33.59 -28.77 50.15
CA ASN A 393 -32.16 -28.89 50.03
C ASN A 393 -31.65 -28.15 48.80
N ARG A 394 -30.34 -27.91 48.77
CA ARG A 394 -29.68 -27.29 47.62
C ARG A 394 -28.29 -27.89 47.54
N LYS A 395 -28.09 -28.79 46.58
CA LYS A 395 -26.81 -29.49 46.41
C LYS A 395 -26.11 -28.93 45.18
N ARG A 396 -24.99 -28.25 45.40
CA ARG A 396 -24.17 -27.78 44.29
C ARG A 396 -23.47 -28.96 43.65
N ILE A 397 -23.51 -29.02 42.32
CA ILE A 397 -22.97 -30.13 41.55
C ILE A 397 -21.74 -29.65 40.81
N SER A 398 -20.65 -30.38 40.97
CA SER A 398 -19.40 -30.07 40.27
C SER A 398 -18.54 -31.32 40.28
N ASN A 399 -17.35 -31.21 39.69
CA ASN A 399 -16.39 -32.31 39.61
C ASN A 399 -17.08 -33.63 39.23
N CYS A 400 -18.13 -33.53 38.43
CA CYS A 400 -18.84 -34.72 37.97
C CYS A 400 -19.72 -34.31 36.79
N VAL A 401 -19.79 -35.17 35.79
CA VAL A 401 -20.55 -34.87 34.59
C VAL A 401 -22.04 -34.94 34.91
N ALA A 402 -22.76 -33.87 34.58
CA ALA A 402 -24.20 -33.82 34.81
C ALA A 402 -24.93 -34.45 33.62
N ASP A 403 -24.76 -35.76 33.52
CA ASP A 403 -25.35 -36.50 32.40
C ASP A 403 -26.87 -36.34 32.40
N TYR A 404 -27.42 -36.17 31.20
CA TYR A 404 -28.86 -36.06 31.01
C TYR A 404 -29.40 -37.06 30.02
N SER A 405 -28.56 -37.93 29.44
CA SER A 405 -29.04 -38.91 28.49
C SER A 405 -30.04 -39.86 29.14
N VAL A 406 -29.77 -40.27 30.39
CA VAL A 406 -30.68 -41.17 31.08
C VAL A 406 -32.07 -40.56 31.18
N LEU A 407 -32.13 -39.25 31.41
CA LEU A 407 -33.42 -38.56 31.43
C LEU A 407 -34.13 -38.73 30.10
N TYR A 408 -33.42 -38.48 28.99
CA TYR A 408 -34.00 -38.71 27.68
C TYR A 408 -34.29 -40.20 27.46
N ASN A 409 -33.36 -41.06 27.85
CA ASN A 409 -33.56 -42.49 27.68
C ASN A 409 -34.70 -43.00 28.55
N SER A 410 -34.79 -42.52 29.78
CA SER A 410 -35.83 -42.97 30.69
C SER A 410 -37.21 -42.66 30.12
N ALA A 411 -38.11 -43.64 30.20
CA ALA A 411 -39.49 -43.46 29.77
C ALA A 411 -40.42 -43.10 30.92
N SER A 412 -39.94 -43.13 32.16
CA SER A 412 -40.80 -42.79 33.29
C SER A 412 -41.26 -41.34 33.21
N PHE A 413 -40.36 -40.44 32.84
CA PHE A 413 -40.73 -39.02 32.74
C PHE A 413 -41.68 -38.82 31.58
N SER A 414 -42.73 -38.04 31.83
CA SER A 414 -43.76 -37.73 30.83
C SER A 414 -43.76 -36.26 30.41
N THR A 415 -43.55 -35.35 31.35
CA THR A 415 -43.52 -33.92 31.07
C THR A 415 -42.10 -33.40 31.28
N PHE A 416 -41.57 -32.73 30.26
CA PHE A 416 -40.21 -32.20 30.31
C PHE A 416 -40.14 -31.01 29.37
N LYS A 417 -40.14 -29.81 29.95
CA LYS A 417 -40.13 -28.57 29.20
C LYS A 417 -38.93 -27.73 29.60
N CYS A 418 -38.20 -27.23 28.60
CA CYS A 418 -37.06 -26.33 28.82
C CYS A 418 -37.37 -25.01 28.14
N TYR A 419 -37.72 -24.01 28.94
CA TYR A 419 -38.12 -22.71 28.42
C TYR A 419 -36.93 -21.78 28.17
N GLY A 420 -35.72 -22.18 28.54
CA GLY A 420 -34.55 -21.37 28.31
C GLY A 420 -33.58 -21.99 27.34
N VAL A 421 -33.60 -23.32 27.24
CA VAL A 421 -32.71 -24.07 26.37
C VAL A 421 -33.51 -25.21 25.74
N SER A 422 -32.82 -26.01 24.94
CA SER A 422 -33.40 -27.20 24.32
C SER A 422 -32.44 -28.37 24.47
N PRO A 423 -32.96 -29.59 24.56
CA PRO A 423 -32.06 -30.76 24.66
C PRO A 423 -31.12 -30.88 23.47
N THR A 424 -31.57 -30.50 22.27
CA THR A 424 -30.74 -30.66 21.09
C THR A 424 -29.45 -29.86 21.21
N LYS A 425 -29.54 -28.61 21.67
CA LYS A 425 -28.37 -27.76 21.84
C LYS A 425 -27.77 -27.88 23.25
N LEU A 426 -28.39 -28.67 24.13
CA LEU A 426 -27.78 -28.92 25.44
C LEU A 426 -26.50 -29.74 25.31
N ASN A 427 -26.32 -30.44 24.19
CA ASN A 427 -25.10 -31.23 24.01
C ASN A 427 -23.87 -30.34 23.98
N ASP A 428 -23.94 -29.20 23.28
CA ASP A 428 -22.83 -28.28 23.16
C ASP A 428 -23.04 -27.02 24.01
N LEU A 429 -23.87 -27.11 25.05
CA LEU A 429 -24.13 -25.99 25.95
C LEU A 429 -23.72 -26.39 27.36
N CYS A 430 -22.94 -25.53 28.00
CA CYS A 430 -22.38 -25.81 29.31
C CYS A 430 -22.98 -24.88 30.35
N PHE A 431 -23.21 -25.40 31.55
CA PHE A 431 -23.74 -24.64 32.67
C PHE A 431 -22.70 -24.56 33.76
N THR A 432 -22.57 -23.39 34.37
CA THR A 432 -21.53 -23.18 35.38
C THR A 432 -21.70 -24.14 36.55
N ASN A 433 -22.93 -24.32 37.02
CA ASN A 433 -23.20 -25.20 38.14
C ASN A 433 -24.71 -25.37 38.25
N VAL A 434 -25.11 -26.54 38.75
CA VAL A 434 -26.52 -26.90 38.87
C VAL A 434 -26.81 -27.26 40.32
N TYR A 435 -27.90 -26.73 40.86
CA TYR A 435 -28.31 -26.99 42.23
C TYR A 435 -29.52 -27.90 42.22
N ALA A 436 -29.40 -29.05 42.88
CA ALA A 436 -30.49 -30.01 42.98
C ALA A 436 -31.34 -29.64 44.18
N ASP A 437 -32.52 -29.08 43.93
CA ASP A 437 -33.42 -28.62 44.98
C ASP A 437 -34.61 -29.58 45.05
N SER A 438 -34.81 -30.17 46.22
CA SER A 438 -35.85 -31.16 46.45
C SER A 438 -36.86 -30.62 47.45
N PHE A 439 -38.13 -30.70 47.09
CA PHE A 439 -39.22 -30.27 47.97
C PHE A 439 -40.49 -30.99 47.58
N VAL A 440 -41.46 -30.99 48.49
CA VAL A 440 -42.74 -31.64 48.30
C VAL A 440 -43.80 -30.55 48.14
N ILE A 441 -44.54 -30.61 47.03
CA ILE A 441 -45.57 -29.63 46.73
C ILE A 441 -46.83 -30.35 46.30
N ARG A 442 -47.96 -29.64 46.40
CA ARG A 442 -49.24 -30.22 46.03
C ARG A 442 -49.25 -30.60 44.56
N GLY A 443 -49.89 -31.72 44.25
CA GLY A 443 -49.97 -32.16 42.86
C GLY A 443 -50.69 -31.15 41.99
N ASP A 444 -51.73 -30.51 42.53
CA ASP A 444 -52.49 -29.51 41.79
C ASP A 444 -51.73 -28.20 41.61
N GLU A 445 -50.63 -28.00 42.34
CA GLU A 445 -49.85 -26.77 42.22
C GLU A 445 -48.96 -26.76 40.99
N VAL A 446 -49.05 -27.76 40.12
CA VAL A 446 -48.26 -27.76 38.90
C VAL A 446 -48.61 -26.54 38.05
N ARG A 447 -49.89 -26.17 38.01
CA ARG A 447 -50.29 -25.01 37.24
C ARG A 447 -49.76 -23.72 37.86
N GLN A 448 -49.76 -23.63 39.19
CA GLN A 448 -49.34 -22.42 39.88
C GLN A 448 -47.83 -22.28 39.99
N ILE A 449 -47.07 -23.35 39.77
CA ILE A 449 -45.62 -23.27 39.84
C ILE A 449 -45.03 -22.46 38.69
N ALA A 450 -45.81 -22.17 37.67
CA ALA A 450 -45.31 -21.42 36.53
C ALA A 450 -44.79 -20.06 37.01
N PRO A 451 -43.61 -19.62 36.58
CA PRO A 451 -43.10 -18.33 37.04
C PRO A 451 -44.03 -17.20 36.64
N GLY A 452 -44.15 -16.21 37.52
CA GLY A 452 -45.01 -15.07 37.24
C GLY A 452 -46.45 -15.45 37.00
N GLN A 453 -46.99 -16.33 37.83
CA GLN A 453 -48.37 -16.79 37.72
C GLN A 453 -49.15 -16.39 38.96
N THR A 454 -50.44 -16.16 38.77
CA THR A 454 -51.30 -15.75 39.88
C THR A 454 -51.31 -16.83 40.97
N GLY A 455 -51.88 -16.48 42.11
CA GLY A 455 -51.97 -17.38 43.24
C GLY A 455 -50.95 -17.06 44.32
N LYS A 456 -51.43 -16.45 45.41
CA LYS A 456 -50.52 -16.06 46.49
C LYS A 456 -49.89 -17.25 47.18
N ILE A 457 -50.46 -18.46 47.00
CA ILE A 457 -49.83 -19.65 47.56
C ILE A 457 -48.43 -19.83 47.01
N ALA A 458 -48.19 -19.40 45.77
CA ALA A 458 -46.89 -19.58 45.15
C ALA A 458 -45.79 -18.93 45.98
N ASP A 459 -45.96 -17.65 46.33
CA ASP A 459 -44.98 -16.96 47.15
C ASP A 459 -45.17 -17.23 48.64
N TYR A 460 -46.31 -17.79 49.05
CA TYR A 460 -46.48 -18.17 50.45
C TYR A 460 -45.63 -19.40 50.77
N ASN A 461 -45.56 -20.36 49.86
CA ASN A 461 -44.76 -21.56 50.09
C ASN A 461 -43.33 -21.41 49.58
N TYR A 462 -43.16 -21.04 48.30
CA TYR A 462 -41.83 -20.82 47.75
C TYR A 462 -41.97 -19.94 46.52
N LYS A 463 -41.53 -18.69 46.62
CA LYS A 463 -41.65 -17.77 45.50
C LYS A 463 -40.63 -18.12 44.41
N LEU A 464 -41.08 -18.01 43.16
CA LEU A 464 -40.23 -18.26 42.00
C LEU A 464 -40.05 -16.96 41.21
N PRO A 465 -38.82 -16.62 40.81
CA PRO A 465 -38.65 -15.40 40.02
C PRO A 465 -39.39 -15.51 38.70
N ASP A 466 -39.93 -14.37 38.25
CA ASP A 466 -40.77 -14.37 37.06
C ASP A 466 -40.02 -14.86 35.83
N ASP A 467 -38.69 -14.72 35.82
CA ASP A 467 -37.87 -15.14 34.68
C ASP A 467 -37.21 -16.50 34.91
N PHE A 468 -37.84 -17.36 35.70
CA PHE A 468 -37.28 -18.68 36.01
C PHE A 468 -37.53 -19.60 34.82
N THR A 469 -36.52 -19.69 33.95
CA THR A 469 -36.59 -20.56 32.78
C THR A 469 -36.07 -21.96 33.05
N GLY A 470 -35.68 -22.26 34.29
CA GLY A 470 -35.16 -23.56 34.64
C GLY A 470 -36.12 -24.68 34.29
N CYS A 471 -35.60 -25.71 33.61
CA CYS A 471 -36.44 -26.84 33.21
C CYS A 471 -36.98 -27.55 34.44
N VAL A 472 -38.21 -28.05 34.33
CA VAL A 472 -38.88 -28.76 35.41
C VAL A 472 -39.19 -30.16 34.94
N ILE A 473 -38.76 -31.15 35.73
CA ILE A 473 -38.99 -32.56 35.44
C ILE A 473 -40.07 -33.06 36.37
N ALA A 474 -41.10 -33.70 35.80
CA ALA A 474 -42.24 -34.19 36.57
C ALA A 474 -42.57 -35.60 36.10
N TRP A 475 -42.08 -36.60 36.83
CA TRP A 475 -42.41 -37.99 36.59
C TRP A 475 -43.16 -38.53 37.79
N ASN A 476 -44.21 -39.30 37.54
CA ASN A 476 -45.05 -39.79 38.63
C ASN A 476 -44.25 -40.66 39.58
N SER A 477 -44.37 -40.37 40.87
CA SER A 477 -43.73 -41.15 41.93
C SER A 477 -44.70 -41.35 43.08
N ASN A 478 -45.97 -41.57 42.75
CA ASN A 478 -47.00 -41.68 43.78
C ASN A 478 -46.69 -42.83 44.74
N ASN A 479 -46.46 -44.03 44.20
CA ASN A 479 -46.16 -45.16 45.07
C ASN A 479 -44.83 -44.97 45.80
N LEU A 480 -43.84 -44.41 45.10
CA LEU A 480 -42.52 -44.25 45.71
C LEU A 480 -42.56 -43.33 46.92
N ASP A 481 -43.26 -42.19 46.81
CA ASP A 481 -43.29 -41.18 47.85
C ASP A 481 -44.63 -41.13 48.57
N SER A 482 -45.40 -42.21 48.54
CA SER A 482 -46.68 -42.28 49.22
C SER A 482 -46.65 -43.36 50.30
N LYS A 483 -47.25 -43.05 51.44
CA LYS A 483 -47.38 -43.98 52.55
C LYS A 483 -48.82 -44.47 52.66
N VAL A 484 -48.97 -45.63 53.29
CA VAL A 484 -50.31 -46.21 53.46
C VAL A 484 -51.18 -45.30 54.32
N GLY A 485 -50.62 -44.78 55.41
CA GLY A 485 -51.37 -43.93 56.31
C GLY A 485 -51.54 -42.51 55.79
N GLY A 486 -50.45 -41.89 55.40
CA GLY A 486 -50.46 -40.52 54.90
C GLY A 486 -49.32 -39.71 55.49
N ASN A 487 -48.78 -38.81 54.67
CA ASN A 487 -47.67 -37.96 55.07
C ASN A 487 -48.23 -36.68 55.67
N TYR A 488 -48.37 -36.67 56.99
CA TYR A 488 -48.85 -35.49 57.71
C TYR A 488 -47.73 -34.54 58.10
N ASN A 489 -46.47 -34.94 57.90
CA ASN A 489 -45.35 -34.08 58.28
C ASN A 489 -45.36 -32.78 57.48
N TYR A 490 -45.65 -32.87 56.18
CA TYR A 490 -45.61 -31.70 55.30
C TYR A 490 -46.86 -30.85 55.50
N LEU A 491 -46.95 -30.27 56.69
CA LEU A 491 -48.04 -29.34 56.98
C LEU A 491 -47.89 -28.08 56.16
N TYR A 492 -49.02 -27.57 55.65
CA TYR A 492 -49.04 -26.38 54.82
C TYR A 492 -49.89 -25.29 55.46
N ARG A 493 -49.73 -25.09 56.77
CA ARG A 493 -50.40 -24.01 57.49
C ARG A 493 -49.59 -22.72 57.49
N LEU A 494 -48.69 -22.54 56.53
CA LEU A 494 -47.88 -21.33 56.44
C LEU A 494 -48.66 -20.27 55.66
N PHE A 495 -49.74 -19.81 56.29
CA PHE A 495 -50.64 -18.82 55.72
C PHE A 495 -50.52 -17.47 56.43
N ARG A 496 -49.30 -17.12 56.84
CA ARG A 496 -49.09 -15.85 57.51
C ARG A 496 -49.49 -14.70 56.60
N LYS A 497 -50.22 -13.73 57.16
CA LYS A 497 -50.74 -12.63 56.34
C LYS A 497 -49.59 -11.83 55.71
N SER A 498 -48.56 -11.54 56.49
CA SER A 498 -47.45 -10.75 55.98
C SER A 498 -46.70 -11.53 54.89
N ASN A 499 -46.47 -10.88 53.76
CA ASN A 499 -45.75 -11.51 52.67
C ASN A 499 -44.27 -11.60 53.00
N LEU A 500 -43.62 -12.67 52.49
CA LEU A 500 -42.20 -12.88 52.67
C LEU A 500 -41.48 -12.47 51.40
N LYS A 501 -40.54 -11.53 51.52
CA LYS A 501 -39.80 -11.07 50.37
C LYS A 501 -38.89 -12.17 49.85
N PRO A 502 -38.56 -12.16 48.55
CA PRO A 502 -37.66 -13.21 48.02
C PRO A 502 -36.27 -13.11 48.60
N PHE A 503 -35.90 -14.10 49.42
CA PHE A 503 -34.56 -14.18 50.01
C PHE A 503 -34.18 -12.86 50.69
N GLU A 504 -34.97 -12.51 51.71
CA GLU A 504 -34.71 -11.28 52.47
C GLU A 504 -33.47 -11.39 53.35
N ARG A 505 -32.89 -12.58 53.49
CA ARG A 505 -31.73 -12.77 54.35
C ARG A 505 -30.54 -13.30 53.55
N PRO A 530 -52.86 -23.32 53.89
CA PRO A 530 -53.72 -24.05 54.82
C PRO A 530 -53.46 -25.55 54.83
N LEU A 531 -54.06 -26.26 55.79
CA LEU A 531 -53.85 -27.71 55.94
C LEU A 531 -54.85 -28.45 55.06
N GLN A 532 -54.55 -28.48 53.77
CA GLN A 532 -55.40 -29.15 52.79
C GLN A 532 -54.85 -30.52 52.39
N SER A 533 -53.85 -31.04 53.09
CA SER A 533 -53.25 -32.32 52.78
C SER A 533 -53.80 -33.37 53.75
N TYR A 534 -54.55 -34.34 53.21
CA TYR A 534 -55.10 -35.42 54.00
C TYR A 534 -54.19 -36.63 54.07
N GLY A 535 -53.08 -36.63 53.33
CA GLY A 535 -52.18 -37.76 53.32
C GLY A 535 -51.81 -38.20 51.91
N PHE A 536 -50.52 -38.42 51.68
CA PHE A 536 -50.04 -38.87 50.38
C PHE A 536 -50.08 -40.41 50.36
N GLN A 537 -50.99 -40.96 49.58
CA GLN A 537 -51.19 -42.40 49.49
C GLN A 537 -51.17 -42.81 48.02
N PRO A 538 -50.81 -44.06 47.73
CA PRO A 538 -50.84 -44.53 46.34
C PRO A 538 -52.22 -44.49 45.71
N THR A 539 -53.28 -44.47 46.52
CA THR A 539 -54.65 -44.39 46.04
C THR A 539 -55.08 -42.95 45.76
N ASN A 540 -54.16 -41.99 45.82
CA ASN A 540 -54.52 -40.60 45.57
C ASN A 540 -55.07 -40.42 44.17
N GLY A 541 -56.05 -39.53 44.04
CA GLY A 541 -56.68 -39.27 42.77
C GLY A 541 -55.83 -38.39 41.87
N VAL A 542 -56.38 -38.10 40.69
CA VAL A 542 -55.66 -37.30 39.70
C VAL A 542 -55.48 -35.89 40.22
N GLY A 543 -54.26 -35.38 40.11
CA GLY A 543 -53.92 -34.05 40.57
C GLY A 543 -53.52 -33.97 42.03
N TYR A 544 -53.64 -35.06 42.79
CA TYR A 544 -53.27 -35.08 44.20
C TYR A 544 -52.09 -35.98 44.49
N GLN A 545 -51.70 -36.86 43.57
CA GLN A 545 -50.57 -37.74 43.82
C GLN A 545 -49.29 -36.92 43.90
N PRO A 546 -48.38 -37.25 44.83
CA PRO A 546 -47.12 -36.53 44.88
C PRO A 546 -46.29 -36.77 43.63
N TYR A 547 -45.56 -35.75 43.21
CA TYR A 547 -44.68 -35.82 42.07
C TYR A 547 -43.29 -35.30 42.45
N ARG A 548 -42.27 -36.03 42.01
CA ARG A 548 -40.90 -35.62 42.31
C ARG A 548 -40.49 -34.48 41.39
N VAL A 549 -39.97 -33.41 41.99
CA VAL A 549 -39.61 -32.19 41.27
C VAL A 549 -38.09 -32.01 41.36
N VAL A 550 -37.46 -31.83 40.22
CA VAL A 550 -36.03 -31.57 40.13
C VAL A 550 -35.86 -30.18 39.54
N VAL A 551 -35.17 -29.30 40.25
CA VAL A 551 -35.00 -27.91 39.86
C VAL A 551 -33.67 -27.77 39.14
N LEU A 552 -33.71 -27.28 37.90
CA LEU A 552 -32.52 -27.00 37.11
C LEU A 552 -32.23 -25.51 37.26
N SER A 553 -31.36 -25.18 38.21
CA SER A 553 -30.96 -23.80 38.47
C SER A 553 -29.52 -23.62 38.04
N PHE A 554 -29.29 -22.67 37.14
CA PHE A 554 -27.96 -22.39 36.61
C PHE A 554 -27.79 -20.88 36.49
N GLU A 555 -26.54 -20.44 36.53
CA GLU A 555 -26.20 -19.03 36.46
C GLU A 555 -25.09 -18.81 35.45
N LEU A 556 -24.81 -17.54 35.17
CA LEU A 556 -23.80 -17.15 34.20
C LEU A 556 -22.91 -16.07 34.78
N LEU A 557 -21.66 -16.04 34.30
CA LEU A 557 -20.70 -15.01 34.68
C LEU A 557 -20.57 -14.90 36.19
N HIS A 558 -20.57 -16.06 36.86
CA HIS A 558 -20.39 -16.13 38.30
C HIS A 558 -19.23 -17.03 38.71
N ALA A 559 -18.93 -18.06 37.93
CA ALA A 559 -17.80 -18.93 38.20
C ALA A 559 -17.44 -19.65 36.91
N PRO A 560 -16.19 -20.11 36.77
CA PRO A 560 -15.83 -20.83 35.54
C PRO A 560 -16.68 -22.07 35.36
N ALA A 561 -16.99 -22.37 34.09
CA ALA A 561 -17.84 -23.51 33.79
C ALA A 561 -17.12 -24.80 34.17
N THR A 562 -17.82 -25.66 34.92
CA THR A 562 -17.24 -26.93 35.34
C THR A 562 -18.20 -28.12 35.20
N VAL A 563 -19.46 -27.90 34.86
CA VAL A 563 -20.44 -28.98 34.71
C VAL A 563 -21.00 -28.92 33.29
N CYS A 564 -20.92 -30.04 32.58
CA CYS A 564 -21.39 -30.12 31.22
C CYS A 564 -21.87 -31.54 30.93
N GLY A 565 -22.67 -31.68 29.88
CA GLY A 565 -23.12 -32.97 29.44
C GLY A 565 -22.01 -33.72 28.73
N PRO A 566 -22.06 -35.06 28.75
CA PRO A 566 -21.00 -35.84 28.11
C PRO A 566 -20.98 -35.63 26.61
N LYS A 567 -19.79 -35.78 26.03
CA LYS A 567 -19.59 -35.67 24.59
C LYS A 567 -19.11 -37.02 24.06
N LYS A 568 -19.76 -37.51 23.01
CA LYS A 568 -19.42 -38.80 22.45
C LYS A 568 -18.06 -38.75 21.78
N SER A 569 -17.56 -39.93 21.41
CA SER A 569 -16.27 -40.06 20.75
C SER A 569 -16.42 -41.05 19.59
N THR A 570 -15.54 -40.90 18.60
CA THR A 570 -15.51 -41.76 17.43
C THR A 570 -14.17 -42.44 17.33
N ASN A 571 -14.13 -43.56 16.61
CA ASN A 571 -12.90 -44.32 16.45
C ASN A 571 -11.85 -43.49 15.73
N LEU A 572 -10.60 -43.60 16.18
CA LEU A 572 -9.52 -42.89 15.54
C LEU A 572 -9.22 -43.50 14.18
N VAL A 573 -8.78 -42.65 13.24
CA VAL A 573 -8.40 -43.07 11.90
C VAL A 573 -7.04 -42.48 11.57
N LYS A 574 -6.41 -43.05 10.55
CA LYS A 574 -5.08 -42.62 10.14
C LYS A 574 -4.99 -42.66 8.62
N ASN A 575 -4.09 -41.84 8.09
CA ASN A 575 -3.81 -41.81 6.66
C ASN A 575 -5.05 -41.43 5.86
N LYS A 576 -5.75 -40.39 6.32
CA LYS A 576 -6.93 -39.90 5.63
C LYS A 576 -7.11 -38.43 5.95
N CYS A 577 -7.22 -37.61 4.91
CA CYS A 577 -7.49 -36.19 5.11
C CYS A 577 -8.89 -36.04 5.69
N VAL A 578 -8.97 -35.72 6.98
CA VAL A 578 -10.23 -35.71 7.72
C VAL A 578 -10.31 -34.44 8.56
N ASN A 579 -11.51 -34.18 9.08
CA ASN A 579 -11.76 -33.07 9.99
C ASN A 579 -11.78 -33.61 11.42
N PHE A 580 -10.96 -33.02 12.28
CA PHE A 580 -10.75 -33.52 13.63
C PHE A 580 -11.04 -32.45 14.65
N ASN A 581 -11.32 -32.89 15.88
CA ASN A 581 -11.62 -31.97 16.97
C ASN A 581 -11.20 -32.65 18.28
N PHE A 582 -10.04 -32.25 18.80
CA PHE A 582 -9.51 -32.76 20.06
C PHE A 582 -9.61 -31.66 21.10
N ASN A 583 -10.43 -31.88 22.13
CA ASN A 583 -10.54 -30.96 23.26
C ASN A 583 -10.76 -29.53 22.79
N GLY A 584 -11.64 -29.37 21.81
CA GLY A 584 -11.95 -28.06 21.28
C GLY A 584 -10.95 -27.53 20.27
N LEU A 585 -9.92 -28.29 19.94
CA LEU A 585 -8.95 -27.90 18.93
C LEU A 585 -9.41 -28.45 17.58
N THR A 586 -9.87 -27.56 16.70
CA THR A 586 -10.40 -27.96 15.40
C THR A 586 -9.36 -27.72 14.31
N GLY A 587 -9.51 -28.47 13.22
CA GLY A 587 -8.62 -28.33 12.09
C GLY A 587 -8.90 -29.40 11.05
N THR A 588 -8.07 -29.40 10.02
CA THR A 588 -8.15 -30.39 8.96
C THR A 588 -6.76 -30.86 8.63
N GLY A 589 -6.58 -32.18 8.52
CA GLY A 589 -5.27 -32.71 8.22
C GLY A 589 -5.30 -34.22 8.17
N VAL A 590 -4.11 -34.81 8.09
CA VAL A 590 -3.94 -36.25 8.05
C VAL A 590 -3.24 -36.68 9.33
N LEU A 591 -3.88 -37.58 10.07
CA LEU A 591 -3.37 -38.02 11.35
C LEU A 591 -2.41 -39.19 11.18
N THR A 592 -1.31 -39.16 11.91
CA THR A 592 -0.29 -40.20 11.78
C THR A 592 0.44 -40.35 13.10
N GLU A 593 1.02 -41.54 13.30
CA GLU A 593 1.82 -41.78 14.48
C GLU A 593 3.12 -41.00 14.42
N SER A 594 3.60 -40.59 15.59
CA SER A 594 4.79 -39.77 15.71
C SER A 594 5.65 -40.26 16.86
N ASN A 595 6.95 -39.97 16.77
CA ASN A 595 7.91 -40.37 17.78
C ASN A 595 8.21 -39.26 18.78
N LYS A 596 7.51 -38.13 18.69
CA LYS A 596 7.74 -37.05 19.63
C LYS A 596 7.41 -37.50 21.05
N LYS A 597 8.22 -37.06 22.01
CA LYS A 597 8.10 -37.44 23.41
C LYS A 597 7.63 -36.22 24.20
N PHE A 598 6.31 -36.08 24.32
CA PHE A 598 5.76 -35.00 25.10
C PHE A 598 6.05 -35.19 26.59
N LEU A 599 5.96 -34.10 27.34
CA LEU A 599 6.03 -34.19 28.78
C LEU A 599 4.71 -34.68 29.34
N PRO A 600 4.71 -35.20 30.58
CA PRO A 600 3.47 -35.71 31.15
C PRO A 600 2.34 -34.69 31.17
N PHE A 601 2.65 -33.41 31.38
CA PHE A 601 1.62 -32.38 31.51
C PHE A 601 1.42 -31.58 30.23
N GLN A 602 2.01 -32.00 29.12
CA GLN A 602 1.92 -31.26 27.87
C GLN A 602 0.94 -31.96 26.92
N GLN A 603 0.19 -31.16 26.17
CA GLN A 603 -0.88 -31.66 25.32
C GLN A 603 -0.63 -31.44 23.84
N PHE A 604 -0.33 -30.21 23.43
CA PHE A 604 -0.20 -29.89 22.01
C PHE A 604 1.26 -29.77 21.62
N GLY A 605 1.47 -29.42 20.35
CA GLY A 605 2.80 -29.14 19.85
C GLY A 605 2.77 -28.03 18.84
N ARG A 606 3.69 -27.08 18.92
CA ARG A 606 3.72 -25.93 18.04
C ARG A 606 5.05 -25.85 17.32
N ASP A 607 5.03 -25.25 16.13
CA ASP A 607 6.22 -25.06 15.32
C ASP A 607 6.76 -23.66 15.51
N ILE A 608 7.91 -23.39 14.88
CA ILE A 608 8.52 -22.07 15.01
C ILE A 608 7.59 -20.99 14.50
N ALA A 609 6.76 -21.30 13.50
CA ALA A 609 5.80 -20.36 12.97
C ALA A 609 4.57 -20.22 13.86
N ASP A 610 4.51 -20.94 14.98
CA ASP A 610 3.37 -20.88 15.89
C ASP A 610 2.12 -21.50 15.26
N THR A 611 2.30 -22.67 14.65
CA THR A 611 1.22 -23.43 14.06
C THR A 611 1.23 -24.85 14.62
N THR A 612 0.05 -25.37 14.95
CA THR A 612 -0.05 -26.69 15.53
C THR A 612 0.52 -27.73 14.58
N ASP A 613 1.31 -28.66 15.13
CA ASP A 613 1.89 -29.73 14.33
C ASP A 613 1.94 -31.07 15.05
N ALA A 614 1.33 -31.19 16.23
CA ALA A 614 1.32 -32.46 16.95
C ALA A 614 0.35 -32.37 18.11
N VAL A 615 -0.45 -33.41 18.29
CA VAL A 615 -1.47 -33.44 19.34
C VAL A 615 -1.42 -34.79 20.04
N ARG A 616 -1.88 -34.80 21.30
CA ARG A 616 -1.95 -36.00 22.10
C ARG A 616 -3.41 -36.40 22.27
N ASP A 617 -3.72 -37.64 21.94
CA ASP A 617 -5.10 -38.10 21.99
C ASP A 617 -5.59 -38.18 23.43
N PRO A 618 -6.74 -37.59 23.77
CA PRO A 618 -7.16 -37.60 25.18
C PRO A 618 -7.34 -38.99 25.76
N GLN A 619 -7.87 -39.93 24.98
CA GLN A 619 -8.17 -41.25 25.52
C GLN A 619 -6.91 -42.10 25.60
N THR A 620 -6.31 -42.39 24.45
CA THR A 620 -5.03 -43.09 24.40
C THR A 620 -3.91 -42.05 24.44
N LEU A 621 -3.07 -42.12 25.45
CA LEU A 621 -2.00 -41.15 25.61
C LEU A 621 -0.92 -41.39 24.56
N GLU A 622 -1.21 -41.03 23.31
CA GLU A 622 -0.27 -41.16 22.21
C GLU A 622 -0.16 -39.82 21.50
N ILE A 623 1.01 -39.58 20.92
CA ILE A 623 1.30 -38.34 20.21
C ILE A 623 1.12 -38.61 18.72
N LEU A 624 0.28 -37.81 18.07
CA LEU A 624 -0.01 -37.94 16.66
C LEU A 624 0.36 -36.66 15.93
N ASP A 625 0.98 -36.81 14.77
CA ASP A 625 1.37 -35.66 13.99
C ASP A 625 0.18 -35.14 13.17
N ILE A 626 0.31 -33.91 12.70
CA ILE A 626 -0.67 -33.27 11.84
C ILE A 626 0.04 -32.75 10.61
N THR A 627 -0.44 -33.13 9.43
CA THR A 627 0.12 -32.68 8.18
C THR A 627 -1.01 -32.19 7.27
N PRO A 628 -0.89 -31.00 6.69
CA PRO A 628 -2.01 -30.49 5.89
C PRO A 628 -2.28 -31.36 4.68
N CYS A 629 -3.54 -31.38 4.27
CA CYS A 629 -3.92 -32.13 3.09
C CYS A 629 -3.29 -31.50 1.85
N SER A 630 -2.84 -32.35 0.93
CA SER A 630 -2.07 -31.88 -0.22
C SER A 630 -2.90 -30.96 -1.09
N PHE A 631 -2.24 -29.96 -1.67
CA PHE A 631 -2.88 -29.02 -2.57
C PHE A 631 -1.81 -28.41 -3.46
N GLY A 632 -2.26 -27.78 -4.53
CA GLY A 632 -1.34 -27.13 -5.44
C GLY A 632 -2.08 -26.53 -6.61
N GLY A 633 -1.38 -25.67 -7.33
CA GLY A 633 -1.97 -25.02 -8.48
C GLY A 633 -2.09 -25.94 -9.68
N VAL A 634 -2.90 -25.51 -10.64
CA VAL A 634 -3.10 -26.23 -11.88
C VAL A 634 -2.76 -25.31 -13.04
N SER A 635 -2.12 -25.86 -14.07
CA SER A 635 -1.76 -25.09 -15.25
C SER A 635 -2.03 -25.92 -16.49
N VAL A 636 -2.19 -25.23 -17.61
CA VAL A 636 -2.53 -25.85 -18.88
C VAL A 636 -1.47 -25.49 -19.90
N ILE A 637 -0.98 -26.50 -20.62
CA ILE A 637 0.04 -26.33 -21.65
C ILE A 637 -0.61 -26.58 -23.01
N THR A 638 -0.49 -25.61 -23.92
CA THR A 638 -1.12 -25.72 -25.21
C THR A 638 -0.31 -24.99 -26.27
N PRO A 639 -0.20 -25.55 -27.48
CA PRO A 639 0.30 -24.76 -28.60
C PRO A 639 -0.79 -23.81 -29.09
N GLY A 640 -0.40 -22.93 -30.00
CA GLY A 640 -1.36 -21.98 -30.53
C GLY A 640 -2.58 -22.68 -31.09
N THR A 641 -3.74 -22.02 -30.95
CA THR A 641 -4.97 -22.65 -31.39
C THR A 641 -4.97 -22.94 -32.89
N ASN A 642 -4.09 -22.29 -33.66
CA ASN A 642 -3.87 -22.70 -35.04
C ASN A 642 -3.58 -24.18 -35.15
N THR A 643 -2.46 -24.61 -34.56
CA THR A 643 -1.94 -25.93 -34.88
C THR A 643 -2.92 -27.03 -34.47
N SER A 644 -3.51 -26.91 -33.30
CA SER A 644 -4.46 -27.91 -32.81
C SER A 644 -5.09 -27.37 -31.54
N ASN A 645 -5.89 -28.22 -30.89
CA ASN A 645 -6.51 -27.89 -29.62
C ASN A 645 -6.14 -28.88 -28.52
N GLN A 646 -5.28 -29.86 -28.79
CA GLN A 646 -4.87 -30.80 -27.77
C GLN A 646 -4.10 -30.07 -26.67
N VAL A 647 -4.27 -30.53 -25.44
CA VAL A 647 -3.69 -29.87 -24.28
C VAL A 647 -3.18 -30.93 -23.29
N ALA A 648 -2.38 -30.47 -22.34
CA ALA A 648 -1.86 -31.30 -21.28
C ALA A 648 -1.79 -30.48 -20.00
N VAL A 649 -2.21 -31.06 -18.89
CA VAL A 649 -2.36 -30.35 -17.64
C VAL A 649 -1.24 -30.75 -16.69
N LEU A 650 -0.83 -29.80 -15.86
CA LEU A 650 0.23 -29.99 -14.88
C LEU A 650 -0.33 -29.68 -13.50
N TYR A 651 -0.05 -30.55 -12.53
CA TYR A 651 -0.47 -30.33 -11.15
C TYR A 651 0.75 -29.96 -10.34
N GLN A 652 0.82 -28.69 -9.94
CA GLN A 652 2.02 -28.18 -9.27
C GLN A 652 2.26 -28.91 -7.96
N GLY A 653 3.41 -29.56 -7.84
CA GLY A 653 3.82 -30.12 -6.56
C GLY A 653 2.81 -31.07 -5.97
N VAL A 654 2.27 -31.97 -6.77
CA VAL A 654 1.28 -32.93 -6.33
C VAL A 654 1.76 -34.33 -6.68
N ASN A 655 1.50 -35.28 -5.79
CA ASN A 655 1.86 -36.67 -6.05
C ASN A 655 1.08 -37.18 -7.25
N CYS A 656 1.75 -37.90 -8.14
CA CYS A 656 1.15 -38.26 -9.42
C CYS A 656 0.41 -39.57 -9.39
N THR A 657 0.93 -40.59 -8.70
CA THR A 657 0.34 -41.92 -8.74
C THR A 657 -0.72 -42.10 -7.66
N GLU A 658 -1.37 -41.02 -7.25
CA GLU A 658 -2.51 -41.10 -6.34
C GLU A 658 -3.78 -40.53 -6.94
N VAL A 659 -3.69 -39.44 -7.71
CA VAL A 659 -4.89 -38.86 -8.31
C VAL A 659 -5.55 -39.83 -9.28
N PRO A 660 -4.83 -40.52 -10.17
CA PRO A 660 -5.50 -41.41 -11.13
C PRO A 660 -6.11 -42.65 -10.48
N VAL A 661 -5.84 -42.90 -9.20
CA VAL A 661 -6.40 -44.08 -8.55
C VAL A 661 -7.92 -44.03 -8.59
N ALA A 662 -8.50 -42.86 -8.36
CA ALA A 662 -9.94 -42.69 -8.43
C ALA A 662 -10.40 -42.56 -9.88
N TYR A 675 -10.09 -36.80 -20.12
CA TYR A 675 -8.98 -37.74 -20.21
C TYR A 675 -9.19 -38.92 -19.28
N SER A 676 -10.44 -39.37 -19.17
CA SER A 676 -10.76 -40.44 -18.23
C SER A 676 -9.87 -41.65 -18.45
N THR A 677 -9.52 -41.92 -19.71
CA THR A 677 -8.63 -43.04 -20.00
C THR A 677 -7.24 -42.82 -19.38
N GLY A 678 -6.70 -41.62 -19.54
CA GLY A 678 -5.38 -41.32 -19.01
C GLY A 678 -4.29 -41.92 -19.87
N SER A 679 -3.66 -43.00 -19.37
CA SER A 679 -2.64 -43.77 -20.07
C SER A 679 -1.36 -42.98 -20.30
N ASN A 680 -1.24 -41.79 -19.71
CA ASN A 680 -0.02 -40.98 -19.89
C ASN A 680 0.19 -40.20 -18.60
N VAL A 681 0.99 -40.76 -17.71
CA VAL A 681 1.36 -40.10 -16.46
C VAL A 681 2.88 -40.17 -16.36
N PHE A 682 3.52 -39.00 -16.28
CA PHE A 682 4.97 -38.89 -16.26
C PHE A 682 5.37 -38.07 -15.04
N GLN A 683 5.78 -38.75 -13.98
CA GLN A 683 6.22 -38.04 -12.78
C GLN A 683 7.40 -37.13 -13.10
N THR A 684 7.40 -35.94 -12.50
CA THR A 684 8.49 -34.99 -12.66
C THR A 684 8.65 -34.24 -11.35
N ARG A 685 9.84 -33.65 -11.16
CA ARG A 685 10.10 -32.88 -9.96
C ARG A 685 9.08 -31.76 -9.79
N ALA A 686 8.54 -31.25 -10.90
CA ALA A 686 7.58 -30.16 -10.83
C ALA A 686 6.19 -30.62 -10.44
N GLY A 687 5.89 -31.91 -10.57
CA GLY A 687 4.60 -32.46 -10.22
C GLY A 687 4.05 -33.33 -11.33
N CYS A 688 2.91 -33.93 -11.03
CA CYS A 688 2.30 -34.87 -11.97
C CYS A 688 1.98 -34.16 -13.29
N LEU A 689 2.15 -34.88 -14.39
CA LEU A 689 1.87 -34.36 -15.72
C LEU A 689 1.07 -35.38 -16.50
N ILE A 690 0.05 -34.91 -17.21
CA ILE A 690 -0.91 -35.77 -17.89
C ILE A 690 -1.12 -35.26 -19.31
N GLY A 691 -1.18 -36.18 -20.26
CA GLY A 691 -1.50 -35.86 -21.64
C GLY A 691 -0.32 -35.81 -22.58
N ALA A 692 0.90 -35.91 -22.09
CA ALA A 692 2.09 -35.82 -22.92
C ALA A 692 2.95 -37.06 -22.73
N GLU A 693 3.61 -37.47 -23.80
CA GLU A 693 4.45 -38.65 -23.81
C GLU A 693 5.90 -38.27 -23.63
N HIS A 694 6.62 -39.05 -22.82
CA HIS A 694 8.00 -38.76 -22.48
C HIS A 694 8.93 -39.43 -23.47
N VAL A 695 9.69 -38.63 -24.21
CA VAL A 695 10.71 -39.11 -25.14
C VAL A 695 12.07 -38.74 -24.59
N ASN A 696 13.02 -39.65 -24.69
CA ASN A 696 14.34 -39.48 -24.09
C ASN A 696 15.37 -38.95 -25.08
N ASN A 697 14.94 -38.13 -26.03
CA ASN A 697 15.87 -37.38 -26.86
C ASN A 697 16.14 -36.03 -26.18
N SER A 698 16.73 -35.10 -26.92
CA SER A 698 17.02 -33.78 -26.38
C SER A 698 16.82 -32.73 -27.46
N TYR A 699 16.17 -31.63 -27.09
CA TYR A 699 15.95 -30.52 -28.00
C TYR A 699 15.96 -29.24 -27.20
N GLU A 700 15.87 -28.11 -27.90
CA GLU A 700 15.82 -26.82 -27.24
C GLU A 700 14.47 -26.61 -26.56
N CYS A 701 14.48 -25.82 -25.50
CA CYS A 701 13.25 -25.57 -24.75
C CYS A 701 12.24 -24.84 -25.62
N ASP A 702 11.00 -25.29 -25.57
CA ASP A 702 9.91 -24.68 -26.34
C ASP A 702 8.87 -24.04 -25.42
N ILE A 703 8.30 -24.80 -24.51
CA ILE A 703 7.44 -24.29 -23.46
C ILE A 703 8.01 -24.75 -22.12
N PRO A 704 8.72 -23.88 -21.41
CA PRO A 704 9.37 -24.33 -20.18
C PRO A 704 8.35 -24.83 -19.16
N ILE A 705 8.76 -25.82 -18.38
CA ILE A 705 7.91 -26.37 -17.33
C ILE A 705 8.57 -26.16 -15.98
N GLY A 706 9.76 -26.70 -15.80
CA GLY A 706 10.50 -26.53 -14.56
C GLY A 706 11.44 -27.68 -14.31
N ALA A 707 12.48 -27.40 -13.55
CA ALA A 707 13.49 -28.39 -13.18
C ALA A 707 14.09 -29.05 -14.43
N GLY A 708 14.39 -28.24 -15.44
CA GLY A 708 15.02 -28.75 -16.64
C GLY A 708 14.13 -29.69 -17.41
N ILE A 709 12.86 -29.32 -17.61
CA ILE A 709 11.94 -30.07 -18.44
C ILE A 709 11.19 -29.09 -19.33
N CYS A 710 11.05 -29.43 -20.61
CA CYS A 710 10.34 -28.59 -21.56
C CYS A 710 9.42 -29.47 -22.40
N ALA A 711 8.38 -28.85 -22.93
CA ALA A 711 7.40 -29.55 -23.74
C ALA A 711 7.20 -28.83 -25.06
N SER A 712 6.89 -29.58 -26.11
CA SER A 712 6.72 -29.02 -27.44
C SER A 712 5.83 -29.94 -28.27
N TYR A 713 5.37 -29.40 -29.38
CA TYR A 713 4.43 -30.09 -30.27
C TYR A 713 5.18 -30.63 -31.48
N GLN A 714 5.01 -31.91 -31.75
CA GLN A 714 5.73 -32.53 -32.87
C GLN A 714 4.96 -33.76 -33.34
N THR A 715 5.33 -34.22 -34.53
CA THR A 715 4.70 -35.39 -35.13
C THR A 715 5.32 -36.68 -34.59
N SER A 728 0.70 -38.28 -37.03
CA SER A 728 1.11 -38.69 -35.69
C SER A 728 1.47 -37.48 -34.84
N GLN A 729 0.56 -36.51 -34.76
CA GLN A 729 0.80 -35.29 -34.02
C GLN A 729 0.45 -35.49 -32.55
N SER A 730 1.36 -35.09 -31.67
CA SER A 730 1.13 -35.20 -30.24
C SER A 730 2.09 -34.28 -29.51
N ILE A 731 1.85 -34.11 -28.22
CA ILE A 731 2.70 -33.31 -27.36
C ILE A 731 3.70 -34.22 -26.67
N ILE A 732 4.93 -33.72 -26.49
CA ILE A 732 6.00 -34.49 -25.88
C ILE A 732 6.66 -33.66 -24.80
N ALA A 733 7.29 -34.36 -23.84
CA ALA A 733 8.06 -33.73 -22.79
C ALA A 733 9.42 -34.41 -22.72
N TYR A 734 10.46 -33.60 -22.57
CA TYR A 734 11.83 -34.10 -22.65
C TYR A 734 12.72 -33.23 -21.77
N THR A 735 14.01 -33.54 -21.79
CA THR A 735 15.01 -32.78 -21.05
C THR A 735 15.72 -31.82 -22.00
N MET A 736 15.78 -30.55 -21.62
CA MET A 736 16.35 -29.54 -22.50
C MET A 736 17.82 -29.84 -22.76
N SER A 737 18.28 -29.47 -23.95
CA SER A 737 19.68 -29.61 -24.34
C SER A 737 20.37 -28.25 -24.28
N LEU A 738 21.59 -28.25 -23.77
CA LEU A 738 22.32 -27.01 -23.58
C LEU A 738 23.10 -26.55 -24.80
N GLY A 739 23.23 -27.40 -25.81
CA GLY A 739 23.95 -27.06 -27.03
C GLY A 739 24.75 -28.24 -27.52
N ALA A 740 25.16 -28.15 -28.79
CA ALA A 740 25.88 -29.24 -29.41
C ALA A 740 27.25 -29.42 -28.78
N GLU A 741 27.65 -30.66 -28.57
CA GLU A 741 28.96 -30.95 -28.01
C GLU A 741 30.07 -30.50 -28.97
N ASN A 742 31.17 -30.05 -28.39
CA ASN A 742 32.34 -29.67 -29.17
C ASN A 742 33.59 -29.98 -28.37
N SER A 743 34.70 -30.15 -29.08
CA SER A 743 35.98 -30.48 -28.46
C SER A 743 37.08 -29.80 -29.27
N VAL A 744 37.76 -28.83 -28.65
CA VAL A 744 38.82 -28.10 -29.33
C VAL A 744 40.06 -28.97 -29.42
N ALA A 745 40.69 -28.99 -30.59
CA ALA A 745 41.89 -29.79 -30.82
C ALA A 745 43.13 -29.05 -30.29
N TYR A 746 43.09 -28.75 -29.00
CA TYR A 746 44.18 -28.00 -28.38
C TYR A 746 45.46 -28.82 -28.37
N SER A 747 46.57 -28.13 -28.55
CA SER A 747 47.90 -28.73 -28.46
C SER A 747 48.81 -27.68 -27.85
N ASN A 748 50.12 -27.87 -27.96
CA ASN A 748 51.06 -26.89 -27.44
C ASN A 748 51.96 -26.30 -28.53
N ASN A 749 51.84 -26.73 -29.77
CA ASN A 749 52.54 -26.09 -30.88
C ASN A 749 51.64 -25.99 -32.10
N SER A 750 50.39 -25.61 -31.90
CA SER A 750 49.44 -25.51 -33.00
C SER A 750 48.53 -24.30 -32.81
N ILE A 751 48.28 -23.58 -33.90
CA ILE A 751 47.46 -22.37 -33.88
C ILE A 751 46.69 -22.30 -35.19
N ALA A 752 45.47 -21.81 -35.13
CA ALA A 752 44.60 -21.69 -36.29
C ALA A 752 44.33 -20.23 -36.61
N ILE A 753 44.41 -19.86 -37.88
CA ILE A 753 44.25 -18.47 -38.32
C ILE A 753 43.19 -18.39 -39.41
N PRO A 754 42.24 -17.46 -39.33
CA PRO A 754 41.22 -17.39 -40.37
C PRO A 754 41.79 -16.94 -41.72
N THR A 755 41.08 -17.30 -42.78
CA THR A 755 41.49 -16.96 -44.14
C THR A 755 40.67 -15.82 -44.74
N ASN A 756 39.38 -15.73 -44.44
CA ASN A 756 38.65 -14.50 -44.72
C ASN A 756 37.34 -14.52 -43.93
N PHE A 757 36.48 -13.54 -44.20
CA PHE A 757 35.58 -12.97 -43.22
C PHE A 757 34.18 -12.77 -43.78
N THR A 758 33.24 -12.48 -42.89
CA THR A 758 31.90 -12.06 -43.28
C THR A 758 31.49 -10.88 -42.42
N ILE A 759 30.78 -9.94 -43.03
CA ILE A 759 30.24 -8.78 -42.33
C ILE A 759 28.78 -9.05 -42.01
N SER A 760 28.42 -8.90 -40.74
CA SER A 760 27.09 -9.24 -40.26
C SER A 760 26.39 -8.00 -39.74
N VAL A 761 25.07 -8.00 -39.83
CA VAL A 761 24.23 -6.90 -39.36
C VAL A 761 23.17 -7.48 -38.43
N THR A 762 23.02 -6.87 -37.26
CA THR A 762 22.05 -7.33 -36.27
C THR A 762 21.31 -6.13 -35.71
N THR A 763 20.15 -6.40 -35.13
CA THR A 763 19.29 -5.35 -34.58
C THR A 763 19.25 -5.43 -33.07
N GLU A 764 18.62 -4.44 -32.46
CA GLU A 764 18.47 -4.40 -31.00
C GLU A 764 17.42 -3.37 -30.66
N ILE A 765 16.41 -3.78 -29.88
CA ILE A 765 15.24 -2.95 -29.59
C ILE A 765 15.25 -2.60 -28.11
N LEU A 766 15.07 -1.32 -27.81
CA LEU A 766 15.13 -0.83 -26.43
C LEU A 766 13.96 0.11 -26.18
N PRO A 767 13.11 -0.15 -25.19
CA PRO A 767 12.10 0.83 -24.82
C PRO A 767 12.74 2.12 -24.32
N VAL A 768 12.08 3.24 -24.59
CA VAL A 768 12.58 4.55 -24.21
C VAL A 768 11.61 5.30 -23.31
N SER A 769 10.32 5.24 -23.60
CA SER A 769 9.33 5.94 -22.79
C SER A 769 7.98 5.25 -22.90
N MET A 770 7.12 5.55 -21.94
CA MET A 770 5.76 5.00 -21.92
C MET A 770 4.77 6.15 -21.93
N THR A 771 3.54 5.84 -22.34
CA THR A 771 2.54 6.89 -22.55
C THR A 771 2.30 7.66 -21.26
N LYS A 772 2.13 8.97 -21.40
CA LYS A 772 1.76 9.80 -20.27
C LYS A 772 0.36 9.45 -19.80
N THR A 773 0.02 9.91 -18.60
CA THR A 773 -1.33 9.72 -18.07
C THR A 773 -1.50 10.58 -16.84
N SER A 774 -2.67 11.20 -16.71
CA SER A 774 -3.02 11.97 -15.54
C SER A 774 -4.44 11.63 -15.13
N VAL A 775 -4.69 11.66 -13.82
CA VAL A 775 -5.97 11.25 -13.27
C VAL A 775 -6.44 12.29 -12.26
N ASP A 776 -7.73 12.62 -12.32
CA ASP A 776 -8.33 13.57 -11.39
C ASP A 776 -8.89 12.81 -10.20
N CYS A 777 -8.20 12.90 -9.07
CA CYS A 777 -8.57 12.12 -7.89
C CYS A 777 -10.01 12.39 -7.49
N THR A 778 -10.37 13.66 -7.35
CA THR A 778 -11.70 14.00 -6.87
C THR A 778 -12.76 13.51 -7.84
N MET A 779 -12.55 13.73 -9.13
CA MET A 779 -13.56 13.31 -10.11
C MET A 779 -13.73 11.80 -10.06
N TYR A 780 -12.63 11.06 -10.04
CA TYR A 780 -12.74 9.61 -10.06
C TYR A 780 -13.45 9.09 -8.82
N ILE A 781 -13.12 9.63 -7.65
CA ILE A 781 -13.69 9.10 -6.42
C ILE A 781 -15.14 9.51 -6.26
N CYS A 782 -15.44 10.81 -6.42
CA CYS A 782 -16.72 11.38 -6.08
C CYS A 782 -17.31 12.13 -7.27
N GLY A 783 -17.30 11.50 -8.44
CA GLY A 783 -17.74 12.19 -9.64
C GLY A 783 -19.07 12.88 -9.49
N ASP A 784 -19.07 14.21 -9.49
CA ASP A 784 -20.29 15.02 -9.48
C ASP A 784 -21.14 14.69 -8.24
N SER A 785 -20.60 15.03 -7.07
CA SER A 785 -21.34 14.84 -5.84
C SER A 785 -20.78 15.79 -4.78
N THR A 786 -21.57 16.81 -4.42
CA THR A 786 -21.14 17.74 -3.39
C THR A 786 -20.97 17.05 -2.04
N GLU A 787 -21.91 16.18 -1.69
CA GLU A 787 -21.82 15.48 -0.41
C GLU A 787 -20.58 14.60 -0.37
N CYS A 788 -20.31 13.88 -1.45
CA CYS A 788 -19.13 13.03 -1.50
C CYS A 788 -17.86 13.86 -1.42
N SER A 789 -17.83 15.02 -2.08
CA SER A 789 -16.67 15.89 -1.99
C SER A 789 -16.45 16.36 -0.57
N ASN A 790 -17.52 16.79 0.11
CA ASN A 790 -17.38 17.25 1.48
C ASN A 790 -16.86 16.13 2.38
N LEU A 791 -17.40 14.93 2.21
CA LEU A 791 -16.90 13.79 2.99
C LEU A 791 -15.43 13.54 2.72
N LEU A 792 -15.03 13.60 1.45
CA LEU A 792 -13.64 13.36 1.10
C LEU A 792 -12.71 14.44 1.63
N LEU A 793 -13.22 15.63 1.91
CA LEU A 793 -12.35 16.70 2.39
C LEU A 793 -11.63 16.34 3.68
N GLN A 794 -12.13 15.38 4.45
CA GLN A 794 -11.60 15.10 5.77
C GLN A 794 -10.39 14.18 5.76
N TYR A 795 -9.95 13.70 4.61
CA TYR A 795 -8.87 12.74 4.54
C TYR A 795 -7.50 13.38 4.30
N GLY A 796 -7.43 14.70 4.21
CA GLY A 796 -6.14 15.36 4.11
C GLY A 796 -5.75 15.76 2.70
N SER A 797 -4.60 15.25 2.23
CA SER A 797 -4.02 15.70 0.97
C SER A 797 -3.67 14.52 0.07
N PHE A 798 -4.45 13.44 0.14
CA PHE A 798 -4.16 12.28 -0.69
C PHE A 798 -4.26 12.63 -2.17
N CYS A 799 -5.32 13.35 -2.56
CA CYS A 799 -5.46 13.69 -3.98
C CYS A 799 -4.29 14.55 -4.45
N THR A 800 -3.87 15.51 -3.63
CA THR A 800 -2.73 16.33 -4.00
C THR A 800 -1.48 15.48 -4.19
N GLN A 801 -1.23 14.56 -3.27
CA GLN A 801 -0.05 13.72 -3.40
C GLN A 801 -0.08 12.92 -4.69
N LEU A 802 -1.23 12.31 -4.99
CA LEU A 802 -1.32 11.48 -6.19
C LEU A 802 -1.11 12.32 -7.45
N ASN A 803 -1.74 13.49 -7.52
CA ASN A 803 -1.55 14.33 -8.70
C ASN A 803 -0.09 14.73 -8.85
N ARG A 804 0.57 15.06 -7.74
CA ARG A 804 1.98 15.45 -7.82
C ARG A 804 2.82 14.30 -8.38
N ALA A 805 2.59 13.09 -7.88
CA ALA A 805 3.37 11.94 -8.35
C ALA A 805 3.17 11.73 -9.84
N LEU A 806 1.92 11.75 -10.29
CA LEU A 806 1.67 11.50 -11.71
C LEU A 806 2.28 12.58 -12.58
N THR A 807 2.20 13.84 -12.14
CA THR A 807 2.82 14.91 -12.92
C THR A 807 4.33 14.70 -13.02
N GLY A 808 4.96 14.29 -11.92
CA GLY A 808 6.39 14.02 -11.97
C GLY A 808 6.72 12.97 -13.01
N ILE A 809 5.96 11.88 -13.03
CA ILE A 809 6.21 10.83 -14.02
C ILE A 809 6.06 11.39 -15.43
N ALA A 810 5.00 12.17 -15.65
CA ALA A 810 4.73 12.69 -16.98
C ALA A 810 5.88 13.54 -17.48
N VAL A 811 6.42 14.41 -16.62
CA VAL A 811 7.57 15.22 -17.03
C VAL A 811 8.77 14.33 -17.32
N GLU A 812 9.01 13.35 -16.45
CA GLU A 812 10.19 12.52 -16.64
C GLU A 812 10.17 11.80 -17.98
N GLN A 813 8.99 11.48 -18.50
CA GLN A 813 8.93 10.84 -19.82
C GLN A 813 9.58 11.72 -20.89
N ASP A 814 9.17 12.99 -20.95
CA ASP A 814 9.76 13.89 -21.93
C ASP A 814 11.25 14.05 -21.68
N LYS A 815 11.65 14.10 -20.41
CA LYS A 815 13.07 14.18 -20.13
C LYS A 815 13.82 13.00 -20.74
N ASN A 816 13.26 11.79 -20.61
CA ASN A 816 13.91 10.60 -21.14
C ASN A 816 14.07 10.71 -22.65
N THR A 817 13.00 11.05 -23.35
CA THR A 817 13.09 11.11 -24.80
C THR A 817 14.11 12.16 -25.24
N GLN A 818 14.08 13.33 -24.60
CA GLN A 818 15.03 14.38 -24.95
C GLN A 818 16.47 13.90 -24.76
N GLU A 819 16.76 13.28 -23.62
CA GLU A 819 18.11 12.82 -23.37
C GLU A 819 18.54 11.80 -24.40
N VAL A 820 17.65 10.86 -24.74
CA VAL A 820 18.05 9.79 -25.65
C VAL A 820 18.36 10.34 -27.03
N PHE A 821 17.51 11.24 -27.54
CA PHE A 821 17.61 11.61 -28.96
C PHE A 821 18.36 12.90 -29.21
N ALA A 822 18.06 13.97 -28.47
CA ALA A 822 18.60 15.29 -28.77
C ALA A 822 20.06 15.35 -28.34
N GLN A 823 20.93 14.86 -29.20
CA GLN A 823 22.36 14.86 -28.94
C GLN A 823 23.17 15.60 -29.98
N VAL A 824 22.53 16.17 -31.01
CA VAL A 824 23.23 16.90 -32.06
C VAL A 824 22.85 18.36 -31.95
N LYS A 825 23.85 19.22 -31.97
CA LYS A 825 23.64 20.66 -31.84
C LYS A 825 23.45 21.36 -33.17
N GLN A 826 23.41 20.61 -34.28
CA GLN A 826 23.27 21.24 -35.59
C GLN A 826 22.71 20.19 -36.54
N ILE A 827 21.47 20.39 -36.99
CA ILE A 827 20.82 19.42 -37.84
C ILE A 827 21.55 19.36 -39.17
N TYR A 828 22.02 18.17 -39.56
CA TYR A 828 22.78 17.98 -40.77
C TYR A 828 21.88 17.50 -41.90
N LYS A 829 22.45 17.41 -43.09
CA LYS A 829 21.71 17.05 -44.29
C LYS A 829 22.61 16.24 -45.20
N THR A 830 22.06 15.15 -45.74
CA THR A 830 22.83 14.32 -46.66
C THR A 830 23.03 15.05 -47.98
N PRO A 831 24.14 14.79 -48.68
CA PRO A 831 24.34 15.42 -49.97
C PRO A 831 23.32 14.95 -50.98
N PRO A 832 23.00 15.76 -51.99
CA PRO A 832 22.00 15.33 -52.98
C PRO A 832 22.38 14.08 -53.74
N ILE A 833 23.67 13.89 -54.02
CA ILE A 833 24.15 12.77 -54.83
C ILE A 833 24.79 11.73 -53.91
N LYS A 834 24.41 10.47 -54.09
CA LYS A 834 24.87 9.38 -53.24
C LYS A 834 26.00 8.66 -53.97
N ASP A 835 27.23 8.90 -53.53
CA ASP A 835 28.44 8.26 -54.07
C ASP A 835 29.29 7.82 -52.88
N PHE A 836 29.04 6.61 -52.39
CA PHE A 836 29.68 6.13 -51.17
C PHE A 836 30.52 4.89 -51.45
N GLY A 837 31.25 4.89 -52.56
CA GLY A 837 32.21 3.83 -52.82
C GLY A 837 31.61 2.45 -52.82
N GLY A 838 30.50 2.27 -53.50
CA GLY A 838 29.85 0.97 -53.56
C GLY A 838 28.76 0.81 -52.54
N PHE A 839 29.04 1.13 -51.28
CA PHE A 839 28.00 1.10 -50.27
C PHE A 839 26.86 2.02 -50.69
N ASN A 840 25.66 1.70 -50.24
CA ASN A 840 24.56 2.62 -50.49
C ASN A 840 23.42 2.32 -49.52
N PHE A 841 22.79 3.39 -49.01
CA PHE A 841 21.91 3.31 -47.85
C PHE A 841 20.51 3.80 -48.17
N SER A 842 20.07 3.65 -49.41
CA SER A 842 18.75 4.16 -49.77
C SER A 842 17.65 3.50 -48.97
N GLN A 843 17.91 2.35 -48.37
CA GLN A 843 16.89 1.64 -47.61
C GLN A 843 16.71 2.18 -46.19
N ILE A 844 17.58 3.07 -45.73
CA ILE A 844 17.47 3.62 -44.39
C ILE A 844 17.38 5.13 -44.36
N LEU A 845 17.83 5.82 -45.40
CA LEU A 845 17.76 7.27 -45.42
C LEU A 845 16.34 7.73 -45.76
N PRO A 846 15.98 8.96 -45.39
CA PRO A 846 14.62 9.43 -45.68
C PRO A 846 14.37 9.52 -47.17
N ASP A 847 13.11 9.31 -47.55
CA ASP A 847 12.70 9.45 -48.94
C ASP A 847 11.91 10.74 -49.09
N PRO A 848 12.47 11.79 -49.71
CA PRO A 848 11.74 13.06 -49.77
C PRO A 848 10.39 12.96 -50.47
N SER A 849 10.26 12.04 -51.44
CA SER A 849 9.04 11.98 -52.23
C SER A 849 7.82 11.75 -51.34
N LYS A 850 7.91 10.83 -50.40
CA LYS A 850 6.78 10.54 -49.55
C LYS A 850 6.43 11.77 -48.70
N PRO A 851 5.14 12.05 -48.48
CA PRO A 851 4.80 13.19 -47.61
C PRO A 851 5.36 13.08 -46.20
N SER A 852 5.38 11.87 -45.65
CA SER A 852 5.98 11.64 -44.33
C SER A 852 7.44 11.25 -44.54
N LYS A 853 8.35 12.04 -43.98
CA LYS A 853 9.78 11.85 -44.22
C LYS A 853 10.33 10.82 -43.24
N ARG A 854 9.89 9.58 -43.44
CA ARG A 854 10.34 8.44 -42.67
C ARG A 854 10.92 7.40 -43.62
N SER A 855 11.91 6.67 -43.15
CA SER A 855 12.57 5.69 -43.99
C SER A 855 11.73 4.43 -44.11
N PHE A 856 12.14 3.56 -45.03
CA PHE A 856 11.41 2.33 -45.28
C PHE A 856 11.35 1.47 -44.03
N ILE A 857 12.49 1.31 -43.35
CA ILE A 857 12.50 0.48 -42.15
C ILE A 857 11.65 1.11 -41.07
N GLU A 858 11.66 2.44 -40.97
CA GLU A 858 10.83 3.11 -39.98
C GLU A 858 9.35 2.87 -40.26
N ASP A 859 8.95 2.91 -41.53
CA ASP A 859 7.56 2.60 -41.87
C ASP A 859 7.21 1.18 -41.50
N LEU A 860 8.09 0.23 -41.79
CA LEU A 860 7.82 -1.16 -41.44
C LEU A 860 7.63 -1.29 -39.93
N LEU A 861 8.51 -0.67 -39.16
CA LEU A 861 8.39 -0.75 -37.70
C LEU A 861 7.09 -0.12 -37.22
N PHE A 862 6.73 1.03 -37.78
CA PHE A 862 5.50 1.70 -37.35
C PHE A 862 4.28 0.85 -37.64
N ASN A 863 4.27 0.16 -38.79
CA ASN A 863 3.12 -0.66 -39.13
C ASN A 863 3.08 -1.95 -38.30
N LYS A 864 4.24 -2.48 -37.91
CA LYS A 864 4.26 -3.75 -37.19
C LYS A 864 3.72 -3.65 -35.77
N VAL A 865 3.46 -2.45 -35.26
CA VAL A 865 2.96 -2.26 -33.91
C VAL A 865 1.51 -1.78 -34.00
N THR A 866 0.62 -2.49 -33.33
CA THR A 866 -0.80 -2.16 -33.35
C THR A 866 -1.15 -1.17 -32.25
N ASP A 887 -14.23 4.34 -28.62
CA ASP A 887 -14.28 2.96 -28.18
C ASP A 887 -13.76 2.84 -26.75
N LEU A 888 -13.12 1.72 -26.41
CA LEU A 888 -12.60 1.53 -25.06
C LEU A 888 -11.64 2.66 -24.69
N ILE A 889 -10.81 3.10 -25.64
CA ILE A 889 -9.90 4.20 -25.36
C ILE A 889 -10.67 5.47 -25.05
N CYS A 890 -11.74 5.73 -25.80
CA CYS A 890 -12.57 6.90 -25.52
C CYS A 890 -13.36 6.72 -24.22
N ALA A 891 -13.78 5.49 -23.91
CA ALA A 891 -14.59 5.28 -22.71
C ALA A 891 -13.84 5.69 -21.46
N GLN A 892 -12.57 5.30 -21.35
CA GLN A 892 -11.78 5.67 -20.18
C GLN A 892 -11.70 7.18 -20.02
N LYS A 893 -11.78 7.92 -21.13
CA LYS A 893 -11.64 9.36 -21.07
C LYS A 893 -12.74 10.02 -20.27
N PHE A 894 -13.82 9.31 -19.99
CA PHE A 894 -15.03 9.90 -19.43
C PHE A 894 -15.17 9.67 -17.94
N ASN A 895 -14.11 9.23 -17.26
CA ASN A 895 -14.15 8.96 -15.82
C ASN A 895 -12.96 9.60 -15.13
N GLY A 896 -12.63 10.82 -15.50
CA GLY A 896 -11.53 11.50 -14.85
C GLY A 896 -10.16 11.01 -15.24
N LEU A 897 -10.06 10.19 -16.27
CA LEU A 897 -8.78 9.70 -16.78
C LEU A 897 -8.48 10.38 -18.10
N THR A 898 -7.31 11.01 -18.19
CA THR A 898 -6.93 11.78 -19.37
C THR A 898 -5.52 11.41 -19.79
N VAL A 899 -5.24 11.61 -21.07
CA VAL A 899 -3.94 11.28 -21.67
C VAL A 899 -3.40 12.53 -22.34
N LEU A 900 -2.16 12.88 -22.01
CA LEU A 900 -1.52 14.06 -22.57
C LEU A 900 -0.70 13.69 -23.80
N PRO A 901 -0.43 14.65 -24.68
CA PRO A 901 0.35 14.36 -25.87
C PRO A 901 1.83 14.60 -25.63
N PRO A 902 2.71 13.83 -26.25
CA PRO A 902 4.15 14.01 -26.02
C PRO A 902 4.63 15.33 -26.58
N LEU A 903 5.69 15.86 -25.97
CA LEU A 903 6.21 17.16 -26.39
C LEU A 903 6.78 17.09 -27.80
N LEU A 904 7.53 16.05 -28.12
CA LEU A 904 8.17 15.90 -29.42
C LEU A 904 7.32 15.01 -30.31
N THR A 905 7.10 15.46 -31.54
CA THR A 905 6.29 14.71 -32.48
C THR A 905 7.15 13.81 -33.36
N ASP A 906 6.49 12.86 -34.01
CA ASP A 906 7.20 11.89 -34.82
C ASP A 906 8.03 12.55 -35.91
N GLU A 907 7.55 13.66 -36.48
CA GLU A 907 8.35 14.34 -37.48
C GLU A 907 9.66 14.83 -36.90
N MET A 908 9.63 15.39 -35.69
CA MET A 908 10.86 15.85 -35.08
C MET A 908 11.78 14.69 -34.74
N ILE A 909 11.22 13.58 -34.27
CA ILE A 909 12.05 12.41 -33.98
C ILE A 909 12.74 11.94 -35.26
N ALA A 910 11.99 11.88 -36.36
CA ALA A 910 12.56 11.46 -37.62
C ALA A 910 13.64 12.41 -38.09
N GLN A 911 13.43 13.71 -37.92
CA GLN A 911 14.45 14.68 -38.30
C GLN A 911 15.73 14.45 -37.51
N TYR A 912 15.62 14.25 -36.20
CA TYR A 912 16.80 13.99 -35.40
C TYR A 912 17.52 12.73 -35.88
N THR A 913 16.78 11.66 -36.12
CA THR A 913 17.42 10.42 -36.54
C THR A 913 18.13 10.59 -37.88
N SER A 914 17.48 11.26 -38.84
CA SER A 914 18.11 11.47 -40.13
C SER A 914 19.36 12.34 -40.00
N ALA A 915 19.31 13.36 -39.15
CA ALA A 915 20.49 14.19 -38.94
C ALA A 915 21.64 13.36 -38.41
N LEU A 916 21.37 12.53 -37.40
CA LEU A 916 22.43 11.68 -36.86
C LEU A 916 23.01 10.79 -37.94
N LEU A 917 22.15 10.16 -38.73
CA LEU A 917 22.62 9.23 -39.73
C LEU A 917 23.49 9.92 -40.78
N ALA A 918 23.03 11.08 -41.26
CA ALA A 918 23.79 11.79 -42.29
C ALA A 918 25.13 12.25 -41.75
N GLY A 919 25.14 12.84 -40.55
CA GLY A 919 26.40 13.24 -39.96
C GLY A 919 27.35 12.08 -39.83
N THR A 920 26.85 10.92 -39.39
CA THR A 920 27.70 9.75 -39.30
C THR A 920 28.31 9.42 -40.66
N ILE A 921 27.47 9.14 -41.65
CA ILE A 921 27.99 8.62 -42.90
C ILE A 921 28.87 9.62 -43.62
N THR A 922 28.77 10.92 -43.29
CA THR A 922 29.61 11.89 -43.97
C THR A 922 30.83 12.34 -43.17
N SER A 923 30.90 12.06 -41.86
CA SER A 923 32.04 12.56 -41.09
C SER A 923 32.58 11.57 -40.06
N GLY A 924 32.23 10.30 -40.13
CA GLY A 924 32.77 9.39 -39.14
C GLY A 924 32.31 9.76 -37.75
N TRP A 925 33.27 9.95 -36.85
CA TRP A 925 32.98 10.28 -35.46
C TRP A 925 33.40 11.69 -35.07
N THR A 926 34.05 12.43 -35.97
CA THR A 926 34.53 13.75 -35.59
C THR A 926 33.39 14.68 -35.20
N PHE A 927 32.21 14.48 -35.78
CA PHE A 927 31.09 15.35 -35.47
C PHE A 927 30.54 15.12 -34.07
N GLY A 928 30.94 14.05 -33.41
CA GLY A 928 30.56 13.83 -32.03
C GLY A 928 31.53 14.48 -31.06
N ALA A 929 32.74 14.75 -31.54
CA ALA A 929 33.76 15.40 -30.71
C ALA A 929 33.85 16.90 -30.93
N GLY A 930 33.38 17.40 -32.06
CA GLY A 930 33.44 18.83 -32.31
C GLY A 930 32.79 19.19 -33.62
N ALA A 931 33.44 20.05 -34.41
CA ALA A 931 32.90 20.39 -35.71
C ALA A 931 32.91 19.16 -36.62
N ALA A 932 32.07 19.21 -37.63
CA ALA A 932 31.96 18.09 -38.56
C ALA A 932 33.05 18.19 -39.62
N LEU A 933 33.78 17.10 -39.83
CA LEU A 933 34.84 17.03 -40.82
C LEU A 933 34.48 15.96 -41.85
N GLN A 934 34.58 16.30 -43.13
CA GLN A 934 34.24 15.36 -44.17
C GLN A 934 35.39 14.39 -44.42
N ILE A 935 35.05 13.23 -44.99
CA ILE A 935 36.03 12.17 -45.24
C ILE A 935 35.41 11.14 -46.16
N PRO A 936 36.10 10.67 -47.20
CA PRO A 936 35.52 9.63 -48.05
C PRO A 936 35.20 8.36 -47.27
N PHE A 937 34.11 7.70 -47.68
CA PHE A 937 33.63 6.55 -46.93
C PHE A 937 34.62 5.39 -46.96
N ALA A 938 35.29 5.18 -48.09
CA ALA A 938 36.28 4.11 -48.13
C ALA A 938 37.38 4.36 -47.10
N MET A 939 37.84 5.60 -46.99
CA MET A 939 38.85 5.92 -46.00
C MET A 939 38.31 5.72 -44.59
N GLN A 940 37.05 6.07 -44.36
CA GLN A 940 36.48 5.86 -43.03
C GLN A 940 36.47 4.38 -42.67
N MET A 941 36.09 3.53 -43.62
CA MET A 941 36.09 2.10 -43.34
C MET A 941 37.51 1.59 -43.11
N ALA A 942 38.48 2.14 -43.83
CA ALA A 942 39.87 1.77 -43.57
C ALA A 942 40.26 2.13 -42.14
N TYR A 943 39.85 3.30 -41.68
CA TYR A 943 40.10 3.68 -40.29
C TYR A 943 39.50 2.67 -39.34
N ARG A 944 38.26 2.26 -39.58
CA ARG A 944 37.62 1.30 -38.68
C ARG A 944 38.38 -0.01 -38.66
N PHE A 945 38.76 -0.51 -39.84
CA PHE A 945 39.51 -1.76 -39.90
C PHE A 945 40.80 -1.64 -39.11
N ASN A 946 41.54 -0.55 -39.29
CA ASN A 946 42.70 -0.31 -38.44
C ASN A 946 42.32 -0.36 -36.97
N GLY A 947 41.13 0.12 -36.64
CA GLY A 947 40.68 0.10 -35.26
C GLY A 947 40.59 -1.30 -34.70
N ILE A 948 40.03 -2.23 -35.47
CA ILE A 948 39.83 -3.58 -34.94
C ILE A 948 41.10 -4.42 -35.13
N GLY A 949 42.18 -3.79 -35.56
CA GLY A 949 43.44 -4.51 -35.66
C GLY A 949 43.65 -5.27 -36.95
N VAL A 950 43.25 -4.69 -38.07
CA VAL A 950 43.47 -5.30 -39.39
C VAL A 950 44.01 -4.23 -40.32
N THR A 951 45.06 -4.56 -41.05
CA THR A 951 45.67 -3.62 -41.97
C THR A 951 44.63 -3.11 -42.97
N GLN A 952 44.95 -1.99 -43.62
CA GLN A 952 44.03 -1.36 -44.55
C GLN A 952 43.99 -2.06 -45.90
N ASN A 953 45.12 -2.61 -46.35
CA ASN A 953 45.16 -3.17 -47.69
C ASN A 953 44.07 -4.21 -47.88
N VAL A 954 43.67 -4.90 -46.81
CA VAL A 954 42.57 -5.85 -46.92
C VAL A 954 41.33 -5.15 -47.44
N LEU A 955 40.96 -4.04 -46.83
CA LEU A 955 39.78 -3.30 -47.29
C LEU A 955 39.98 -2.76 -48.69
N TYR A 956 41.14 -2.12 -48.93
CA TYR A 956 41.31 -1.52 -50.24
C TYR A 956 41.39 -2.55 -51.35
N GLU A 957 41.56 -3.83 -51.02
CA GLU A 957 41.58 -4.87 -52.04
C GLU A 957 40.28 -5.67 -52.11
N ASN A 958 39.42 -5.59 -51.10
CA ASN A 958 38.16 -6.32 -51.13
C ASN A 958 36.93 -5.42 -51.09
N GLN A 959 37.11 -4.12 -51.32
CA GLN A 959 36.00 -3.17 -51.32
C GLN A 959 34.72 -3.72 -51.92
N LYS A 960 34.80 -4.29 -53.13
CA LYS A 960 33.58 -4.73 -53.80
C LYS A 960 32.88 -5.85 -53.03
N LEU A 961 33.66 -6.83 -52.56
CA LEU A 961 33.08 -7.92 -51.80
C LEU A 961 32.43 -7.41 -50.53
N ILE A 962 33.11 -6.51 -49.82
CA ILE A 962 32.52 -5.98 -48.58
C ILE A 962 31.23 -5.24 -48.88
N ALA A 963 31.21 -4.44 -49.94
CA ALA A 963 30.01 -3.69 -50.26
C ALA A 963 28.85 -4.61 -50.56
N ASN A 964 29.09 -5.65 -51.37
CA ASN A 964 28.03 -6.58 -51.70
C ASN A 964 27.52 -7.30 -50.46
N GLN A 965 28.42 -7.71 -49.57
CA GLN A 965 27.99 -8.38 -48.36
C GLN A 965 27.12 -7.47 -47.51
N PHE A 966 27.51 -6.20 -47.39
CA PHE A 966 26.71 -5.27 -46.60
C PHE A 966 25.32 -5.08 -47.19
N ASN A 967 25.24 -4.90 -48.50
CA ASN A 967 23.94 -4.70 -49.14
C ASN A 967 23.05 -5.93 -48.93
N SER A 968 23.60 -7.12 -49.15
CA SER A 968 22.81 -8.33 -48.94
C SER A 968 22.34 -8.43 -47.50
N ALA A 969 23.20 -8.04 -46.54
CA ALA A 969 22.81 -8.12 -45.15
C ALA A 969 21.62 -7.22 -44.86
N ILE A 970 21.63 -5.99 -45.37
CA ILE A 970 20.49 -5.12 -45.08
C ILE A 970 19.24 -5.65 -45.77
N GLY A 971 19.38 -6.22 -46.97
CA GLY A 971 18.22 -6.82 -47.61
C GLY A 971 17.61 -7.93 -46.76
N LYS A 972 18.45 -8.81 -46.23
CA LYS A 972 17.95 -9.89 -45.41
C LYS A 972 17.28 -9.36 -44.15
N ILE A 973 17.85 -8.33 -43.52
CA ILE A 973 17.22 -7.80 -42.32
C ILE A 973 15.86 -7.24 -42.66
N GLN A 974 15.74 -6.55 -43.80
CA GLN A 974 14.45 -6.01 -44.20
C GLN A 974 13.43 -7.13 -44.37
N ASP A 975 13.81 -8.19 -45.08
CA ASP A 975 12.86 -9.28 -45.32
C ASP A 975 12.43 -9.94 -44.00
N SER A 976 13.40 -10.21 -43.13
CA SER A 976 13.07 -10.86 -41.86
C SER A 976 12.15 -9.98 -41.02
N LEU A 977 12.44 -8.68 -40.96
CA LEU A 977 11.61 -7.78 -40.18
C LEU A 977 10.20 -7.71 -40.75
N SER A 978 10.10 -7.70 -42.08
CA SER A 978 8.77 -7.67 -42.70
C SER A 978 7.99 -8.94 -42.41
N SER A 979 8.66 -10.09 -42.40
CA SER A 979 7.96 -11.36 -42.23
C SER A 979 7.61 -11.63 -40.77
N THR A 980 8.63 -11.79 -39.94
CA THR A 980 8.40 -12.18 -38.55
C THR A 980 7.73 -11.05 -37.78
N ALA A 981 6.96 -11.43 -36.75
CA ALA A 981 6.20 -10.47 -35.97
C ALA A 981 6.50 -10.53 -34.48
N SER A 982 7.43 -11.38 -34.04
CA SER A 982 7.77 -11.50 -32.62
C SER A 982 9.02 -10.71 -32.26
N ALA A 983 9.48 -9.81 -33.13
CA ALA A 983 10.68 -9.04 -32.84
C ALA A 983 10.42 -7.92 -31.84
N LEU A 984 9.23 -7.31 -31.87
CA LEU A 984 8.92 -6.14 -31.05
C LEU A 984 8.26 -6.51 -29.73
N GLY A 985 8.64 -7.66 -29.17
CA GLY A 985 7.99 -8.13 -27.96
C GLY A 985 8.07 -7.13 -26.83
N LYS A 986 9.20 -6.45 -26.68
CA LYS A 986 9.38 -5.56 -25.54
C LYS A 986 8.40 -4.39 -25.61
N LEU A 987 8.36 -3.70 -26.75
CA LEU A 987 7.46 -2.57 -26.89
C LEU A 987 6.00 -3.02 -26.77
N GLN A 988 5.68 -4.17 -27.37
CA GLN A 988 4.32 -4.67 -27.26
C GLN A 988 3.96 -4.94 -25.81
N ASP A 989 4.89 -5.52 -25.05
CA ASP A 989 4.62 -5.81 -23.66
C ASP A 989 4.39 -4.53 -22.86
N VAL A 990 5.18 -3.49 -23.14
CA VAL A 990 4.97 -2.22 -22.45
C VAL A 990 3.56 -1.72 -22.69
N VAL A 991 3.15 -1.68 -23.95
CA VAL A 991 1.83 -1.16 -24.28
C VAL A 991 0.75 -1.99 -23.60
N ASN A 992 0.87 -3.32 -23.67
CA ASN A 992 -0.14 -4.19 -23.10
C ASN A 992 -0.24 -3.99 -21.59
N GLN A 993 0.90 -3.86 -20.92
CA GLN A 993 0.88 -3.67 -19.47
C GLN A 993 0.14 -2.39 -19.12
N ASN A 994 0.42 -1.30 -19.83
CA ASN A 994 -0.26 -0.05 -19.52
C ASN A 994 -1.77 -0.19 -19.73
N ALA A 995 -2.16 -0.79 -20.85
CA ALA A 995 -3.59 -0.94 -21.13
C ALA A 995 -4.27 -1.78 -20.06
N GLN A 996 -3.63 -2.88 -19.65
CA GLN A 996 -4.23 -3.75 -18.65
C GLN A 996 -4.38 -3.04 -17.31
N ALA A 997 -3.37 -2.27 -16.92
CA ALA A 997 -3.48 -1.52 -15.66
C ALA A 997 -4.66 -0.57 -15.71
N LEU A 998 -4.80 0.20 -16.80
CA LEU A 998 -5.92 1.12 -16.89
C LEU A 998 -7.24 0.38 -16.87
N ASN A 999 -7.31 -0.76 -17.57
CA ASN A 999 -8.57 -1.50 -17.61
C ASN A 999 -8.97 -1.96 -16.22
N THR A 1000 -8.02 -2.49 -15.45
CA THR A 1000 -8.36 -2.91 -14.10
C THR A 1000 -8.81 -1.73 -13.25
N LEU A 1001 -8.12 -0.60 -13.36
CA LEU A 1001 -8.52 0.57 -12.59
C LEU A 1001 -9.95 0.96 -12.91
N VAL A 1002 -10.30 1.00 -14.20
CA VAL A 1002 -11.65 1.40 -14.58
C VAL A 1002 -12.66 0.37 -14.07
N LYS A 1003 -12.37 -0.91 -14.24
CA LYS A 1003 -13.33 -1.94 -13.85
C LYS A 1003 -13.52 -1.98 -12.34
N GLN A 1004 -12.59 -1.43 -11.56
CA GLN A 1004 -12.76 -1.44 -10.11
C GLN A 1004 -13.94 -0.60 -9.66
N LEU A 1005 -14.52 0.23 -10.53
CA LEU A 1005 -15.60 1.11 -10.13
C LEU A 1005 -16.93 0.40 -9.93
N SER A 1006 -17.03 -0.89 -10.26
CA SER A 1006 -18.29 -1.61 -10.20
C SER A 1006 -18.32 -2.61 -9.05
N SER A 1007 -17.68 -2.29 -7.93
CA SER A 1007 -17.63 -3.17 -6.77
C SER A 1007 -18.35 -2.51 -5.60
N ASN A 1008 -19.21 -3.28 -4.93
CA ASN A 1008 -20.02 -2.72 -3.85
C ASN A 1008 -19.18 -2.37 -2.64
N PHE A 1009 -18.09 -3.09 -2.40
CA PHE A 1009 -17.27 -2.91 -1.21
C PHE A 1009 -18.07 -3.05 0.07
N GLY A 1010 -19.21 -3.71 0.01
CA GLY A 1010 -20.06 -3.88 1.16
C GLY A 1010 -21.20 -2.88 1.28
N ALA A 1011 -21.28 -1.92 0.36
CA ALA A 1011 -22.39 -0.96 0.37
C ALA A 1011 -23.64 -1.67 -0.16
N ILE A 1012 -24.70 -0.90 -0.38
CA ILE A 1012 -25.92 -1.49 -0.94
C ILE A 1012 -25.91 -1.44 -2.46
N SER A 1013 -25.22 -0.47 -3.06
CA SER A 1013 -25.15 -0.36 -4.50
C SER A 1013 -23.85 0.34 -4.89
N SER A 1014 -23.45 0.16 -6.14
CA SER A 1014 -22.23 0.72 -6.65
C SER A 1014 -22.46 2.00 -7.46
N VAL A 1015 -23.67 2.56 -7.41
CA VAL A 1015 -23.98 3.80 -8.10
C VAL A 1015 -24.26 4.87 -7.04
N LEU A 1016 -23.42 5.90 -7.02
CA LEU A 1016 -23.55 6.92 -5.99
C LEU A 1016 -24.89 7.64 -6.10
N ASN A 1017 -25.35 7.90 -7.33
CA ASN A 1017 -26.66 8.52 -7.49
C ASN A 1017 -27.76 7.64 -6.93
N ASP A 1018 -27.66 6.33 -7.17
CA ASP A 1018 -28.65 5.41 -6.61
C ASP A 1018 -28.63 5.47 -5.09
N ILE A 1019 -27.45 5.49 -4.49
CA ILE A 1019 -27.36 5.59 -3.03
C ILE A 1019 -28.02 6.87 -2.56
N LEU A 1020 -27.74 7.97 -3.23
CA LEU A 1020 -28.16 9.28 -2.75
C LEU A 1020 -29.62 9.57 -3.05
N SER A 1021 -30.25 8.82 -3.94
CA SER A 1021 -31.65 9.05 -4.29
C SER A 1021 -32.61 8.19 -3.49
N ARG A 1022 -32.12 7.39 -2.55
CA ARG A 1022 -32.96 6.53 -1.73
C ARG A 1022 -32.89 6.88 -0.26
N LEU A 1023 -31.69 6.94 0.31
CA LEU A 1023 -31.52 7.10 1.73
C LEU A 1023 -31.59 8.57 2.13
N ASP A 1024 -31.72 8.81 3.43
CA ASP A 1024 -31.69 10.15 3.98
C ASP A 1024 -30.25 10.61 4.12
N PRO A 1025 -30.02 11.86 4.47
CA PRO A 1025 -28.66 12.36 4.64
C PRO A 1025 -27.86 11.49 5.59
N PRO A 1026 -28.37 11.20 6.79
CA PRO A 1026 -27.51 10.60 7.83
C PRO A 1026 -27.00 9.21 7.50
N GLU A 1027 -27.89 8.31 7.10
CA GLU A 1027 -27.48 6.92 6.90
C GLU A 1027 -26.58 6.76 5.68
N ALA A 1028 -26.84 7.54 4.62
CA ALA A 1028 -26.07 7.39 3.39
C ALA A 1028 -24.59 7.61 3.61
N GLU A 1029 -24.22 8.29 4.68
CA GLU A 1029 -22.81 8.57 4.93
C GLU A 1029 -22.01 7.28 5.08
N VAL A 1030 -22.60 6.23 5.65
CA VAL A 1030 -21.88 4.99 5.83
C VAL A 1030 -21.53 4.36 4.48
N GLN A 1031 -22.52 4.27 3.59
CA GLN A 1031 -22.26 3.74 2.27
C GLN A 1031 -21.22 4.59 1.54
N ILE A 1032 -21.37 5.91 1.63
CA ILE A 1032 -20.41 6.78 0.96
C ILE A 1032 -19.00 6.53 1.48
N ASP A 1033 -18.87 6.33 2.79
CA ASP A 1033 -17.56 6.09 3.36
C ASP A 1033 -16.96 4.79 2.84
N ARG A 1034 -17.78 3.74 2.75
CA ARG A 1034 -17.25 2.48 2.25
C ARG A 1034 -16.75 2.62 0.82
N LEU A 1035 -17.56 3.26 -0.03
CA LEU A 1035 -17.15 3.44 -1.42
C LEU A 1035 -15.88 4.27 -1.51
N ILE A 1036 -15.79 5.34 -0.72
CA ILE A 1036 -14.60 6.19 -0.75
C ILE A 1036 -13.37 5.38 -0.37
N THR A 1037 -13.48 4.58 0.68
CA THR A 1037 -12.34 3.78 1.11
C THR A 1037 -11.87 2.86 0.00
N GLY A 1038 -12.81 2.13 -0.61
CA GLY A 1038 -12.42 1.20 -1.65
C GLY A 1038 -11.73 1.89 -2.82
N ARG A 1039 -12.32 2.97 -3.31
CA ARG A 1039 -11.77 3.63 -4.48
C ARG A 1039 -10.41 4.25 -4.15
N LEU A 1040 -10.25 4.77 -2.93
CA LEU A 1040 -8.95 5.31 -2.54
C LEU A 1040 -7.88 4.23 -2.55
N GLN A 1041 -8.22 3.04 -2.04
CA GLN A 1041 -7.24 1.95 -2.09
C GLN A 1041 -6.85 1.62 -3.52
N SER A 1042 -7.84 1.56 -4.42
CA SER A 1042 -7.52 1.25 -5.81
C SER A 1042 -6.57 2.28 -6.39
N LEU A 1043 -6.84 3.57 -6.14
CA LEU A 1043 -5.97 4.60 -6.67
C LEU A 1043 -4.55 4.47 -6.13
N GLN A 1044 -4.41 4.24 -4.83
CA GLN A 1044 -3.07 4.13 -4.28
C GLN A 1044 -2.30 2.99 -4.91
N THR A 1045 -2.95 1.82 -5.06
CA THR A 1045 -2.26 0.70 -5.68
C THR A 1045 -1.82 1.04 -7.09
N TYR A 1046 -2.71 1.67 -7.87
CA TYR A 1046 -2.36 2.01 -9.24
C TYR A 1046 -1.16 2.93 -9.27
N VAL A 1047 -1.14 3.95 -8.41
CA VAL A 1047 -0.04 4.91 -8.45
C VAL A 1047 1.27 4.23 -8.10
N THR A 1048 1.27 3.36 -7.10
CA THR A 1048 2.51 2.68 -6.74
C THR A 1048 3.04 1.84 -7.90
N GLN A 1049 2.15 1.08 -8.54
CA GLN A 1049 2.58 0.29 -9.69
C GLN A 1049 3.20 1.18 -10.75
N GLN A 1050 2.56 2.31 -11.04
CA GLN A 1050 3.08 3.20 -12.07
C GLN A 1050 4.45 3.73 -11.69
N LEU A 1051 4.66 4.06 -10.41
CA LEU A 1051 5.95 4.58 -10.01
C LEU A 1051 7.06 3.57 -10.25
N ILE A 1052 6.82 2.32 -9.86
CA ILE A 1052 7.86 1.31 -10.07
C ILE A 1052 8.14 1.10 -11.56
N ARG A 1053 7.07 1.02 -12.36
CA ARG A 1053 7.26 0.83 -13.79
C ARG A 1053 8.06 1.98 -14.39
N ALA A 1054 7.77 3.21 -13.97
CA ALA A 1054 8.49 4.35 -14.49
C ALA A 1054 9.97 4.28 -14.14
N ALA A 1055 10.28 3.86 -12.92
CA ALA A 1055 11.69 3.70 -12.55
C ALA A 1055 12.38 2.73 -13.49
N GLU A 1056 11.74 1.60 -13.76
CA GLU A 1056 12.36 0.61 -14.64
C GLU A 1056 12.59 1.20 -16.03
N ILE A 1057 11.58 1.88 -16.57
CA ILE A 1057 11.70 2.41 -17.93
C ILE A 1057 12.79 3.46 -17.98
N ARG A 1058 12.94 4.25 -16.91
CA ARG A 1058 14.01 5.24 -16.87
C ARG A 1058 15.38 4.58 -16.90
N ALA A 1059 15.53 3.47 -16.18
CA ALA A 1059 16.80 2.74 -16.26
C ALA A 1059 17.07 2.30 -17.70
N SER A 1060 16.06 1.76 -18.37
CA SER A 1060 16.26 1.33 -19.75
C SER A 1060 16.61 2.50 -20.65
N ALA A 1061 15.99 3.66 -20.44
CA ALA A 1061 16.29 4.84 -21.26
C ALA A 1061 17.72 5.28 -21.06
N ASN A 1062 18.22 5.25 -19.83
CA ASN A 1062 19.62 5.59 -19.59
C ASN A 1062 20.54 4.64 -20.34
N LEU A 1063 20.25 3.35 -20.28
CA LEU A 1063 21.09 2.40 -21.03
C LEU A 1063 21.06 2.70 -22.52
N ALA A 1064 19.88 3.03 -23.05
CA ALA A 1064 19.79 3.32 -24.48
C ALA A 1064 20.60 4.55 -24.85
N ALA A 1065 20.54 5.58 -24.02
CA ALA A 1065 21.32 6.78 -24.31
C ALA A 1065 22.80 6.48 -24.30
N THR A 1066 23.26 5.68 -23.33
CA THR A 1066 24.67 5.32 -23.28
C THR A 1066 25.08 4.53 -24.52
N LYS A 1067 24.25 3.57 -24.94
CA LYS A 1067 24.55 2.82 -26.14
C LYS A 1067 24.66 3.75 -27.34
N MET A 1068 23.72 4.68 -27.48
CA MET A 1068 23.79 5.62 -28.59
C MET A 1068 25.11 6.36 -28.57
N SER A 1069 25.45 6.97 -27.44
CA SER A 1069 26.64 7.80 -27.38
C SER A 1069 27.90 6.99 -27.69
N GLU A 1070 27.99 5.77 -27.16
CA GLU A 1070 29.24 5.03 -27.24
C GLU A 1070 29.38 4.19 -28.50
N CYS A 1071 28.29 3.86 -29.19
CA CYS A 1071 28.38 3.09 -30.42
C CYS A 1071 28.17 3.94 -31.66
N VAL A 1072 27.14 4.77 -31.70
CA VAL A 1072 26.84 5.52 -32.93
C VAL A 1072 27.86 6.62 -33.14
N LEU A 1073 28.20 7.36 -32.10
CA LEU A 1073 29.10 8.49 -32.22
C LEU A 1073 30.57 8.10 -32.20
N GLY A 1074 30.87 6.81 -32.07
CA GLY A 1074 32.26 6.37 -32.10
C GLY A 1074 32.32 4.86 -32.06
N GLN A 1075 33.54 4.35 -32.22
CA GLN A 1075 33.78 2.92 -32.19
C GLN A 1075 34.07 2.47 -30.77
N SER A 1076 33.56 1.30 -30.39
CA SER A 1076 33.64 0.80 -29.03
C SER A 1076 34.50 -0.46 -28.98
N LYS A 1077 35.39 -0.52 -28.01
CA LYS A 1077 36.24 -1.67 -27.78
C LYS A 1077 35.66 -2.64 -26.78
N ARG A 1078 34.52 -2.33 -26.18
CA ARG A 1078 33.92 -3.23 -25.21
C ARG A 1078 33.32 -4.44 -25.93
N VAL A 1079 33.45 -5.61 -25.33
CA VAL A 1079 33.00 -6.84 -25.96
C VAL A 1079 31.51 -6.99 -25.78
N ASP A 1080 30.82 -7.37 -26.85
CA ASP A 1080 29.40 -7.70 -26.81
C ASP A 1080 28.52 -6.52 -26.43
N PHE A 1081 29.10 -5.32 -26.28
CA PHE A 1081 28.28 -4.16 -25.98
C PHE A 1081 27.49 -3.72 -27.20
N CYS A 1082 28.19 -3.32 -28.26
CA CYS A 1082 27.55 -2.94 -29.52
C CYS A 1082 27.70 -4.11 -30.49
N GLY A 1083 26.77 -5.05 -30.40
CA GLY A 1083 26.70 -6.15 -31.33
C GLY A 1083 27.58 -7.33 -30.95
N LYS A 1084 27.45 -8.40 -31.72
CA LYS A 1084 28.22 -9.61 -31.53
C LYS A 1084 29.38 -9.64 -32.50
N GLY A 1085 30.56 -9.97 -32.00
CA GLY A 1085 31.77 -9.94 -32.80
C GLY A 1085 32.53 -8.64 -32.61
N TYR A 1086 33.32 -8.31 -33.62
CA TYR A 1086 34.09 -7.08 -33.61
C TYR A 1086 33.26 -5.95 -34.20
N HIS A 1087 33.17 -4.84 -33.46
CA HIS A 1087 32.28 -3.75 -33.83
C HIS A 1087 32.93 -2.87 -34.88
N LEU A 1088 32.12 -2.42 -35.84
CA LEU A 1088 32.56 -1.47 -36.85
C LEU A 1088 31.83 -0.14 -36.75
N MET A 1089 30.50 -0.14 -36.75
CA MET A 1089 29.72 1.09 -36.73
C MET A 1089 28.24 0.72 -36.74
N SER A 1090 27.40 1.67 -36.34
CA SER A 1090 25.99 1.39 -36.12
C SER A 1090 25.14 2.54 -36.62
N PHE A 1091 23.85 2.27 -36.82
CA PHE A 1091 22.89 3.27 -37.25
C PHE A 1091 21.67 3.24 -36.34
N PRO A 1092 21.09 4.39 -36.03
CA PRO A 1092 19.83 4.39 -35.28
C PRO A 1092 18.62 4.44 -36.19
N GLN A 1093 17.50 3.96 -35.66
CA GLN A 1093 16.22 4.03 -36.36
C GLN A 1093 15.13 4.18 -35.31
N SER A 1094 14.19 5.10 -35.56
CA SER A 1094 13.14 5.37 -34.61
C SER A 1094 12.10 4.26 -34.62
N ALA A 1095 11.21 4.31 -33.64
CA ALA A 1095 10.13 3.34 -33.53
C ALA A 1095 9.17 3.82 -32.44
N PRO A 1096 7.95 3.29 -32.41
CA PRO A 1096 6.96 3.78 -31.44
C PRO A 1096 7.42 3.56 -30.02
N HIS A 1097 7.62 4.65 -29.29
CA HIS A 1097 7.99 4.59 -27.87
C HIS A 1097 9.29 3.79 -27.68
N GLY A 1098 10.26 4.01 -28.55
CA GLY A 1098 11.52 3.31 -28.42
C GLY A 1098 12.40 3.56 -29.61
N VAL A 1099 13.59 2.97 -29.56
CA VAL A 1099 14.61 3.15 -30.59
C VAL A 1099 15.16 1.78 -30.99
N VAL A 1100 15.73 1.72 -32.19
CA VAL A 1100 16.28 0.50 -32.75
C VAL A 1100 17.64 0.81 -33.35
N PHE A 1101 18.61 -0.07 -33.12
CA PHE A 1101 19.95 0.05 -33.65
C PHE A 1101 20.20 -1.04 -34.68
N LEU A 1102 21.14 -0.79 -35.59
CA LEU A 1102 21.58 -1.78 -36.57
C LEU A 1102 23.10 -1.90 -36.43
N HIS A 1103 23.55 -2.79 -35.55
CA HIS A 1103 24.98 -2.96 -35.34
C HIS A 1103 25.62 -3.68 -36.52
N VAL A 1104 26.79 -3.20 -36.93
CA VAL A 1104 27.56 -3.80 -38.02
C VAL A 1104 28.85 -4.36 -37.42
N THR A 1105 29.12 -5.63 -37.68
CA THR A 1105 30.23 -6.31 -37.04
C THR A 1105 31.01 -7.13 -38.05
N TYR A 1106 32.28 -7.35 -37.75
CA TYR A 1106 33.20 -8.11 -38.59
C TYR A 1106 33.53 -9.42 -37.88
N VAL A 1107 33.34 -10.54 -38.57
CA VAL A 1107 33.44 -11.86 -37.96
C VAL A 1107 34.34 -12.75 -38.80
N PRO A 1108 35.46 -13.24 -38.26
CA PRO A 1108 36.26 -14.21 -39.00
C PRO A 1108 35.47 -15.47 -39.29
N ALA A 1109 35.67 -16.04 -40.48
CA ALA A 1109 34.81 -17.10 -40.97
C ALA A 1109 35.53 -18.44 -41.15
N GLN A 1110 36.59 -18.48 -41.94
CA GLN A 1110 37.13 -19.74 -42.45
C GLN A 1110 38.55 -19.90 -41.96
N GLU A 1111 38.79 -20.96 -41.18
CA GLU A 1111 40.06 -21.14 -40.49
C GLU A 1111 40.88 -22.26 -41.11
N LYS A 1112 42.19 -22.04 -41.16
CA LYS A 1112 43.16 -23.01 -41.65
C LYS A 1112 44.28 -23.10 -40.62
N ASN A 1113 44.75 -24.31 -40.36
CA ASN A 1113 45.68 -24.55 -39.27
C ASN A 1113 47.13 -24.63 -39.73
N PHE A 1114 48.06 -24.29 -38.83
CA PHE A 1114 49.49 -24.36 -39.08
C PHE A 1114 50.20 -24.74 -37.79
N THR A 1115 51.54 -24.74 -37.84
CA THR A 1115 52.39 -25.01 -36.70
C THR A 1115 53.10 -23.73 -36.28
N THR A 1116 53.29 -23.55 -34.98
CA THR A 1116 53.70 -22.28 -34.42
C THR A 1116 54.83 -22.46 -33.42
N ALA A 1117 55.61 -21.40 -33.24
CA ALA A 1117 56.71 -21.34 -32.28
C ALA A 1117 56.72 -19.98 -31.61
N PRO A 1118 57.29 -19.88 -30.42
CA PRO A 1118 57.29 -18.58 -29.72
C PRO A 1118 58.37 -17.63 -30.19
N ALA A 1119 59.54 -18.14 -30.54
CA ALA A 1119 60.67 -17.29 -30.91
C ALA A 1119 61.54 -18.04 -31.90
N ILE A 1120 62.64 -17.40 -32.32
CA ILE A 1120 63.54 -17.96 -33.32
C ILE A 1120 64.97 -17.62 -32.94
N CYS A 1121 65.87 -18.57 -33.18
CA CYS A 1121 67.30 -18.39 -32.95
C CYS A 1121 68.01 -18.28 -34.29
N HIS A 1122 68.65 -17.14 -34.54
CA HIS A 1122 69.38 -16.93 -35.78
C HIS A 1122 70.88 -17.12 -35.60
N ASP A 1123 71.50 -16.37 -34.71
CA ASP A 1123 72.93 -16.41 -34.51
C ASP A 1123 73.27 -16.34 -33.03
N GLY A 1124 72.55 -17.12 -32.22
CA GLY A 1124 72.68 -17.03 -30.78
C GLY A 1124 71.79 -15.99 -30.15
N LYS A 1125 71.05 -15.22 -30.94
CA LYS A 1125 70.15 -14.20 -30.44
C LYS A 1125 68.72 -14.59 -30.76
N ALA A 1126 67.80 -14.19 -29.88
CA ALA A 1126 66.38 -14.51 -30.03
C ALA A 1126 65.66 -13.33 -30.68
N HIS A 1127 64.82 -13.62 -31.66
CA HIS A 1127 64.04 -12.61 -32.35
C HIS A 1127 62.56 -12.86 -32.07
N PHE A 1128 61.85 -11.81 -31.70
CA PHE A 1128 60.42 -11.89 -31.43
C PHE A 1128 59.65 -11.05 -32.46
N PRO A 1129 58.38 -11.37 -32.72
CA PRO A 1129 57.63 -10.59 -33.70
C PRO A 1129 57.21 -9.25 -33.14
N ARG A 1130 57.36 -8.19 -33.96
CA ARG A 1130 56.89 -6.88 -33.55
C ARG A 1130 55.40 -6.91 -33.28
N GLU A 1131 54.61 -7.41 -34.24
CA GLU A 1131 53.19 -7.65 -34.04
C GLU A 1131 52.77 -8.70 -35.05
N GLY A 1132 52.10 -9.75 -34.56
CA GLY A 1132 51.79 -10.90 -35.39
C GLY A 1132 52.18 -12.17 -34.69
N VAL A 1133 52.59 -13.18 -35.45
CA VAL A 1133 52.98 -14.46 -34.85
C VAL A 1133 53.73 -15.28 -35.88
N PHE A 1134 54.59 -16.18 -35.42
CA PHE A 1134 55.36 -17.05 -36.30
C PHE A 1134 54.54 -18.30 -36.62
N VAL A 1135 54.46 -18.65 -37.90
CA VAL A 1135 53.76 -19.84 -38.35
C VAL A 1135 54.62 -20.56 -39.38
N SER A 1136 54.29 -21.82 -39.60
CA SER A 1136 55.00 -22.63 -40.59
C SER A 1136 54.00 -23.49 -41.34
N ASN A 1137 54.09 -23.47 -42.67
CA ASN A 1137 53.23 -24.30 -43.50
C ASN A 1137 53.71 -25.73 -43.60
N GLY A 1138 54.92 -26.02 -43.12
CA GLY A 1138 55.45 -27.36 -43.18
C GLY A 1138 56.93 -27.41 -43.50
N THR A 1139 57.41 -26.41 -44.24
CA THR A 1139 58.82 -26.39 -44.66
C THR A 1139 59.50 -25.07 -44.35
N HIS A 1140 58.73 -23.98 -44.32
CA HIS A 1140 59.28 -22.64 -44.11
C HIS A 1140 58.47 -21.92 -43.06
N TRP A 1141 59.06 -20.85 -42.53
CA TRP A 1141 58.46 -20.08 -41.46
C TRP A 1141 58.14 -18.67 -41.94
N PHE A 1142 56.95 -18.19 -41.62
CA PHE A 1142 56.52 -16.85 -41.96
C PHE A 1142 55.93 -16.17 -40.73
N VAL A 1143 55.79 -14.86 -40.80
CA VAL A 1143 55.16 -14.06 -39.77
C VAL A 1143 53.97 -13.34 -40.38
N THR A 1144 52.82 -13.43 -39.71
CA THR A 1144 51.58 -12.87 -40.23
C THR A 1144 50.77 -12.28 -39.09
N GLN A 1145 49.90 -11.34 -39.44
CA GLN A 1145 49.01 -10.75 -38.45
C GLN A 1145 48.10 -11.83 -37.87
N ARG A 1146 47.41 -11.47 -36.80
CA ARG A 1146 46.69 -12.45 -35.99
C ARG A 1146 45.24 -12.65 -36.39
N ASN A 1147 44.71 -11.88 -37.33
CA ASN A 1147 43.30 -11.95 -37.68
C ASN A 1147 43.06 -12.19 -39.16
N PHE A 1148 44.10 -12.34 -39.97
CA PHE A 1148 43.91 -12.57 -41.40
C PHE A 1148 45.21 -13.14 -41.95
N TYR A 1149 45.16 -14.38 -42.40
CA TYR A 1149 46.36 -15.04 -42.89
C TYR A 1149 47.00 -14.21 -43.99
N GLU A 1150 48.30 -13.95 -43.85
CA GLU A 1150 49.04 -13.16 -44.82
C GLU A 1150 50.53 -13.41 -44.64
N PRO A 1151 51.06 -14.51 -45.17
CA PRO A 1151 52.45 -14.85 -44.90
C PRO A 1151 53.40 -13.77 -45.40
N GLN A 1152 54.46 -13.55 -44.63
CA GLN A 1152 55.49 -12.57 -44.97
C GLN A 1152 56.85 -13.21 -44.73
N ILE A 1153 57.86 -12.73 -45.46
CA ILE A 1153 59.21 -13.19 -45.21
C ILE A 1153 59.68 -12.62 -43.88
N ILE A 1154 60.62 -13.31 -43.23
CA ILE A 1154 61.14 -12.89 -41.95
C ILE A 1154 62.39 -12.03 -42.20
N THR A 1155 62.36 -10.81 -41.70
CA THR A 1155 63.47 -9.89 -41.89
C THR A 1155 63.69 -9.11 -40.61
N THR A 1156 64.83 -8.42 -40.53
CA THR A 1156 65.17 -7.67 -39.34
C THR A 1156 64.13 -6.61 -39.01
N ASP A 1157 63.33 -6.17 -39.98
CA ASP A 1157 62.34 -5.14 -39.72
C ASP A 1157 61.12 -5.68 -38.99
N ASN A 1158 60.80 -6.96 -39.15
CA ASN A 1158 59.63 -7.53 -38.51
C ASN A 1158 59.87 -7.94 -37.07
N THR A 1159 61.12 -8.00 -36.62
CA THR A 1159 61.44 -8.61 -35.34
C THR A 1159 62.43 -7.74 -34.57
N PHE A 1160 62.40 -7.86 -33.25
CA PHE A 1160 63.35 -7.18 -32.38
C PHE A 1160 64.06 -8.18 -31.49
N VAL A 1161 65.36 -7.99 -31.32
CA VAL A 1161 66.20 -8.94 -30.60
C VAL A 1161 66.19 -8.60 -29.12
N SER A 1162 66.25 -9.63 -28.28
CA SER A 1162 66.36 -9.42 -26.83
C SER A 1162 66.84 -10.71 -26.19
N GLY A 1163 68.07 -10.71 -25.68
CA GLY A 1163 68.58 -11.84 -24.93
C GLY A 1163 69.31 -12.86 -25.78
N ASN A 1164 69.40 -14.08 -25.24
CA ASN A 1164 70.07 -15.18 -25.92
C ASN A 1164 69.14 -16.39 -26.02
N CYS A 1165 69.66 -17.52 -26.49
CA CYS A 1165 68.84 -18.65 -26.91
C CYS A 1165 68.54 -19.65 -25.80
N ASP A 1166 69.10 -19.49 -24.62
CA ASP A 1166 69.06 -20.55 -23.62
C ASP A 1166 67.97 -20.38 -22.57
N VAL A 1167 67.11 -19.38 -22.70
CA VAL A 1167 66.12 -19.05 -21.67
C VAL A 1167 64.72 -19.50 -22.09
N VAL A 1168 64.24 -19.04 -23.23
CA VAL A 1168 62.87 -19.34 -23.63
C VAL A 1168 62.68 -20.85 -23.74
N ILE A 1169 61.42 -21.27 -23.71
CA ILE A 1169 61.05 -22.67 -23.85
C ILE A 1169 60.34 -22.84 -25.18
N GLY A 1170 60.79 -23.81 -25.97
CA GLY A 1170 60.17 -24.08 -27.25
C GLY A 1170 60.69 -23.27 -28.41
N ILE A 1171 61.84 -22.63 -28.27
CA ILE A 1171 62.40 -21.89 -29.40
C ILE A 1171 62.81 -22.87 -30.50
N VAL A 1172 62.91 -22.35 -31.72
CA VAL A 1172 63.23 -23.15 -32.89
C VAL A 1172 64.29 -22.42 -33.71
N ASN A 1173 65.04 -23.19 -34.49
CA ASN A 1173 66.10 -22.63 -35.32
C ASN A 1173 65.57 -22.29 -36.70
N ASN A 1174 66.11 -21.21 -37.26
CA ASN A 1174 65.76 -20.78 -38.61
C ASN A 1174 66.79 -19.72 -39.01
N THR A 1175 66.51 -19.05 -40.12
CA THR A 1175 67.37 -17.97 -40.61
C THR A 1175 66.56 -16.69 -40.70
N VAL A 1176 67.23 -15.56 -40.52
CA VAL A 1176 66.61 -14.24 -40.62
C VAL A 1176 67.30 -13.48 -41.74
N TYR A 1177 66.51 -13.03 -42.71
CA TYR A 1177 67.06 -12.32 -43.85
C TYR A 1177 67.50 -10.92 -43.47
N ASP A 1178 68.47 -10.39 -44.21
CA ASP A 1178 68.97 -9.03 -44.04
C ASP A 1178 69.12 -8.38 -45.41
N PRO A 1179 68.40 -7.30 -45.71
CA PRO A 1179 68.43 -6.77 -47.08
C PRO A 1179 69.73 -6.07 -47.43
N LEU A 1180 70.37 -5.40 -46.47
CA LEU A 1180 71.50 -4.54 -46.81
C LEU A 1180 72.68 -5.36 -47.33
N GLN A 1181 73.10 -6.39 -46.59
CA GLN A 1181 74.34 -7.07 -46.92
C GLN A 1181 74.40 -7.57 -48.36
N PRO A 1182 73.38 -8.23 -48.89
CA PRO A 1182 73.43 -8.57 -50.32
C PRO A 1182 73.56 -7.34 -51.20
N GLU A 1183 72.93 -6.24 -50.80
CA GLU A 1183 73.01 -5.01 -51.58
C GLU A 1183 74.43 -4.49 -51.66
N LEU A 1184 75.15 -4.49 -50.54
CA LEU A 1184 76.52 -3.98 -50.55
C LEU A 1184 77.44 -4.90 -51.34
N ASP A 1185 77.31 -6.21 -51.15
CA ASP A 1185 78.17 -7.16 -51.86
C ASP A 1185 77.96 -7.07 -53.36
N SER A 1186 76.70 -6.93 -53.79
CA SER A 1186 76.42 -6.82 -55.22
C SER A 1186 77.19 -5.66 -55.84
N PHE A 1187 77.34 -4.55 -55.10
CA PHE A 1187 78.16 -3.46 -55.58
C PHE A 1187 79.61 -3.89 -55.77
N LYS A 1188 80.16 -4.63 -54.80
CA LYS A 1188 81.55 -5.04 -54.85
C LYS A 1188 81.72 -6.25 -55.76
N PRO B 65 14.89 -9.59 59.20
CA PRO B 65 15.31 -10.76 58.42
C PRO B 65 16.45 -10.45 57.46
N ALA B 66 17.17 -11.48 57.02
CA ALA B 66 18.28 -11.32 56.10
C ALA B 66 17.76 -11.29 54.67
N TYR B 67 18.09 -10.23 53.94
CA TYR B 67 17.57 -10.02 52.59
C TYR B 67 18.50 -10.71 51.60
N THR B 68 18.37 -12.02 51.51
CA THR B 68 19.08 -12.77 50.48
C THR B 68 18.44 -12.52 49.12
N ASN B 69 19.25 -12.65 48.07
CA ASN B 69 18.81 -12.40 46.71
C ASN B 69 18.75 -13.70 45.94
N SER B 70 17.64 -13.93 45.24
CA SER B 70 17.49 -15.09 44.40
C SER B 70 18.25 -14.89 43.10
N PHE B 71 19.04 -15.89 42.70
CA PHE B 71 19.85 -15.77 41.50
C PHE B 71 19.07 -16.16 40.25
N THR B 72 18.54 -17.38 40.21
CA THR B 72 17.83 -17.83 39.02
C THR B 72 16.59 -18.64 39.35
N ARG B 73 16.09 -18.60 40.58
CA ARG B 73 14.91 -19.38 40.93
C ARG B 73 13.64 -18.63 40.57
N GLY B 74 12.56 -19.38 40.41
CA GLY B 74 11.24 -18.79 40.21
C GLY B 74 10.78 -18.76 38.78
N VAL B 75 11.10 -19.82 38.02
CA VAL B 75 10.69 -19.94 36.62
C VAL B 75 9.86 -21.21 36.48
N TYR B 76 8.69 -21.08 35.88
CA TYR B 76 7.74 -22.18 35.75
C TYR B 76 7.20 -22.23 34.34
N TYR B 77 6.77 -23.40 33.91
CA TYR B 77 6.21 -23.54 32.59
C TYR B 77 4.92 -22.74 32.49
N PRO B 78 4.83 -21.75 31.59
CA PRO B 78 3.63 -20.90 31.58
C PRO B 78 2.40 -21.53 30.96
N ASP B 79 2.55 -22.60 30.18
CA ASP B 79 1.41 -23.20 29.49
C ASP B 79 1.65 -24.70 29.39
N LYS B 80 0.88 -25.37 28.53
CA LYS B 80 0.94 -26.81 28.37
C LYS B 80 1.31 -27.21 26.94
N VAL B 81 2.08 -26.38 26.26
CA VAL B 81 2.43 -26.61 24.86
C VAL B 81 3.84 -27.19 24.79
N PHE B 82 4.08 -28.01 23.79
CA PHE B 82 5.38 -28.62 23.58
C PHE B 82 6.15 -27.84 22.53
N ARG B 83 7.39 -27.47 22.85
CA ARG B 83 8.28 -26.79 21.92
C ARG B 83 9.65 -27.40 22.04
N SER B 84 10.36 -27.51 20.92
CA SER B 84 11.67 -28.14 20.88
C SER B 84 12.67 -27.20 20.21
N SER B 85 13.73 -26.86 20.94
CA SER B 85 14.81 -26.03 20.41
C SER B 85 14.29 -24.71 19.87
N VAL B 86 13.38 -24.09 20.60
CA VAL B 86 12.77 -22.82 20.21
C VAL B 86 12.97 -21.83 21.34
N LEU B 87 13.36 -20.61 21.00
CA LEU B 87 13.54 -19.53 21.98
C LEU B 87 12.28 -18.68 22.04
N HIS B 88 11.24 -19.27 22.63
CA HIS B 88 9.97 -18.58 22.76
C HIS B 88 10.08 -17.42 23.73
N SER B 89 9.34 -16.35 23.44
CA SER B 89 9.26 -15.18 24.31
C SER B 89 7.85 -15.08 24.88
N THR B 90 7.75 -14.85 26.18
CA THR B 90 6.48 -14.86 26.88
C THR B 90 6.35 -13.63 27.77
N GLN B 91 5.11 -13.26 28.05
CA GLN B 91 4.79 -12.10 28.88
C GLN B 91 3.82 -12.55 29.97
N ASP B 92 4.34 -12.76 31.18
CA ASP B 92 3.52 -13.29 32.26
C ASP B 92 4.13 -12.87 33.59
N LEU B 93 3.42 -13.17 34.67
CA LEU B 93 3.93 -12.88 36.01
C LEU B 93 5.14 -13.74 36.30
N PHE B 94 6.15 -13.14 36.94
CA PHE B 94 7.40 -13.83 37.19
C PHE B 94 8.09 -13.18 38.38
N LEU B 95 9.09 -13.88 38.91
CA LEU B 95 9.92 -13.35 39.98
C LEU B 95 11.18 -12.76 39.38
N PRO B 96 11.42 -11.45 39.48
CA PRO B 96 12.57 -10.86 38.79
C PRO B 96 13.88 -11.42 39.31
N PHE B 97 14.87 -11.47 38.42
CA PHE B 97 16.19 -11.96 38.82
C PHE B 97 16.78 -11.06 39.90
N PHE B 98 17.59 -11.66 40.76
CA PHE B 98 18.40 -10.92 41.71
C PHE B 98 17.55 -9.94 42.52
N SER B 99 16.39 -10.40 42.96
CA SER B 99 15.52 -9.62 43.83
C SER B 99 15.64 -10.16 45.24
N ASN B 100 15.93 -9.28 46.18
CA ASN B 100 16.12 -9.72 47.56
C ASN B 100 14.82 -10.28 48.11
N VAL B 101 14.93 -11.38 48.85
CA VAL B 101 13.78 -12.09 49.39
C VAL B 101 13.99 -12.27 50.88
N THR B 102 12.91 -12.10 51.65
CA THR B 102 13.01 -12.21 53.09
C THR B 102 13.40 -13.63 53.47
N TRP B 103 14.13 -13.75 54.58
CA TRP B 103 14.59 -15.03 55.10
C TRP B 103 14.10 -15.12 56.54
N PHE B 104 12.84 -15.53 56.71
CA PHE B 104 12.26 -15.59 58.03
C PHE B 104 12.96 -16.66 58.86
N HIS B 105 12.82 -16.54 60.18
CA HIS B 105 13.33 -17.51 61.13
C HIS B 105 12.16 -18.37 61.57
N ALA B 106 12.04 -19.57 61.00
CA ALA B 106 10.93 -20.45 61.29
C ALA B 106 11.18 -21.09 62.66
N ILE B 107 10.89 -20.32 63.70
CA ILE B 107 11.06 -20.74 65.08
C ILE B 107 9.63 -21.01 65.56
N HIS B 108 9.45 -21.61 66.73
CA HIS B 108 8.16 -21.44 67.38
C HIS B 108 7.92 -19.96 67.53
N LYS B 116 9.20 -18.81 73.50
CA LYS B 116 9.55 -17.43 73.81
C LYS B 116 9.36 -16.56 72.60
N ARG B 117 10.22 -16.74 71.60
CA ARG B 117 10.15 -16.01 70.34
C ARG B 117 9.25 -16.77 69.39
N PHE B 118 8.18 -16.13 68.93
CA PHE B 118 7.20 -16.78 68.06
C PHE B 118 7.01 -15.95 66.80
N ASP B 119 7.58 -16.44 65.70
CA ASP B 119 7.48 -15.79 64.40
C ASP B 119 6.50 -16.56 63.52
N ASN B 120 5.30 -16.03 63.37
CA ASN B 120 4.31 -16.64 62.49
C ASN B 120 3.24 -15.61 62.13
N PRO B 121 3.59 -14.58 61.38
CA PRO B 121 2.64 -13.51 61.07
C PRO B 121 1.88 -13.80 59.78
N VAL B 122 0.87 -12.97 59.54
CA VAL B 122 0.08 -13.05 58.32
C VAL B 122 0.74 -12.15 57.27
N LEU B 123 0.99 -12.70 56.10
CA LEU B 123 1.67 -11.96 55.05
C LEU B 123 0.72 -11.68 53.89
N PRO B 124 0.83 -10.52 53.25
CA PRO B 124 -0.03 -10.25 52.10
C PRO B 124 0.26 -11.21 50.96
N PHE B 125 -0.78 -11.48 50.16
CA PHE B 125 -0.67 -12.31 48.96
C PHE B 125 -0.92 -11.40 47.76
N ASN B 126 0.15 -11.03 47.08
CA ASN B 126 0.08 -10.12 45.94
C ASN B 126 0.51 -10.88 44.69
N ASP B 127 -0.46 -11.52 44.03
CA ASP B 127 -0.24 -12.11 42.72
C ASP B 127 0.92 -13.10 42.73
N GLY B 128 1.03 -13.88 43.79
CA GLY B 128 2.00 -14.95 43.82
C GLY B 128 2.96 -14.90 44.99
N VAL B 129 3.57 -16.05 45.28
CA VAL B 129 4.52 -16.18 46.37
C VAL B 129 5.49 -17.30 46.06
N TYR B 130 6.79 -16.98 45.98
CA TYR B 130 7.81 -17.99 45.79
C TYR B 130 8.17 -18.55 47.16
N PHE B 131 7.65 -19.72 47.49
CA PHE B 131 7.90 -20.36 48.78
C PHE B 131 8.94 -21.46 48.60
N ALA B 132 9.94 -21.47 49.47
CA ALA B 132 10.95 -22.51 49.48
C ALA B 132 11.40 -22.76 50.90
N SER B 133 11.96 -23.94 51.14
CA SER B 133 12.41 -24.32 52.47
C SER B 133 13.31 -25.54 52.34
N THR B 134 13.84 -25.99 53.48
CA THR B 134 14.68 -27.18 53.53
C THR B 134 14.35 -28.03 54.75
N GLU B 135 13.07 -28.06 55.15
CA GLU B 135 12.65 -28.74 56.36
C GLU B 135 12.70 -30.26 56.14
N LYS B 136 12.23 -31.00 57.14
CA LYS B 136 12.16 -32.45 57.06
C LYS B 136 10.96 -32.95 57.85
N SER B 137 10.41 -34.08 57.41
CA SER B 137 9.30 -34.72 58.10
C SER B 137 8.07 -33.83 58.16
N ASN B 138 7.92 -32.95 57.17
CA ASN B 138 6.74 -32.09 57.05
C ASN B 138 6.58 -31.19 58.29
N ILE B 139 7.60 -30.36 58.52
CA ILE B 139 7.50 -29.38 59.60
C ILE B 139 6.38 -28.38 59.28
N ILE B 140 6.32 -27.93 58.03
CA ILE B 140 5.29 -26.98 57.60
C ILE B 140 4.10 -27.80 57.15
N ARG B 141 3.07 -27.86 58.00
CA ARG B 141 1.94 -28.74 57.75
C ARG B 141 1.10 -28.26 56.58
N GLY B 142 0.79 -26.97 56.54
CA GLY B 142 -0.09 -26.48 55.50
C GLY B 142 -0.09 -24.97 55.42
N TRP B 143 -0.98 -24.46 54.59
CA TRP B 143 -1.10 -23.03 54.33
C TRP B 143 -2.53 -22.59 54.56
N ILE B 144 -2.70 -21.30 54.79
CA ILE B 144 -4.00 -20.68 54.99
C ILE B 144 -4.13 -19.51 54.03
N PHE B 145 -5.23 -19.44 53.30
CA PHE B 145 -5.49 -18.35 52.37
C PHE B 145 -6.87 -17.77 52.66
N GLY B 146 -7.03 -16.50 52.31
CA GLY B 146 -8.32 -15.86 52.50
C GLY B 146 -8.21 -14.36 52.29
N THR B 147 -9.31 -13.67 52.58
CA THR B 147 -9.37 -12.22 52.48
C THR B 147 -9.86 -11.60 53.79
N THR B 148 -10.66 -12.35 54.53
CA THR B 148 -11.17 -11.92 55.83
C THR B 148 -10.79 -12.85 56.96
N LEU B 149 -10.82 -14.16 56.73
CA LEU B 149 -10.42 -15.14 57.73
C LEU B 149 -11.20 -14.96 59.03
N ASP B 150 -12.49 -14.68 58.90
CA ASP B 150 -13.36 -14.47 60.05
C ASP B 150 -14.66 -15.26 59.91
N SER B 151 -14.62 -16.37 59.17
CA SER B 151 -15.78 -17.22 58.88
C SER B 151 -16.77 -16.56 57.94
N LYS B 152 -16.54 -15.30 57.55
CA LYS B 152 -17.43 -14.64 56.61
C LYS B 152 -17.17 -15.07 55.18
N THR B 153 -15.95 -15.49 54.86
CA THR B 153 -15.57 -15.92 53.53
C THR B 153 -14.86 -17.25 53.61
N GLN B 154 -15.10 -18.10 52.61
CA GLN B 154 -14.50 -19.43 52.61
C GLN B 154 -13.00 -19.33 52.42
N SER B 155 -12.25 -20.09 53.22
CA SER B 155 -10.80 -20.05 53.23
C SER B 155 -10.24 -21.43 52.93
N LEU B 156 -9.10 -21.45 52.25
CA LEU B 156 -8.46 -22.70 51.84
C LEU B 156 -7.58 -23.25 52.96
N LEU B 157 -7.69 -24.56 53.18
CA LEU B 157 -6.89 -25.27 54.17
C LEU B 157 -6.23 -26.46 53.49
N ILE B 158 -4.93 -26.64 53.74
CA ILE B 158 -4.18 -27.71 53.08
C ILE B 158 -3.45 -28.54 54.14
N VAL B 159 -4.04 -28.63 55.33
CA VAL B 159 -3.51 -29.48 56.38
C VAL B 159 -3.25 -30.86 55.81
N ASN B 160 -2.24 -31.56 56.33
CA ASN B 160 -1.87 -32.86 55.81
C ASN B 160 -1.32 -33.73 56.93
N ASN B 161 -1.45 -35.05 56.76
CA ASN B 161 -0.81 -35.98 57.67
C ASN B 161 -1.02 -37.40 57.16
N ALA B 162 -0.08 -38.28 57.54
CA ALA B 162 -0.18 -39.71 57.30
C ALA B 162 -0.53 -40.06 55.86
N THR B 163 -1.78 -40.52 55.63
CA THR B 163 -2.10 -41.23 54.40
C THR B 163 -1.92 -40.32 53.18
N ASN B 164 -2.72 -39.26 53.09
CA ASN B 164 -2.79 -38.48 51.87
C ASN B 164 -3.11 -37.03 52.23
N VAL B 165 -3.19 -36.20 51.18
CA VAL B 165 -3.57 -34.80 51.35
C VAL B 165 -5.07 -34.73 51.63
N VAL B 166 -5.46 -33.81 52.51
CA VAL B 166 -6.84 -33.70 52.95
C VAL B 166 -7.37 -32.30 52.65
N ILE B 167 -7.03 -31.76 51.48
CA ILE B 167 -7.52 -30.44 51.09
C ILE B 167 -9.01 -30.35 51.36
N LYS B 168 -9.42 -29.29 52.06
CA LYS B 168 -10.83 -29.04 52.31
C LYS B 168 -10.99 -27.55 52.59
N VAL B 169 -11.74 -26.86 51.75
CA VAL B 169 -11.94 -25.43 51.87
C VAL B 169 -13.32 -25.18 52.45
N CYS B 170 -13.37 -24.54 53.61
CA CYS B 170 -14.62 -24.16 54.25
C CYS B 170 -14.38 -22.90 55.07
N GLU B 171 -15.46 -22.36 55.64
CA GLU B 171 -15.37 -21.20 56.52
C GLU B 171 -15.06 -21.65 57.96
N PHE B 172 -13.90 -22.29 58.10
CA PHE B 172 -13.51 -22.81 59.40
C PHE B 172 -13.36 -21.67 60.40
N GLN B 173 -13.74 -21.94 61.65
CA GLN B 173 -13.59 -20.96 62.71
C GLN B 173 -12.11 -20.76 63.01
N PHE B 174 -11.58 -19.60 62.64
CA PHE B 174 -10.17 -19.28 62.82
C PHE B 174 -9.97 -18.70 64.22
N CYS B 175 -9.11 -19.35 65.00
CA CYS B 175 -8.70 -18.78 66.27
C CYS B 175 -7.74 -17.61 66.02
N ASN B 176 -7.67 -16.71 67.00
CA ASN B 176 -6.74 -15.61 66.90
C ASN B 176 -5.29 -16.06 66.96
N ASP B 177 -5.03 -17.23 67.55
CA ASP B 177 -3.68 -17.80 67.63
C ASP B 177 -3.75 -19.28 67.29
N PRO B 178 -4.09 -19.62 66.03
CA PRO B 178 -4.29 -21.03 65.64
C PRO B 178 -3.01 -21.72 65.16
N PHE B 179 -2.17 -22.11 66.11
CA PHE B 179 -0.89 -22.74 65.81
C PHE B 179 -0.74 -24.02 66.62
N LEU B 180 -0.09 -25.01 66.03
CA LEU B 180 0.09 -26.30 66.70
C LEU B 180 1.27 -26.25 67.66
N GLY B 181 2.45 -25.97 67.13
CA GLY B 181 3.62 -25.75 67.96
C GLY B 181 3.95 -26.89 68.90
N VAL B 182 4.40 -28.03 68.38
CA VAL B 182 4.63 -29.23 69.16
C VAL B 182 6.08 -29.69 68.99
N TYR B 183 6.74 -29.99 70.12
CA TYR B 183 8.09 -30.56 70.16
C TYR B 183 7.99 -32.08 70.16
N TYR B 184 8.13 -32.68 68.98
CA TYR B 184 8.25 -34.13 68.89
C TYR B 184 9.64 -34.47 68.35
N HIS B 185 10.38 -35.27 69.12
CA HIS B 185 11.73 -35.68 68.75
C HIS B 185 12.64 -34.47 68.55
N LYS B 186 12.60 -33.54 69.51
CA LYS B 186 13.39 -32.32 69.44
C LYS B 186 14.59 -32.35 70.37
N ASN B 187 14.38 -32.57 71.67
CA ASN B 187 15.46 -32.62 72.65
C ASN B 187 15.56 -33.97 73.33
N ASN B 188 14.46 -34.48 73.89
CA ASN B 188 14.46 -35.72 74.63
C ASN B 188 14.03 -36.91 73.78
N LYS B 189 13.92 -36.73 72.46
CA LYS B 189 13.61 -37.82 71.54
C LYS B 189 12.30 -38.51 71.92
N SER B 190 11.22 -37.73 71.85
CA SER B 190 9.90 -38.24 72.18
C SER B 190 8.87 -37.49 71.37
N TRP B 191 7.81 -38.20 70.98
CA TRP B 191 6.71 -37.62 70.23
C TRP B 191 5.63 -37.20 71.23
N MET B 192 5.51 -35.89 71.46
CA MET B 192 4.52 -35.36 72.39
C MET B 192 3.67 -34.31 71.69
N GLU B 193 2.38 -34.31 72.00
CA GLU B 193 1.43 -33.34 71.46
C GLU B 193 0.63 -32.81 72.65
N SER B 194 1.11 -31.70 73.23
CA SER B 194 0.51 -31.17 74.46
C SER B 194 -0.96 -30.84 74.26
N GLU B 195 -1.29 -30.19 73.14
CA GLU B 195 -2.66 -29.84 72.83
C GLU B 195 -2.92 -30.05 71.34
N PHE B 196 -4.18 -30.32 71.00
CA PHE B 196 -4.60 -30.49 69.62
C PHE B 196 -5.90 -29.75 69.37
N ARG B 197 -6.00 -28.53 69.90
CA ARG B 197 -7.18 -27.70 69.77
C ARG B 197 -7.15 -26.83 68.52
N VAL B 198 -6.34 -27.19 67.52
CA VAL B 198 -6.26 -26.41 66.30
C VAL B 198 -7.61 -26.27 65.63
N TYR B 199 -8.53 -27.19 65.90
CA TYR B 199 -9.86 -27.18 65.30
C TYR B 199 -10.90 -26.85 66.37
N SER B 200 -11.82 -25.95 66.04
CA SER B 200 -12.91 -25.59 66.94
C SER B 200 -14.25 -26.11 66.44
N SER B 201 -14.62 -25.77 65.20
CA SER B 201 -15.87 -26.25 64.62
C SER B 201 -15.93 -25.81 63.17
N ALA B 202 -16.57 -26.64 62.34
CA ALA B 202 -16.81 -26.32 60.95
C ALA B 202 -18.24 -25.78 60.83
N ASN B 203 -18.41 -24.53 61.27
CA ASN B 203 -19.73 -23.94 61.33
C ASN B 203 -20.38 -23.89 59.95
N ASN B 204 -19.60 -23.50 58.94
CA ASN B 204 -20.11 -23.37 57.58
C ASN B 204 -19.10 -23.96 56.61
N CYS B 205 -19.61 -24.66 55.59
CA CYS B 205 -18.77 -25.17 54.52
C CYS B 205 -19.60 -25.21 53.24
N THR B 206 -18.93 -24.96 52.12
CA THR B 206 -19.60 -24.87 50.82
C THR B 206 -18.91 -25.63 49.70
N PHE B 207 -17.63 -25.98 49.86
CA PHE B 207 -16.90 -26.69 48.81
C PHE B 207 -15.87 -27.61 49.45
N GLU B 208 -15.45 -28.61 48.69
CA GLU B 208 -14.35 -29.46 49.12
C GLU B 208 -13.83 -30.21 47.90
N TYR B 209 -12.52 -30.47 47.89
CA TYR B 209 -11.91 -31.24 46.81
C TYR B 209 -10.58 -31.78 47.31
N VAL B 210 -10.51 -33.10 47.49
CA VAL B 210 -9.26 -33.77 47.81
C VAL B 210 -8.63 -34.20 46.51
N SER B 211 -7.42 -33.71 46.24
CA SER B 211 -6.72 -34.05 45.01
C SER B 211 -6.27 -35.51 45.11
N GLN B 212 -5.51 -35.94 44.11
CA GLN B 212 -5.03 -37.31 44.08
C GLN B 212 -4.28 -37.60 45.37
N PRO B 213 -4.63 -38.65 46.11
CA PRO B 213 -3.94 -38.91 47.38
C PRO B 213 -2.45 -39.06 47.17
N PHE B 214 -1.68 -38.26 47.89
CA PHE B 214 -0.24 -38.17 47.67
C PHE B 214 0.38 -37.48 48.88
N LEU B 215 1.71 -37.40 48.86
CA LEU B 215 2.46 -36.55 49.78
C LEU B 215 3.87 -36.38 49.22
N MET B 216 4.22 -35.15 48.85
CA MET B 216 5.53 -34.88 48.28
C MET B 216 6.59 -35.30 49.29
N ASP B 217 7.86 -35.31 48.89
CA ASP B 217 8.90 -35.76 49.81
C ASP B 217 9.06 -34.77 50.96
N LEU B 218 8.17 -34.89 51.96
CA LEU B 218 8.24 -34.10 53.17
C LEU B 218 8.38 -35.03 54.37
N GLU B 219 9.21 -36.06 54.23
CA GLU B 219 9.44 -37.04 55.27
C GLU B 219 10.82 -36.81 55.89
N GLY B 220 11.18 -37.67 56.83
CA GLY B 220 12.43 -37.54 57.56
C GLY B 220 13.63 -37.24 56.69
N LYS B 221 14.44 -36.25 57.11
CA LYS B 221 15.66 -35.92 56.40
C LYS B 221 16.79 -35.53 57.35
N GLN B 222 16.76 -36.01 58.60
CA GLN B 222 17.79 -35.67 59.56
C GLN B 222 19.19 -35.95 59.02
N GLY B 223 19.33 -37.03 58.25
CA GLY B 223 20.60 -37.36 57.63
C GLY B 223 21.29 -36.14 57.06
N ASN B 224 20.52 -35.30 56.36
CA ASN B 224 21.03 -34.04 55.82
C ASN B 224 19.93 -33.26 55.11
N PHE B 225 20.07 -31.94 55.06
CA PHE B 225 19.16 -31.11 54.27
C PHE B 225 19.50 -31.22 52.79
N LYS B 226 19.35 -32.42 52.22
CA LYS B 226 19.57 -32.65 50.79
C LYS B 226 18.26 -32.51 49.99
N ASN B 227 17.50 -31.45 50.23
CA ASN B 227 16.19 -31.22 49.65
C ASN B 227 15.97 -29.73 49.49
N LEU B 228 15.23 -29.36 48.46
CA LEU B 228 14.81 -27.97 48.24
C LEU B 228 13.39 -28.04 47.71
N ARG B 229 12.41 -27.94 48.62
CA ARG B 229 10.99 -27.97 48.24
C ARG B 229 10.58 -26.60 47.73
N GLU B 230 10.84 -26.37 46.45
CA GLU B 230 10.46 -25.10 45.84
C GLU B 230 8.98 -25.10 45.49
N PHE B 231 8.32 -23.97 45.76
CA PHE B 231 6.91 -23.80 45.49
C PHE B 231 6.67 -22.41 44.92
N VAL B 232 5.69 -22.31 44.04
CA VAL B 232 5.20 -21.01 43.55
C VAL B 232 3.69 -21.10 43.40
N PHE B 233 2.99 -20.13 43.96
CA PHE B 233 1.54 -20.10 43.93
C PHE B 233 1.07 -18.94 43.07
N LYS B 234 -0.20 -18.98 42.69
CA LYS B 234 -0.77 -17.97 41.81
C LYS B 234 -2.27 -18.20 41.71
N ASN B 235 -3.02 -17.13 41.60
CA ASN B 235 -4.48 -17.22 41.57
C ASN B 235 -5.04 -16.15 40.64
N ILE B 236 -5.68 -16.58 39.55
CA ILE B 236 -6.28 -15.68 38.59
C ILE B 236 -7.52 -16.35 37.99
N ASP B 237 -8.52 -15.53 37.66
CA ASP B 237 -9.71 -15.99 36.95
C ASP B 237 -10.39 -17.13 37.71
N GLY B 238 -10.38 -17.05 39.04
CA GLY B 238 -11.02 -18.06 39.85
C GLY B 238 -10.28 -19.37 39.92
N TYR B 239 -9.07 -19.44 39.38
CA TYR B 239 -8.26 -20.64 39.39
C TYR B 239 -7.05 -20.43 40.29
N PHE B 240 -6.86 -21.35 41.24
CA PHE B 240 -5.72 -21.33 42.14
C PHE B 240 -4.77 -22.43 41.70
N LYS B 241 -3.65 -22.04 41.10
CA LYS B 241 -2.68 -22.99 40.58
C LYS B 241 -1.51 -23.15 41.54
N ILE B 242 -0.91 -24.34 41.54
CA ILE B 242 0.23 -24.65 42.39
C ILE B 242 1.25 -25.40 41.57
N TYR B 243 2.48 -24.87 41.52
CA TYR B 243 3.60 -25.52 40.86
C TYR B 243 4.64 -25.87 41.92
N SER B 244 5.44 -26.89 41.66
CA SER B 244 6.44 -27.31 42.63
C SER B 244 7.26 -28.48 42.07
N LYS B 245 8.28 -28.88 42.81
CA LYS B 245 9.04 -30.08 42.50
C LYS B 245 10.06 -30.31 43.60
N HIS B 246 10.79 -31.41 43.47
CA HIS B 246 11.87 -31.78 44.37
C HIS B 246 13.21 -31.44 43.73
N THR B 247 13.95 -30.52 44.34
CA THR B 247 15.26 -30.14 43.83
C THR B 247 16.32 -30.61 44.83
N PRO B 248 17.14 -31.60 44.48
CA PRO B 248 18.21 -32.00 45.38
C PRO B 248 19.24 -30.89 45.54
N ILE B 249 19.79 -30.79 46.74
CA ILE B 249 20.86 -29.85 47.06
C ILE B 249 21.99 -30.62 47.70
N ASN B 250 23.20 -30.07 47.60
CA ASN B 250 24.39 -30.74 48.08
C ASN B 250 25.10 -30.03 49.23
N LEU B 251 25.05 -28.70 49.26
CA LEU B 251 25.74 -27.93 50.30
C LEU B 251 24.72 -27.40 51.29
N VAL B 252 24.98 -27.63 52.59
CA VAL B 252 24.08 -27.17 53.64
C VAL B 252 24.09 -25.66 53.79
N ARG B 253 25.01 -24.97 53.12
CA ARG B 253 25.08 -23.52 53.19
C ARG B 253 23.86 -22.90 52.48
N ASP B 254 23.82 -21.58 52.46
CA ASP B 254 22.73 -20.85 51.81
C ASP B 254 22.53 -21.35 50.38
N LEU B 255 21.38 -21.03 49.80
CA LEU B 255 20.98 -21.55 48.50
C LEU B 255 22.12 -21.46 47.48
N PRO B 256 22.71 -22.57 47.07
CA PRO B 256 23.71 -22.52 46.01
C PRO B 256 23.09 -22.12 44.68
N GLN B 257 23.91 -21.46 43.86
CA GLN B 257 23.44 -21.03 42.55
C GLN B 257 23.13 -22.24 41.68
N GLY B 258 22.02 -22.18 40.97
CA GLY B 258 21.63 -23.25 40.08
C GLY B 258 20.35 -22.88 39.35
N PHE B 259 20.02 -23.70 38.36
CA PHE B 259 18.85 -23.48 37.53
C PHE B 259 17.95 -24.72 37.55
N SER B 260 16.64 -24.49 37.60
CA SER B 260 15.67 -25.57 37.63
C SER B 260 14.29 -24.97 37.36
N ALA B 261 13.50 -25.67 36.55
CA ALA B 261 12.20 -25.20 36.13
C ALA B 261 11.09 -25.82 36.97
N LEU B 262 9.99 -25.09 37.09
CA LEU B 262 8.84 -25.53 37.88
C LEU B 262 7.76 -26.07 36.98
N GLU B 263 7.19 -27.23 37.36
CA GLU B 263 6.15 -27.90 36.61
C GLU B 263 4.79 -27.63 37.22
N PRO B 264 3.72 -27.72 36.44
CA PRO B 264 2.38 -27.54 37.01
C PRO B 264 1.94 -28.78 37.77
N LEU B 265 1.96 -28.70 39.10
CA LEU B 265 1.70 -29.87 39.91
C LEU B 265 0.20 -30.10 40.06
N VAL B 266 -0.55 -29.06 40.45
CA VAL B 266 -1.98 -29.19 40.67
C VAL B 266 -2.64 -27.86 40.33
N ASP B 267 -3.87 -27.94 39.85
CA ASP B 267 -4.69 -26.77 39.58
C ASP B 267 -6.03 -26.94 40.27
N LEU B 268 -6.54 -25.86 40.85
CA LEU B 268 -7.78 -25.87 41.61
C LEU B 268 -8.77 -24.87 41.03
N PRO B 269 -9.98 -25.28 40.62
CA PRO B 269 -11.01 -24.33 40.20
C PRO B 269 -11.84 -23.80 41.36
N ILE B 270 -11.14 -23.39 42.43
CA ILE B 270 -11.82 -23.02 43.67
C ILE B 270 -12.73 -21.81 43.45
N GLY B 271 -12.25 -20.80 42.73
CA GLY B 271 -13.05 -19.62 42.46
C GLY B 271 -13.41 -18.81 43.70
N ILE B 272 -12.43 -18.58 44.57
CA ILE B 272 -12.63 -17.74 45.75
C ILE B 272 -11.69 -16.55 45.67
N ASN B 273 -11.73 -15.69 46.69
CA ASN B 273 -10.91 -14.48 46.74
C ASN B 273 -9.85 -14.64 47.81
N ILE B 274 -8.60 -14.30 47.47
CA ILE B 274 -7.50 -14.33 48.41
C ILE B 274 -6.82 -12.96 48.38
N THR B 275 -6.59 -12.38 49.55
CA THR B 275 -5.84 -11.14 49.66
C THR B 275 -4.75 -11.29 50.71
N ARG B 276 -4.98 -12.13 51.71
CA ARG B 276 -4.00 -12.43 52.73
C ARG B 276 -3.89 -13.94 52.90
N PHE B 277 -2.69 -14.39 53.26
CA PHE B 277 -2.44 -15.81 53.49
C PHE B 277 -1.56 -15.98 54.71
N GLN B 278 -1.73 -17.11 55.38
CA GLN B 278 -0.97 -17.42 56.58
C GLN B 278 -0.49 -18.87 56.50
N THR B 279 0.77 -19.08 56.87
CA THR B 279 1.36 -20.41 56.84
C THR B 279 1.24 -21.08 58.20
N LEU B 280 1.37 -22.40 58.19
CA LEU B 280 1.21 -23.21 59.40
C LEU B 280 2.55 -23.86 59.74
N LEU B 281 2.95 -23.74 60.99
CA LEU B 281 4.24 -24.23 61.46
C LEU B 281 4.03 -25.12 62.68
N ALA B 282 4.77 -26.22 62.73
CA ALA B 282 4.74 -27.11 63.88
C ALA B 282 6.03 -27.02 64.71
N LEU B 283 7.00 -26.24 64.24
CA LEU B 283 8.19 -25.93 65.02
C LEU B 283 8.42 -24.42 64.98
N SER B 293 5.80 -27.27 75.89
CA SER B 293 6.79 -27.13 74.83
C SER B 293 7.96 -26.25 75.25
N SER B 294 7.68 -24.99 75.59
CA SER B 294 8.72 -23.98 75.81
C SER B 294 9.88 -24.49 76.65
N SER B 295 9.64 -25.51 77.49
CA SER B 295 10.70 -26.13 78.26
C SER B 295 11.98 -26.29 77.44
N GLY B 296 13.08 -25.76 77.97
CA GLY B 296 14.39 -25.90 77.36
C GLY B 296 14.42 -25.66 75.86
N TRP B 297 13.87 -24.54 75.41
CA TRP B 297 13.81 -24.24 73.99
C TRP B 297 14.95 -23.34 73.56
N THR B 298 15.48 -23.62 72.37
CA THR B 298 16.50 -22.81 71.72
C THR B 298 16.06 -22.57 70.28
N ALA B 299 16.31 -21.37 69.77
CA ALA B 299 15.88 -20.98 68.44
C ALA B 299 16.17 -22.09 67.42
N GLY B 300 15.12 -22.60 66.78
CA GLY B 300 15.28 -23.74 65.90
C GLY B 300 15.88 -23.35 64.56
N ALA B 301 16.53 -24.32 63.92
CA ALA B 301 17.16 -24.12 62.62
C ALA B 301 16.14 -24.46 61.53
N ALA B 302 15.30 -23.48 61.21
CA ALA B 302 14.32 -23.64 60.13
C ALA B 302 13.94 -22.25 59.62
N ALA B 303 13.75 -22.16 58.30
CA ALA B 303 13.42 -20.88 57.69
C ALA B 303 12.74 -21.13 56.36
N TYR B 304 12.02 -20.11 55.89
CA TYR B 304 11.33 -20.19 54.61
C TYR B 304 11.29 -18.80 54.01
N TYR B 305 11.61 -18.71 52.72
CA TYR B 305 11.67 -17.44 52.03
C TYR B 305 10.32 -17.12 51.40
N VAL B 306 10.05 -15.84 51.22
CA VAL B 306 8.79 -15.40 50.60
C VAL B 306 9.05 -14.22 49.69
N GLY B 307 9.11 -14.48 48.39
CA GLY B 307 9.27 -13.43 47.40
C GLY B 307 7.93 -12.91 46.91
N TYR B 308 7.99 -12.16 45.82
CA TYR B 308 6.78 -11.65 45.18
C TYR B 308 6.98 -11.62 43.67
N LEU B 309 5.87 -11.60 42.95
CA LEU B 309 5.85 -11.70 41.50
C LEU B 309 5.48 -10.36 40.89
N GLN B 310 6.06 -10.05 39.74
CA GLN B 310 5.73 -8.86 38.98
C GLN B 310 5.55 -9.24 37.52
N PRO B 311 4.79 -8.45 36.75
CA PRO B 311 4.65 -8.71 35.32
C PRO B 311 5.91 -8.31 34.57
N ARG B 312 6.52 -9.27 33.89
CA ARG B 312 7.77 -9.03 33.18
C ARG B 312 7.83 -9.91 31.95
N THR B 313 8.73 -9.56 31.04
CA THR B 313 8.93 -10.30 29.81
C THR B 313 10.19 -11.14 29.93
N PHE B 314 10.07 -12.42 29.60
CA PHE B 314 11.17 -13.36 29.71
C PHE B 314 11.41 -14.04 28.37
N LEU B 315 12.62 -14.54 28.20
CA LEU B 315 12.99 -15.37 27.06
C LEU B 315 13.39 -16.74 27.59
N LEU B 316 12.76 -17.79 27.08
CA LEU B 316 12.92 -19.14 27.61
C LEU B 316 13.50 -20.03 26.53
N LYS B 317 14.55 -20.78 26.90
CA LYS B 317 15.28 -21.63 25.96
C LYS B 317 14.84 -23.08 26.15
N TYR B 318 14.17 -23.62 25.14
CA TYR B 318 13.71 -25.00 25.16
C TYR B 318 14.78 -25.92 24.57
N ASN B 319 14.91 -27.11 25.13
CA ASN B 319 15.85 -28.09 24.65
C ASN B 319 15.14 -29.09 23.74
N GLU B 320 15.84 -30.16 23.37
CA GLU B 320 15.26 -31.14 22.45
C GLU B 320 14.03 -31.80 23.06
N ASN B 321 14.08 -32.13 24.34
CA ASN B 321 12.99 -32.83 25.00
C ASN B 321 11.81 -31.94 25.35
N GLY B 322 11.96 -30.63 25.23
CA GLY B 322 10.89 -29.71 25.57
C GLY B 322 10.93 -29.17 26.98
N THR B 323 12.05 -29.33 27.69
CA THR B 323 12.22 -28.79 29.03
C THR B 323 13.10 -27.55 28.97
N ILE B 324 12.63 -26.45 29.56
CA ILE B 324 13.40 -25.22 29.51
C ILE B 324 14.72 -25.44 30.22
N THR B 325 15.75 -24.74 29.76
CA THR B 325 17.08 -24.87 30.33
C THR B 325 17.68 -23.56 30.80
N ASP B 326 17.26 -22.42 30.24
CA ASP B 326 17.85 -21.14 30.61
C ASP B 326 16.85 -20.05 30.31
N ALA B 327 17.05 -18.90 30.94
CA ALA B 327 16.17 -17.77 30.70
C ALA B 327 16.91 -16.48 31.07
N VAL B 328 16.57 -15.40 30.37
CA VAL B 328 17.18 -14.10 30.57
C VAL B 328 16.07 -13.06 30.72
N ASP B 329 16.10 -12.33 31.83
CA ASP B 329 15.12 -11.27 32.04
C ASP B 329 15.41 -10.11 31.09
N CYS B 330 14.37 -9.61 30.45
CA CYS B 330 14.52 -8.58 29.44
C CYS B 330 14.46 -7.17 30.00
N ALA B 331 14.32 -7.01 31.31
CA ALA B 331 14.25 -5.69 31.94
C ALA B 331 15.23 -5.60 33.09
N LEU B 332 16.45 -6.09 32.88
CA LEU B 332 17.47 -6.12 33.93
C LEU B 332 18.66 -5.23 33.62
N ASP B 333 19.25 -5.36 32.44
CA ASP B 333 20.43 -4.58 32.07
C ASP B 333 20.53 -4.53 30.56
N PRO B 334 21.30 -3.59 30.02
CA PRO B 334 21.28 -3.38 28.57
C PRO B 334 21.63 -4.61 27.75
N LEU B 335 22.58 -5.42 28.18
CA LEU B 335 22.94 -6.58 27.38
C LEU B 335 21.81 -7.59 27.36
N SER B 336 21.12 -7.78 28.50
CA SER B 336 19.94 -8.63 28.50
C SER B 336 18.87 -8.06 27.59
N GLU B 337 18.70 -6.74 27.59
CA GLU B 337 17.69 -6.13 26.73
C GLU B 337 18.01 -6.39 25.27
N THR B 338 19.28 -6.27 24.88
CA THR B 338 19.66 -6.55 23.50
C THR B 338 19.43 -8.02 23.17
N LYS B 339 19.77 -8.92 24.10
CA LYS B 339 19.50 -10.34 23.88
C LYS B 339 18.03 -10.56 23.59
N CYS B 340 17.16 -9.95 24.40
CA CYS B 340 15.73 -10.10 24.20
C CYS B 340 15.30 -9.53 22.87
N THR B 341 15.86 -8.38 22.48
CA THR B 341 15.47 -7.74 21.23
C THR B 341 15.86 -8.60 20.03
N LEU B 342 17.03 -9.21 20.07
CA LEU B 342 17.50 -10.00 18.93
C LEU B 342 16.97 -11.43 18.94
N LYS B 343 16.33 -11.88 20.02
CA LYS B 343 15.84 -13.25 20.11
C LYS B 343 16.98 -14.24 19.99
N SER B 344 18.08 -13.96 20.70
CA SER B 344 19.23 -14.84 20.69
C SER B 344 19.96 -14.73 22.01
N PHE B 345 20.73 -15.77 22.32
CA PHE B 345 21.53 -15.81 23.54
C PHE B 345 22.96 -15.36 23.34
N THR B 346 23.39 -15.14 22.11
CA THR B 346 24.73 -14.68 21.81
C THR B 346 24.64 -13.51 20.84
N VAL B 347 25.48 -12.50 21.06
CA VAL B 347 25.42 -11.25 20.32
C VAL B 347 26.77 -11.02 19.64
N GLU B 348 26.73 -10.77 18.34
CA GLU B 348 27.93 -10.40 17.61
C GLU B 348 28.30 -8.95 17.89
N LYS B 349 29.59 -8.65 17.73
CA LYS B 349 30.08 -7.30 17.98
C LYS B 349 29.34 -6.30 17.08
N GLY B 350 28.94 -5.19 17.67
CA GLY B 350 28.26 -4.15 16.92
C GLY B 350 27.51 -3.21 17.85
N ILE B 351 26.72 -2.34 17.22
CA ILE B 351 25.87 -1.39 17.93
C ILE B 351 24.43 -1.66 17.51
N TYR B 352 23.56 -1.89 18.49
CA TYR B 352 22.19 -2.33 18.23
C TYR B 352 21.20 -1.35 18.83
N GLN B 353 20.13 -1.08 18.08
CA GLN B 353 19.04 -0.27 18.59
C GLN B 353 18.29 -1.01 19.68
N THR B 354 17.69 -0.25 20.59
CA THR B 354 16.90 -0.82 21.68
C THR B 354 15.74 0.12 21.96
N SER B 355 15.09 -0.07 23.11
CA SER B 355 13.95 0.74 23.48
C SER B 355 14.33 2.21 23.54
N ASN B 356 13.38 3.07 23.18
CA ASN B 356 13.61 4.51 23.24
C ASN B 356 13.49 5.01 24.68
N PHE B 357 13.93 6.25 24.89
CA PHE B 357 14.06 6.85 26.20
C PHE B 357 13.15 8.06 26.31
N ARG B 358 12.63 8.29 27.51
CA ARG B 358 11.68 9.37 27.73
C ARG B 358 11.80 9.88 29.15
N VAL B 359 11.37 11.13 29.36
CA VAL B 359 11.42 11.78 30.66
C VAL B 359 10.02 11.81 31.23
N GLN B 360 9.86 11.27 32.42
CA GLN B 360 8.55 11.27 33.06
C GLN B 360 8.25 12.64 33.65
N PRO B 361 6.97 13.03 33.71
CA PRO B 361 6.61 14.28 34.36
C PRO B 361 6.76 14.18 35.87
N THR B 362 6.94 15.33 36.51
CA THR B 362 7.16 15.37 37.95
C THR B 362 5.86 15.46 38.73
N GLU B 363 5.09 16.52 38.51
CA GLU B 363 3.90 16.79 39.32
C GLU B 363 2.80 17.35 38.42
N SER B 364 1.61 17.47 39.00
CA SER B 364 0.44 17.98 38.30
C SER B 364 0.21 19.45 38.64
N ILE B 365 -0.60 20.09 37.81
CA ILE B 365 -0.93 21.50 37.98
C ILE B 365 -2.19 21.79 37.20
N VAL B 366 -3.11 22.55 37.81
CA VAL B 366 -4.37 22.91 37.19
C VAL B 366 -4.65 24.38 37.47
N ARG B 367 -5.14 25.09 36.45
CA ARG B 367 -5.45 26.51 36.56
C ARG B 367 -6.79 26.76 35.90
N PHE B 368 -7.73 27.30 36.66
CA PHE B 368 -9.06 27.63 36.18
C PHE B 368 -9.39 29.07 36.52
N PRO B 369 -10.48 29.60 35.97
CA PRO B 369 -10.80 31.02 36.20
C PRO B 369 -11.06 31.34 37.65
N ASN B 370 -11.29 32.61 37.92
CA ASN B 370 -11.40 33.15 39.28
C ASN B 370 -12.82 33.61 39.56
N ILE B 371 -13.78 32.77 39.20
CA ILE B 371 -15.20 33.11 39.22
C ILE B 371 -15.91 32.22 40.24
N THR B 372 -16.80 32.81 41.02
CA THR B 372 -17.55 32.08 42.03
C THR B 372 -19.00 32.55 42.07
N ASN B 373 -19.63 32.69 40.90
CA ASN B 373 -20.98 33.25 40.80
C ASN B 373 -21.97 32.15 40.41
N LEU B 374 -22.42 31.40 41.41
CA LEU B 374 -23.64 30.59 41.37
C LEU B 374 -24.45 30.81 40.10
N CYS B 375 -25.60 31.51 40.22
CA CYS B 375 -26.45 32.02 39.13
C CYS B 375 -27.59 31.03 38.86
N PRO B 376 -28.73 31.51 38.35
CA PRO B 376 -29.89 30.63 38.20
C PRO B 376 -29.61 29.34 37.47
N PHE B 377 -29.72 28.23 38.19
CA PHE B 377 -29.86 26.90 37.62
C PHE B 377 -30.94 26.11 38.34
N GLY B 378 -31.64 26.75 39.27
CA GLY B 378 -32.72 26.16 40.04
C GLY B 378 -34.04 26.69 39.56
N GLU B 379 -34.51 27.77 40.20
CA GLU B 379 -35.77 28.42 39.86
C GLU B 379 -36.05 28.41 38.36
N VAL B 380 -35.00 28.62 37.54
CA VAL B 380 -35.19 28.44 36.10
C VAL B 380 -35.57 27.00 35.79
N PHE B 381 -34.97 26.05 36.48
CA PHE B 381 -35.32 24.64 36.34
C PHE B 381 -36.46 24.24 37.26
N ASN B 382 -36.94 25.15 38.12
CA ASN B 382 -38.06 24.89 39.01
C ASN B 382 -39.26 25.76 38.66
N ALA B 383 -39.31 26.25 37.43
CA ALA B 383 -40.40 27.13 37.01
C ALA B 383 -41.65 26.32 36.71
N THR B 384 -42.78 26.76 37.26
CA THR B 384 -44.01 26.00 37.11
C THR B 384 -44.51 26.03 35.67
N ARG B 385 -44.55 27.21 35.06
CA ARG B 385 -45.17 27.39 33.75
C ARG B 385 -44.14 27.17 32.64
N PHE B 386 -44.51 26.37 31.64
CA PHE B 386 -43.69 26.12 30.47
C PHE B 386 -44.41 26.63 29.24
N ALA B 387 -43.65 27.26 28.34
CA ALA B 387 -44.23 27.91 27.18
C ALA B 387 -44.75 26.88 26.19
N SER B 388 -45.24 27.37 25.05
CA SER B 388 -45.82 26.54 24.02
C SER B 388 -44.72 25.94 23.14
N VAL B 389 -45.12 24.97 22.31
CA VAL B 389 -44.17 24.32 21.42
C VAL B 389 -43.57 25.32 20.45
N TYR B 390 -44.40 26.21 19.90
CA TYR B 390 -43.91 27.22 18.97
C TYR B 390 -43.23 28.38 19.67
N ALA B 391 -43.24 28.40 21.01
CA ALA B 391 -42.59 29.44 21.79
C ALA B 391 -41.78 28.81 22.92
N TRP B 392 -41.10 27.71 22.63
CA TRP B 392 -40.26 27.07 23.64
C TRP B 392 -39.26 28.08 24.19
N ASN B 393 -39.18 28.16 25.51
CA ASN B 393 -38.38 29.19 26.17
C ASN B 393 -36.93 28.72 26.31
N ARG B 394 -36.01 29.55 25.86
CA ARG B 394 -34.58 29.28 25.94
C ARG B 394 -33.93 30.36 26.80
N LYS B 395 -33.09 29.94 27.74
CA LYS B 395 -32.40 30.85 28.63
C LYS B 395 -30.89 30.75 28.40
N ARG B 396 -30.23 31.90 28.40
CA ARG B 396 -28.78 31.97 28.23
C ARG B 396 -28.11 31.83 29.59
N ILE B 397 -27.20 30.87 29.70
CA ILE B 397 -26.44 30.64 30.93
C ILE B 397 -24.97 30.89 30.61
N SER B 398 -24.36 31.80 31.34
CA SER B 398 -22.94 32.12 31.16
C SER B 398 -22.43 32.76 32.43
N ASN B 399 -21.11 32.70 32.60
CA ASN B 399 -20.45 33.25 33.78
C ASN B 399 -21.06 32.64 35.04
N CYS B 400 -20.90 31.33 35.16
CA CYS B 400 -21.75 30.55 36.06
C CYS B 400 -21.05 29.30 36.53
N VAL B 401 -21.70 28.62 37.47
CA VAL B 401 -21.54 27.19 37.72
C VAL B 401 -22.95 26.61 37.80
N ALA B 402 -23.24 25.64 36.94
CA ALA B 402 -24.61 25.18 36.73
C ALA B 402 -25.00 24.15 37.79
N ASP B 403 -26.15 23.51 37.61
CA ASP B 403 -26.67 22.51 38.55
C ASP B 403 -26.01 21.15 38.30
N TYR B 404 -24.69 21.15 38.35
CA TYR B 404 -23.91 19.91 38.22
C TYR B 404 -24.15 18.97 39.39
N SER B 405 -24.71 19.47 40.50
CA SER B 405 -24.73 18.69 41.73
C SER B 405 -25.57 17.43 41.58
N VAL B 406 -26.73 17.52 40.93
CA VAL B 406 -27.64 16.38 40.87
C VAL B 406 -26.96 15.19 40.20
N LEU B 407 -26.39 15.41 39.02
CA LEU B 407 -25.75 14.32 38.30
C LEU B 407 -24.41 13.95 38.90
N TYR B 408 -23.70 14.92 39.48
CA TYR B 408 -22.44 14.61 40.15
C TYR B 408 -22.66 13.66 41.32
N ASN B 409 -23.68 13.92 42.14
CA ASN B 409 -24.02 13.02 43.24
C ASN B 409 -24.69 11.76 42.74
N SER B 410 -25.33 11.79 41.57
CA SER B 410 -25.89 10.60 40.95
C SER B 410 -24.78 9.83 40.22
N ALA B 411 -23.74 9.48 40.99
CA ALA B 411 -22.57 8.79 40.47
C ALA B 411 -22.38 7.40 41.06
N SER B 412 -22.74 7.18 42.32
CA SER B 412 -22.62 5.84 42.90
C SER B 412 -23.54 4.84 42.21
N PHE B 413 -24.53 5.32 41.46
CA PHE B 413 -25.42 4.42 40.74
C PHE B 413 -24.63 3.56 39.77
N SER B 414 -24.97 2.27 39.71
CA SER B 414 -24.29 1.36 38.80
C SER B 414 -24.68 1.59 37.35
N THR B 415 -25.68 2.43 37.09
CA THR B 415 -26.16 2.68 35.73
C THR B 415 -26.13 4.19 35.44
N PHE B 416 -25.77 4.53 34.21
CA PHE B 416 -25.73 5.90 33.73
C PHE B 416 -26.51 6.01 32.44
N LYS B 417 -27.23 7.12 32.26
CA LYS B 417 -28.07 7.35 31.08
C LYS B 417 -27.71 8.68 30.43
N CYS B 418 -26.76 8.64 29.50
CA CYS B 418 -26.36 9.80 28.72
C CYS B 418 -25.63 9.32 27.49
N TYR B 419 -25.82 10.04 26.38
CA TYR B 419 -25.24 9.64 25.10
C TYR B 419 -24.39 10.73 24.45
N GLY B 420 -24.72 12.00 24.61
CA GLY B 420 -23.88 13.04 24.03
C GLY B 420 -22.48 13.05 24.60
N VAL B 421 -22.38 12.98 25.93
CA VAL B 421 -21.11 12.99 26.63
C VAL B 421 -21.28 12.26 27.96
N SER B 422 -20.20 11.67 28.44
CA SER B 422 -20.26 10.89 29.68
C SER B 422 -20.64 11.81 30.84
N PRO B 423 -21.61 11.42 31.69
CA PRO B 423 -21.98 12.31 32.80
C PRO B 423 -20.82 12.62 33.73
N THR B 424 -19.96 11.65 33.99
CA THR B 424 -18.91 11.85 34.99
C THR B 424 -17.98 12.99 34.59
N LYS B 425 -17.60 13.04 33.32
CA LYS B 425 -16.65 14.06 32.87
C LYS B 425 -17.26 15.46 32.85
N LEU B 426 -18.58 15.57 32.99
CA LEU B 426 -19.23 16.88 32.82
C LEU B 426 -18.71 17.92 33.81
N ASN B 427 -18.13 17.49 34.94
CA ASN B 427 -17.70 18.41 35.97
C ASN B 427 -16.20 18.68 35.92
N ASP B 428 -15.55 18.35 34.81
CA ASP B 428 -14.12 18.56 34.63
C ASP B 428 -13.83 19.17 33.27
N LEU B 429 -14.59 20.19 32.91
CA LEU B 429 -14.45 20.83 31.60
C LEU B 429 -14.80 22.31 31.74
N CYS B 430 -14.67 23.04 30.64
CA CYS B 430 -15.01 24.45 30.58
C CYS B 430 -15.82 24.71 29.32
N PHE B 431 -16.90 25.47 29.45
CA PHE B 431 -17.83 25.72 28.36
C PHE B 431 -17.87 27.20 28.04
N THR B 432 -17.81 27.52 26.74
CA THR B 432 -17.91 28.91 26.32
C THR B 432 -19.26 29.49 26.65
N ASN B 433 -20.33 28.71 26.45
CA ASN B 433 -21.68 29.15 26.78
C ASN B 433 -22.57 27.92 26.82
N VAL B 434 -23.70 28.06 27.52
CA VAL B 434 -24.64 26.98 27.70
C VAL B 434 -26.05 27.48 27.43
N TYR B 435 -26.85 26.65 26.77
CA TYR B 435 -28.25 26.95 26.51
C TYR B 435 -29.12 25.91 27.21
N ALA B 436 -30.23 26.36 27.78
CA ALA B 436 -31.19 25.50 28.44
C ALA B 436 -32.57 25.75 27.87
N ASP B 437 -33.28 24.69 27.51
CA ASP B 437 -34.61 24.78 26.95
C ASP B 437 -35.53 23.82 27.70
N SER B 438 -36.78 24.24 27.90
CA SER B 438 -37.75 23.45 28.64
C SER B 438 -39.08 23.40 27.89
N PHE B 439 -39.72 22.25 27.94
CA PHE B 439 -41.04 22.07 27.32
C PHE B 439 -41.62 20.75 27.82
N VAL B 440 -42.92 20.57 27.58
CA VAL B 440 -43.64 19.36 27.96
C VAL B 440 -44.10 18.67 26.67
N ILE B 441 -43.84 17.37 26.59
CA ILE B 441 -44.02 16.60 25.37
C ILE B 441 -44.56 15.22 25.72
N ARG B 442 -45.07 14.54 24.68
CA ARG B 442 -45.70 13.24 24.83
C ARG B 442 -44.66 12.14 25.03
N GLY B 443 -44.88 11.30 26.03
CA GLY B 443 -43.93 10.25 26.37
C GLY B 443 -43.51 9.38 25.20
N ASP B 444 -44.23 9.46 24.09
CA ASP B 444 -43.90 8.69 22.89
C ASP B 444 -42.99 9.44 21.93
N GLU B 445 -42.50 10.62 22.31
CA GLU B 445 -41.60 11.39 21.47
C GLU B 445 -40.22 11.57 22.09
N VAL B 446 -39.91 10.85 23.17
CA VAL B 446 -38.56 10.90 23.71
C VAL B 446 -37.57 10.40 22.66
N ARG B 447 -37.84 9.22 22.10
CA ARG B 447 -37.02 8.70 21.02
C ARG B 447 -36.99 9.65 19.83
N GLN B 448 -38.01 10.49 19.66
CA GLN B 448 -38.00 11.44 18.56
C GLN B 448 -37.09 12.63 18.87
N ILE B 449 -37.01 13.01 20.14
CA ILE B 449 -36.21 14.17 20.52
C ILE B 449 -34.72 13.95 20.36
N ALA B 450 -34.28 12.71 20.14
CA ALA B 450 -32.87 12.45 19.96
C ALA B 450 -32.35 13.10 18.68
N PRO B 451 -31.09 13.51 18.64
CA PRO B 451 -30.57 14.20 17.46
C PRO B 451 -30.59 13.30 16.24
N GLY B 452 -30.82 13.90 15.08
CA GLY B 452 -30.82 13.17 13.84
C GLY B 452 -32.03 12.28 13.63
N GLN B 453 -33.06 12.43 14.44
CA GLN B 453 -34.26 11.60 14.34
C GLN B 453 -35.34 12.33 13.55
N THR B 454 -36.22 11.54 12.93
CA THR B 454 -37.27 12.06 12.05
C THR B 454 -38.64 11.83 12.69
N GLY B 455 -39.67 12.26 11.96
CA GLY B 455 -41.04 12.23 12.43
C GLY B 455 -41.72 13.55 12.16
N LYS B 456 -42.99 13.62 12.58
CA LYS B 456 -43.74 14.86 12.43
C LYS B 456 -43.17 15.96 13.33
N ILE B 457 -42.91 15.62 14.59
CA ILE B 457 -42.32 16.58 15.51
C ILE B 457 -40.94 16.98 15.03
N ALA B 458 -40.10 15.99 14.72
CA ALA B 458 -38.76 16.29 14.22
C ALA B 458 -38.83 17.10 12.94
N ASP B 459 -39.91 16.98 12.18
CA ASP B 459 -40.00 17.68 10.90
C ASP B 459 -40.33 19.14 11.12
N TYR B 460 -41.47 19.44 11.73
CA TYR B 460 -41.89 20.83 11.83
C TYR B 460 -42.54 21.15 13.17
N ASN B 461 -42.00 20.61 14.26
CA ASN B 461 -42.33 21.10 15.59
C ASN B 461 -41.08 21.50 16.38
N TYR B 462 -40.06 20.65 16.40
CA TYR B 462 -38.83 20.94 17.14
C TYR B 462 -37.75 19.98 16.65
N LYS B 463 -36.70 20.51 16.04
CA LYS B 463 -35.66 19.71 15.42
C LYS B 463 -34.31 20.08 16.02
N LEU B 464 -33.59 19.06 16.52
CA LEU B 464 -32.24 19.26 17.04
C LEU B 464 -31.21 19.14 15.92
N PRO B 465 -30.08 19.83 16.02
CA PRO B 465 -29.03 19.65 15.01
C PRO B 465 -28.50 18.23 15.02
N ASP B 466 -28.08 17.77 13.84
CA ASP B 466 -27.61 16.40 13.72
C ASP B 466 -26.37 16.14 14.57
N ASP B 467 -25.60 17.18 14.87
CA ASP B 467 -24.36 17.06 15.64
C ASP B 467 -24.49 17.65 17.04
N PHE B 468 -25.68 17.56 17.62
CA PHE B 468 -25.90 18.10 18.95
C PHE B 468 -24.99 17.42 19.96
N THR B 469 -24.51 18.19 20.92
CA THR B 469 -23.63 17.70 21.97
C THR B 469 -24.35 17.79 23.32
N GLY B 470 -24.35 16.68 24.05
CA GLY B 470 -25.01 16.61 25.34
C GLY B 470 -26.05 15.51 25.38
N CYS B 471 -26.57 15.28 26.58
CA CYS B 471 -27.61 14.30 26.81
C CYS B 471 -28.81 14.95 27.46
N VAL B 472 -29.99 14.42 27.14
CA VAL B 472 -31.26 14.97 27.63
C VAL B 472 -31.62 14.31 28.95
N ILE B 473 -32.38 15.03 29.76
CA ILE B 473 -32.84 14.54 31.06
C ILE B 473 -34.35 14.69 31.10
N ALA B 474 -35.04 13.61 31.50
CA ALA B 474 -36.49 13.60 31.58
C ALA B 474 -36.93 12.90 32.85
N TRP B 475 -38.01 13.41 33.44
CA TRP B 475 -38.62 12.80 34.61
C TRP B 475 -40.12 12.96 34.52
N ASN B 476 -40.85 11.94 34.96
CA ASN B 476 -42.30 11.99 34.89
C ASN B 476 -42.85 13.13 35.73
N SER B 477 -43.83 13.84 35.16
CA SER B 477 -44.47 14.96 35.85
C SER B 477 -45.98 14.91 35.69
N ASN B 478 -46.54 13.71 35.54
CA ASN B 478 -47.98 13.59 35.30
C ASN B 478 -48.79 14.10 36.49
N ASN B 479 -48.31 13.86 37.71
CA ASN B 479 -49.05 14.30 38.89
C ASN B 479 -49.35 15.78 38.83
N LEU B 480 -48.42 16.57 38.29
CA LEU B 480 -48.59 18.02 38.21
C LEU B 480 -49.18 18.48 36.89
N ASP B 481 -48.92 17.74 35.81
CA ASP B 481 -49.36 18.14 34.47
C ASP B 481 -50.71 17.54 34.08
N SER B 482 -51.34 16.77 34.97
CA SER B 482 -52.59 16.10 34.66
C SER B 482 -53.74 17.07 34.93
N LYS B 483 -54.35 17.57 33.87
CA LYS B 483 -55.48 18.48 33.97
C LYS B 483 -56.76 17.68 33.77
N VAL B 484 -57.62 17.68 34.79
CA VAL B 484 -58.88 16.94 34.70
C VAL B 484 -59.73 17.49 33.56
N GLY B 485 -59.74 18.80 33.39
CA GLY B 485 -60.46 19.41 32.29
C GLY B 485 -59.75 19.36 30.95
N GLY B 486 -58.49 18.92 30.93
CA GLY B 486 -57.75 18.83 29.69
C GLY B 486 -56.87 20.03 29.44
N ASN B 487 -55.56 19.82 29.34
CA ASN B 487 -54.60 20.90 29.10
C ASN B 487 -54.50 21.11 27.59
N TYR B 488 -55.25 22.08 27.08
CA TYR B 488 -55.21 22.44 25.67
C TYR B 488 -54.26 23.58 25.39
N ASN B 489 -53.57 24.11 26.41
CA ASN B 489 -52.65 25.21 26.22
C ASN B 489 -51.46 24.82 25.34
N TYR B 490 -51.22 23.53 25.17
CA TYR B 490 -50.09 23.05 24.38
C TYR B 490 -50.56 22.73 22.97
N LEU B 491 -49.92 23.36 21.98
CA LEU B 491 -50.27 23.22 20.58
C LEU B 491 -49.20 22.40 19.85
N TYR B 492 -49.38 22.26 18.55
CA TYR B 492 -48.36 21.66 17.68
C TYR B 492 -48.76 21.88 16.23
N ARG B 493 -47.80 22.30 15.41
CA ARG B 493 -48.09 22.54 14.00
C ARG B 493 -48.51 21.25 13.32
N LEU B 494 -49.55 21.35 12.49
CA LEU B 494 -50.07 20.20 11.76
C LEU B 494 -49.50 20.08 10.36
N PHE B 495 -49.07 21.19 9.77
CA PHE B 495 -48.41 21.17 8.47
C PHE B 495 -47.67 22.49 8.29
N ARG B 496 -46.44 22.42 7.81
CA ARG B 496 -45.61 23.60 7.60
C ARG B 496 -45.49 23.85 6.10
N LYS B 497 -45.77 25.09 5.69
CA LYS B 497 -45.63 25.45 4.28
C LYS B 497 -44.21 25.17 3.80
N SER B 498 -43.22 25.38 4.67
CA SER B 498 -41.83 25.10 4.36
C SER B 498 -41.44 23.74 4.95
N ASN B 499 -40.16 23.40 4.84
CA ASN B 499 -39.66 22.12 5.30
C ASN B 499 -39.16 22.25 6.74
N LEU B 500 -38.45 21.23 7.21
CA LEU B 500 -37.88 21.25 8.55
C LEU B 500 -36.73 22.25 8.62
N LYS B 501 -36.44 22.70 9.84
CA LYS B 501 -35.31 23.58 10.09
C LYS B 501 -34.92 23.52 11.56
N PRO B 502 -33.67 23.19 11.88
CA PRO B 502 -33.29 23.08 13.30
C PRO B 502 -33.30 24.44 13.98
N PHE B 503 -33.72 24.45 15.24
CA PHE B 503 -33.75 25.65 16.07
C PHE B 503 -34.45 26.79 15.33
N GLU B 504 -35.73 26.60 15.06
CA GLU B 504 -36.54 27.57 14.35
C GLU B 504 -37.85 27.80 15.09
N ARG B 505 -38.45 28.97 14.83
CA ARG B 505 -39.73 29.34 15.42
C ARG B 505 -40.68 29.71 14.31
N ASP B 506 -41.92 29.19 14.37
CA ASP B 506 -42.91 29.37 13.32
C ASP B 506 -44.12 30.07 13.88
N ILE B 507 -44.63 31.06 13.13
CA ILE B 507 -45.80 31.83 13.53
C ILE B 507 -46.85 31.73 12.42
N SER B 508 -46.81 30.66 11.64
CA SER B 508 -47.72 30.52 10.51
C SER B 508 -49.11 30.18 11.01
N THR B 509 -50.11 30.95 10.54
CA THR B 509 -51.49 30.72 10.93
C THR B 509 -52.48 30.85 9.77
N GLU B 510 -52.02 31.19 8.57
CA GLU B 510 -52.92 31.39 7.44
C GLU B 510 -53.31 30.05 6.82
N ILE B 511 -54.32 30.10 5.95
CA ILE B 511 -54.78 28.90 5.29
C ILE B 511 -53.66 28.34 4.40
N TYR B 512 -53.65 27.02 4.25
CA TYR B 512 -52.63 26.39 3.43
C TYR B 512 -52.77 26.80 1.97
N GLN B 513 -51.64 27.02 1.32
CA GLN B 513 -51.60 27.40 -0.10
C GLN B 513 -51.27 26.16 -0.93
N ALA B 514 -52.05 25.95 -1.98
CA ALA B 514 -51.81 24.82 -2.88
C ALA B 514 -50.56 25.07 -3.73
N THR B 517 -56.25 21.15 -3.44
CA THR B 517 -57.36 22.04 -3.80
C THR B 517 -57.16 23.41 -3.17
N PRO B 518 -57.49 24.48 -3.90
CA PRO B 518 -57.35 25.82 -3.33
C PRO B 518 -58.22 25.98 -2.10
N CYS B 519 -57.70 26.69 -1.11
CA CYS B 519 -58.43 26.94 0.13
C CYS B 519 -58.23 28.38 0.55
N ASN B 520 -59.33 29.06 0.87
CA ASN B 520 -59.29 30.45 1.29
C ASN B 520 -60.19 30.61 2.50
N GLY B 521 -60.37 31.85 2.95
CA GLY B 521 -61.19 32.09 4.11
C GLY B 521 -60.60 31.41 5.33
N VAL B 522 -61.48 30.87 6.18
CA VAL B 522 -61.06 30.18 7.39
C VAL B 522 -61.32 28.68 7.33
N GLU B 523 -62.10 28.21 6.37
CA GLU B 523 -62.43 26.79 6.29
C GLU B 523 -62.68 26.43 4.83
N GLY B 524 -62.59 25.12 4.55
CA GLY B 524 -62.83 24.64 3.21
C GLY B 524 -62.74 23.13 3.20
N PHE B 525 -62.99 22.56 2.01
CA PHE B 525 -62.88 21.12 1.85
C PHE B 525 -61.47 20.66 2.19
N ASN B 526 -61.38 19.58 2.98
CA ASN B 526 -60.11 19.03 3.43
C ASN B 526 -59.16 20.12 3.93
N CYS B 527 -59.73 21.18 4.50
CA CYS B 527 -58.97 22.27 5.08
C CYS B 527 -59.04 22.17 6.59
N TYR B 528 -57.88 22.23 7.24
CA TYR B 528 -57.79 22.07 8.69
C TYR B 528 -56.89 23.16 9.26
N PHE B 529 -57.12 23.49 10.52
CA PHE B 529 -56.31 24.49 11.18
C PHE B 529 -54.87 23.99 11.32
N PRO B 530 -53.87 24.84 11.06
CA PRO B 530 -52.47 24.37 11.16
C PRO B 530 -52.07 23.94 12.56
N LEU B 531 -52.79 24.37 13.60
CA LEU B 531 -52.44 24.08 14.98
C LEU B 531 -53.58 23.34 15.66
N GLN B 532 -53.22 22.36 16.48
CA GLN B 532 -54.19 21.62 17.29
C GLN B 532 -53.64 21.47 18.71
N SER B 533 -54.55 21.42 19.67
CA SER B 533 -54.18 21.40 21.08
C SER B 533 -54.02 19.97 21.58
N TYR B 534 -53.03 19.78 22.46
CA TYR B 534 -52.82 18.47 23.05
C TYR B 534 -53.96 18.09 23.97
N GLY B 535 -54.38 16.83 23.89
CA GLY B 535 -55.42 16.31 24.75
C GLY B 535 -54.88 15.69 26.02
N PHE B 536 -54.16 16.48 26.82
CA PHE B 536 -53.59 15.99 28.07
C PHE B 536 -54.71 15.74 29.06
N GLN B 537 -55.03 14.47 29.28
CA GLN B 537 -56.08 14.06 30.19
C GLN B 537 -55.58 12.94 31.08
N PRO B 538 -56.04 12.87 32.33
CA PRO B 538 -55.67 11.72 33.17
C PRO B 538 -56.14 10.39 32.60
N THR B 539 -57.12 10.42 31.69
CA THR B 539 -57.58 9.19 31.06
C THR B 539 -56.44 8.49 30.33
N ASN B 540 -55.57 9.26 29.68
CA ASN B 540 -54.49 8.67 28.91
C ASN B 540 -53.65 7.76 29.78
N GLY B 541 -53.32 6.58 29.25
CA GLY B 541 -52.52 5.63 29.99
C GLY B 541 -51.07 6.02 30.06
N VAL B 542 -50.32 5.28 30.88
CA VAL B 542 -48.89 5.53 31.03
C VAL B 542 -48.21 5.37 29.67
N GLY B 543 -47.34 6.32 29.34
CA GLY B 543 -46.64 6.29 28.08
C GLY B 543 -47.01 7.46 27.20
N TYR B 544 -48.31 7.77 27.14
CA TYR B 544 -48.79 8.93 26.42
C TYR B 544 -49.11 10.10 27.34
N GLN B 545 -48.80 9.98 28.62
CA GLN B 545 -49.04 11.07 29.55
C GLN B 545 -48.07 12.22 29.29
N PRO B 546 -48.42 13.43 29.71
CA PRO B 546 -47.49 14.55 29.57
C PRO B 546 -46.22 14.31 30.38
N TYR B 547 -45.09 14.75 29.83
CA TYR B 547 -43.81 14.63 30.48
C TYR B 547 -43.04 15.94 30.33
N ARG B 548 -42.11 16.16 31.25
CA ARG B 548 -41.28 17.36 31.24
C ARG B 548 -39.87 17.00 30.76
N VAL B 549 -39.38 17.75 29.79
CA VAL B 549 -38.06 17.51 29.19
C VAL B 549 -37.28 18.81 29.17
N VAL B 550 -35.99 18.72 29.48
CA VAL B 550 -35.07 19.84 29.40
C VAL B 550 -33.79 19.38 28.74
N VAL B 551 -33.25 20.20 27.84
CA VAL B 551 -32.09 19.83 27.03
C VAL B 551 -31.00 20.85 27.27
N LEU B 552 -29.77 20.37 27.41
CA LEU B 552 -28.59 21.21 27.59
C LEU B 552 -27.71 21.11 26.35
N SER B 553 -27.42 22.27 25.76
CA SER B 553 -26.55 22.35 24.59
C SER B 553 -25.46 23.37 24.84
N PHE B 554 -24.26 23.09 24.34
CA PHE B 554 -23.11 23.95 24.55
C PHE B 554 -22.07 23.66 23.47
N GLU B 555 -21.17 24.61 23.29
CA GLU B 555 -20.14 24.54 22.26
C GLU B 555 -18.76 24.75 22.89
N LEU B 556 -17.74 24.20 22.24
CA LEU B 556 -16.40 24.17 22.80
C LEU B 556 -15.39 24.69 21.79
N LEU B 557 -14.32 25.30 22.32
CA LEU B 557 -13.20 25.82 21.55
C LEU B 557 -13.57 26.96 20.62
N HIS B 558 -14.82 27.44 20.69
CA HIS B 558 -15.26 28.53 19.84
C HIS B 558 -15.13 29.89 20.48
N ALA B 559 -14.56 29.97 21.68
CA ALA B 559 -14.34 31.23 22.36
C ALA B 559 -13.57 30.99 23.65
N PRO B 560 -12.99 32.02 24.26
CA PRO B 560 -12.44 31.86 25.61
C PRO B 560 -13.55 31.48 26.59
N ALA B 561 -13.32 30.39 27.32
CA ALA B 561 -14.37 29.82 28.14
C ALA B 561 -14.78 30.75 29.26
N THR B 562 -16.04 30.61 29.70
CA THR B 562 -16.57 31.39 30.79
C THR B 562 -17.30 30.56 31.85
N VAL B 563 -17.58 29.29 31.58
CA VAL B 563 -18.20 28.39 32.54
C VAL B 563 -17.26 27.21 32.76
N CYS B 564 -17.01 26.87 34.02
CA CYS B 564 -16.11 25.78 34.35
C CYS B 564 -16.62 25.06 35.60
N GLY B 565 -16.19 23.82 35.75
CA GLY B 565 -16.64 22.99 36.85
C GLY B 565 -15.98 23.37 38.15
N PRO B 566 -16.36 22.66 39.21
CA PRO B 566 -15.85 22.94 40.56
C PRO B 566 -14.50 22.29 40.84
N LYS B 567 -13.43 22.93 40.37
CA LYS B 567 -12.07 22.48 40.62
C LYS B 567 -11.21 23.67 41.00
N LYS B 568 -10.23 23.42 41.84
CA LYS B 568 -9.40 24.48 42.41
C LYS B 568 -8.05 24.53 41.71
N SER B 569 -7.57 25.73 41.45
CA SER B 569 -6.27 25.91 40.83
C SER B 569 -5.16 25.65 41.83
N THR B 570 -3.92 25.68 41.32
CA THR B 570 -2.74 25.47 42.15
C THR B 570 -1.65 26.43 41.70
N ASN B 571 -0.72 26.70 42.60
CA ASN B 571 0.39 27.60 42.28
C ASN B 571 1.14 27.10 41.07
N LEU B 572 1.44 28.02 40.15
CA LEU B 572 2.11 27.64 38.91
C LEU B 572 3.59 27.36 39.17
N VAL B 573 4.18 26.55 38.29
CA VAL B 573 5.59 26.23 38.33
C VAL B 573 6.16 26.38 36.93
N LYS B 574 7.46 26.53 36.84
CA LYS B 574 8.13 26.77 35.57
C LYS B 574 9.37 25.90 35.44
N ASN B 575 9.74 25.60 34.21
CA ASN B 575 10.98 24.90 33.91
C ASN B 575 11.01 23.52 34.55
N LYS B 576 9.91 22.79 34.45
CA LYS B 576 9.84 21.44 34.97
C LYS B 576 8.81 20.65 34.17
N CYS B 577 9.10 19.38 33.92
CA CYS B 577 8.21 18.54 33.14
C CYS B 577 6.98 18.22 33.98
N VAL B 578 5.90 18.98 33.77
CA VAL B 578 4.70 18.90 34.59
C VAL B 578 3.51 18.60 33.70
N ASN B 579 2.37 18.33 34.33
CA ASN B 579 1.12 18.02 33.64
C ASN B 579 0.17 19.20 33.84
N PHE B 580 0.11 20.07 32.85
CA PHE B 580 -0.69 21.29 32.95
C PHE B 580 -2.13 21.03 32.57
N ASN B 581 -3.00 21.97 32.95
CA ASN B 581 -4.41 21.91 32.60
C ASN B 581 -4.95 23.34 32.66
N PHE B 582 -5.15 23.94 31.48
CA PHE B 582 -5.64 25.30 31.36
C PHE B 582 -7.04 25.24 30.75
N ASN B 583 -8.06 25.32 31.59
CA ASN B 583 -9.44 25.28 31.12
C ASN B 583 -9.70 24.04 30.27
N GLY B 584 -9.14 22.92 30.70
CA GLY B 584 -9.31 21.68 29.96
C GLY B 584 -8.25 21.38 28.93
N LEU B 585 -7.32 22.30 28.68
CA LEU B 585 -6.23 22.08 27.73
C LEU B 585 -5.16 21.17 28.34
N THR B 586 -5.58 19.95 28.65
CA THR B 586 -4.67 19.00 29.27
C THR B 586 -3.48 18.72 28.35
N GLY B 587 -2.32 18.52 28.96
CA GLY B 587 -1.12 18.22 28.21
C GLY B 587 0.08 18.21 29.13
N THR B 588 1.20 17.78 28.56
CA THR B 588 2.46 17.67 29.28
C THR B 588 3.53 18.47 28.56
N GLY B 589 4.34 19.19 29.32
CA GLY B 589 5.39 19.99 28.73
C GLY B 589 6.11 20.77 29.79
N VAL B 590 7.00 21.66 29.33
CA VAL B 590 7.80 22.50 30.20
C VAL B 590 7.41 23.95 29.94
N LEU B 591 6.95 24.63 30.98
CA LEU B 591 6.44 25.99 30.85
C LEU B 591 7.58 26.98 31.01
N THR B 592 7.55 28.03 30.18
CA THR B 592 8.59 29.05 30.20
C THR B 592 7.98 30.40 29.89
N GLU B 593 8.60 31.45 30.41
CA GLU B 593 8.16 32.80 30.10
C GLU B 593 8.36 33.09 28.63
N SER B 594 7.37 33.76 28.04
CA SER B 594 7.34 34.00 26.60
C SER B 594 7.51 35.49 26.32
N ASN B 595 8.36 35.81 25.36
CA ASN B 595 8.56 37.19 24.93
C ASN B 595 7.57 37.61 23.84
N LYS B 596 6.81 36.66 23.28
CA LYS B 596 5.79 37.02 22.31
C LYS B 596 4.70 37.85 22.98
N LYS B 597 4.05 38.70 22.19
CA LYS B 597 3.00 39.59 22.68
C LYS B 597 1.69 39.22 22.00
N PHE B 598 0.76 38.70 22.79
CA PHE B 598 -0.58 38.43 22.29
C PHE B 598 -1.42 39.70 22.28
N LEU B 599 -2.31 39.79 21.31
CA LEU B 599 -3.26 40.88 21.28
C LEU B 599 -4.30 40.70 22.38
N PRO B 600 -4.99 41.77 22.77
CA PRO B 600 -5.89 41.68 23.93
C PRO B 600 -6.96 40.62 23.78
N PHE B 601 -7.33 40.26 22.55
CA PHE B 601 -8.40 39.30 22.32
C PHE B 601 -7.87 37.92 21.96
N GLN B 602 -6.57 37.69 22.06
CA GLN B 602 -5.96 36.43 21.66
C GLN B 602 -5.59 35.60 22.88
N GLN B 603 -5.87 34.30 22.82
CA GLN B 603 -5.64 33.39 23.92
C GLN B 603 -4.55 32.37 23.62
N PHE B 604 -4.71 31.59 22.56
CA PHE B 604 -3.80 30.49 22.27
C PHE B 604 -2.77 30.92 21.24
N GLY B 605 -1.95 29.96 20.82
CA GLY B 605 -1.04 30.14 19.70
C GLY B 605 -0.71 28.78 19.13
N ARG B 606 -0.88 28.61 17.83
CA ARG B 606 -0.78 27.30 17.20
C ARG B 606 0.48 27.20 16.36
N ASP B 607 0.72 25.99 15.87
CA ASP B 607 1.88 25.71 15.04
C ASP B 607 1.48 24.99 13.77
N ILE B 608 2.46 24.54 12.98
CA ILE B 608 2.17 23.94 11.69
C ILE B 608 1.27 22.72 11.87
N ALA B 609 1.57 21.89 12.88
CA ALA B 609 0.81 20.68 13.13
C ALA B 609 -0.43 20.93 13.96
N ASP B 610 -0.92 22.16 14.03
CA ASP B 610 -2.09 22.48 14.83
C ASP B 610 -1.89 22.07 16.29
N THR B 611 -0.72 22.41 16.81
CA THR B 611 -0.33 22.06 18.18
C THR B 611 -0.26 23.32 19.02
N THR B 612 -0.89 23.29 20.19
CA THR B 612 -0.90 24.44 21.09
C THR B 612 0.49 24.61 21.67
N ASP B 613 1.19 25.67 21.26
CA ASP B 613 2.54 25.96 21.75
C ASP B 613 2.64 27.38 22.30
N ALA B 614 1.53 27.92 22.78
CA ALA B 614 1.55 29.20 23.49
C ALA B 614 0.22 29.40 24.19
N VAL B 615 0.23 29.66 25.49
CA VAL B 615 -0.98 29.80 26.26
C VAL B 615 -0.89 31.04 27.13
N ARG B 616 -2.05 31.58 27.48
CA ARG B 616 -2.17 32.74 28.34
C ARG B 616 -2.87 32.32 29.63
N ASP B 617 -2.23 32.58 30.75
CA ASP B 617 -2.79 32.15 32.03
C ASP B 617 -4.14 32.82 32.26
N PRO B 618 -5.13 32.12 32.81
CA PRO B 618 -6.43 32.76 33.01
C PRO B 618 -6.44 33.77 34.13
N GLN B 619 -5.82 33.44 35.28
CA GLN B 619 -5.90 34.32 36.43
C GLN B 619 -5.09 35.59 36.20
N THR B 620 -3.79 35.45 36.03
CA THR B 620 -2.90 36.58 35.75
C THR B 620 -2.60 36.60 34.26
N LEU B 621 -2.86 37.74 33.63
CA LEU B 621 -2.71 37.83 32.18
C LEU B 621 -1.24 37.84 31.79
N GLU B 622 -0.72 36.67 31.44
CA GLU B 622 0.65 36.53 30.97
C GLU B 622 0.71 35.36 30.01
N ILE B 623 1.74 35.36 29.17
CA ILE B 623 1.89 34.37 28.10
C ILE B 623 3.07 33.48 28.44
N LEU B 624 2.84 32.17 28.39
CA LEU B 624 3.86 31.17 28.69
C LEU B 624 3.98 30.22 27.51
N ASP B 625 5.21 29.97 27.08
CA ASP B 625 5.43 29.01 26.01
C ASP B 625 5.22 27.59 26.54
N ILE B 626 5.10 26.65 25.61
CA ILE B 626 4.97 25.24 25.93
C ILE B 626 5.99 24.47 25.09
N THR B 627 6.89 23.76 25.76
CA THR B 627 7.91 22.97 25.10
C THR B 627 7.81 21.53 25.57
N PRO B 628 7.77 20.54 24.69
CA PRO B 628 7.61 19.16 25.14
C PRO B 628 8.83 18.68 25.91
N CYS B 629 8.59 17.75 26.83
CA CYS B 629 9.67 17.20 27.64
C CYS B 629 10.62 16.40 26.77
N SER B 630 11.88 16.33 27.20
CA SER B 630 12.92 15.75 26.37
C SER B 630 12.66 14.28 26.10
N PHE B 631 13.10 13.82 24.93
CA PHE B 631 12.93 12.44 24.52
C PHE B 631 14.03 12.08 23.54
N GLY B 632 14.22 10.78 23.34
CA GLY B 632 15.20 10.31 22.38
C GLY B 632 15.38 8.81 22.41
N GLY B 633 15.91 8.26 21.32
CA GLY B 633 16.15 6.83 21.26
C GLY B 633 17.42 6.43 22.01
N VAL B 634 17.60 5.12 22.14
CA VAL B 634 18.72 4.55 22.85
C VAL B 634 19.35 3.46 22.01
N SER B 635 20.66 3.31 22.11
CA SER B 635 21.37 2.22 21.47
C SER B 635 22.42 1.68 22.43
N VAL B 636 22.75 0.41 22.27
CA VAL B 636 23.69 -0.29 23.14
C VAL B 636 24.89 -0.68 22.31
N ILE B 637 26.08 -0.30 22.79
CA ILE B 637 27.34 -0.57 22.10
C ILE B 637 28.03 -1.68 22.87
N THR B 638 28.20 -2.84 22.24
CA THR B 638 28.79 -3.98 22.90
C THR B 638 29.84 -4.62 22.00
N PRO B 639 30.92 -5.13 22.57
CA PRO B 639 31.84 -5.98 21.81
C PRO B 639 31.24 -7.38 21.70
N GLY B 640 32.00 -8.29 21.09
CA GLY B 640 31.52 -9.65 20.95
C GLY B 640 31.15 -10.24 22.30
N THR B 641 30.02 -10.96 22.33
CA THR B 641 29.58 -11.57 23.58
C THR B 641 30.66 -12.46 24.17
N ASN B 642 31.41 -13.15 23.32
CA ASN B 642 32.49 -14.01 23.81
C ASN B 642 33.52 -13.20 24.57
N THR B 643 33.94 -12.07 24.01
CA THR B 643 35.08 -11.36 24.57
C THR B 643 34.81 -10.93 26.01
N SER B 644 33.63 -10.40 26.27
CA SER B 644 33.30 -9.91 27.61
C SER B 644 31.80 -9.67 27.66
N ASN B 645 31.36 -9.07 28.77
CA ASN B 645 29.96 -8.75 28.98
C ASN B 645 29.80 -7.32 29.47
N GLN B 646 30.66 -6.43 29.02
CA GLN B 646 30.61 -5.02 29.38
C GLN B 646 30.09 -4.23 28.19
N VAL B 647 29.32 -3.18 28.46
CA VAL B 647 28.66 -2.40 27.41
C VAL B 647 28.70 -0.92 27.78
N ALA B 648 28.23 -0.11 26.85
CA ALA B 648 28.09 1.33 27.05
C ALA B 648 26.92 1.81 26.20
N VAL B 649 26.11 2.70 26.78
CA VAL B 649 24.85 3.10 26.17
C VAL B 649 24.99 4.50 25.60
N LEU B 650 24.20 4.77 24.56
CA LEU B 650 24.23 6.05 23.87
C LEU B 650 22.81 6.59 23.79
N TYR B 651 22.60 7.81 24.27
CA TYR B 651 21.32 8.51 24.15
C TYR B 651 21.50 9.57 23.07
N GLN B 652 21.06 9.27 21.85
CA GLN B 652 21.28 10.20 20.75
C GLN B 652 20.45 11.45 20.93
N GLY B 653 21.05 12.59 20.61
CA GLY B 653 20.33 13.86 20.66
C GLY B 653 19.78 14.19 22.02
N VAL B 654 20.54 13.94 23.07
CA VAL B 654 20.13 14.26 24.44
C VAL B 654 21.31 14.89 25.16
N ASN B 655 21.04 15.96 25.89
CA ASN B 655 22.08 16.59 26.67
C ASN B 655 22.43 15.73 27.88
N CYS B 656 23.71 15.77 28.27
CA CYS B 656 24.19 14.89 29.32
C CYS B 656 23.68 15.28 30.70
N THR B 657 23.02 16.43 30.84
CA THR B 657 22.51 16.83 32.15
C THR B 657 21.17 16.18 32.46
N GLU B 658 20.38 15.85 31.43
CA GLU B 658 19.03 15.36 31.67
C GLU B 658 19.05 14.02 32.40
N VAL B 659 19.94 13.11 32.00
CA VAL B 659 19.99 11.80 32.65
C VAL B 659 20.32 11.92 34.13
N PRO B 660 21.40 12.59 34.54
CA PRO B 660 21.66 12.73 35.98
C PRO B 660 20.61 13.56 36.71
N VAL B 661 20.01 14.55 36.03
CA VAL B 661 18.99 15.36 36.68
C VAL B 661 17.75 14.53 36.99
N ALA B 662 17.39 13.62 36.08
CA ALA B 662 16.22 12.77 36.31
C ALA B 662 16.40 11.84 37.50
N ILE B 663 17.64 11.49 37.84
CA ILE B 663 17.90 10.62 38.98
C ILE B 663 18.29 11.48 40.19
N THR B 671 13.05 1.06 35.13
CA THR B 671 14.21 1.54 34.38
C THR B 671 15.49 1.38 35.20
N TRP B 672 16.42 0.59 34.67
CA TRP B 672 17.68 0.38 35.37
C TRP B 672 18.49 1.67 35.42
N ARG B 673 19.23 1.83 36.52
CA ARG B 673 20.16 2.95 36.68
C ARG B 673 21.50 2.50 37.24
N VAL B 674 21.78 1.19 37.26
CA VAL B 674 23.03 0.71 37.82
C VAL B 674 24.22 1.27 37.06
N TYR B 675 24.14 1.31 35.74
CA TYR B 675 25.22 1.85 34.92
C TYR B 675 25.20 3.37 34.88
N SER B 676 24.12 4.01 35.32
CA SER B 676 24.00 5.45 35.29
C SER B 676 24.75 6.15 36.42
N THR B 677 25.60 5.42 37.15
CA THR B 677 26.37 6.05 38.21
C THR B 677 27.23 7.18 37.68
N GLY B 678 27.94 6.93 36.57
CA GLY B 678 28.74 7.95 35.94
C GLY B 678 30.23 7.65 35.98
N SER B 679 31.03 8.69 36.18
CA SER B 679 32.49 8.66 36.20
C SER B 679 33.06 8.50 34.80
N ASN B 680 32.21 8.35 33.77
CA ASN B 680 32.69 8.21 32.40
C ASN B 680 31.79 8.93 31.41
N VAL B 681 30.89 9.80 31.86
CA VAL B 681 30.06 10.56 30.94
C VAL B 681 30.94 11.32 29.96
N PHE B 682 30.56 11.29 28.69
CA PHE B 682 31.35 11.91 27.63
C PHE B 682 30.38 12.54 26.63
N GLN B 683 30.20 13.85 26.73
CA GLN B 683 29.35 14.55 25.77
C GLN B 683 29.93 14.45 24.37
N THR B 684 29.08 14.16 23.39
CA THR B 684 29.49 14.05 22.01
C THR B 684 28.40 14.64 21.13
N ARG B 685 28.74 14.87 19.86
CA ARG B 685 27.80 15.48 18.94
C ARG B 685 26.55 14.62 18.77
N ALA B 686 26.73 13.31 18.64
CA ALA B 686 25.58 12.43 18.46
C ALA B 686 24.67 12.44 19.69
N GLY B 687 25.26 12.46 20.88
CA GLY B 687 24.47 12.42 22.09
C GLY B 687 25.36 12.15 23.29
N CYS B 688 24.72 11.78 24.40
CA CYS B 688 25.44 11.47 25.63
C CYS B 688 25.86 10.01 25.60
N LEU B 689 27.16 9.77 25.75
CA LEU B 689 27.72 8.42 25.75
C LEU B 689 28.20 8.08 27.15
N ILE B 690 27.75 6.97 27.68
CA ILE B 690 28.03 6.57 29.05
C ILE B 690 28.65 5.19 29.05
N GLY B 691 29.72 5.02 29.81
CA GLY B 691 30.36 3.73 29.98
C GLY B 691 31.63 3.53 29.19
N ALA B 692 32.10 4.54 28.45
CA ALA B 692 33.30 4.42 27.65
C ALA B 692 34.27 5.53 28.01
N GLU B 693 35.56 5.21 27.96
CA GLU B 693 36.62 6.15 28.32
C GLU B 693 37.17 6.80 27.07
N HIS B 694 37.28 8.12 27.10
CA HIS B 694 37.70 8.90 25.93
C HIS B 694 39.22 9.00 25.90
N VAL B 695 39.81 8.61 24.78
CA VAL B 695 41.25 8.71 24.56
C VAL B 695 41.48 9.60 23.35
N ASN B 696 42.44 10.51 23.47
CA ASN B 696 42.70 11.48 22.42
C ASN B 696 43.65 10.97 21.35
N ASN B 697 44.05 9.70 21.43
CA ASN B 697 44.78 9.05 20.36
C ASN B 697 43.86 8.87 19.15
N SER B 698 44.38 8.28 18.09
CA SER B 698 43.60 7.99 16.90
C SER B 698 43.87 6.58 16.41
N TYR B 699 42.84 5.96 15.83
CA TYR B 699 42.95 4.63 15.25
C TYR B 699 41.97 4.55 14.08
N GLU B 700 41.69 3.33 13.64
CA GLU B 700 40.70 3.09 12.61
C GLU B 700 39.36 2.73 13.24
N CYS B 701 38.32 2.72 12.42
CA CYS B 701 36.96 2.57 12.93
C CYS B 701 36.62 1.10 13.16
N ASP B 702 36.02 0.82 14.31
CA ASP B 702 35.56 -0.52 14.66
C ASP B 702 34.04 -0.57 14.80
N ILE B 703 33.46 0.25 15.66
CA ILE B 703 32.01 0.31 15.83
C ILE B 703 31.57 1.74 15.57
N PRO B 704 31.07 2.04 14.38
CA PRO B 704 30.72 3.42 14.05
C PRO B 704 29.65 3.97 14.99
N ILE B 705 29.76 5.26 15.30
CA ILE B 705 28.83 5.92 16.22
C ILE B 705 28.16 7.08 15.49
N GLY B 706 28.93 8.05 15.06
CA GLY B 706 28.40 9.19 14.34
C GLY B 706 29.27 10.42 14.51
N ALA B 707 29.21 11.30 13.52
CA ALA B 707 29.98 12.54 13.55
C ALA B 707 31.47 12.25 13.75
N GLY B 708 31.97 11.23 13.04
CA GLY B 708 33.38 10.93 13.08
C GLY B 708 33.88 10.47 14.43
N ILE B 709 33.17 9.53 15.05
CA ILE B 709 33.61 8.89 16.28
C ILE B 709 33.39 7.39 16.13
N CYS B 710 34.36 6.62 16.60
CA CYS B 710 34.25 5.17 16.62
C CYS B 710 34.73 4.64 17.95
N ALA B 711 34.09 3.58 18.43
CA ALA B 711 34.41 2.98 19.72
C ALA B 711 34.85 1.54 19.53
N SER B 712 35.73 1.08 20.41
CA SER B 712 36.26 -0.28 20.32
C SER B 712 36.70 -0.74 21.69
N TYR B 713 36.92 -2.05 21.81
CA TYR B 713 37.31 -2.68 23.06
C TYR B 713 38.78 -3.05 23.02
N GLN B 714 39.53 -2.61 24.04
CA GLN B 714 40.95 -2.87 24.11
C GLN B 714 41.40 -2.71 25.55
N THR B 715 42.70 -2.89 25.77
CA THR B 715 43.29 -2.76 27.09
C THR B 715 43.30 -1.29 27.54
N SER B 728 43.60 -3.53 32.33
CA SER B 728 42.92 -2.26 32.07
C SER B 728 41.98 -2.39 30.88
N GLN B 729 41.25 -3.50 30.82
CA GLN B 729 40.35 -3.75 29.71
C GLN B 729 39.09 -2.91 29.87
N SER B 730 38.67 -2.25 28.80
CA SER B 730 37.49 -1.41 28.83
C SER B 730 37.15 -1.00 27.40
N ILE B 731 36.04 -0.29 27.25
CA ILE B 731 35.60 0.22 25.96
C ILE B 731 36.03 1.68 25.86
N ILE B 732 36.61 2.05 24.72
CA ILE B 732 37.13 3.38 24.51
C ILE B 732 36.47 4.00 23.29
N ALA B 733 36.49 5.33 23.25
CA ALA B 733 35.97 6.10 22.13
C ALA B 733 37.04 7.06 21.64
N TYR B 734 37.07 7.28 20.34
CA TYR B 734 38.13 8.08 19.73
C TYR B 734 37.63 8.60 18.39
N THR B 735 38.39 9.52 17.81
CA THR B 735 38.08 10.04 16.48
C THR B 735 38.75 9.18 15.43
N MET B 736 37.96 8.70 14.48
CA MET B 736 38.50 7.83 13.45
C MET B 736 39.66 8.50 12.74
N SER B 737 40.51 7.69 12.12
CA SER B 737 41.65 8.17 11.36
C SER B 737 41.50 7.72 9.91
N LEU B 738 41.63 8.67 8.98
CA LEU B 738 41.44 8.35 7.58
C LEU B 738 42.46 7.35 7.08
N GLY B 739 43.72 7.53 7.46
CA GLY B 739 44.76 6.60 7.02
C GLY B 739 46.13 7.15 7.37
N ALA B 740 47.13 6.37 6.99
CA ALA B 740 48.52 6.74 7.26
C ALA B 740 48.94 7.84 6.31
N GLU B 741 49.40 8.96 6.86
CA GLU B 741 49.83 10.07 6.03
C GLU B 741 51.07 9.69 5.24
N ASN B 742 51.16 10.21 4.02
CA ASN B 742 52.30 9.97 3.17
C ASN B 742 52.57 11.23 2.34
N SER B 743 53.85 11.49 2.08
CA SER B 743 54.27 12.66 1.32
C SER B 743 55.12 12.18 0.15
N VAL B 744 54.61 12.33 -1.07
CA VAL B 744 55.36 11.91 -2.24
C VAL B 744 56.51 12.87 -2.48
N ALA B 745 57.55 12.38 -3.15
CA ALA B 745 58.81 13.11 -3.32
C ALA B 745 58.88 13.81 -4.66
N TYR B 746 57.75 14.33 -5.13
CA TYR B 746 57.69 14.89 -6.48
C TYR B 746 58.72 15.99 -6.66
N SER B 747 59.44 15.93 -7.78
CA SER B 747 60.29 17.01 -8.22
C SER B 747 60.05 17.17 -9.72
N ASN B 748 60.71 18.16 -10.32
CA ASN B 748 60.46 18.45 -11.72
C ASN B 748 61.36 17.66 -12.67
N ASN B 749 62.35 16.94 -12.17
CA ASN B 749 63.21 16.13 -13.03
C ASN B 749 63.54 14.80 -12.36
N SER B 750 62.56 14.15 -11.76
CA SER B 750 62.79 12.89 -11.06
C SER B 750 61.60 11.97 -11.26
N ILE B 751 61.87 10.72 -11.65
CA ILE B 751 60.83 9.72 -11.84
C ILE B 751 61.30 8.40 -11.23
N ALA B 752 60.33 7.55 -10.93
CA ALA B 752 60.57 6.23 -10.36
C ALA B 752 59.83 5.19 -11.19
N ILE B 753 60.51 4.09 -11.50
CA ILE B 753 59.91 3.05 -12.33
C ILE B 753 60.11 1.70 -11.65
N PRO B 754 59.17 0.76 -11.78
CA PRO B 754 59.32 -0.54 -11.12
C PRO B 754 60.38 -1.39 -11.78
N THR B 755 60.80 -2.43 -11.06
CA THR B 755 61.74 -3.41 -11.59
C THR B 755 61.30 -4.85 -11.38
N ASN B 756 60.38 -5.12 -10.46
CA ASN B 756 59.90 -6.48 -10.20
C ASN B 756 58.39 -6.41 -10.06
N PHE B 757 57.71 -7.42 -10.55
CA PHE B 757 56.25 -7.44 -10.58
C PHE B 757 55.73 -8.58 -9.70
N THR B 758 54.41 -8.58 -9.53
CA THR B 758 53.74 -9.66 -8.82
C THR B 758 52.34 -9.83 -9.39
N ILE B 759 51.82 -11.04 -9.29
CA ILE B 759 50.49 -11.37 -9.77
C ILE B 759 49.60 -11.68 -8.57
N SER B 760 48.38 -11.16 -8.60
CA SER B 760 47.44 -11.33 -7.51
C SER B 760 46.09 -11.73 -8.05
N VAL B 761 45.28 -12.36 -7.21
CA VAL B 761 43.95 -12.81 -7.57
C VAL B 761 42.99 -12.46 -6.45
N THR B 762 41.81 -11.96 -6.80
CA THR B 762 40.81 -11.54 -5.83
C THR B 762 39.46 -12.09 -6.23
N THR B 763 38.56 -12.18 -5.24
CA THR B 763 37.22 -12.69 -5.46
C THR B 763 36.23 -11.55 -5.67
N GLU B 764 35.00 -11.92 -6.00
CA GLU B 764 33.91 -10.97 -6.13
C GLU B 764 32.58 -11.72 -6.18
N ILE B 765 31.69 -11.46 -5.23
CA ILE B 765 30.43 -12.19 -5.11
C ILE B 765 29.29 -11.27 -5.50
N LEU B 766 28.40 -11.77 -6.36
CA LEU B 766 27.28 -10.98 -6.85
C LEU B 766 26.02 -11.84 -6.84
N PRO B 767 24.92 -11.36 -6.26
CA PRO B 767 23.66 -12.10 -6.38
C PRO B 767 23.15 -12.08 -7.81
N VAL B 768 22.33 -13.08 -8.13
CA VAL B 768 21.74 -13.17 -9.46
C VAL B 768 20.23 -13.30 -9.36
N SER B 769 19.75 -14.24 -8.55
CA SER B 769 18.32 -14.50 -8.48
C SER B 769 17.94 -14.92 -7.07
N MET B 770 16.65 -14.75 -6.75
CA MET B 770 16.12 -15.16 -5.46
C MET B 770 14.99 -16.16 -5.68
N THR B 771 14.60 -16.83 -4.60
CA THR B 771 13.62 -17.90 -4.70
C THR B 771 12.30 -17.38 -5.24
N LYS B 772 11.72 -18.12 -6.17
CA LYS B 772 10.38 -17.81 -6.64
C LYS B 772 9.36 -18.15 -5.56
N THR B 773 8.19 -17.53 -5.65
CA THR B 773 7.10 -17.84 -4.75
C THR B 773 5.78 -17.62 -5.46
N SER B 774 4.73 -18.23 -4.92
CA SER B 774 3.38 -18.03 -5.40
C SER B 774 2.43 -18.28 -4.24
N VAL B 775 1.32 -17.54 -4.22
CA VAL B 775 0.42 -17.52 -3.07
C VAL B 775 -1.01 -17.70 -3.54
N ASP B 776 -1.77 -18.50 -2.81
CA ASP B 776 -3.20 -18.66 -3.05
C ASP B 776 -3.93 -17.65 -2.18
N CYS B 777 -4.34 -16.54 -2.80
CA CYS B 777 -4.93 -15.43 -2.05
C CYS B 777 -6.15 -15.89 -1.27
N THR B 778 -7.07 -16.58 -1.94
CA THR B 778 -8.31 -16.97 -1.28
C THR B 778 -8.04 -17.92 -0.13
N MET B 779 -7.23 -18.95 -0.36
CA MET B 779 -6.93 -19.89 0.72
C MET B 779 -6.31 -19.16 1.90
N TYR B 780 -5.31 -18.33 1.64
CA TYR B 780 -4.60 -17.65 2.73
C TYR B 780 -5.55 -16.78 3.54
N ILE B 781 -6.36 -15.96 2.87
CA ILE B 781 -7.21 -15.02 3.60
C ILE B 781 -8.34 -15.75 4.31
N CYS B 782 -9.02 -16.65 3.60
CA CYS B 782 -10.27 -17.21 4.08
C CYS B 782 -10.22 -18.74 4.13
N GLY B 783 -9.14 -19.29 4.69
CA GLY B 783 -8.97 -20.73 4.68
C GLY B 783 -10.19 -21.49 5.12
N ASP B 784 -10.83 -22.17 4.18
CA ASP B 784 -11.96 -23.05 4.48
C ASP B 784 -13.10 -22.30 5.18
N SER B 785 -13.68 -21.33 4.46
CA SER B 785 -14.83 -20.59 4.99
C SER B 785 -15.62 -20.04 3.80
N THR B 786 -16.77 -20.67 3.54
CA THR B 786 -17.61 -20.22 2.43
C THR B 786 -18.08 -18.79 2.64
N GLU B 787 -18.48 -18.46 3.88
CA GLU B 787 -18.93 -17.11 4.17
C GLU B 787 -17.81 -16.10 3.93
N CYS B 788 -16.60 -16.43 4.38
CA CYS B 788 -15.48 -15.54 4.15
C CYS B 788 -15.21 -15.35 2.67
N SER B 789 -15.31 -16.42 1.89
CA SER B 789 -15.12 -16.29 0.45
C SER B 789 -16.17 -15.39 -0.16
N ASN B 790 -17.44 -15.57 0.24
CA ASN B 790 -18.49 -14.73 -0.27
C ASN B 790 -18.22 -13.27 0.05
N LEU B 791 -17.80 -12.99 1.28
CA LEU B 791 -17.52 -11.61 1.65
C LEU B 791 -16.36 -11.05 0.84
N LEU B 792 -15.33 -11.86 0.59
CA LEU B 792 -14.20 -11.39 -0.20
C LEU B 792 -14.58 -11.13 -1.65
N LEU B 793 -15.64 -11.78 -2.13
CA LEU B 793 -16.07 -11.54 -3.50
C LEU B 793 -16.39 -10.07 -3.73
N GLN B 794 -16.74 -9.34 -2.68
CA GLN B 794 -17.02 -7.91 -2.83
C GLN B 794 -15.81 -7.19 -3.39
N TYR B 795 -14.65 -7.37 -2.76
CA TYR B 795 -13.43 -6.75 -3.27
C TYR B 795 -13.04 -7.36 -4.62
N GLY B 796 -12.98 -8.68 -4.69
CA GLY B 796 -12.79 -9.33 -5.98
C GLY B 796 -11.36 -9.39 -6.51
N SER B 797 -11.06 -8.55 -7.50
CA SER B 797 -9.90 -8.72 -8.37
C SER B 797 -8.55 -8.57 -7.65
N PHE B 798 -8.54 -8.33 -6.34
CA PHE B 798 -7.26 -8.16 -5.66
C PHE B 798 -6.40 -9.42 -5.79
N CYS B 799 -7.01 -10.59 -5.62
CA CYS B 799 -6.25 -11.83 -5.72
C CYS B 799 -5.64 -11.97 -7.11
N THR B 800 -6.40 -11.64 -8.14
CA THR B 800 -5.86 -11.75 -9.50
C THR B 800 -4.68 -10.80 -9.69
N GLN B 801 -4.80 -9.57 -9.20
CA GLN B 801 -3.69 -8.63 -9.34
C GLN B 801 -2.44 -9.17 -8.67
N LEU B 802 -2.58 -9.67 -7.44
CA LEU B 802 -1.42 -10.17 -6.71
C LEU B 802 -0.79 -11.34 -7.46
N ASN B 803 -1.61 -12.28 -7.93
CA ASN B 803 -1.06 -13.42 -8.64
C ASN B 803 -0.32 -12.98 -9.90
N ARG B 804 -0.87 -12.01 -10.62
CA ARG B 804 -0.18 -11.54 -11.82
C ARG B 804 1.17 -10.96 -11.48
N ALA B 805 1.24 -10.14 -10.44
CA ALA B 805 2.52 -9.53 -10.07
C ALA B 805 3.54 -10.60 -9.70
N LEU B 806 3.13 -11.57 -8.88
CA LEU B 806 4.06 -12.59 -8.45
C LEU B 806 4.53 -13.45 -9.62
N THR B 807 3.62 -13.74 -10.56
CA THR B 807 4.04 -14.48 -11.75
C THR B 807 5.07 -13.70 -12.55
N GLY B 808 4.87 -12.39 -12.68
CA GLY B 808 5.86 -11.59 -13.37
C GLY B 808 7.24 -11.70 -12.72
N ILE B 809 7.27 -11.59 -11.40
CA ILE B 809 8.55 -11.72 -10.70
C ILE B 809 9.17 -13.09 -10.96
N ALA B 810 8.35 -14.13 -10.86
CA ALA B 810 8.87 -15.48 -11.02
C ALA B 810 9.51 -15.68 -12.38
N VAL B 811 8.86 -15.19 -13.44
CA VAL B 811 9.45 -15.31 -14.77
C VAL B 811 10.73 -14.49 -14.85
N GLU B 812 10.73 -13.30 -14.26
CA GLU B 812 11.92 -12.46 -14.32
C GLU B 812 13.14 -13.18 -13.75
N GLN B 813 12.93 -13.99 -12.70
CA GLN B 813 14.08 -14.67 -12.09
C GLN B 813 14.78 -15.59 -13.09
N ASP B 814 14.00 -16.43 -13.78
CA ASP B 814 14.59 -17.33 -14.77
C ASP B 814 15.23 -16.54 -15.89
N LYS B 815 14.60 -15.44 -16.30
CA LYS B 815 15.22 -14.60 -17.32
C LYS B 815 16.59 -14.12 -16.86
N ASN B 816 16.69 -13.71 -15.59
CA ASN B 816 17.97 -13.24 -15.06
C ASN B 816 19.03 -14.32 -15.16
N THR B 817 18.71 -15.52 -14.67
CA THR B 817 19.72 -16.58 -14.67
C THR B 817 20.15 -16.91 -16.09
N GLN B 818 19.18 -17.04 -17.00
CA GLN B 818 19.50 -17.36 -18.38
C GLN B 818 20.42 -16.30 -18.97
N GLU B 819 20.07 -15.04 -18.80
CA GLU B 819 20.86 -13.96 -19.38
C GLU B 819 22.28 -13.97 -18.84
N VAL B 820 22.43 -14.17 -17.53
CA VAL B 820 23.76 -14.11 -16.94
C VAL B 820 24.63 -15.25 -17.42
N PHE B 821 24.10 -16.47 -17.45
CA PHE B 821 24.94 -17.64 -17.64
C PHE B 821 25.01 -18.14 -19.09
N ALA B 822 23.89 -18.21 -19.78
CA ALA B 822 23.85 -18.82 -21.12
C ALA B 822 24.44 -17.85 -22.12
N GLN B 823 25.75 -17.99 -22.38
CA GLN B 823 26.43 -17.13 -23.33
C GLN B 823 27.34 -17.90 -24.27
N VAL B 824 27.19 -19.23 -24.36
CA VAL B 824 28.00 -20.05 -25.24
C VAL B 824 27.08 -20.89 -26.10
N LYS B 825 27.27 -20.82 -27.41
CA LYS B 825 26.46 -21.62 -28.32
C LYS B 825 26.75 -23.10 -28.16
N GLN B 826 28.02 -23.46 -28.06
CA GLN B 826 28.43 -24.85 -27.90
C GLN B 826 29.13 -25.02 -26.55
N ILE B 827 29.05 -26.24 -26.02
CA ILE B 827 29.70 -26.55 -24.75
C ILE B 827 31.00 -27.26 -25.08
N TYR B 828 32.12 -26.58 -24.85
CA TYR B 828 33.44 -27.15 -25.09
C TYR B 828 33.85 -28.03 -23.92
N LYS B 829 34.89 -28.83 -24.13
CA LYS B 829 35.42 -29.69 -23.09
C LYS B 829 36.94 -29.68 -23.16
N THR B 830 37.57 -29.66 -21.99
CA THR B 830 39.01 -29.59 -21.92
C THR B 830 39.65 -30.86 -22.48
N PRO B 831 40.83 -30.76 -23.07
CA PRO B 831 41.50 -31.94 -23.61
C PRO B 831 42.01 -32.83 -22.49
N PRO B 832 42.34 -34.09 -22.80
CA PRO B 832 42.76 -35.02 -21.74
C PRO B 832 44.01 -34.58 -20.99
N ILE B 833 44.96 -33.95 -21.67
CA ILE B 833 46.26 -33.66 -21.08
C ILE B 833 46.30 -32.20 -20.65
N LYS B 834 46.70 -31.97 -19.41
CA LYS B 834 46.74 -30.61 -18.85
C LYS B 834 48.17 -30.06 -18.93
N ASP B 835 48.62 -29.87 -20.17
CA ASP B 835 49.95 -29.33 -20.44
C ASP B 835 49.85 -27.84 -20.77
N PHE B 836 49.46 -27.07 -19.75
CA PHE B 836 49.24 -25.63 -19.92
C PHE B 836 50.48 -24.81 -19.57
N GLY B 837 51.62 -25.16 -20.15
CA GLY B 837 52.81 -24.34 -20.00
C GLY B 837 53.25 -24.12 -18.57
N GLY B 838 52.90 -25.02 -17.67
CA GLY B 838 53.33 -24.94 -16.28
C GLY B 838 52.28 -24.45 -15.32
N PHE B 839 51.21 -23.82 -15.81
CA PHE B 839 50.12 -23.42 -14.94
C PHE B 839 49.36 -24.65 -14.46
N ASN B 840 48.49 -24.45 -13.47
CA ASN B 840 47.85 -25.57 -12.78
C ASN B 840 46.42 -25.16 -12.41
N PHE B 841 45.45 -25.65 -13.18
CA PHE B 841 44.05 -25.31 -12.98
C PHE B 841 43.27 -26.43 -12.30
N SER B 842 43.95 -27.43 -11.73
CA SER B 842 43.24 -28.56 -11.17
C SER B 842 42.26 -28.14 -10.08
N GLN B 843 42.53 -27.02 -9.40
CA GLN B 843 41.68 -26.58 -8.31
C GLN B 843 40.35 -25.98 -8.77
N ILE B 844 40.17 -25.74 -10.07
CA ILE B 844 38.95 -25.11 -10.56
C ILE B 844 38.25 -25.92 -11.62
N LEU B 845 38.93 -26.81 -12.34
CA LEU B 845 38.28 -27.58 -13.37
C LEU B 845 37.46 -28.71 -12.76
N PRO B 846 36.44 -29.21 -13.47
CA PRO B 846 35.61 -30.27 -12.90
C PRO B 846 36.41 -31.53 -12.61
N ASP B 847 35.99 -32.25 -11.58
CA ASP B 847 36.59 -33.54 -11.23
C ASP B 847 35.59 -34.65 -11.52
N PRO B 848 35.78 -35.46 -12.56
CA PRO B 848 34.81 -36.51 -12.87
C PRO B 848 34.67 -37.54 -11.75
N SER B 849 35.68 -37.68 -10.89
CA SER B 849 35.61 -38.70 -9.86
C SER B 849 34.43 -38.48 -8.92
N LYS B 850 34.21 -37.23 -8.51
CA LYS B 850 33.10 -36.95 -7.62
C LYS B 850 31.78 -37.26 -8.34
N PRO B 851 30.81 -37.87 -7.66
CA PRO B 851 29.53 -38.12 -8.33
C PRO B 851 28.86 -36.85 -8.81
N SER B 852 28.97 -35.77 -8.05
CA SER B 852 28.52 -34.45 -8.48
C SER B 852 29.66 -33.77 -9.22
N LYS B 853 29.40 -33.37 -10.46
CA LYS B 853 30.44 -32.81 -11.32
C LYS B 853 30.60 -31.33 -11.03
N ARG B 854 31.28 -31.04 -9.91
CA ARG B 854 31.58 -29.68 -9.52
C ARG B 854 33.04 -29.61 -9.08
N SER B 855 33.63 -28.44 -9.23
CA SER B 855 35.03 -28.27 -8.90
C SER B 855 35.20 -28.04 -7.40
N PHE B 856 36.46 -28.05 -6.97
CA PHE B 856 36.77 -27.93 -5.56
C PHE B 856 36.20 -26.64 -4.98
N ILE B 857 36.42 -25.52 -5.66
CA ILE B 857 35.97 -24.24 -5.14
C ILE B 857 34.45 -24.19 -5.10
N GLU B 858 33.79 -24.71 -6.12
CA GLU B 858 32.33 -24.71 -6.13
C GLU B 858 31.79 -25.52 -4.96
N ASP B 859 32.40 -26.68 -4.68
CA ASP B 859 31.98 -27.48 -3.54
C ASP B 859 32.19 -26.70 -2.23
N LEU B 860 33.34 -26.04 -2.10
CA LEU B 860 33.58 -25.24 -0.90
C LEU B 860 32.48 -24.21 -0.71
N LEU B 861 32.15 -23.48 -1.77
CA LEU B 861 31.12 -22.45 -1.65
C LEU B 861 29.78 -23.05 -1.26
N PHE B 862 29.41 -24.16 -1.90
CA PHE B 862 28.12 -24.78 -1.61
C PHE B 862 28.04 -25.21 -0.15
N ASN B 863 29.12 -25.79 0.37
CA ASN B 863 29.13 -26.14 1.79
C ASN B 863 29.06 -24.91 2.67
N LYS B 864 29.79 -23.86 2.32
CA LYS B 864 29.84 -22.67 3.16
C LYS B 864 28.46 -22.05 3.31
N VAL B 865 27.73 -21.91 2.22
CA VAL B 865 26.40 -21.29 2.30
C VAL B 865 25.48 -22.19 3.10
N LYS B 893 4.90 -24.14 2.73
CA LYS B 893 4.05 -25.04 1.95
C LYS B 893 2.79 -25.41 2.72
N PHE B 894 2.73 -25.03 3.99
CA PHE B 894 1.66 -25.46 4.88
C PHE B 894 0.57 -24.43 5.09
N ASN B 895 0.66 -23.26 4.45
CA ASN B 895 -0.40 -22.25 4.60
C ASN B 895 -0.68 -21.56 3.28
N GLY B 896 -0.68 -22.31 2.18
CA GLY B 896 -0.99 -21.70 0.89
C GLY B 896 0.14 -20.94 0.26
N LEU B 897 1.37 -21.17 0.68
CA LEU B 897 2.55 -20.54 0.09
C LEU B 897 3.38 -21.62 -0.57
N THR B 898 3.66 -21.46 -1.85
CA THR B 898 4.41 -22.43 -2.62
C THR B 898 5.70 -21.83 -3.11
N VAL B 899 6.71 -22.69 -3.30
CA VAL B 899 7.99 -22.29 -3.87
C VAL B 899 8.19 -23.08 -5.15
N LEU B 900 8.39 -22.37 -6.25
CA LEU B 900 8.55 -23.06 -7.52
C LEU B 900 10.03 -23.34 -7.79
N PRO B 901 10.38 -24.53 -8.29
CA PRO B 901 11.78 -24.82 -8.53
C PRO B 901 12.31 -24.02 -9.69
N PRO B 902 13.61 -23.74 -9.72
CA PRO B 902 14.18 -22.99 -10.85
C PRO B 902 14.17 -23.81 -12.12
N LEU B 903 14.17 -23.10 -13.25
CA LEU B 903 14.16 -23.80 -14.54
C LEU B 903 15.45 -24.56 -14.77
N LEU B 904 16.59 -23.97 -14.45
CA LEU B 904 17.89 -24.58 -14.70
C LEU B 904 18.41 -25.19 -13.41
N THR B 905 18.82 -26.44 -13.47
CA THR B 905 19.32 -27.13 -12.30
C THR B 905 20.81 -26.88 -12.11
N ASP B 906 21.29 -27.19 -10.91
CA ASP B 906 22.69 -26.93 -10.59
C ASP B 906 23.62 -27.69 -11.53
N GLU B 907 23.20 -28.87 -12.01
CA GLU B 907 24.03 -29.58 -12.97
C GLU B 907 24.19 -28.80 -14.25
N MET B 908 23.09 -28.20 -14.74
CA MET B 908 23.19 -27.39 -15.94
C MET B 908 24.06 -26.16 -15.69
N ILE B 909 23.93 -25.54 -14.53
CA ILE B 909 24.77 -24.40 -14.23
C ILE B 909 26.24 -24.80 -14.23
N ALA B 910 26.55 -25.93 -13.62
CA ALA B 910 27.94 -26.40 -13.58
C ALA B 910 28.46 -26.68 -14.98
N GLN B 911 27.62 -27.29 -15.83
CA GLN B 911 28.04 -27.56 -17.20
C GLN B 911 28.33 -26.26 -17.93
N TYR B 912 27.47 -25.26 -17.78
CA TYR B 912 27.71 -23.98 -18.44
C TYR B 912 29.02 -23.36 -17.99
N THR B 913 29.25 -23.35 -16.67
CA THR B 913 30.47 -22.74 -16.16
C THR B 913 31.71 -23.49 -16.66
N SER B 914 31.66 -24.82 -16.66
CA SER B 914 32.79 -25.59 -17.14
C SER B 914 33.05 -25.32 -18.61
N ALA B 915 31.99 -25.22 -19.41
CA ALA B 915 32.17 -24.92 -20.82
C ALA B 915 32.87 -23.58 -20.99
N LEU B 916 32.41 -22.56 -20.26
CA LEU B 916 33.04 -21.25 -20.36
C LEU B 916 34.51 -21.32 -20.02
N LEU B 917 34.83 -21.99 -18.90
CA LEU B 917 36.21 -22.02 -18.44
C LEU B 917 37.11 -22.75 -19.43
N ALA B 918 36.65 -23.90 -19.94
CA ALA B 918 37.46 -24.66 -20.89
C ALA B 918 37.68 -23.87 -22.17
N GLY B 919 36.62 -23.26 -22.69
CA GLY B 919 36.78 -22.44 -23.87
C GLY B 919 37.79 -21.34 -23.66
N THR B 920 37.73 -20.67 -22.51
CA THR B 920 38.71 -19.64 -22.21
C THR B 920 40.12 -20.20 -22.26
N ILE B 921 40.41 -21.16 -21.38
CA ILE B 921 41.81 -21.59 -21.26
C ILE B 921 42.33 -22.24 -22.52
N THR B 922 41.47 -22.67 -23.44
CA THR B 922 41.96 -23.28 -24.67
C THR B 922 41.96 -22.35 -25.87
N SER B 923 41.22 -21.24 -25.84
CA SER B 923 41.15 -20.40 -27.03
C SER B 923 41.16 -18.90 -26.75
N GLY B 924 41.60 -18.47 -25.58
CA GLY B 924 41.68 -17.03 -25.35
C GLY B 924 40.31 -16.39 -25.44
N TRP B 925 40.20 -15.37 -26.28
CA TRP B 925 38.95 -14.64 -26.44
C TRP B 925 38.30 -14.84 -27.80
N THR B 926 38.92 -15.62 -28.69
CA THR B 926 38.38 -15.74 -30.04
C THR B 926 36.98 -16.36 -30.01
N PHE B 927 36.77 -17.36 -29.16
CA PHE B 927 35.47 -18.02 -29.11
C PHE B 927 34.37 -17.06 -28.70
N GLY B 928 34.72 -15.92 -28.10
CA GLY B 928 33.71 -14.93 -27.78
C GLY B 928 33.22 -14.15 -28.98
N ALA B 929 34.01 -14.13 -30.06
CA ALA B 929 33.64 -13.41 -31.27
C ALA B 929 33.21 -14.33 -32.41
N GLY B 930 33.75 -15.54 -32.48
CA GLY B 930 33.40 -16.44 -33.57
C GLY B 930 33.65 -17.89 -33.23
N ALA B 931 34.16 -18.64 -34.20
CA ALA B 931 34.52 -20.03 -33.95
C ALA B 931 35.76 -20.12 -33.08
N ALA B 932 35.81 -21.12 -32.21
CA ALA B 932 36.94 -21.29 -31.32
C ALA B 932 38.20 -21.60 -32.10
N LEU B 933 39.31 -21.00 -31.66
CA LEU B 933 40.61 -21.20 -32.29
C LEU B 933 41.63 -21.51 -31.20
N GLN B 934 42.39 -22.59 -31.39
CA GLN B 934 43.35 -23.01 -30.39
C GLN B 934 44.59 -22.12 -30.42
N ILE B 935 45.28 -22.06 -29.28
CA ILE B 935 46.46 -21.22 -29.12
C ILE B 935 47.16 -21.64 -27.83
N PRO B 936 48.46 -21.88 -27.84
CA PRO B 936 49.13 -22.29 -26.60
C PRO B 936 49.01 -21.23 -25.50
N PHE B 937 48.94 -21.69 -24.25
CA PHE B 937 48.72 -20.78 -23.14
C PHE B 937 49.86 -19.77 -22.99
N ALA B 938 51.10 -20.18 -23.24
CA ALA B 938 52.18 -19.23 -23.18
C ALA B 938 51.97 -18.11 -24.19
N MET B 939 51.53 -18.46 -25.40
CA MET B 939 51.24 -17.44 -26.40
C MET B 939 50.12 -16.52 -25.92
N GLN B 940 49.09 -17.08 -25.30
CA GLN B 940 47.99 -16.24 -24.83
C GLN B 940 48.46 -15.27 -23.77
N MET B 941 49.28 -15.73 -22.83
CA MET B 941 49.83 -14.84 -21.82
C MET B 941 50.67 -13.74 -22.47
N ALA B 942 51.47 -14.10 -23.47
CA ALA B 942 52.27 -13.09 -24.13
C ALA B 942 51.40 -12.02 -24.76
N TYR B 943 50.30 -12.44 -25.39
CA TYR B 943 49.39 -11.46 -26.00
C TYR B 943 48.79 -10.56 -24.93
N ARG B 944 48.38 -11.13 -23.79
CA ARG B 944 47.79 -10.29 -22.74
C ARG B 944 48.81 -9.28 -22.22
N PHE B 945 50.03 -9.71 -21.94
CA PHE B 945 51.06 -8.80 -21.49
C PHE B 945 51.27 -7.68 -22.51
N ASN B 946 51.41 -8.05 -23.78
CA ASN B 946 51.51 -7.02 -24.81
C ASN B 946 50.32 -6.09 -24.77
N GLY B 947 49.17 -6.61 -24.36
CA GLY B 947 47.98 -5.77 -24.27
C GLY B 947 48.11 -4.70 -23.21
N ILE B 948 48.61 -5.05 -22.02
CA ILE B 948 48.66 -4.07 -20.95
C ILE B 948 49.87 -3.15 -21.03
N GLY B 949 50.68 -3.27 -22.07
CA GLY B 949 51.79 -2.37 -22.28
C GLY B 949 53.14 -2.86 -21.82
N VAL B 950 53.41 -4.17 -21.89
CA VAL B 950 54.69 -4.74 -21.50
C VAL B 950 55.14 -5.68 -22.61
N THR B 951 56.41 -5.59 -22.98
CA THR B 951 56.94 -6.40 -24.05
C THR B 951 56.83 -7.88 -23.71
N GLN B 952 56.95 -8.73 -24.73
CA GLN B 952 56.74 -10.16 -24.56
C GLN B 952 57.93 -10.85 -23.91
N ASN B 953 59.15 -10.40 -24.19
CA ASN B 953 60.31 -11.09 -23.66
C ASN B 953 60.24 -11.20 -22.15
N VAL B 954 59.57 -10.26 -21.49
CA VAL B 954 59.44 -10.33 -20.05
C VAL B 954 58.79 -11.65 -19.64
N LEU B 955 57.65 -11.96 -20.25
CA LEU B 955 56.98 -13.22 -19.94
C LEU B 955 57.81 -14.41 -20.42
N TYR B 956 58.33 -14.33 -21.64
CA TYR B 956 59.03 -15.50 -22.15
C TYR B 956 60.30 -15.80 -21.35
N GLU B 957 60.76 -14.87 -20.52
CA GLU B 957 61.91 -15.12 -19.68
C GLU B 957 61.56 -15.37 -18.22
N ASN B 958 60.38 -14.95 -17.76
CA ASN B 958 59.96 -15.20 -16.38
C ASN B 958 58.76 -16.13 -16.30
N GLN B 959 58.61 -17.00 -17.31
CA GLN B 959 57.52 -17.97 -17.31
C GLN B 959 57.45 -18.77 -16.01
N LYS B 960 58.58 -19.35 -15.59
CA LYS B 960 58.55 -20.24 -14.42
C LYS B 960 58.14 -19.47 -13.17
N LEU B 961 58.72 -18.30 -12.96
CA LEU B 961 58.39 -17.50 -11.80
C LEU B 961 56.91 -17.13 -11.81
N ILE B 962 56.39 -16.75 -12.96
CA ILE B 962 54.99 -16.36 -13.05
C ILE B 962 54.08 -17.55 -12.73
N ALA B 963 54.43 -18.71 -13.26
CA ALA B 963 53.62 -19.90 -12.97
C ALA B 963 53.61 -20.19 -11.48
N ASN B 964 54.77 -20.14 -10.84
CA ASN B 964 54.82 -20.42 -9.40
C ASN B 964 53.97 -19.41 -8.63
N GLN B 965 54.08 -18.14 -8.99
CA GLN B 965 53.28 -17.13 -8.28
C GLN B 965 51.79 -17.39 -8.45
N PHE B 966 51.36 -17.73 -9.66
CA PHE B 966 49.93 -17.99 -9.88
C PHE B 966 49.46 -19.19 -9.06
N ASN B 967 50.24 -20.27 -9.05
CA ASN B 967 49.84 -21.43 -8.28
C ASN B 967 49.73 -21.10 -6.80
N SER B 968 50.71 -20.37 -6.27
CA SER B 968 50.65 -19.99 -4.87
C SER B 968 49.42 -19.13 -4.60
N ALA B 969 49.08 -18.24 -5.53
CA ALA B 969 47.92 -17.39 -5.34
C ALA B 969 46.65 -18.20 -5.22
N ILE B 970 46.47 -19.20 -6.09
CA ILE B 970 45.24 -20.00 -5.99
C ILE B 970 45.26 -20.83 -4.71
N GLY B 971 46.43 -21.31 -4.29
CA GLY B 971 46.48 -22.01 -3.01
C GLY B 971 46.00 -21.13 -1.88
N LYS B 972 46.49 -19.89 -1.82
CA LYS B 972 46.11 -18.98 -0.75
C LYS B 972 44.62 -18.66 -0.80
N ILE B 973 44.07 -18.43 -1.99
CA ILE B 973 42.65 -18.11 -2.08
C ILE B 973 41.81 -19.27 -1.58
N GLN B 974 42.20 -20.51 -1.95
CA GLN B 974 41.45 -21.67 -1.49
C GLN B 974 41.48 -21.75 0.03
N ASP B 975 42.66 -21.56 0.62
CA ASP B 975 42.76 -21.65 2.08
C ASP B 975 41.94 -20.56 2.76
N SER B 976 42.00 -19.33 2.24
CA SER B 976 41.23 -18.25 2.82
C SER B 976 39.73 -18.55 2.78
N LEU B 977 39.25 -19.05 1.64
CA LEU B 977 37.84 -19.39 1.55
C LEU B 977 37.48 -20.48 2.54
N SER B 978 38.33 -21.50 2.67
CA SER B 978 38.02 -22.59 3.59
C SER B 978 37.96 -22.09 5.03
N SER B 979 38.88 -21.19 5.41
CA SER B 979 38.94 -20.75 6.80
C SER B 979 37.84 -19.75 7.12
N THR B 980 37.81 -18.62 6.42
CA THR B 980 36.89 -17.55 6.77
C THR B 980 35.45 -17.97 6.47
N ALA B 981 34.52 -17.21 7.06
CA ALA B 981 33.10 -17.49 6.90
C ALA B 981 32.27 -16.25 6.61
N SER B 982 32.87 -15.07 6.56
CA SER B 982 32.15 -13.83 6.33
C SER B 982 32.27 -13.32 4.91
N ALA B 983 32.78 -14.14 3.99
CA ALA B 983 32.94 -13.70 2.61
C ALA B 983 31.63 -13.69 1.84
N LEU B 984 30.67 -14.53 2.22
CA LEU B 984 29.42 -14.69 1.49
C LEU B 984 28.28 -13.90 2.14
N GLY B 985 28.61 -12.72 2.66
CA GLY B 985 27.62 -11.91 3.33
C GLY B 985 26.42 -11.60 2.44
N LYS B 986 26.67 -11.29 1.17
CA LYS B 986 25.57 -10.89 0.29
C LYS B 986 24.56 -12.01 0.11
N LEU B 987 25.05 -13.20 -0.26
CA LEU B 987 24.13 -14.32 -0.48
C LEU B 987 23.43 -14.72 0.80
N GLN B 988 24.18 -14.78 1.91
CA GLN B 988 23.55 -15.11 3.17
C GLN B 988 22.46 -14.11 3.52
N ASP B 989 22.73 -12.82 3.27
CA ASP B 989 21.74 -11.79 3.57
C ASP B 989 20.50 -11.95 2.71
N VAL B 990 20.68 -12.26 1.43
CA VAL B 990 19.52 -12.46 0.56
C VAL B 990 18.64 -13.58 1.11
N VAL B 991 19.26 -14.72 1.42
CA VAL B 991 18.48 -15.85 1.91
C VAL B 991 17.77 -15.50 3.20
N ASN B 992 18.49 -14.85 4.13
CA ASN B 992 17.90 -14.49 5.41
C ASN B 992 16.72 -13.55 5.23
N GLN B 993 16.86 -12.57 4.34
CA GLN B 993 15.77 -11.62 4.13
C GLN B 993 14.54 -12.31 3.59
N ASN B 994 14.71 -13.21 2.61
CA ASN B 994 13.55 -13.90 2.07
C ASN B 994 12.86 -14.73 3.15
N ALA B 995 13.65 -15.49 3.92
CA ALA B 995 13.07 -16.33 4.95
C ALA B 995 12.34 -15.48 5.99
N GLN B 996 12.93 -14.35 6.37
CA GLN B 996 12.31 -13.49 7.36
C GLN B 996 11.00 -12.92 6.85
N ALA B 997 10.96 -12.51 5.59
CA ALA B 997 9.72 -11.99 5.03
C ALA B 997 8.62 -13.04 5.08
N LEU B 998 8.93 -14.26 4.66
CA LEU B 998 7.92 -15.31 4.71
C LEU B 998 7.47 -15.58 6.14
N ASN B 999 8.42 -15.61 7.07
CA ASN B 999 8.08 -15.88 8.46
C ASN B 999 7.15 -14.81 9.01
N THR B 1000 7.45 -13.54 8.74
CA THR B 1000 6.58 -12.47 9.22
C THR B 1000 5.19 -12.57 8.60
N LEU B 1001 5.12 -12.86 7.30
CA LEU B 1001 3.82 -12.99 6.68
C LEU B 1001 3.00 -14.08 7.36
N VAL B 1002 3.62 -15.23 7.64
CA VAL B 1002 2.88 -16.29 8.32
C VAL B 1002 2.47 -15.85 9.71
N LYS B 1003 3.37 -15.18 10.44
CA LYS B 1003 3.07 -14.75 11.80
C LYS B 1003 1.94 -13.73 11.84
N GLN B 1004 1.69 -13.02 10.75
CA GLN B 1004 0.63 -12.02 10.75
C GLN B 1004 -0.75 -12.61 10.94
N LEU B 1005 -0.92 -13.93 10.78
CA LEU B 1005 -2.24 -14.54 10.87
C LEU B 1005 -2.76 -14.64 12.29
N SER B 1006 -1.94 -14.35 13.30
CA SER B 1006 -2.34 -14.51 14.69
C SER B 1006 -2.84 -13.22 15.32
N SER B 1007 -2.98 -12.15 14.55
CA SER B 1007 -3.36 -10.86 15.10
C SER B 1007 -4.88 -10.68 15.08
N ASN B 1008 -5.38 -9.98 16.08
CA ASN B 1008 -6.81 -9.73 16.18
C ASN B 1008 -7.28 -8.66 15.20
N PHE B 1009 -6.43 -7.71 14.85
CA PHE B 1009 -6.80 -6.59 13.99
C PHE B 1009 -8.01 -5.85 14.50
N GLY B 1010 -8.26 -5.91 15.81
CA GLY B 1010 -9.43 -5.30 16.41
C GLY B 1010 -10.62 -6.22 16.54
N ALA B 1011 -10.57 -7.42 15.98
CA ALA B 1011 -11.64 -8.38 16.15
C ALA B 1011 -11.54 -9.05 17.51
N ILE B 1012 -12.62 -9.72 17.91
CA ILE B 1012 -12.66 -10.34 19.23
C ILE B 1012 -11.69 -11.51 19.31
N SER B 1013 -11.55 -12.26 18.22
CA SER B 1013 -10.68 -13.42 18.20
C SER B 1013 -10.08 -13.58 16.81
N SER B 1014 -8.99 -14.33 16.73
CA SER B 1014 -8.28 -14.55 15.48
C SER B 1014 -8.62 -15.89 14.84
N VAL B 1015 -9.61 -16.60 15.36
CA VAL B 1015 -10.02 -17.90 14.84
C VAL B 1015 -11.38 -17.74 14.18
N LEU B 1016 -11.42 -17.94 12.87
CA LEU B 1016 -12.65 -17.72 12.12
C LEU B 1016 -13.75 -18.67 12.58
N ASN B 1017 -13.42 -19.95 12.75
CA ASN B 1017 -14.40 -20.91 13.22
C ASN B 1017 -14.90 -20.55 14.61
N ASP B 1018 -13.99 -20.09 15.48
CA ASP B 1018 -14.40 -19.69 16.82
C ASP B 1018 -15.40 -18.53 16.75
N ILE B 1019 -15.12 -17.53 15.93
CA ILE B 1019 -16.05 -16.41 15.80
C ILE B 1019 -17.39 -16.90 15.30
N LEU B 1020 -17.36 -17.77 14.28
CA LEU B 1020 -18.61 -18.24 13.69
C LEU B 1020 -19.44 -19.00 14.71
N SER B 1021 -18.81 -19.88 15.49
CA SER B 1021 -19.54 -20.67 16.47
C SER B 1021 -19.92 -19.88 17.70
N ARG B 1022 -19.27 -18.74 17.95
CA ARG B 1022 -19.56 -17.95 19.14
C ARG B 1022 -20.66 -16.93 18.86
N LEU B 1023 -20.46 -16.04 17.90
CA LEU B 1023 -21.37 -14.94 17.68
C LEU B 1023 -22.41 -15.30 16.62
N ASP B 1024 -23.44 -14.45 16.52
CA ASP B 1024 -24.53 -14.64 15.60
C ASP B 1024 -24.33 -13.79 14.33
N PRO B 1025 -25.22 -13.91 13.35
CA PRO B 1025 -24.94 -13.33 12.02
C PRO B 1025 -25.26 -11.84 11.94
N PRO B 1026 -24.56 -11.03 12.69
CA PRO B 1026 -24.29 -9.67 12.23
C PRO B 1026 -22.95 -9.19 12.77
N GLU B 1027 -22.76 -9.25 14.09
CA GLU B 1027 -21.41 -9.09 14.61
C GLU B 1027 -20.47 -10.14 14.05
N ALA B 1028 -20.97 -11.35 13.76
CA ALA B 1028 -20.10 -12.34 13.14
C ALA B 1028 -19.49 -11.81 11.85
N GLU B 1029 -20.34 -11.30 10.95
CA GLU B 1029 -19.82 -10.79 9.70
C GLU B 1029 -19.01 -9.51 9.90
N VAL B 1030 -19.34 -8.72 10.92
CA VAL B 1030 -18.53 -7.54 11.19
C VAL B 1030 -17.10 -7.95 11.52
N GLN B 1031 -16.94 -8.90 12.43
CA GLN B 1031 -15.60 -9.37 12.79
C GLN B 1031 -14.91 -9.97 11.58
N ILE B 1032 -15.64 -10.75 10.78
CA ILE B 1032 -15.03 -11.35 9.60
C ILE B 1032 -14.52 -10.26 8.67
N ASP B 1033 -15.29 -9.19 8.49
CA ASP B 1033 -14.84 -8.10 7.63
C ASP B 1033 -13.57 -7.46 8.17
N ARG B 1034 -13.51 -7.25 9.49
CA ARG B 1034 -12.30 -6.67 10.07
C ARG B 1034 -11.08 -7.52 9.78
N LEU B 1035 -11.21 -8.84 10.01
CA LEU B 1035 -10.09 -9.73 9.75
C LEU B 1035 -9.70 -9.73 8.28
N ILE B 1036 -10.68 -9.71 7.39
CA ILE B 1036 -10.38 -9.70 5.96
C ILE B 1036 -9.58 -8.45 5.62
N THR B 1037 -10.00 -7.30 6.13
CA THR B 1037 -9.27 -6.06 5.86
C THR B 1037 -7.82 -6.18 6.32
N GLY B 1038 -7.61 -6.66 7.54
CA GLY B 1038 -6.25 -6.76 8.04
C GLY B 1038 -5.37 -7.66 7.18
N ARG B 1039 -5.88 -8.85 6.86
CA ARG B 1039 -5.06 -9.78 6.10
C ARG B 1039 -4.79 -9.26 4.69
N LEU B 1040 -5.77 -8.60 4.08
CA LEU B 1040 -5.54 -8.02 2.77
C LEU B 1040 -4.43 -6.99 2.82
N GLN B 1041 -4.44 -6.14 3.86
CA GLN B 1041 -3.38 -5.14 3.98
C GLN B 1041 -2.02 -5.81 4.11
N SER B 1042 -1.94 -6.87 4.92
CA SER B 1042 -0.66 -7.56 5.08
C SER B 1042 -0.17 -8.11 3.74
N LEU B 1043 -1.07 -8.74 2.99
CA LEU B 1043 -0.66 -9.29 1.70
C LEU B 1043 -0.15 -8.20 0.77
N GLN B 1044 -0.85 -7.08 0.70
CA GLN B 1044 -0.40 -6.01 -0.20
C GLN B 1044 0.98 -5.52 0.19
N THR B 1045 1.22 -5.32 1.49
CA THR B 1045 2.53 -4.86 1.91
C THR B 1045 3.61 -5.85 1.51
N TYR B 1046 3.37 -7.14 1.73
CA TYR B 1046 4.36 -8.13 1.36
C TYR B 1046 4.67 -8.10 -0.12
N VAL B 1047 3.62 -7.98 -0.96
CA VAL B 1047 3.84 -7.97 -2.40
C VAL B 1047 4.68 -6.76 -2.80
N THR B 1048 4.39 -5.60 -2.23
CA THR B 1048 5.17 -4.42 -2.60
C THR B 1048 6.64 -4.60 -2.23
N GLN B 1049 6.90 -5.12 -1.02
CA GLN B 1049 8.29 -5.36 -0.64
C GLN B 1049 8.97 -6.29 -1.63
N GLN B 1050 8.28 -7.35 -2.04
CA GLN B 1050 8.87 -8.27 -3.00
C GLN B 1050 9.21 -7.56 -4.30
N LEU B 1051 8.32 -6.68 -4.76
CA LEU B 1051 8.57 -5.99 -6.01
C LEU B 1051 9.85 -5.16 -5.94
N ILE B 1052 10.01 -4.41 -4.84
CA ILE B 1052 11.20 -3.57 -4.72
C ILE B 1052 12.46 -4.43 -4.69
N ARG B 1053 12.43 -5.50 -3.89
CA ARG B 1053 13.60 -6.37 -3.82
C ARG B 1053 13.94 -6.95 -5.18
N ALA B 1054 12.91 -7.32 -5.95
CA ALA B 1054 13.15 -7.87 -7.27
C ALA B 1054 13.84 -6.87 -8.17
N ALA B 1055 13.42 -5.60 -8.10
CA ALA B 1055 14.08 -4.59 -8.91
C ALA B 1055 15.56 -4.50 -8.56
N GLU B 1056 15.87 -4.49 -7.27
CA GLU B 1056 17.27 -4.43 -6.85
C GLU B 1056 18.06 -5.61 -7.41
N ILE B 1057 17.51 -6.82 -7.27
CA ILE B 1057 18.22 -8.00 -7.72
C ILE B 1057 18.43 -7.95 -9.22
N ARG B 1058 17.45 -7.43 -9.97
CA ARG B 1058 17.60 -7.34 -11.42
C ARG B 1058 18.75 -6.41 -11.78
N ALA B 1059 18.87 -5.29 -11.07
CA ALA B 1059 20.01 -4.41 -11.33
C ALA B 1059 21.32 -5.14 -11.10
N SER B 1060 21.41 -5.89 -10.01
CA SER B 1060 22.64 -6.62 -9.73
C SER B 1060 22.92 -7.65 -10.81
N ALA B 1061 21.89 -8.35 -11.28
CA ALA B 1061 22.08 -9.37 -12.30
C ALA B 1061 22.58 -8.76 -13.60
N ASN B 1062 22.04 -7.60 -13.98
CA ASN B 1062 22.53 -6.93 -15.18
C ASN B 1062 24.01 -6.58 -15.03
N LEU B 1063 24.39 -6.06 -13.86
CA LEU B 1063 25.80 -5.75 -13.66
C LEU B 1063 26.66 -7.01 -13.78
N ALA B 1064 26.20 -8.12 -13.21
CA ALA B 1064 26.97 -9.36 -13.28
C ALA B 1064 27.12 -9.83 -14.72
N ALA B 1065 26.06 -9.74 -15.51
CA ALA B 1065 26.16 -10.16 -16.91
C ALA B 1065 27.16 -9.31 -17.67
N THR B 1066 27.13 -7.99 -17.44
CA THR B 1066 28.12 -7.13 -18.10
C THR B 1066 29.53 -7.50 -17.68
N LYS B 1067 29.75 -7.75 -16.39
CA LYS B 1067 31.07 -8.15 -15.93
C LYS B 1067 31.53 -9.41 -16.63
N MET B 1068 30.64 -10.41 -16.71
CA MET B 1068 31.01 -11.66 -17.38
C MET B 1068 31.44 -11.39 -18.81
N SER B 1069 30.60 -10.67 -19.56
CA SER B 1069 30.90 -10.47 -20.98
C SER B 1069 32.20 -9.71 -21.16
N GLU B 1070 32.44 -8.69 -20.34
CA GLU B 1070 33.57 -7.81 -20.60
C GLU B 1070 34.88 -8.31 -20.02
N CYS B 1071 34.86 -9.07 -18.92
CA CYS B 1071 36.09 -9.58 -18.34
C CYS B 1071 36.41 -11.00 -18.79
N VAL B 1072 35.45 -11.91 -18.72
CA VAL B 1072 35.76 -13.31 -19.01
C VAL B 1072 36.05 -13.51 -20.50
N LEU B 1073 35.24 -12.92 -21.37
CA LEU B 1073 35.35 -13.14 -22.80
C LEU B 1073 36.45 -12.31 -23.45
N GLY B 1074 37.11 -11.44 -22.72
CA GLY B 1074 38.14 -10.60 -23.30
C GLY B 1074 38.99 -9.95 -22.24
N GLN B 1075 39.55 -8.80 -22.58
CA GLN B 1075 40.39 -8.02 -21.68
C GLN B 1075 39.90 -6.58 -21.69
N SER B 1076 39.78 -5.97 -20.51
CA SER B 1076 39.16 -4.67 -20.36
C SER B 1076 40.19 -3.63 -19.93
N LYS B 1077 40.11 -2.46 -20.54
CA LYS B 1077 40.94 -1.32 -20.16
C LYS B 1077 40.28 -0.42 -19.14
N ARG B 1078 39.05 -0.72 -18.74
CA ARG B 1078 38.39 0.11 -17.74
C ARG B 1078 39.03 -0.11 -16.38
N VAL B 1079 39.33 0.99 -15.69
CA VAL B 1079 40.05 0.89 -14.42
C VAL B 1079 39.14 0.35 -13.34
N ASP B 1080 39.68 -0.55 -12.53
CA ASP B 1080 39.00 -1.09 -11.35
C ASP B 1080 37.65 -1.71 -11.69
N PHE B 1081 37.42 -2.09 -12.95
CA PHE B 1081 36.22 -2.83 -13.29
C PHE B 1081 36.39 -4.31 -12.99
N CYS B 1082 37.33 -4.95 -13.68
CA CYS B 1082 37.66 -6.36 -13.45
C CYS B 1082 38.88 -6.47 -12.55
N GLY B 1083 38.69 -6.08 -11.29
CA GLY B 1083 39.71 -6.25 -10.28
C GLY B 1083 40.68 -5.08 -10.22
N LYS B 1084 41.41 -5.00 -9.11
CA LYS B 1084 42.37 -3.93 -8.89
C LYS B 1084 43.69 -4.22 -9.57
N GLY B 1085 44.26 -3.20 -10.21
CA GLY B 1085 45.48 -3.34 -10.94
C GLY B 1085 45.24 -3.39 -12.44
N TYR B 1086 46.20 -3.94 -13.15
CA TYR B 1086 46.12 -4.12 -14.60
C TYR B 1086 45.53 -5.49 -14.89
N HIS B 1087 44.35 -5.51 -15.50
CA HIS B 1087 43.63 -6.77 -15.68
C HIS B 1087 44.35 -7.67 -16.67
N LEU B 1088 44.30 -8.97 -16.41
CA LEU B 1088 44.84 -9.98 -17.32
C LEU B 1088 43.77 -10.94 -17.83
N MET B 1089 43.00 -11.54 -16.94
CA MET B 1089 41.90 -12.42 -17.33
C MET B 1089 41.08 -12.73 -16.09
N SER B 1090 40.09 -13.61 -16.24
CA SER B 1090 39.22 -13.94 -15.13
C SER B 1090 38.63 -15.33 -15.34
N PHE B 1091 38.14 -15.91 -14.25
CA PHE B 1091 37.52 -17.22 -14.27
C PHE B 1091 36.22 -17.17 -13.48
N PRO B 1092 35.12 -17.68 -14.01
CA PRO B 1092 33.87 -17.70 -13.25
C PRO B 1092 33.69 -18.97 -12.43
N GLN B 1093 32.82 -18.88 -11.43
CA GLN B 1093 32.42 -20.02 -10.64
C GLN B 1093 30.96 -19.85 -10.25
N SER B 1094 30.31 -20.95 -9.94
CA SER B 1094 28.89 -20.95 -9.62
C SER B 1094 28.69 -21.09 -8.12
N ALA B 1095 27.82 -20.26 -7.56
CA ALA B 1095 27.47 -20.30 -6.15
C ALA B 1095 25.96 -20.21 -6.01
N PRO B 1096 25.41 -20.69 -4.90
CA PRO B 1096 23.95 -20.73 -4.75
C PRO B 1096 23.33 -19.34 -4.83
N HIS B 1097 22.49 -19.13 -5.84
CA HIS B 1097 21.83 -17.85 -6.05
C HIS B 1097 22.84 -16.74 -6.33
N GLY B 1098 23.88 -17.06 -7.09
CA GLY B 1098 24.88 -16.04 -7.40
C GLY B 1098 26.02 -16.62 -8.21
N VAL B 1099 26.99 -15.76 -8.49
CA VAL B 1099 28.16 -16.10 -9.27
C VAL B 1099 29.39 -15.52 -8.57
N VAL B 1100 30.56 -16.08 -8.90
CA VAL B 1100 31.82 -15.66 -8.30
C VAL B 1100 32.89 -15.59 -9.37
N PHE B 1101 33.72 -14.56 -9.30
CA PHE B 1101 34.80 -14.34 -10.25
C PHE B 1101 36.14 -14.44 -9.54
N LEU B 1102 37.20 -14.69 -10.32
CA LEU B 1102 38.57 -14.72 -9.81
C LEU B 1102 39.42 -13.85 -10.74
N HIS B 1103 39.47 -12.56 -10.47
CA HIS B 1103 40.19 -11.64 -11.34
C HIS B 1103 41.70 -11.80 -11.15
N VAL B 1104 42.43 -11.89 -12.26
CA VAL B 1104 43.89 -12.01 -12.25
C VAL B 1104 44.47 -10.69 -12.74
N THR B 1105 45.42 -10.14 -11.99
CA THR B 1105 45.92 -8.80 -12.28
C THR B 1105 47.43 -8.75 -12.08
N TYR B 1106 48.05 -7.76 -12.71
CA TYR B 1106 49.49 -7.54 -12.69
C TYR B 1106 49.79 -6.25 -11.96
N VAL B 1107 50.68 -6.30 -10.97
CA VAL B 1107 50.92 -5.18 -10.08
C VAL B 1107 52.42 -4.96 -9.91
N PRO B 1108 52.96 -3.77 -10.22
CA PRO B 1108 54.39 -3.54 -10.01
C PRO B 1108 54.75 -3.54 -8.54
N ALA B 1109 55.98 -3.96 -8.24
CA ALA B 1109 56.39 -4.16 -6.85
C ALA B 1109 57.52 -3.25 -6.41
N GLN B 1110 58.68 -3.28 -7.04
CA GLN B 1110 59.88 -2.64 -6.52
C GLN B 1110 60.31 -1.52 -7.46
N GLU B 1111 60.40 -0.30 -6.94
CA GLU B 1111 60.69 0.87 -7.74
C GLU B 1111 62.09 1.39 -7.43
N LYS B 1112 62.49 2.44 -8.15
CA LYS B 1112 63.82 3.00 -8.05
C LYS B 1112 63.71 4.52 -8.22
N ASN B 1113 64.87 5.18 -8.30
CA ASN B 1113 64.95 6.62 -8.54
C ASN B 1113 65.77 6.86 -9.81
N PHE B 1114 65.40 7.89 -10.56
CA PHE B 1114 66.16 8.24 -11.75
C PHE B 1114 65.97 9.71 -12.05
N THR B 1115 66.86 10.24 -12.88
CA THR B 1115 66.79 11.61 -13.35
C THR B 1115 66.34 11.60 -14.81
N THR B 1116 65.37 12.46 -15.14
CA THR B 1116 64.70 12.40 -16.42
C THR B 1116 64.78 13.74 -17.15
N ALA B 1117 64.83 13.66 -18.48
CA ALA B 1117 64.78 14.81 -19.36
C ALA B 1117 63.79 14.54 -20.48
N PRO B 1118 63.11 15.57 -21.00
CA PRO B 1118 62.04 15.32 -21.97
C PRO B 1118 62.52 15.14 -23.40
N ALA B 1119 63.74 15.54 -23.73
CA ALA B 1119 64.24 15.41 -25.09
C ALA B 1119 65.74 15.59 -25.05
N ILE B 1120 66.40 15.27 -26.17
CA ILE B 1120 67.84 15.27 -26.25
C ILE B 1120 68.28 16.02 -27.50
N CYS B 1121 69.21 16.95 -27.34
CA CYS B 1121 69.80 17.68 -28.46
C CYS B 1121 71.06 16.98 -28.90
N HIS B 1122 71.17 16.69 -30.20
CA HIS B 1122 72.34 16.03 -30.74
C HIS B 1122 73.12 16.94 -31.70
N ASP B 1123 72.47 17.48 -32.72
CA ASP B 1123 73.09 18.39 -33.66
C ASP B 1123 72.16 19.55 -33.94
N GLY B 1124 71.56 20.10 -32.89
CA GLY B 1124 70.56 21.12 -33.04
C GLY B 1124 69.17 20.59 -33.34
N LYS B 1125 69.00 19.28 -33.41
CA LYS B 1125 67.71 18.66 -33.68
C LYS B 1125 67.27 17.90 -32.43
N ALA B 1126 66.11 18.24 -31.91
CA ALA B 1126 65.58 17.57 -30.73
C ALA B 1126 65.09 16.18 -31.08
N HIS B 1127 65.45 15.21 -30.24
CA HIS B 1127 65.03 13.83 -30.42
C HIS B 1127 64.06 13.45 -29.31
N PHE B 1128 62.95 12.83 -29.69
CA PHE B 1128 61.94 12.38 -28.75
C PHE B 1128 61.84 10.86 -28.78
N PRO B 1129 61.45 10.22 -27.68
CA PRO B 1129 61.33 8.75 -27.69
C PRO B 1129 60.10 8.31 -28.46
N ARG B 1130 60.27 7.25 -29.25
CA ARG B 1130 59.11 6.65 -29.92
C ARG B 1130 58.10 6.17 -28.89
N GLU B 1131 58.50 5.23 -28.05
CA GLU B 1131 57.69 4.82 -26.91
C GLU B 1131 58.64 4.44 -25.79
N GLY B 1132 58.45 5.04 -24.63
CA GLY B 1132 59.36 4.90 -23.51
C GLY B 1132 59.64 6.24 -22.90
N VAL B 1133 60.75 6.33 -22.17
CA VAL B 1133 61.11 7.57 -21.48
C VAL B 1133 62.59 7.53 -21.17
N PHE B 1134 63.23 8.68 -21.27
CA PHE B 1134 64.65 8.77 -20.97
C PHE B 1134 64.88 8.72 -19.47
N VAL B 1135 66.02 8.12 -19.08
CA VAL B 1135 66.41 8.03 -17.68
C VAL B 1135 67.94 8.14 -17.63
N SER B 1136 68.47 8.11 -16.41
CA SER B 1136 69.92 8.20 -16.23
C SER B 1136 70.30 7.56 -14.91
N ASN B 1137 71.44 6.87 -14.90
CA ASN B 1137 71.98 6.27 -13.68
C ASN B 1137 73.06 7.13 -13.05
N GLY B 1138 73.05 8.44 -13.32
CA GLY B 1138 74.01 9.36 -12.77
C GLY B 1138 75.16 9.70 -13.71
N THR B 1139 75.41 8.88 -14.72
CA THR B 1139 76.50 9.14 -15.66
C THR B 1139 76.14 8.93 -17.12
N HIS B 1140 75.11 8.17 -17.45
CA HIS B 1140 74.74 7.90 -18.82
C HIS B 1140 73.23 8.01 -18.97
N TRP B 1141 72.79 7.99 -20.22
CA TRP B 1141 71.38 8.11 -20.56
C TRP B 1141 70.92 6.87 -21.31
N PHE B 1142 69.67 6.49 -21.09
CA PHE B 1142 69.07 5.33 -21.76
C PHE B 1142 67.64 5.66 -22.13
N VAL B 1143 66.96 4.69 -22.72
CA VAL B 1143 65.54 4.77 -23.01
C VAL B 1143 64.92 3.44 -22.64
N THR B 1144 63.81 3.47 -21.90
CA THR B 1144 63.19 2.26 -21.40
C THR B 1144 61.67 2.39 -21.48
N GLN B 1145 61.00 1.25 -21.46
CA GLN B 1145 59.55 1.27 -21.34
C GLN B 1145 59.15 1.81 -19.97
N ARG B 1146 57.86 2.06 -19.81
CA ARG B 1146 57.36 2.80 -18.65
C ARG B 1146 56.91 1.91 -17.50
N ASN B 1147 56.90 0.59 -17.66
CA ASN B 1147 56.40 -0.29 -16.61
C ASN B 1147 57.41 -1.35 -16.19
N PHE B 1148 58.63 -1.31 -16.70
CA PHE B 1148 59.63 -2.32 -16.35
C PHE B 1148 60.98 -1.78 -16.75
N TYR B 1149 61.90 -1.73 -15.79
CA TYR B 1149 63.21 -1.16 -16.07
C TYR B 1149 64.02 -2.11 -16.95
N GLU B 1150 64.42 -1.64 -18.12
CA GLU B 1150 65.31 -2.40 -19.00
C GLU B 1150 66.06 -1.41 -19.88
N PRO B 1151 67.19 -0.89 -19.41
CA PRO B 1151 67.88 0.16 -20.16
C PRO B 1151 68.34 -0.32 -21.52
N GLN B 1152 68.37 0.60 -22.48
CA GLN B 1152 68.84 0.31 -23.82
C GLN B 1152 69.58 1.53 -24.36
N ILE B 1153 70.54 1.27 -25.25
CA ILE B 1153 71.28 2.37 -25.85
C ILE B 1153 70.32 3.23 -26.65
N ILE B 1154 70.65 4.52 -26.74
CA ILE B 1154 69.83 5.47 -27.49
C ILE B 1154 70.34 5.52 -28.92
N THR B 1155 69.57 4.96 -29.84
CA THR B 1155 69.92 4.96 -31.25
C THR B 1155 68.81 5.65 -32.03
N THR B 1156 69.05 5.82 -33.33
CA THR B 1156 68.11 6.55 -34.17
C THR B 1156 66.78 5.84 -34.32
N ASP B 1157 66.75 4.51 -34.14
CA ASP B 1157 65.50 3.80 -34.30
C ASP B 1157 64.52 4.06 -33.16
N ASN B 1158 65.03 4.28 -31.94
CA ASN B 1158 64.15 4.55 -30.81
C ASN B 1158 63.59 5.95 -30.81
N THR B 1159 64.17 6.87 -31.57
CA THR B 1159 63.84 8.28 -31.49
C THR B 1159 63.52 8.83 -32.87
N PHE B 1160 62.75 9.91 -32.90
CA PHE B 1160 62.40 10.59 -34.14
C PHE B 1160 62.58 12.09 -33.99
N VAL B 1161 63.05 12.72 -35.05
CA VAL B 1161 63.44 14.12 -35.02
C VAL B 1161 62.22 15.01 -35.13
N SER B 1162 62.31 16.21 -34.55
CA SER B 1162 61.27 17.21 -34.69
C SER B 1162 61.74 18.58 -34.21
N GLY B 1163 61.82 19.55 -35.12
CA GLY B 1163 62.16 20.90 -34.70
C GLY B 1163 63.64 21.06 -34.38
N ASN B 1164 63.93 22.05 -33.53
CA ASN B 1164 65.29 22.33 -33.11
C ASN B 1164 65.38 22.50 -31.60
N CYS B 1165 66.54 22.90 -31.10
CA CYS B 1165 66.82 22.80 -29.67
C CYS B 1165 66.01 23.79 -28.85
N ASP B 1166 65.96 25.06 -29.27
CA ASP B 1166 65.55 26.12 -28.37
C ASP B 1166 64.10 26.00 -27.91
N VAL B 1167 63.25 25.37 -28.73
CA VAL B 1167 61.81 25.44 -28.47
C VAL B 1167 61.46 24.77 -27.15
N VAL B 1168 62.02 23.59 -26.87
CA VAL B 1168 61.60 22.80 -25.72
C VAL B 1168 62.22 23.35 -24.46
N ILE B 1169 61.74 22.88 -23.31
CA ILE B 1169 62.24 23.29 -22.00
C ILE B 1169 62.80 22.06 -21.30
N GLY B 1170 63.99 22.20 -20.73
CA GLY B 1170 64.63 21.09 -20.05
C GLY B 1170 65.37 20.13 -20.94
N ILE B 1171 65.61 20.47 -22.20
CA ILE B 1171 66.35 19.59 -23.08
C ILE B 1171 67.76 19.39 -22.54
N VAL B 1172 68.38 18.27 -22.90
CA VAL B 1172 69.67 17.87 -22.35
C VAL B 1172 70.59 17.48 -23.50
N ASN B 1173 71.82 17.98 -23.47
CA ASN B 1173 72.80 17.62 -24.48
C ASN B 1173 73.26 16.19 -24.30
N ASN B 1174 73.48 15.50 -25.42
CA ASN B 1174 73.98 14.14 -25.42
C ASN B 1174 74.30 13.75 -26.86
N THR B 1175 74.65 12.48 -27.06
CA THR B 1175 74.94 11.93 -28.38
C THR B 1175 73.99 10.78 -28.66
N VAL B 1176 73.74 10.54 -29.94
CA VAL B 1176 72.91 9.44 -30.40
C VAL B 1176 73.72 8.63 -31.41
N TYR B 1177 73.83 7.33 -31.17
CA TYR B 1177 74.64 6.46 -32.02
C TYR B 1177 73.85 6.02 -33.24
N ASP B 1178 74.53 5.94 -34.38
CA ASP B 1178 73.92 5.56 -35.64
C ASP B 1178 74.38 4.16 -36.02
N PRO B 1179 73.50 3.16 -36.08
CA PRO B 1179 73.98 1.80 -36.37
C PRO B 1179 74.66 1.67 -37.72
N LEU B 1180 74.21 2.40 -38.74
CA LEU B 1180 74.73 2.20 -40.08
C LEU B 1180 76.15 2.74 -40.22
N GLN B 1181 76.44 3.87 -39.57
CA GLN B 1181 77.70 4.56 -39.83
C GLN B 1181 78.92 3.67 -39.63
N PRO B 1182 79.07 2.96 -38.50
CA PRO B 1182 80.28 2.15 -38.33
C PRO B 1182 80.42 1.03 -39.35
N GLU B 1183 79.32 0.65 -40.01
CA GLU B 1183 79.36 -0.47 -40.92
C GLU B 1183 80.33 -0.22 -42.08
N LEU B 1184 80.28 0.97 -42.67
CA LEU B 1184 81.12 1.27 -43.82
C LEU B 1184 82.58 1.51 -43.45
N ASP B 1185 82.86 1.84 -42.19
CA ASP B 1185 84.22 2.24 -41.83
C ASP B 1185 85.22 1.12 -42.10
N SER B 1186 84.87 -0.12 -41.78
CA SER B 1186 85.80 -1.22 -41.96
C SER B 1186 86.18 -1.41 -43.42
N PHE B 1187 85.25 -1.14 -44.34
CA PHE B 1187 85.50 -1.36 -45.76
C PHE B 1187 86.29 -0.25 -46.42
N LYS B 1188 86.53 0.87 -45.73
CA LYS B 1188 87.18 2.02 -46.33
C LYS B 1188 88.70 1.99 -46.17
N GLU B 1189 89.28 0.82 -45.98
CA GLU B 1189 90.73 0.68 -45.87
C GLU B 1189 91.25 -0.38 -46.83
N ALA C 66 -20.60 57.88 -9.36
CA ALA C 66 -21.01 57.84 -7.96
C ALA C 66 -20.61 56.53 -7.30
N TYR C 67 -19.68 55.82 -7.93
CA TYR C 67 -19.16 54.57 -7.40
C TYR C 67 -17.68 54.72 -7.08
N THR C 68 -17.09 53.67 -6.53
CA THR C 68 -15.66 53.64 -6.28
C THR C 68 -15.24 52.19 -6.16
N ASN C 69 -13.93 51.96 -6.24
CA ASN C 69 -13.37 50.62 -6.29
C ASN C 69 -12.74 50.27 -4.94
N SER C 70 -13.20 49.18 -4.34
CA SER C 70 -12.69 48.72 -3.05
C SER C 70 -11.45 47.89 -3.30
N PHE C 71 -10.31 48.56 -3.33
CA PHE C 71 -9.07 47.90 -3.71
C PHE C 71 -8.67 46.80 -2.74
N THR C 72 -8.32 47.18 -1.50
CA THR C 72 -7.92 46.20 -0.50
C THR C 72 -8.36 46.75 0.86
N ARG C 73 -9.56 46.34 1.28
CA ARG C 73 -10.13 46.81 2.53
C ARG C 73 -11.00 45.71 3.10
N GLY C 74 -11.31 45.83 4.39
CA GLY C 74 -12.20 44.88 5.02
C GLY C 74 -11.64 43.48 5.09
N VAL C 75 -10.39 43.36 5.52
CA VAL C 75 -9.78 42.07 5.86
C VAL C 75 -9.58 42.04 7.36
N TYR C 76 -10.29 41.15 8.03
CA TYR C 76 -10.30 41.07 9.48
C TYR C 76 -9.66 39.75 9.92
N TYR C 77 -9.57 39.57 11.24
CA TYR C 77 -9.00 38.35 11.79
C TYR C 77 -10.09 37.30 11.96
N PRO C 78 -10.05 36.18 11.25
CA PRO C 78 -11.16 35.22 11.34
C PRO C 78 -11.39 34.69 12.74
N ASP C 79 -10.34 34.49 13.53
CA ASP C 79 -10.45 33.87 14.84
C ASP C 79 -9.52 34.59 15.82
N LYS C 80 -9.47 34.07 17.04
CA LYS C 80 -8.70 34.67 18.12
C LYS C 80 -7.39 33.94 18.39
N VAL C 81 -7.01 32.98 17.55
CA VAL C 81 -5.82 32.18 17.80
C VAL C 81 -4.61 32.92 17.27
N PHE C 82 -3.59 33.03 18.11
CA PHE C 82 -2.34 33.68 17.71
C PHE C 82 -1.62 32.83 16.68
N ARG C 83 -1.05 33.49 15.68
CA ARG C 83 -0.25 32.83 14.67
C ARG C 83 0.78 33.83 14.15
N SER C 84 1.96 33.33 13.80
CA SER C 84 3.04 34.21 13.38
C SER C 84 3.88 33.53 12.31
N SER C 85 4.27 34.32 11.31
CA SER C 85 5.17 33.85 10.24
C SER C 85 4.61 32.62 9.56
N VAL C 86 3.30 32.59 9.35
CA VAL C 86 2.60 31.48 8.74
C VAL C 86 1.68 32.02 7.66
N LEU C 87 1.68 31.36 6.50
CA LEU C 87 0.80 31.73 5.39
C LEU C 87 -0.43 30.82 5.45
N HIS C 88 -1.31 31.11 6.39
CA HIS C 88 -2.50 30.31 6.60
C HIS C 88 -3.58 30.67 5.60
N SER C 89 -4.27 29.66 5.09
CA SER C 89 -5.35 29.83 4.14
C SER C 89 -6.67 29.51 4.82
N THR C 90 -7.64 30.41 4.68
CA THR C 90 -8.91 30.28 5.37
C THR C 90 -10.06 30.60 4.43
N GLN C 91 -11.22 30.04 4.72
CA GLN C 91 -12.44 30.29 3.98
C GLN C 91 -13.45 30.99 4.90
N ASP C 92 -13.95 32.14 4.46
CA ASP C 92 -14.91 32.90 5.24
C ASP C 92 -15.43 34.04 4.40
N LEU C 93 -16.53 34.64 4.85
CA LEU C 93 -17.11 35.79 4.17
C LEU C 93 -16.14 36.96 4.22
N PHE C 94 -16.10 37.73 3.13
CA PHE C 94 -15.17 38.84 3.04
C PHE C 94 -15.72 39.83 2.00
N LEU C 95 -14.95 40.89 1.77
CA LEU C 95 -15.28 41.87 0.75
C LEU C 95 -14.44 41.57 -0.49
N PRO C 96 -15.03 41.11 -1.60
CA PRO C 96 -14.21 40.80 -2.78
C PRO C 96 -13.45 42.03 -3.24
N PHE C 97 -12.20 41.80 -3.63
CA PHE C 97 -11.33 42.90 -4.04
C PHE C 97 -11.88 43.58 -5.28
N PHE C 98 -11.66 44.90 -5.34
CA PHE C 98 -12.01 45.69 -6.52
C PHE C 98 -13.50 45.63 -6.83
N SER C 99 -14.33 45.49 -5.80
CA SER C 99 -15.77 45.55 -5.99
C SER C 99 -16.20 47.00 -6.16
N ASN C 100 -17.26 47.20 -6.94
CA ASN C 100 -17.79 48.54 -7.19
C ASN C 100 -18.68 48.94 -6.02
N VAL C 101 -18.02 49.21 -4.88
CA VAL C 101 -18.76 49.56 -3.68
C VAL C 101 -19.57 50.82 -3.92
N THR C 102 -20.85 50.78 -3.55
CA THR C 102 -21.70 51.94 -3.70
C THR C 102 -21.22 53.07 -2.82
N TRP C 103 -21.51 54.30 -3.23
CA TRP C 103 -21.20 55.48 -2.46
C TRP C 103 -22.45 56.34 -2.33
N PHE C 104 -22.67 56.87 -1.12
CA PHE C 104 -23.88 57.60 -0.81
C PHE C 104 -23.53 59.03 -0.40
N HIS C 105 -24.25 59.99 -0.98
CA HIS C 105 -24.13 61.39 -0.63
C HIS C 105 -25.49 62.05 -0.79
N ALA C 106 -25.82 62.95 0.12
CA ALA C 106 -27.11 63.62 0.13
C ALA C 106 -27.02 64.92 -0.66
N ILE C 107 -27.84 65.03 -1.70
CA ILE C 107 -27.90 66.23 -2.53
C ILE C 107 -29.32 66.77 -2.48
N HIS C 108 -29.45 68.05 -2.16
CA HIS C 108 -30.77 68.68 -2.05
C HIS C 108 -31.69 67.90 -1.12
N LYS C 116 -35.63 66.71 -5.72
CA LYS C 116 -35.49 65.95 -6.96
C LYS C 116 -34.68 64.69 -6.72
N ARG C 117 -33.48 64.85 -6.17
CA ARG C 117 -32.56 63.74 -5.89
C ARG C 117 -32.51 63.56 -4.37
N PHE C 118 -33.35 62.68 -3.85
CA PHE C 118 -33.46 62.41 -2.43
C PHE C 118 -33.47 60.91 -2.16
N ASP C 119 -32.55 60.20 -2.81
CA ASP C 119 -32.47 58.74 -2.71
C ASP C 119 -31.60 58.38 -1.50
N ASN C 120 -32.25 58.27 -0.33
CA ASN C 120 -31.60 57.79 0.89
C ASN C 120 -32.50 56.79 1.59
N PRO C 121 -32.78 55.65 0.95
CA PRO C 121 -33.77 54.71 1.51
C PRO C 121 -33.15 53.79 2.55
N VAL C 122 -33.94 52.83 3.02
CA VAL C 122 -33.45 51.80 3.93
C VAL C 122 -32.62 50.80 3.11
N LEU C 123 -31.37 50.59 3.52
CA LEU C 123 -30.48 49.73 2.78
C LEU C 123 -30.64 48.28 3.25
N PRO C 124 -30.97 47.34 2.36
CA PRO C 124 -31.13 45.95 2.80
C PRO C 124 -29.86 45.43 3.44
N PHE C 125 -30.04 44.59 4.46
CA PHE C 125 -28.94 44.00 5.22
C PHE C 125 -28.99 42.50 5.01
N ASN C 126 -28.14 41.99 4.12
CA ASN C 126 -28.06 40.57 3.83
C ASN C 126 -26.60 40.14 3.77
N ASP C 127 -26.31 39.00 4.38
CA ASP C 127 -24.98 38.41 4.32
C ASP C 127 -23.91 39.41 4.73
N GLY C 128 -24.23 40.22 5.74
CA GLY C 128 -23.31 41.19 6.26
C GLY C 128 -23.27 42.45 5.41
N VAL C 129 -22.64 43.48 5.97
CA VAL C 129 -22.53 44.78 5.33
C VAL C 129 -21.21 45.42 5.75
N TYR C 130 -20.47 45.91 4.76
CA TYR C 130 -19.28 46.71 5.01
C TYR C 130 -19.68 48.18 5.13
N PHE C 131 -19.03 48.89 6.05
CA PHE C 131 -19.33 50.30 6.28
C PHE C 131 -18.02 51.05 6.48
N ALA C 132 -17.92 52.21 5.84
CA ALA C 132 -16.76 53.06 6.01
C ALA C 132 -17.16 54.50 5.72
N SER C 133 -16.47 55.43 6.36
CA SER C 133 -16.76 56.84 6.17
C SER C 133 -15.68 57.66 6.85
N THR C 134 -15.45 58.85 6.30
CA THR C 134 -14.55 59.82 6.92
C THR C 134 -15.40 60.75 7.79
N GLU C 135 -15.31 60.57 9.10
CA GLU C 135 -16.14 61.30 10.05
C GLU C 135 -15.26 62.09 11.01
N LYS C 136 -15.69 63.32 11.30
CA LYS C 136 -15.04 64.16 12.29
C LYS C 136 -16.12 64.85 13.10
N SER C 137 -15.94 64.86 14.42
CA SER C 137 -16.90 65.44 15.36
C SER C 137 -18.20 64.65 15.42
N ASN C 138 -18.15 63.36 15.09
CA ASN C 138 -19.30 62.47 15.25
C ASN C 138 -20.49 62.93 14.41
N ILE C 139 -20.26 62.98 13.10
CA ILE C 139 -21.30 63.46 12.18
C ILE C 139 -22.44 62.46 12.09
N ILE C 140 -22.13 61.18 11.92
CA ILE C 140 -23.16 60.18 11.69
C ILE C 140 -23.98 60.00 12.95
N ARG C 141 -25.29 60.22 12.84
CA ARG C 141 -26.15 60.23 14.03
C ARG C 141 -26.14 58.88 14.73
N GLY C 142 -26.25 57.80 13.98
CA GLY C 142 -26.25 56.48 14.58
C GLY C 142 -26.82 55.46 13.62
N TRP C 143 -26.76 54.20 14.06
CA TRP C 143 -27.21 53.06 13.26
C TRP C 143 -28.38 52.39 13.95
N ILE C 144 -29.47 52.21 13.20
CA ILE C 144 -30.66 51.52 13.69
C ILE C 144 -30.93 50.36 12.74
N PHE C 145 -31.12 49.17 13.32
CA PHE C 145 -31.31 47.94 12.56
C PHE C 145 -32.72 47.41 12.80
N GLY C 146 -32.98 46.25 12.24
CA GLY C 146 -34.24 45.55 12.44
C GLY C 146 -34.71 44.90 11.16
N THR C 147 -35.98 44.49 11.18
CA THR C 147 -36.62 43.88 10.02
C THR C 147 -37.93 44.58 9.65
N THR C 148 -38.69 45.03 10.64
CA THR C 148 -39.92 45.76 10.37
C THR C 148 -39.96 47.05 11.19
N LEU C 149 -39.33 47.03 12.35
CA LEU C 149 -39.29 48.18 13.26
C LEU C 149 -40.66 48.85 13.36
N ASP C 150 -41.72 48.05 13.39
CA ASP C 150 -43.08 48.54 13.51
C ASP C 150 -43.72 48.10 14.82
N SER C 151 -42.91 47.94 15.87
CA SER C 151 -43.37 47.48 17.17
C SER C 151 -43.88 46.04 17.12
N LYS C 152 -43.49 45.28 16.10
CA LYS C 152 -43.88 43.88 15.98
C LYS C 152 -42.71 42.91 16.12
N THR C 153 -41.51 43.33 15.72
CA THR C 153 -40.31 42.50 15.82
C THR C 153 -39.24 43.28 16.57
N GLN C 154 -38.51 42.59 17.44
CA GLN C 154 -37.49 43.26 18.25
C GLN C 154 -36.40 43.83 17.36
N SER C 155 -36.29 45.15 17.30
CA SER C 155 -35.25 45.81 16.55
C SER C 155 -33.98 45.90 17.39
N LEU C 156 -32.99 46.60 16.85
CA LEU C 156 -31.74 46.87 17.56
C LEU C 156 -31.39 48.33 17.38
N LEU C 157 -30.64 48.86 18.33
CA LEU C 157 -30.28 50.27 18.31
C LEU C 157 -28.91 50.46 18.94
N ILE C 158 -28.08 51.27 18.31
CA ILE C 158 -26.75 51.61 18.81
C ILE C 158 -26.64 53.14 18.79
N VAL C 159 -26.98 53.77 19.90
CA VAL C 159 -26.80 55.21 20.05
C VAL C 159 -25.38 55.46 20.51
N ASN C 160 -24.86 56.65 20.20
CA ASN C 160 -23.46 56.94 20.48
C ASN C 160 -23.29 58.42 20.81
N ASN C 161 -22.19 58.71 21.51
CA ASN C 161 -21.71 60.07 21.76
C ASN C 161 -22.69 60.89 22.60
N ALA C 162 -22.18 61.96 23.22
CA ALA C 162 -22.94 62.83 24.12
C ALA C 162 -23.63 62.06 25.24
N THR C 163 -23.26 60.80 25.43
CA THR C 163 -23.88 59.90 26.40
C THR C 163 -23.13 58.58 26.29
N ASN C 164 -23.25 57.75 27.32
CA ASN C 164 -22.74 56.39 27.23
C ASN C 164 -23.28 55.75 25.95
N VAL C 165 -22.59 54.74 25.43
CA VAL C 165 -23.05 54.11 24.20
C VAL C 165 -24.19 53.17 24.56
N VAL C 166 -25.41 53.72 24.54
CA VAL C 166 -26.58 52.98 24.99
C VAL C 166 -26.93 51.93 23.93
N ILE C 167 -26.52 50.70 24.17
CA ILE C 167 -26.84 49.60 23.24
C ILE C 167 -28.19 49.05 23.72
N LYS C 168 -29.25 49.72 23.31
CA LYS C 168 -30.61 49.39 23.74
C LYS C 168 -31.23 48.49 22.70
N VAL C 169 -31.17 47.19 22.93
CA VAL C 169 -31.80 46.21 22.03
C VAL C 169 -33.22 46.02 22.55
N CYS C 170 -34.09 46.95 22.17
CA CYS C 170 -35.49 46.88 22.56
C CYS C 170 -36.38 47.23 21.37
N GLU C 171 -37.48 46.51 21.24
CA GLU C 171 -38.46 46.82 20.20
C GLU C 171 -39.01 48.22 20.43
N PHE C 172 -39.25 48.92 19.33
CA PHE C 172 -39.69 50.31 19.38
C PHE C 172 -40.86 50.53 18.43
N GLN C 173 -41.69 51.50 18.79
CA GLN C 173 -42.81 51.92 17.96
C GLN C 173 -42.45 53.24 17.29
N PHE C 174 -42.60 53.29 15.97
CA PHE C 174 -42.23 54.47 15.21
C PHE C 174 -43.44 55.38 15.02
N CYS C 175 -43.16 56.59 14.54
CA CYS C 175 -44.19 57.60 14.35
C CYS C 175 -44.98 57.32 13.07
N ASN C 176 -45.93 58.22 12.76
CA ASN C 176 -46.80 58.01 11.62
C ASN C 176 -46.02 57.95 10.32
N ASP C 177 -45.02 58.82 10.17
CA ASP C 177 -44.18 58.84 8.97
C ASP C 177 -42.80 58.33 9.33
N PRO C 178 -42.47 57.05 9.06
CA PRO C 178 -41.18 56.53 9.50
C PRO C 178 -40.01 57.16 8.75
N PHE C 179 -39.72 58.42 9.09
CA PHE C 179 -38.59 59.13 8.53
C PHE C 179 -38.19 60.21 9.53
N LEU C 180 -37.00 60.75 9.34
CA LEU C 180 -36.44 61.73 10.29
C LEU C 180 -37.23 63.02 10.15
N GLY C 181 -38.36 63.08 10.83
CA GLY C 181 -39.19 64.27 10.89
C GLY C 181 -38.72 65.31 11.88
N VAL C 182 -37.63 65.03 12.61
CA VAL C 182 -37.10 66.00 13.54
C VAL C 182 -36.69 67.26 12.80
N TYR C 183 -36.87 68.41 13.44
CA TYR C 183 -36.53 69.68 12.82
C TYR C 183 -35.03 69.75 12.53
N TYR C 184 -34.69 70.14 11.31
CA TYR C 184 -33.31 70.21 10.88
C TYR C 184 -32.68 71.52 11.38
N HIS C 185 -31.47 71.81 10.91
CA HIS C 185 -30.78 73.03 11.31
C HIS C 185 -31.55 74.25 10.82
N LYS C 186 -32.42 74.78 11.67
CA LYS C 186 -33.23 75.95 11.32
C LYS C 186 -32.55 77.23 11.83
N ASN C 187 -31.33 77.44 11.33
CA ASN C 187 -30.54 78.63 11.66
C ASN C 187 -30.32 78.74 13.18
N ASN C 188 -29.94 77.62 13.79
CA ASN C 188 -29.64 77.61 15.22
C ASN C 188 -28.40 76.78 15.56
N LYS C 189 -27.69 76.24 14.59
CA LYS C 189 -26.53 75.40 14.83
C LYS C 189 -26.87 74.22 15.74
N SER C 190 -28.03 73.62 15.50
CA SER C 190 -28.50 72.45 16.25
C SER C 190 -28.50 71.27 15.28
N TRP C 191 -27.36 70.61 15.16
CA TRP C 191 -27.21 69.46 14.28
C TRP C 191 -27.32 68.13 15.02
N MET C 192 -27.58 68.17 16.32
CA MET C 192 -27.70 66.96 17.12
C MET C 192 -29.16 66.65 17.40
N GLU C 193 -29.40 65.42 17.85
CA GLU C 193 -30.76 64.92 18.08
C GLU C 193 -31.28 65.52 19.37
N SER C 194 -31.94 66.68 19.26
CA SER C 194 -32.55 67.32 20.42
C SER C 194 -33.82 66.60 20.82
N GLU C 195 -34.79 66.53 19.92
CA GLU C 195 -36.05 65.82 20.14
C GLU C 195 -36.08 64.62 19.18
N PHE C 196 -36.08 63.42 19.74
CA PHE C 196 -36.10 62.19 18.94
C PHE C 196 -37.54 61.70 18.83
N ARG C 197 -38.01 61.54 17.60
CA ARG C 197 -39.34 60.99 17.33
C ARG C 197 -39.27 59.68 16.58
N VAL C 198 -38.08 59.17 16.28
CA VAL C 198 -37.95 57.91 15.55
C VAL C 198 -38.61 56.79 16.34
N TYR C 199 -38.43 56.80 17.67
CA TYR C 199 -39.03 55.82 18.54
C TYR C 199 -39.77 56.51 19.68
N SER C 200 -40.80 55.85 20.18
CA SER C 200 -41.58 56.35 21.31
C SER C 200 -41.19 55.68 22.61
N SER C 201 -41.22 54.35 22.66
CA SER C 201 -40.93 53.63 23.88
C SER C 201 -40.54 52.20 23.55
N ALA C 202 -39.88 51.54 24.49
CA ALA C 202 -39.60 50.13 24.39
C ALA C 202 -40.86 49.32 24.71
N ASN C 203 -41.07 48.24 23.97
CA ASN C 203 -42.31 47.48 24.11
C ASN C 203 -42.32 46.31 25.09
N ASN C 204 -41.57 45.24 24.78
CA ASN C 204 -41.26 44.21 25.77
C ASN C 204 -39.75 44.08 25.97
N CYS C 205 -39.02 43.72 24.92
CA CYS C 205 -37.58 43.51 24.89
C CYS C 205 -36.98 42.82 26.12
N THR C 206 -35.81 42.21 25.93
CA THR C 206 -35.17 41.45 27.00
C THR C 206 -33.71 41.84 27.18
N PHE C 207 -33.06 42.28 26.11
CA PHE C 207 -31.62 42.56 26.11
C PHE C 207 -31.42 44.07 26.09
N GLU C 208 -30.72 44.59 27.11
CA GLU C 208 -30.47 46.01 27.20
C GLU C 208 -29.06 46.31 27.70
N TYR C 209 -28.13 45.39 27.47
CA TYR C 209 -26.78 45.56 27.99
C TYR C 209 -26.14 46.82 27.44
N VAL C 210 -25.40 47.51 28.30
CA VAL C 210 -24.68 48.74 27.94
C VAL C 210 -23.19 48.45 28.04
N SER C 211 -22.47 48.73 26.96
CA SER C 211 -21.05 48.45 26.89
C SER C 211 -20.26 49.67 27.36
N GLN C 212 -18.94 49.64 27.12
CA GLN C 212 -18.05 50.73 27.53
C GLN C 212 -18.60 52.07 27.08
N PRO C 213 -18.98 52.96 27.99
CA PRO C 213 -19.48 54.27 27.59
C PRO C 213 -18.46 55.05 26.79
N PHE C 214 -18.95 55.78 25.79
CA PHE C 214 -18.17 56.80 25.09
C PHE C 214 -18.63 58.16 25.57
N LEU C 215 -17.69 58.99 26.03
CA LEU C 215 -18.00 60.29 26.63
C LEU C 215 -17.19 61.35 25.88
N MET C 216 -17.82 61.98 24.89
CA MET C 216 -17.25 63.13 24.20
C MET C 216 -18.34 64.14 23.90
N ASP C 217 -18.02 65.42 24.12
CA ASP C 217 -18.99 66.49 23.98
C ASP C 217 -19.37 66.71 22.52
N LEU C 218 -20.52 67.34 22.32
CA LEU C 218 -21.04 67.65 20.99
C LEU C 218 -21.45 69.11 20.92
N GLU C 219 -20.93 69.82 19.92
CA GLU C 219 -21.33 71.19 19.62
C GLU C 219 -20.57 71.64 18.39
N GLY C 220 -21.00 72.75 17.80
CA GLY C 220 -20.31 73.33 16.68
C GLY C 220 -20.57 72.59 15.38
N LYS C 221 -19.75 72.92 14.38
CA LYS C 221 -19.86 72.33 13.05
C LYS C 221 -18.47 72.17 12.47
N GLN C 222 -18.15 70.96 12.01
CA GLN C 222 -16.85 70.66 11.41
C GLN C 222 -17.07 69.96 10.08
N GLY C 223 -16.26 70.33 9.09
CA GLY C 223 -16.38 69.76 7.76
C GLY C 223 -15.10 69.12 7.25
N ASN C 224 -14.12 68.94 8.14
CA ASN C 224 -12.84 68.34 7.79
C ASN C 224 -12.69 67.00 8.48
N PHE C 225 -12.37 65.96 7.71
CA PHE C 225 -12.15 64.62 8.23
C PHE C 225 -10.67 64.29 8.13
N LYS C 226 -10.06 63.94 9.27
CA LYS C 226 -8.66 63.55 9.31
C LYS C 226 -8.45 62.08 9.64
N ASN C 227 -9.42 61.44 10.29
CA ASN C 227 -9.35 60.03 10.65
C ASN C 227 -10.36 59.25 9.82
N LEU C 228 -9.87 58.25 9.09
CA LEU C 228 -10.73 57.35 8.33
C LEU C 228 -11.14 56.20 9.24
N ARG C 229 -12.45 55.97 9.34
CA ARG C 229 -13.00 54.93 10.19
C ARG C 229 -13.75 53.92 9.35
N GLU C 230 -13.60 52.64 9.71
CA GLU C 230 -14.21 51.53 8.99
C GLU C 230 -14.86 50.59 9.98
N PHE C 231 -15.84 49.85 9.50
CA PHE C 231 -16.58 48.91 10.34
C PHE C 231 -16.98 47.71 9.51
N VAL C 232 -17.33 46.63 10.20
CA VAL C 232 -17.81 45.41 9.56
C VAL C 232 -18.83 44.77 10.49
N PHE C 233 -19.96 44.35 9.93
CA PHE C 233 -21.06 43.80 10.73
C PHE C 233 -21.46 42.43 10.21
N LYS C 234 -21.51 41.46 11.12
CA LYS C 234 -21.95 40.12 10.80
C LYS C 234 -22.90 39.65 11.89
N ASN C 235 -23.92 38.89 11.51
CA ASN C 235 -24.91 38.35 12.44
C ASN C 235 -25.16 36.90 12.07
N ILE C 236 -24.42 35.99 12.70
CA ILE C 236 -24.51 34.56 12.40
C ILE C 236 -24.52 33.79 13.72
N ASP C 237 -25.09 32.59 13.67
CA ASP C 237 -25.19 31.69 14.82
C ASP C 237 -25.62 32.43 16.08
N GLY C 238 -26.51 33.42 15.94
CA GLY C 238 -27.02 34.13 17.09
C GLY C 238 -26.05 35.10 17.71
N TYR C 239 -24.92 35.37 17.06
CA TYR C 239 -23.92 36.30 17.58
C TYR C 239 -23.76 37.46 16.61
N PHE C 240 -23.67 38.66 17.17
CA PHE C 240 -23.48 39.88 16.41
C PHE C 240 -22.05 40.34 16.60
N LYS C 241 -21.32 40.49 15.50
CA LYS C 241 -19.90 40.81 15.54
C LYS C 241 -19.66 42.23 15.04
N ILE C 242 -18.69 42.90 15.64
CA ILE C 242 -18.28 44.24 15.25
C ILE C 242 -16.76 44.26 15.14
N TYR C 243 -16.26 44.84 14.06
CA TYR C 243 -14.84 45.11 13.90
C TYR C 243 -14.69 46.56 13.48
N SER C 244 -13.48 47.09 13.61
CA SER C 244 -13.22 48.47 13.21
C SER C 244 -11.72 48.71 13.24
N LYS C 245 -11.34 49.93 12.90
CA LYS C 245 -9.96 50.36 12.93
C LYS C 245 -9.91 51.87 12.73
N HIS C 246 -9.03 52.52 13.47
CA HIS C 246 -8.86 53.97 13.42
C HIS C 246 -7.57 54.26 12.67
N THR C 247 -7.68 54.82 11.47
CA THR C 247 -6.53 55.09 10.64
C THR C 247 -6.56 56.54 10.18
N PRO C 248 -5.49 57.32 10.40
CA PRO C 248 -5.48 58.70 9.93
C PRO C 248 -4.96 58.80 8.49
N ILE C 249 -5.71 59.50 7.64
CA ILE C 249 -5.34 59.69 6.24
C ILE C 249 -5.41 61.17 5.92
N ASN C 250 -4.32 61.70 5.35
CA ASN C 250 -4.32 63.10 4.93
C ASN C 250 -5.33 63.34 3.82
N LEU C 251 -5.43 62.40 2.89
CA LEU C 251 -6.39 62.54 1.79
C LEU C 251 -7.80 62.59 2.34
N VAL C 252 -8.63 63.42 1.73
CA VAL C 252 -10.01 63.60 2.17
C VAL C 252 -10.98 63.48 1.00
N ARG C 253 -10.44 63.39 -0.22
CA ARG C 253 -11.27 63.37 -1.42
C ARG C 253 -11.40 61.99 -2.05
N ASP C 254 -10.36 61.15 -1.96
CA ASP C 254 -10.38 59.83 -2.55
C ASP C 254 -9.87 58.82 -1.54
N LEU C 255 -10.39 57.59 -1.65
CA LEU C 255 -9.98 56.53 -0.74
C LEU C 255 -8.53 56.15 -1.03
N PRO C 256 -7.65 56.17 -0.03
CA PRO C 256 -6.24 55.89 -0.28
C PRO C 256 -6.02 54.43 -0.66
N GLN C 257 -4.96 54.21 -1.44
CA GLN C 257 -4.53 52.86 -1.79
C GLN C 257 -3.62 52.34 -0.70
N GLY C 258 -4.14 51.47 0.15
CA GLY C 258 -3.35 50.96 1.27
C GLY C 258 -3.98 49.70 1.81
N PHE C 259 -3.27 49.11 2.78
CA PHE C 259 -3.70 47.87 3.42
C PHE C 259 -3.76 48.07 4.92
N SER C 260 -4.88 47.65 5.52
CA SER C 260 -5.10 47.82 6.95
C SER C 260 -6.02 46.70 7.42
N ALA C 261 -5.43 45.68 8.05
CA ALA C 261 -6.22 44.61 8.62
C ALA C 261 -7.23 45.16 9.60
N LEU C 262 -8.19 44.32 9.97
CA LEU C 262 -9.26 44.69 10.89
C LEU C 262 -9.27 43.73 12.06
N GLU C 263 -9.58 44.26 13.24
CA GLU C 263 -9.61 43.44 14.46
C GLU C 263 -10.92 43.67 15.20
N PRO C 264 -11.40 42.64 15.91
CA PRO C 264 -12.66 42.78 16.62
C PRO C 264 -12.53 43.67 17.85
N LEU C 265 -13.67 44.20 18.29
CA LEU C 265 -13.75 44.92 19.54
C LEU C 265 -14.89 44.47 20.44
N VAL C 266 -15.87 43.74 19.91
CA VAL C 266 -16.96 43.19 20.72
C VAL C 266 -17.69 42.14 19.91
N ASP C 267 -18.19 41.11 20.59
CA ASP C 267 -18.96 40.02 19.96
C ASP C 267 -20.24 39.88 20.77
N LEU C 268 -21.24 40.68 20.42
CA LEU C 268 -22.48 40.72 21.19
C LEU C 268 -23.37 39.53 20.82
N PRO C 269 -23.82 38.73 21.81
CA PRO C 269 -24.69 37.58 21.50
C PRO C 269 -26.18 37.93 21.55
N ILE C 270 -26.59 38.88 20.69
CA ILE C 270 -27.98 39.31 20.68
C ILE C 270 -28.89 38.16 20.29
N GLY C 271 -28.54 37.44 19.24
CA GLY C 271 -29.37 36.33 18.79
C GLY C 271 -30.74 36.75 18.33
N ILE C 272 -30.81 37.80 17.51
CA ILE C 272 -32.08 38.27 16.96
C ILE C 272 -32.05 38.12 15.45
N ASN C 273 -33.13 38.49 14.79
CA ASN C 273 -33.26 38.39 13.33
C ASN C 273 -33.36 39.79 12.74
N ILE C 274 -32.48 40.11 11.80
CA ILE C 274 -32.42 41.42 11.18
C ILE C 274 -32.56 41.25 9.68
N THR C 275 -33.21 42.21 9.04
CA THR C 275 -33.37 42.20 7.58
C THR C 275 -32.94 43.49 6.92
N ARG C 276 -33.19 44.64 7.55
CA ARG C 276 -32.93 45.93 6.94
C ARG C 276 -32.38 46.88 7.99
N PHE C 277 -31.80 47.98 7.52
CA PHE C 277 -31.26 49.00 8.42
C PHE C 277 -31.16 50.30 7.66
N GLN C 278 -31.06 51.39 8.43
CA GLN C 278 -30.88 52.71 7.84
C GLN C 278 -30.29 53.63 8.91
N THR C 279 -29.04 54.01 8.74
CA THR C 279 -28.44 54.98 9.66
C THR C 279 -29.25 56.27 9.65
N LEU C 280 -28.98 57.12 10.64
CA LEU C 280 -29.69 58.38 10.79
C LEU C 280 -28.83 59.49 10.21
N LEU C 281 -29.23 59.99 9.05
CA LEU C 281 -28.48 61.05 8.39
C LEU C 281 -28.48 62.31 9.26
N ALA C 282 -27.35 63.03 9.24
CA ALA C 282 -27.26 64.28 9.97
C ALA C 282 -28.01 65.37 9.24
N LEU C 283 -28.83 66.12 9.97
CA LEU C 283 -29.60 67.21 9.38
C LEU C 283 -30.17 68.12 10.46
N SER C 293 -37.69 72.32 4.56
CA SER C 293 -38.48 72.07 3.37
C SER C 293 -39.06 73.38 2.83
N SER C 294 -39.60 74.20 3.74
CA SER C 294 -40.21 75.46 3.33
C SER C 294 -39.16 76.53 3.03
N SER C 295 -38.21 76.72 3.95
CA SER C 295 -37.18 77.72 3.76
C SER C 295 -35.98 77.33 4.62
N GLY C 296 -34.83 77.92 4.29
CA GLY C 296 -33.61 77.60 5.01
C GLY C 296 -33.20 76.15 4.87
N TRP C 297 -33.26 75.61 3.66
CA TRP C 297 -32.95 74.21 3.41
C TRP C 297 -31.49 74.07 2.99
N THR C 298 -30.77 73.17 3.66
CA THR C 298 -29.39 72.87 3.34
C THR C 298 -29.26 71.36 3.17
N ALA C 299 -28.65 70.93 2.08
CA ALA C 299 -28.48 69.50 1.84
C ALA C 299 -27.64 68.87 2.94
N GLY C 300 -28.10 67.75 3.47
CA GLY C 300 -27.38 67.05 4.53
C GLY C 300 -26.22 66.26 3.99
N ALA C 301 -25.25 66.95 3.40
CA ALA C 301 -24.11 66.29 2.77
C ALA C 301 -23.43 65.34 3.75
N ALA C 302 -23.47 64.05 3.44
CA ALA C 302 -22.84 63.03 4.26
C ALA C 302 -22.13 62.05 3.35
N ALA C 303 -20.95 61.58 3.78
CA ALA C 303 -20.13 60.66 3.00
C ALA C 303 -20.00 59.36 3.78
N TYR C 304 -20.76 58.34 3.37
CA TYR C 304 -20.63 57.02 3.96
C TYR C 304 -20.96 55.99 2.90
N TYR C 305 -20.17 54.92 2.85
CA TYR C 305 -20.25 53.92 1.80
C TYR C 305 -21.01 52.70 2.29
N VAL C 306 -21.19 51.72 1.40
CA VAL C 306 -21.90 50.50 1.73
C VAL C 306 -21.38 49.39 0.82
N GLY C 307 -21.08 48.24 1.42
CA GLY C 307 -20.61 47.09 0.66
C GLY C 307 -21.43 45.85 0.94
N TYR C 308 -21.00 44.72 0.41
CA TYR C 308 -21.67 43.44 0.68
C TYR C 308 -20.61 42.35 0.67
N LEU C 309 -20.84 41.31 1.48
CA LEU C 309 -19.87 40.26 1.70
C LEU C 309 -20.30 38.97 1.02
N GLN C 310 -19.32 38.19 0.59
CA GLN C 310 -19.55 36.94 -0.10
C GLN C 310 -18.57 35.91 0.44
N PRO C 311 -18.87 34.62 0.26
CA PRO C 311 -17.96 33.55 0.73
C PRO C 311 -16.82 33.25 -0.25
N ARG C 312 -15.75 34.02 -0.14
CA ARG C 312 -14.56 33.88 -0.98
C ARG C 312 -13.39 33.42 -0.13
N THR C 313 -12.73 32.35 -0.57
CA THR C 313 -11.54 31.88 0.13
C THR C 313 -10.41 32.90 -0.04
N PHE C 314 -9.64 33.10 1.03
CA PHE C 314 -8.59 34.11 1.05
C PHE C 314 -7.27 33.46 1.44
N LEU C 315 -6.19 34.20 1.21
CA LEU C 315 -4.86 33.85 1.69
C LEU C 315 -4.34 34.98 2.56
N LEU C 316 -3.85 34.63 3.74
CA LEU C 316 -3.38 35.61 4.71
C LEU C 316 -1.92 35.34 5.04
N LYS C 317 -1.18 36.40 5.32
CA LYS C 317 0.25 36.31 5.62
C LYS C 317 0.52 36.97 6.96
N TYR C 318 0.57 36.18 8.02
CA TYR C 318 0.95 36.69 9.33
C TYR C 318 2.46 36.92 9.37
N ASN C 319 2.86 38.08 9.87
CA ASN C 319 4.28 38.41 9.96
C ASN C 319 4.83 37.90 11.29
N GLU C 320 6.02 38.36 11.66
CA GLU C 320 6.65 37.89 12.89
C GLU C 320 5.78 38.21 14.10
N ASN C 321 5.13 39.36 14.11
CA ASN C 321 4.32 39.80 15.24
C ASN C 321 2.90 39.30 15.17
N GLY C 322 2.60 38.36 14.28
CA GLY C 322 1.24 37.90 14.13
C GLY C 322 0.28 38.97 13.67
N THR C 323 0.73 39.90 12.83
CA THR C 323 -0.09 40.94 12.25
C THR C 323 -0.17 40.73 10.75
N ILE C 324 -1.39 40.76 10.21
CA ILE C 324 -1.58 40.55 8.79
C ILE C 324 -0.95 41.72 8.03
N THR C 325 0.00 41.40 7.15
CA THR C 325 0.68 42.42 6.36
C THR C 325 0.16 42.51 4.93
N ASP C 326 -0.33 41.40 4.37
CA ASP C 326 -0.88 41.42 3.03
C ASP C 326 -1.78 40.20 2.87
N ALA C 327 -2.69 40.29 1.90
CA ALA C 327 -3.64 39.23 1.63
C ALA C 327 -3.77 39.04 0.13
N VAL C 328 -4.12 37.82 -0.28
CA VAL C 328 -4.28 37.47 -1.68
C VAL C 328 -5.61 36.75 -1.86
N ASP C 329 -6.42 37.23 -2.79
CA ASP C 329 -7.68 36.58 -3.10
C ASP C 329 -7.42 35.23 -3.75
N CYS C 330 -8.47 34.40 -3.77
CA CYS C 330 -8.36 33.05 -4.34
C CYS C 330 -9.48 32.75 -5.35
N ALA C 331 -10.22 33.76 -5.80
CA ALA C 331 -11.21 33.54 -6.84
C ALA C 331 -11.30 34.73 -7.80
N LEU C 332 -10.21 35.48 -7.96
CA LEU C 332 -10.25 36.71 -8.73
C LEU C 332 -9.84 36.48 -10.19
N ASP C 333 -8.63 36.00 -10.41
CA ASP C 333 -8.10 35.84 -11.76
C ASP C 333 -7.04 34.75 -11.73
N PRO C 334 -6.62 34.27 -12.92
CA PRO C 334 -5.76 33.07 -12.93
C PRO C 334 -4.47 33.21 -12.14
N LEU C 335 -3.83 34.37 -12.16
CA LEU C 335 -2.58 34.50 -11.41
C LEU C 335 -2.84 34.39 -9.92
N SER C 336 -3.92 35.00 -9.43
CA SER C 336 -4.29 34.86 -8.03
C SER C 336 -4.61 33.42 -7.70
N GLU C 337 -5.29 32.72 -8.60
CA GLU C 337 -5.60 31.33 -8.36
C GLU C 337 -4.32 30.50 -8.25
N THR C 338 -3.35 30.75 -9.11
CA THR C 338 -2.08 30.03 -9.04
C THR C 338 -1.35 30.32 -7.74
N LYS C 339 -1.34 31.58 -7.32
CA LYS C 339 -0.74 31.93 -6.03
C LYS C 339 -1.42 31.15 -4.92
N CYS C 340 -2.74 31.12 -4.93
CA CYS C 340 -3.49 30.43 -3.89
C CYS C 340 -3.24 28.93 -3.93
N THR C 341 -2.97 28.39 -5.12
CA THR C 341 -2.69 26.96 -5.24
C THR C 341 -1.32 26.62 -4.71
N LEU C 342 -0.31 27.43 -5.02
CA LEU C 342 1.04 27.14 -4.58
C LEU C 342 1.32 27.61 -3.16
N LYS C 343 0.41 28.34 -2.54
CA LYS C 343 0.60 28.81 -1.17
C LYS C 343 1.84 29.68 -1.07
N SER C 344 2.06 30.51 -2.08
CA SER C 344 3.18 31.45 -2.08
C SER C 344 2.73 32.76 -2.70
N PHE C 345 3.38 33.84 -2.29
CA PHE C 345 3.07 35.16 -2.81
C PHE C 345 3.79 35.47 -4.11
N THR C 346 4.71 34.61 -4.55
CA THR C 346 5.39 34.76 -5.82
C THR C 346 5.42 33.41 -6.51
N VAL C 347 5.30 33.43 -7.84
CA VAL C 347 5.28 32.21 -8.64
C VAL C 347 6.42 32.27 -9.64
N GLU C 348 7.18 31.18 -9.71
CA GLU C 348 8.31 31.10 -10.62
C GLU C 348 7.84 30.86 -12.05
N LYS C 349 8.67 31.26 -13.00
CA LYS C 349 8.34 31.08 -14.41
C LYS C 349 8.06 29.61 -14.72
N GLY C 350 6.97 29.37 -15.42
CA GLY C 350 6.62 28.01 -15.81
C GLY C 350 5.12 27.90 -16.03
N ILE C 351 4.69 26.65 -16.20
CA ILE C 351 3.29 26.31 -16.43
C ILE C 351 2.83 25.44 -15.27
N TYR C 352 1.66 25.76 -14.71
CA TYR C 352 1.16 25.07 -13.53
C TYR C 352 -0.24 24.54 -13.79
N GLN C 353 -0.50 23.33 -13.29
CA GLN C 353 -1.81 22.72 -13.38
C GLN C 353 -2.70 23.26 -12.27
N THR C 354 -3.88 23.76 -12.64
CA THR C 354 -4.79 24.34 -11.67
C THR C 354 -6.17 23.70 -11.78
N SER C 355 -7.16 24.28 -11.10
CA SER C 355 -8.47 23.65 -11.01
C SER C 355 -9.09 23.46 -12.39
N ASN C 356 -9.80 22.35 -12.54
CA ASN C 356 -10.48 22.02 -13.79
C ASN C 356 -11.86 22.68 -13.82
N PHE C 357 -12.61 22.43 -14.89
CA PHE C 357 -13.89 23.08 -15.09
C PHE C 357 -14.91 22.06 -15.57
N ARG C 358 -16.19 22.43 -15.46
CA ARG C 358 -17.28 21.58 -15.88
C ARG C 358 -18.45 22.47 -16.30
N VAL C 359 -19.21 22.00 -17.28
CA VAL C 359 -20.35 22.75 -17.80
C VAL C 359 -21.58 22.35 -17.00
N GLN C 360 -22.24 23.33 -16.40
CA GLN C 360 -23.39 23.05 -15.55
C GLN C 360 -24.63 22.77 -16.39
N PRO C 361 -25.51 21.88 -15.92
CA PRO C 361 -26.77 21.64 -16.64
C PRO C 361 -27.68 22.85 -16.58
N THR C 362 -28.51 23.00 -17.61
CA THR C 362 -29.38 24.16 -17.72
C THR C 362 -30.76 23.92 -17.11
N GLU C 363 -31.32 22.72 -17.28
CA GLU C 363 -32.67 22.45 -16.83
C GLU C 363 -32.79 20.96 -16.51
N SER C 364 -33.97 20.58 -16.01
CA SER C 364 -34.21 19.21 -15.56
C SER C 364 -35.38 18.61 -16.35
N ILE C 365 -35.29 17.31 -16.62
CA ILE C 365 -36.28 16.58 -17.39
C ILE C 365 -36.70 15.36 -16.58
N VAL C 366 -38.00 15.09 -16.55
CA VAL C 366 -38.55 13.93 -15.87
C VAL C 366 -39.56 13.26 -16.77
N ARG C 367 -39.43 11.95 -16.96
CA ARG C 367 -40.31 11.18 -17.84
C ARG C 367 -40.68 9.87 -17.16
N PHE C 368 -41.97 9.62 -17.01
CA PHE C 368 -42.51 8.42 -16.40
C PHE C 368 -43.58 7.83 -17.30
N PRO C 369 -43.83 6.52 -17.20
CA PRO C 369 -44.85 5.90 -18.05
C PRO C 369 -46.23 6.43 -17.73
N ASN C 370 -47.11 6.34 -18.73
CA ASN C 370 -48.46 6.87 -18.60
C ASN C 370 -49.32 5.87 -17.84
N ILE C 371 -49.51 6.13 -16.54
CA ILE C 371 -50.33 5.31 -15.67
C ILE C 371 -51.32 6.22 -14.96
N THR C 372 -52.56 5.76 -14.82
CA THR C 372 -53.61 6.55 -14.17
C THR C 372 -54.33 5.77 -13.09
N ASN C 373 -54.52 4.47 -13.26
CA ASN C 373 -55.24 3.67 -12.28
C ASN C 373 -54.58 3.80 -10.90
N LEU C 374 -55.41 3.95 -9.88
CA LEU C 374 -54.93 4.09 -8.52
C LEU C 374 -54.70 2.71 -7.89
N CYS C 375 -53.70 2.64 -7.02
CA CYS C 375 -53.38 1.40 -6.33
C CYS C 375 -54.38 1.16 -5.20
N PRO C 376 -54.92 -0.07 -5.07
CA PRO C 376 -55.91 -0.35 -4.01
C PRO C 376 -55.29 -0.61 -2.64
N PHE C 377 -54.43 0.30 -2.19
CA PHE C 377 -53.78 0.13 -0.90
C PHE C 377 -54.79 0.12 0.24
N GLY C 378 -55.76 1.04 0.21
CA GLY C 378 -56.77 1.06 1.24
C GLY C 378 -57.57 -0.22 1.28
N GLU C 379 -57.94 -0.73 0.10
CA GLU C 379 -58.65 -2.01 0.04
C GLU C 379 -57.79 -3.13 0.63
N VAL C 380 -56.50 -3.14 0.33
CA VAL C 380 -55.62 -4.17 0.87
C VAL C 380 -55.60 -4.11 2.39
N PHE C 381 -55.47 -2.89 2.93
CA PHE C 381 -55.45 -2.75 4.38
C PHE C 381 -56.82 -3.09 4.98
N ASN C 382 -57.89 -2.66 4.32
CA ASN C 382 -59.25 -2.86 4.85
C ASN C 382 -59.75 -4.25 4.45
N ALA C 383 -59.09 -5.26 5.02
CA ALA C 383 -59.49 -6.64 4.83
C ALA C 383 -60.48 -7.06 5.90
N THR C 384 -61.37 -7.99 5.54
CA THR C 384 -62.37 -8.47 6.49
C THR C 384 -61.70 -9.13 7.68
N ARG C 385 -60.68 -9.95 7.44
CA ARG C 385 -59.97 -10.64 8.51
C ARG C 385 -58.65 -11.14 7.97
N PHE C 386 -57.56 -10.79 8.66
CA PHE C 386 -56.24 -11.25 8.28
C PHE C 386 -56.01 -12.67 8.77
N ALA C 387 -55.12 -13.38 8.08
CA ALA C 387 -54.88 -14.79 8.37
C ALA C 387 -53.99 -14.92 9.61
N SER C 388 -53.51 -16.14 9.87
CA SER C 388 -52.65 -16.40 11.01
C SER C 388 -51.20 -16.09 10.66
N VAL C 389 -50.37 -16.02 11.70
CA VAL C 389 -48.95 -15.73 11.49
C VAL C 389 -48.31 -16.83 10.64
N TYR C 390 -48.73 -18.07 10.84
CA TYR C 390 -48.17 -19.18 10.07
C TYR C 390 -48.85 -19.34 8.71
N ALA C 391 -49.96 -18.64 8.46
CA ALA C 391 -50.66 -18.70 7.19
C ALA C 391 -50.70 -17.32 6.52
N TRP C 392 -49.74 -16.47 6.86
CA TRP C 392 -49.68 -15.11 6.33
C TRP C 392 -50.04 -15.08 4.85
N ASN C 393 -50.99 -14.22 4.50
CA ASN C 393 -51.48 -14.10 3.14
C ASN C 393 -50.68 -13.05 2.39
N ARG C 394 -50.26 -13.39 1.17
CA ARG C 394 -49.48 -12.50 0.32
C ARG C 394 -50.32 -12.10 -0.87
N LYS C 395 -50.36 -10.80 -1.15
CA LYS C 395 -51.09 -10.26 -2.29
C LYS C 395 -50.12 -9.47 -3.16
N ARG C 396 -50.21 -9.66 -4.47
CA ARG C 396 -49.38 -8.93 -5.42
C ARG C 396 -50.15 -7.70 -5.89
N ILE C 397 -49.46 -6.56 -5.95
CA ILE C 397 -50.05 -5.30 -6.37
C ILE C 397 -49.11 -4.63 -7.35
N SER C 398 -49.65 -4.17 -8.48
CA SER C 398 -48.83 -3.57 -9.53
C SER C 398 -49.75 -2.91 -10.54
N ASN C 399 -49.13 -2.20 -11.49
CA ASN C 399 -49.82 -1.52 -12.58
C ASN C 399 -50.82 -0.50 -12.04
N CYS C 400 -50.28 0.47 -11.31
CA CYS C 400 -51.09 1.53 -10.72
C CYS C 400 -50.16 2.57 -10.14
N VAL C 401 -50.72 3.69 -9.72
CA VAL C 401 -49.97 4.78 -9.11
C VAL C 401 -50.17 4.71 -7.60
N ALA C 402 -49.07 4.65 -6.86
CA ALA C 402 -49.09 4.50 -5.42
C ALA C 402 -48.71 5.83 -4.76
N ASP C 403 -49.56 6.31 -3.87
CA ASP C 403 -49.37 7.58 -3.18
C ASP C 403 -49.01 7.27 -1.72
N TYR C 404 -47.72 7.17 -1.45
CA TYR C 404 -47.23 6.86 -0.11
C TYR C 404 -47.28 8.06 0.82
N SER C 405 -47.45 9.26 0.30
CA SER C 405 -47.58 10.43 1.17
C SER C 405 -48.82 10.31 2.05
N VAL C 406 -49.90 9.77 1.49
CA VAL C 406 -51.12 9.60 2.29
C VAL C 406 -50.87 8.63 3.44
N LEU C 407 -50.22 7.51 3.15
CA LEU C 407 -49.92 6.55 4.20
C LEU C 407 -49.02 7.18 5.26
N TYR C 408 -48.03 7.96 4.83
CA TYR C 408 -47.13 8.61 5.77
C TYR C 408 -47.89 9.57 6.68
N ASN C 409 -48.65 10.49 6.08
CA ASN C 409 -49.30 11.52 6.89
C ASN C 409 -50.46 10.98 7.71
N SER C 410 -50.98 9.80 7.36
CA SER C 410 -52.04 9.20 8.15
C SER C 410 -51.52 8.89 9.55
N ALA C 411 -52.34 9.22 10.56
CA ALA C 411 -51.96 9.04 11.95
C ALA C 411 -52.39 7.70 12.53
N SER C 412 -53.08 6.87 11.76
CA SER C 412 -53.55 5.60 12.29
C SER C 412 -52.39 4.71 12.71
N PHE C 413 -51.33 4.66 11.91
CA PHE C 413 -50.23 3.75 12.16
C PHE C 413 -49.47 4.15 13.42
N SER C 414 -48.96 3.14 14.13
CA SER C 414 -48.16 3.33 15.33
C SER C 414 -46.67 3.15 15.07
N THR C 415 -46.29 2.09 14.37
CA THR C 415 -44.90 1.82 14.02
C THR C 415 -44.75 1.94 12.52
N PHE C 416 -43.79 2.75 12.08
CA PHE C 416 -43.59 3.03 10.66
C PHE C 416 -42.09 3.22 10.44
N LYS C 417 -41.42 2.13 10.06
CA LYS C 417 -39.97 2.16 9.87
C LYS C 417 -39.62 1.45 8.58
N CYS C 418 -38.84 2.10 7.74
CA CYS C 418 -38.38 1.53 6.47
C CYS C 418 -36.90 1.24 6.57
N TYR C 419 -36.48 0.12 5.97
CA TYR C 419 -35.11 -0.35 6.08
C TYR C 419 -34.25 0.09 4.90
N GLY C 420 -34.61 -0.31 3.68
CA GLY C 420 -33.77 0.00 2.54
C GLY C 420 -33.97 1.38 1.97
N VAL C 421 -35.08 2.04 2.30
CA VAL C 421 -35.43 3.31 1.67
C VAL C 421 -35.92 4.28 2.74
N SER C 422 -35.91 5.55 2.40
CA SER C 422 -36.45 6.60 3.26
C SER C 422 -37.87 6.95 2.83
N PRO C 423 -38.84 6.94 3.74
CA PRO C 423 -40.22 7.23 3.32
C PRO C 423 -40.35 8.57 2.65
N THR C 424 -39.55 9.56 3.04
CA THR C 424 -39.62 10.87 2.39
C THR C 424 -39.32 10.77 0.91
N LYS C 425 -38.22 10.10 0.56
CA LYS C 425 -37.86 9.91 -0.84
C LYS C 425 -38.72 8.87 -1.53
N LEU C 426 -39.52 8.12 -0.77
CA LEU C 426 -40.33 7.07 -1.36
C LEU C 426 -41.31 7.60 -2.40
N ASN C 427 -41.61 8.90 -2.39
CA ASN C 427 -42.66 9.43 -3.26
C ASN C 427 -42.31 9.28 -4.73
N ASP C 428 -41.04 9.45 -5.09
CA ASP C 428 -40.67 9.65 -6.48
C ASP C 428 -39.81 8.51 -7.03
N LEU C 429 -40.19 7.27 -6.78
CA LEU C 429 -39.44 6.11 -7.26
C LEU C 429 -40.36 5.20 -8.05
N CYS C 430 -39.75 4.34 -8.87
CA CYS C 430 -40.47 3.36 -9.67
C CYS C 430 -40.03 1.96 -9.28
N PHE C 431 -41.00 1.06 -9.12
CA PHE C 431 -40.74 -0.30 -8.69
C PHE C 431 -41.32 -1.29 -9.67
N THR C 432 -40.63 -2.42 -9.84
CA THR C 432 -41.08 -3.46 -10.76
C THR C 432 -42.32 -4.14 -10.25
N ASN C 433 -42.34 -4.52 -8.97
CA ASN C 433 -43.48 -5.19 -8.38
C ASN C 433 -43.45 -4.98 -6.88
N VAL C 434 -44.61 -5.13 -6.25
CA VAL C 434 -44.79 -4.87 -4.83
C VAL C 434 -45.55 -6.03 -4.21
N TYR C 435 -45.10 -6.47 -3.05
CA TYR C 435 -45.76 -7.53 -2.29
C TYR C 435 -46.32 -6.96 -1.00
N ALA C 436 -47.52 -7.37 -0.64
CA ALA C 436 -48.21 -6.91 0.56
C ALA C 436 -48.57 -8.13 1.40
N ASP C 437 -47.70 -8.46 2.35
CA ASP C 437 -47.95 -9.55 3.29
C ASP C 437 -48.76 -9.02 4.46
N SER C 438 -49.78 -9.77 4.88
CA SER C 438 -50.64 -9.35 5.96
C SER C 438 -50.93 -10.53 6.87
N PHE C 439 -51.05 -10.25 8.16
CA PHE C 439 -51.33 -11.29 9.16
C PHE C 439 -51.55 -10.59 10.50
N VAL C 440 -51.79 -11.40 11.53
CA VAL C 440 -52.03 -10.92 12.89
C VAL C 440 -50.99 -11.56 13.81
N ILE C 441 -50.36 -10.75 14.66
CA ILE C 441 -49.37 -11.21 15.61
C ILE C 441 -49.61 -10.54 16.95
N ARG C 442 -49.02 -11.12 17.98
CA ARG C 442 -49.10 -10.56 19.32
C ARG C 442 -48.39 -9.20 19.38
N GLY C 443 -48.90 -8.33 20.24
CA GLY C 443 -48.33 -7.00 20.34
C GLY C 443 -46.89 -7.00 20.80
N ASP C 444 -46.51 -7.96 21.64
CA ASP C 444 -45.16 -8.01 22.19
C ASP C 444 -44.13 -8.51 21.19
N GLU C 445 -44.55 -9.17 20.12
CA GLU C 445 -43.63 -9.74 19.15
C GLU C 445 -43.37 -8.82 17.96
N VAL C 446 -43.94 -7.62 17.96
CA VAL C 446 -43.68 -6.67 16.89
C VAL C 446 -42.19 -6.39 16.79
N ARG C 447 -41.53 -6.25 17.94
CA ARG C 447 -40.08 -6.12 17.94
C ARG C 447 -39.43 -7.35 17.34
N GLN C 448 -39.92 -8.55 17.69
CA GLN C 448 -39.31 -9.77 17.20
C GLN C 448 -39.39 -9.88 15.69
N ILE C 449 -40.41 -9.28 15.08
CA ILE C 449 -40.64 -9.46 13.64
C ILE C 449 -39.57 -8.77 12.80
N ALA C 450 -38.69 -8.01 13.44
CA ALA C 450 -37.71 -7.23 12.69
C ALA C 450 -36.73 -8.15 11.96
N PRO C 451 -36.15 -7.69 10.85
CA PRO C 451 -35.15 -8.50 10.15
C PRO C 451 -33.91 -8.72 11.01
N GLY C 452 -33.27 -9.86 10.81
CA GLY C 452 -32.09 -10.20 11.57
C GLY C 452 -32.34 -10.56 13.01
N GLN C 453 -33.60 -10.69 13.41
CA GLN C 453 -33.95 -11.02 14.79
C GLN C 453 -33.99 -12.52 14.98
N THR C 454 -33.98 -12.93 16.26
CA THR C 454 -34.09 -14.33 16.63
C THR C 454 -35.21 -14.48 17.65
N GLY C 455 -36.01 -15.52 17.47
CA GLY C 455 -37.11 -15.76 18.37
C GLY C 455 -38.01 -16.85 17.82
N LYS C 456 -39.04 -17.17 18.59
CA LYS C 456 -39.95 -18.24 18.21
C LYS C 456 -40.63 -17.93 16.87
N ILE C 457 -41.23 -16.74 16.77
CA ILE C 457 -41.94 -16.39 15.54
C ILE C 457 -41.00 -16.43 14.36
N ALA C 458 -39.86 -15.74 14.47
CA ALA C 458 -38.94 -15.64 13.36
C ALA C 458 -38.43 -17.01 12.93
N ASP C 459 -38.14 -17.88 13.91
CA ASP C 459 -37.54 -19.17 13.61
C ASP C 459 -38.56 -20.20 13.15
N TYR C 460 -39.85 -19.97 13.40
CA TYR C 460 -40.87 -20.96 13.08
C TYR C 460 -41.77 -20.57 11.92
N ASN C 461 -42.43 -19.41 11.98
CA ASN C 461 -43.54 -19.14 11.07
C ASN C 461 -43.35 -17.92 10.18
N TYR C 462 -42.36 -17.07 10.40
CA TYR C 462 -42.17 -15.92 9.53
C TYR C 462 -40.74 -15.43 9.64
N LYS C 463 -39.94 -15.68 8.61
CA LYS C 463 -38.54 -15.29 8.57
C LYS C 463 -38.32 -14.24 7.49
N LEU C 464 -37.58 -13.19 7.83
CA LEU C 464 -37.25 -12.14 6.87
C LEU C 464 -35.83 -12.30 6.37
N PRO C 465 -35.56 -11.94 5.13
CA PRO C 465 -34.19 -12.04 4.61
C PRO C 465 -33.27 -11.03 5.28
N ASP C 466 -31.97 -11.36 5.27
CA ASP C 466 -30.99 -10.49 5.91
C ASP C 466 -30.95 -9.12 5.23
N ASP C 467 -31.03 -9.09 3.90
CA ASP C 467 -30.94 -7.86 3.13
C ASP C 467 -32.31 -7.35 2.72
N PHE C 468 -33.31 -7.51 3.59
CA PHE C 468 -34.66 -7.10 3.25
C PHE C 468 -34.68 -5.62 2.89
N THR C 469 -35.35 -5.29 1.78
CA THR C 469 -35.43 -3.93 1.26
C THR C 469 -36.90 -3.55 1.16
N GLY C 470 -37.41 -2.90 2.21
CA GLY C 470 -38.80 -2.51 2.21
C GLY C 470 -39.12 -1.75 3.47
N CYS C 471 -40.41 -1.66 3.78
CA CYS C 471 -40.88 -0.95 4.96
C CYS C 471 -41.89 -1.82 5.72
N VAL C 472 -41.84 -1.74 7.04
CA VAL C 472 -42.69 -2.53 7.92
C VAL C 472 -43.66 -1.58 8.63
N ILE C 473 -44.93 -1.98 8.70
CA ILE C 473 -45.97 -1.19 9.33
C ILE C 473 -46.67 -2.06 10.36
N ALA C 474 -46.90 -1.51 11.54
CA ALA C 474 -47.58 -2.23 12.61
C ALA C 474 -48.42 -1.27 13.43
N TRP C 475 -49.55 -1.75 13.91
CA TRP C 475 -50.47 -0.93 14.69
C TRP C 475 -51.41 -1.84 15.48
N ASN C 476 -51.64 -1.49 16.74
CA ASN C 476 -52.47 -2.31 17.60
C ASN C 476 -53.89 -2.39 17.05
N SER C 477 -54.51 -3.56 17.20
CA SER C 477 -55.86 -3.78 16.70
C SER C 477 -56.67 -4.55 17.73
N ASN C 478 -56.58 -4.15 18.99
CA ASN C 478 -57.25 -4.89 20.06
C ASN C 478 -58.76 -4.87 19.86
N ASN C 479 -59.35 -3.69 19.72
CA ASN C 479 -60.79 -3.58 19.60
C ASN C 479 -61.31 -4.14 18.28
N LEU C 480 -60.45 -4.26 17.28
CA LEU C 480 -60.87 -4.75 15.98
C LEU C 480 -60.79 -6.27 15.87
N ASP C 481 -59.80 -6.88 16.52
CA ASP C 481 -59.55 -8.30 16.41
C ASP C 481 -59.95 -9.08 17.66
N SER C 482 -59.49 -8.65 18.83
CA SER C 482 -59.82 -9.38 20.05
C SER C 482 -61.33 -9.45 20.24
N LYS C 483 -61.82 -10.65 20.54
CA LYS C 483 -63.24 -10.88 20.74
C LYS C 483 -63.55 -10.99 22.23
N VAL C 484 -64.75 -10.53 22.59
CA VAL C 484 -65.15 -10.55 24.00
C VAL C 484 -65.14 -11.98 24.52
N GLY C 485 -65.60 -12.93 23.73
CA GLY C 485 -65.56 -14.32 24.12
C GLY C 485 -64.20 -14.98 23.97
N GLY C 486 -63.24 -14.27 23.38
CA GLY C 486 -61.91 -14.81 23.18
C GLY C 486 -61.68 -15.27 21.76
N ASN C 487 -61.02 -14.45 20.96
CA ASN C 487 -60.75 -14.78 19.56
C ASN C 487 -59.53 -15.67 19.50
N TYR C 488 -59.75 -16.98 19.40
CA TYR C 488 -58.68 -17.96 19.35
C TYR C 488 -58.44 -18.49 17.94
N ASN C 489 -59.05 -17.85 16.94
CA ASN C 489 -58.86 -18.29 15.56
C ASN C 489 -57.43 -18.10 15.07
N TYR C 490 -56.62 -17.34 15.80
CA TYR C 490 -55.23 -17.11 15.40
C TYR C 490 -54.35 -18.21 15.99
N LEU C 491 -53.61 -18.89 15.13
CA LEU C 491 -52.78 -20.02 15.49
C LEU C 491 -51.30 -19.67 15.30
N TYR C 492 -50.44 -20.62 15.64
CA TYR C 492 -49.01 -20.47 15.41
C TYR C 492 -48.35 -21.83 15.57
N ARG C 493 -47.22 -22.01 14.89
CA ARG C 493 -46.46 -23.26 14.96
C ARG C 493 -45.40 -23.13 16.05
N LEU C 494 -45.30 -24.17 16.88
CA LEU C 494 -44.39 -24.17 18.02
C LEU C 494 -43.18 -25.08 17.84
N PHE C 495 -43.31 -26.15 17.05
CA PHE C 495 -42.23 -27.10 16.83
C PHE C 495 -41.98 -27.26 15.34
N ARG C 496 -40.71 -27.44 14.99
CA ARG C 496 -40.32 -27.67 13.60
C ARG C 496 -39.02 -28.44 13.57
N LYS C 497 -38.81 -29.19 12.49
CA LYS C 497 -37.57 -29.91 12.32
C LYS C 497 -36.38 -28.95 12.24
N SER C 498 -36.54 -27.86 11.49
CA SER C 498 -35.49 -26.86 11.34
C SER C 498 -36.14 -25.52 11.04
N ASN C 499 -35.38 -24.46 11.27
CA ASN C 499 -35.88 -23.11 11.03
C ASN C 499 -36.19 -22.92 9.56
N LEU C 500 -37.36 -22.39 9.26
CA LEU C 500 -37.78 -22.21 7.88
C LEU C 500 -37.01 -21.08 7.22
N LYS C 501 -36.80 -21.21 5.91
CA LYS C 501 -36.10 -20.20 5.15
C LYS C 501 -36.97 -18.95 5.02
N PRO C 502 -36.36 -17.79 4.73
CA PRO C 502 -37.15 -16.56 4.64
C PRO C 502 -38.25 -16.66 3.59
N PHE C 503 -39.40 -16.06 3.92
CA PHE C 503 -40.56 -16.06 3.04
C PHE C 503 -40.95 -17.49 2.65
N GLU C 504 -41.21 -18.29 3.66
CA GLU C 504 -41.69 -19.66 3.49
C GLU C 504 -42.98 -19.83 4.28
N ARG C 505 -43.98 -20.43 3.65
CA ARG C 505 -45.25 -20.71 4.31
C ARG C 505 -45.30 -22.20 4.66
N ASP C 506 -45.55 -22.48 5.94
CA ASP C 506 -45.66 -23.84 6.45
C ASP C 506 -47.09 -24.08 6.92
N ILE C 507 -47.69 -25.17 6.45
CA ILE C 507 -49.07 -25.50 6.80
C ILE C 507 -49.16 -26.94 7.26
N SER C 508 -48.02 -27.57 7.51
CA SER C 508 -48.01 -28.96 7.96
C SER C 508 -48.72 -29.08 9.30
N THR C 509 -49.42 -30.20 9.50
CA THR C 509 -50.16 -30.45 10.73
C THR C 509 -49.78 -31.77 11.38
N GLU C 510 -48.72 -32.43 10.91
CA GLU C 510 -48.32 -33.71 11.49
C GLU C 510 -47.94 -33.53 12.96
N ILE C 511 -48.26 -34.54 13.77
CA ILE C 511 -47.90 -34.48 15.18
C ILE C 511 -46.39 -34.43 15.32
N TYR C 512 -45.91 -33.70 16.32
CA TYR C 512 -44.49 -33.52 16.54
C TYR C 512 -44.00 -34.50 17.59
N GLN C 513 -42.91 -35.19 17.29
CA GLN C 513 -42.29 -36.15 18.20
C GLN C 513 -41.04 -35.51 18.79
N ALA C 514 -40.94 -35.53 20.13
CA ALA C 514 -39.79 -34.94 20.79
C ALA C 514 -38.55 -35.80 20.66
N GLY C 515 -38.71 -37.12 20.60
CA GLY C 515 -37.61 -38.06 20.53
C GLY C 515 -37.43 -38.65 19.15
N SER C 516 -36.51 -39.62 19.09
CA SER C 516 -36.21 -40.27 17.81
C SER C 516 -37.20 -41.38 17.48
N THR C 517 -37.81 -41.99 18.49
CA THR C 517 -38.72 -43.10 18.24
C THR C 517 -39.89 -42.62 17.38
N PRO C 518 -40.38 -43.44 16.45
CA PRO C 518 -41.48 -42.99 15.59
C PRO C 518 -42.75 -42.74 16.40
N CYS C 519 -43.55 -41.79 15.91
CA CYS C 519 -44.85 -41.47 16.50
C CYS C 519 -45.92 -42.00 15.56
N ASN C 520 -46.24 -43.28 15.70
CA ASN C 520 -47.27 -43.89 14.87
C ASN C 520 -48.65 -43.50 15.38
N GLY C 521 -49.64 -43.61 14.50
CA GLY C 521 -50.98 -43.23 14.87
C GLY C 521 -51.08 -41.73 15.09
N VAL C 522 -52.00 -41.34 15.97
CA VAL C 522 -52.25 -39.93 16.27
C VAL C 522 -51.52 -39.46 17.51
N GLU C 523 -50.77 -40.34 18.17
CA GLU C 523 -50.08 -39.98 19.40
C GLU C 523 -48.84 -40.86 19.55
N GLY C 524 -48.10 -40.63 20.63
CA GLY C 524 -46.91 -41.41 20.90
C GLY C 524 -46.16 -40.83 22.08
N PHE C 525 -45.00 -41.42 22.34
CA PHE C 525 -44.16 -40.94 23.45
C PHE C 525 -43.78 -39.49 23.23
N ASN C 526 -44.19 -38.62 24.16
CA ASN C 526 -43.89 -37.20 24.08
C ASN C 526 -44.32 -36.61 22.74
N CYS C 527 -45.50 -37.02 22.27
CA CYS C 527 -46.06 -36.53 21.02
C CYS C 527 -47.13 -35.49 21.33
N TYR C 528 -46.99 -34.31 20.74
CA TYR C 528 -47.91 -33.21 21.00
C TYR C 528 -48.20 -32.48 19.70
N PHE C 529 -49.36 -31.85 19.65
CA PHE C 529 -49.75 -31.09 18.47
C PHE C 529 -48.89 -29.83 18.37
N PRO C 530 -48.27 -29.55 17.23
CA PRO C 530 -47.39 -28.38 17.14
C PRO C 530 -48.11 -27.04 17.05
N LEU C 531 -49.43 -27.03 16.92
CA LEU C 531 -50.19 -25.81 16.75
C LEU C 531 -50.92 -25.47 18.05
N GLN C 532 -50.81 -24.22 18.48
CA GLN C 532 -51.48 -23.74 19.68
C GLN C 532 -52.14 -22.40 19.37
N SER C 533 -53.31 -22.18 19.95
CA SER C 533 -54.06 -20.96 19.70
C SER C 533 -53.47 -19.80 20.50
N TYR C 534 -53.89 -18.59 20.14
CA TYR C 534 -53.48 -17.38 20.82
C TYR C 534 -54.54 -16.97 21.83
N GLY C 535 -54.10 -16.69 23.06
CA GLY C 535 -55.01 -16.28 24.10
C GLY C 535 -55.35 -14.81 24.03
N PHE C 536 -56.20 -14.45 23.08
CA PHE C 536 -56.63 -13.07 22.89
C PHE C 536 -57.97 -12.86 23.61
N GLN C 537 -57.97 -11.97 24.59
CA GLN C 537 -59.16 -11.59 25.33
C GLN C 537 -59.12 -10.09 25.57
N PRO C 538 -60.28 -9.44 25.67
CA PRO C 538 -60.27 -7.99 25.93
C PRO C 538 -59.55 -7.62 27.22
N THR C 539 -59.63 -8.48 28.24
CA THR C 539 -58.97 -8.20 29.50
C THR C 539 -57.45 -8.23 29.38
N ASN C 540 -56.91 -8.93 28.39
CA ASN C 540 -55.47 -9.02 28.24
C ASN C 540 -54.86 -7.62 28.13
N GLY C 541 -53.76 -7.41 28.85
CA GLY C 541 -53.12 -6.12 28.90
C GLY C 541 -52.25 -5.86 27.68
N VAL C 542 -51.51 -4.75 27.77
CA VAL C 542 -50.59 -4.39 26.70
C VAL C 542 -49.53 -5.48 26.57
N GLY C 543 -49.03 -5.65 25.34
CA GLY C 543 -48.10 -6.73 25.06
C GLY C 543 -48.76 -8.06 24.79
N TYR C 544 -50.09 -8.13 24.87
CA TYR C 544 -50.83 -9.35 24.56
C TYR C 544 -51.98 -9.12 23.60
N GLN C 545 -52.37 -7.88 23.35
CA GLN C 545 -53.49 -7.62 22.47
C GLN C 545 -53.13 -7.98 21.02
N PRO C 546 -54.12 -8.38 20.22
CA PRO C 546 -53.84 -8.65 18.80
C PRO C 546 -53.38 -7.40 18.09
N TYR C 547 -52.47 -7.58 17.13
CA TYR C 547 -51.92 -6.49 16.34
C TYR C 547 -52.04 -6.84 14.87
N ARG C 548 -52.42 -5.85 14.06
CA ARG C 548 -52.50 -5.99 12.61
C ARG C 548 -51.20 -5.49 12.01
N VAL C 549 -50.43 -6.40 11.42
CA VAL C 549 -49.11 -6.09 10.88
C VAL C 549 -49.11 -6.36 9.39
N VAL C 550 -48.63 -5.40 8.61
CA VAL C 550 -48.52 -5.52 7.17
C VAL C 550 -47.10 -5.19 6.77
N VAL C 551 -46.50 -6.03 5.91
CA VAL C 551 -45.12 -5.88 5.49
C VAL C 551 -45.08 -5.68 3.99
N LEU C 552 -44.34 -4.67 3.55
CA LEU C 552 -44.16 -4.37 2.14
C LEU C 552 -42.72 -4.62 1.74
N SER C 553 -42.53 -5.40 0.68
CA SER C 553 -41.21 -5.67 0.14
C SER C 553 -41.25 -5.50 -1.37
N PHE C 554 -40.22 -4.87 -1.91
CA PHE C 554 -40.12 -4.65 -3.35
C PHE C 554 -38.67 -4.59 -3.75
N GLU C 555 -38.42 -4.83 -5.04
CA GLU C 555 -37.08 -4.93 -5.59
C GLU C 555 -37.01 -4.11 -6.88
N LEU C 556 -35.83 -4.12 -7.50
CA LEU C 556 -35.55 -3.22 -8.62
C LEU C 556 -34.56 -3.88 -9.58
N LEU C 557 -34.31 -3.20 -10.69
CA LEU C 557 -33.25 -3.55 -11.64
C LEU C 557 -33.36 -4.99 -12.13
N HIS C 558 -34.60 -5.42 -12.37
CA HIS C 558 -34.82 -6.73 -12.96
C HIS C 558 -35.95 -6.75 -13.98
N ALA C 559 -36.55 -5.60 -14.31
CA ALA C 559 -37.65 -5.55 -15.25
C ALA C 559 -38.05 -4.09 -15.49
N PRO C 560 -38.82 -3.81 -16.54
CA PRO C 560 -39.34 -2.45 -16.70
C PRO C 560 -40.26 -2.05 -15.55
N ALA C 561 -40.28 -0.77 -15.26
CA ALA C 561 -41.07 -0.27 -14.14
C ALA C 561 -42.55 -0.58 -14.34
N THR C 562 -43.23 -0.91 -13.25
CA THR C 562 -44.67 -1.18 -13.29
C THR C 562 -45.40 -0.29 -12.29
N VAL C 563 -44.75 0.06 -11.19
CA VAL C 563 -45.31 0.92 -10.16
C VAL C 563 -44.44 2.16 -10.07
N CYS C 564 -45.08 3.33 -10.08
CA CYS C 564 -44.37 4.60 -9.99
C CYS C 564 -45.19 5.57 -9.16
N GLY C 565 -44.50 6.53 -8.56
CA GLY C 565 -45.15 7.48 -7.69
C GLY C 565 -45.86 8.57 -8.44
N PRO C 566 -46.47 9.47 -7.69
CA PRO C 566 -47.23 10.59 -8.30
C PRO C 566 -46.32 11.76 -8.68
N LYS C 567 -45.64 11.62 -9.82
CA LYS C 567 -44.75 12.64 -10.33
C LYS C 567 -45.29 13.17 -11.64
N LYS C 568 -45.24 14.48 -11.83
CA LYS C 568 -45.76 15.12 -13.03
C LYS C 568 -44.70 15.04 -14.13
N SER C 569 -44.97 14.24 -15.15
CA SER C 569 -44.06 14.14 -16.27
C SER C 569 -44.01 15.46 -17.04
N THR C 570 -42.88 15.71 -17.68
CA THR C 570 -42.66 16.94 -18.43
C THR C 570 -42.21 16.58 -19.85
N ASN C 571 -41.86 17.61 -20.61
CA ASN C 571 -41.38 17.43 -21.97
C ASN C 571 -39.90 17.02 -21.94
N LEU C 572 -39.34 16.75 -23.11
CA LEU C 572 -37.95 16.35 -23.24
C LEU C 572 -37.26 17.20 -24.29
N VAL C 573 -35.96 17.41 -24.09
CA VAL C 573 -35.14 18.24 -24.97
C VAL C 573 -33.86 17.49 -25.30
N LYS C 574 -33.18 17.94 -26.34
CA LYS C 574 -31.95 17.30 -26.78
C LYS C 574 -30.91 18.36 -27.13
N ASN C 575 -29.66 17.92 -27.14
CA ASN C 575 -28.51 18.77 -27.50
C ASN C 575 -28.24 19.83 -26.44
N LYS C 576 -28.58 19.56 -25.18
CA LYS C 576 -28.33 20.50 -24.10
C LYS C 576 -27.99 19.74 -22.83
N CYS C 577 -27.19 20.38 -21.98
CA CYS C 577 -26.80 19.79 -20.71
C CYS C 577 -28.00 19.84 -19.76
N VAL C 578 -28.60 18.68 -19.51
CA VAL C 578 -29.84 18.61 -18.74
C VAL C 578 -29.72 17.52 -17.68
N ASN C 579 -30.60 17.61 -16.68
CA ASN C 579 -30.67 16.62 -15.61
C ASN C 579 -31.83 15.68 -15.92
N PHE C 580 -31.58 14.73 -16.80
CA PHE C 580 -32.60 13.77 -17.17
C PHE C 580 -32.90 12.82 -16.02
N ASN C 581 -34.12 12.29 -16.00
CA ASN C 581 -34.54 11.33 -14.98
C ASN C 581 -35.58 10.41 -15.62
N PHE C 582 -35.15 9.22 -16.02
CA PHE C 582 -36.02 8.23 -16.63
C PHE C 582 -36.33 7.14 -15.62
N ASN C 583 -37.62 6.94 -15.34
CA ASN C 583 -38.09 5.87 -14.48
C ASN C 583 -37.46 5.90 -13.10
N GLY C 584 -36.97 7.06 -12.67
CA GLY C 584 -36.39 7.22 -11.36
C GLY C 584 -34.87 7.26 -11.32
N LEU C 585 -34.20 6.81 -12.38
CA LEU C 585 -32.75 6.86 -12.45
C LEU C 585 -32.32 8.21 -13.01
N THR C 586 -31.45 8.90 -12.29
CA THR C 586 -31.04 10.24 -12.61
C THR C 586 -29.62 10.26 -13.18
N GLY C 587 -29.15 11.44 -13.50
CA GLY C 587 -27.83 11.61 -14.10
C GLY C 587 -27.70 12.99 -14.72
N THR C 588 -26.89 13.05 -15.78
CA THR C 588 -26.70 14.28 -16.52
C THR C 588 -26.00 13.95 -17.83
N GLY C 589 -26.35 14.68 -18.87
CA GLY C 589 -25.73 14.47 -20.16
C GLY C 589 -26.55 15.12 -21.26
N VAL C 590 -26.06 14.93 -22.49
CA VAL C 590 -26.69 15.47 -23.68
C VAL C 590 -27.38 14.33 -24.41
N LEU C 591 -28.65 14.52 -24.75
CA LEU C 591 -29.49 13.47 -25.31
C LEU C 591 -29.50 13.57 -26.83
N THR C 592 -29.28 12.45 -27.49
CA THR C 592 -29.28 12.39 -28.95
C THR C 592 -29.96 11.10 -29.39
N GLU C 593 -30.80 11.20 -30.42
CA GLU C 593 -31.43 10.00 -30.95
C GLU C 593 -30.37 9.04 -31.46
N SER C 594 -30.56 7.76 -31.17
CA SER C 594 -29.56 6.73 -31.43
C SER C 594 -30.03 5.82 -32.56
N ASN C 595 -29.11 5.48 -33.45
CA ASN C 595 -29.38 4.58 -34.55
C ASN C 595 -29.01 3.13 -34.22
N LYS C 596 -28.56 2.85 -33.01
CA LYS C 596 -28.26 1.49 -32.62
C LYS C 596 -29.53 0.65 -32.62
N LYS C 597 -29.43 -0.58 -33.12
CA LYS C 597 -30.60 -1.42 -33.38
C LYS C 597 -30.97 -2.19 -32.11
N PHE C 598 -31.68 -1.53 -31.21
CA PHE C 598 -32.21 -2.20 -30.05
C PHE C 598 -33.24 -3.24 -30.47
N LEU C 599 -33.26 -4.36 -29.78
CA LEU C 599 -34.29 -5.37 -29.99
C LEU C 599 -35.53 -5.04 -29.18
N PRO C 600 -36.69 -5.54 -29.59
CA PRO C 600 -37.94 -5.12 -28.93
C PRO C 600 -37.95 -5.35 -27.43
N PHE C 601 -37.39 -6.47 -26.97
CA PHE C 601 -37.44 -6.77 -25.55
C PHE C 601 -36.43 -5.96 -24.75
N GLN C 602 -35.30 -5.60 -25.34
CA GLN C 602 -34.30 -4.82 -24.63
C GLN C 602 -34.85 -3.45 -24.26
N GLN C 603 -34.36 -2.91 -23.15
CA GLN C 603 -34.83 -1.61 -22.67
C GLN C 603 -33.72 -0.62 -22.40
N PHE C 604 -32.57 -1.07 -21.91
CA PHE C 604 -31.45 -0.21 -21.58
C PHE C 604 -30.29 -0.46 -22.54
N GLY C 605 -29.16 0.18 -22.25
CA GLY C 605 -27.94 -0.07 -22.98
C GLY C 605 -26.76 0.13 -22.06
N ARG C 606 -25.63 -0.44 -22.46
CA ARG C 606 -24.41 -0.31 -21.69
C ARG C 606 -23.21 -0.36 -22.61
N ASP C 607 -22.09 0.14 -22.11
CA ASP C 607 -20.87 0.32 -22.87
C ASP C 607 -19.83 -0.70 -22.44
N ILE C 608 -18.63 -0.59 -23.03
CA ILE C 608 -17.53 -1.45 -22.62
C ILE C 608 -17.19 -1.22 -21.16
N ALA C 609 -17.28 0.03 -20.70
CA ALA C 609 -17.07 0.32 -19.29
C ALA C 609 -18.21 -0.18 -18.41
N ASP C 610 -19.30 -0.64 -18.99
CA ASP C 610 -20.44 -1.15 -18.25
C ASP C 610 -21.09 -0.03 -17.42
N THR C 611 -21.47 1.03 -18.13
CA THR C 611 -22.21 2.13 -17.54
C THR C 611 -23.31 2.55 -18.49
N THR C 612 -24.38 3.11 -17.92
CA THR C 612 -25.54 3.48 -18.71
C THR C 612 -25.15 4.51 -19.76
N ASP C 613 -25.31 4.16 -21.03
CA ASP C 613 -25.05 5.09 -22.12
C ASP C 613 -26.11 5.01 -23.21
N ALA C 614 -27.29 4.47 -22.91
CA ALA C 614 -28.38 4.44 -23.86
C ALA C 614 -29.66 4.05 -23.15
N VAL C 615 -30.73 4.82 -23.34
CA VAL C 615 -31.99 4.58 -22.65
C VAL C 615 -33.13 4.71 -23.65
N ARG C 616 -34.28 4.15 -23.28
CA ARG C 616 -35.48 4.16 -24.09
C ARG C 616 -36.56 4.98 -23.40
N ASP C 617 -37.14 5.92 -24.14
CA ASP C 617 -38.13 6.81 -23.55
C ASP C 617 -39.38 6.03 -23.15
N PRO C 618 -39.90 6.21 -21.94
CA PRO C 618 -41.05 5.40 -21.51
C PRO C 618 -42.34 5.76 -22.21
N GLN C 619 -42.66 7.06 -22.28
CA GLN C 619 -43.94 7.46 -22.85
C GLN C 619 -44.04 7.10 -24.32
N THR C 620 -42.98 7.34 -25.08
CA THR C 620 -42.92 6.99 -26.49
C THR C 620 -41.69 6.14 -26.75
N LEU C 621 -41.83 5.19 -27.67
CA LEU C 621 -40.78 4.21 -27.92
C LEU C 621 -39.72 4.82 -28.82
N GLU C 622 -38.72 5.44 -28.19
CA GLU C 622 -37.57 5.98 -28.89
C GLU C 622 -36.31 5.61 -28.12
N ILE C 623 -35.19 5.53 -28.82
CA ILE C 623 -33.91 5.21 -28.23
C ILE C 623 -33.01 6.43 -28.34
N LEU C 624 -32.42 6.83 -27.22
CA LEU C 624 -31.59 8.03 -27.16
C LEU C 624 -30.22 7.67 -26.61
N ASP C 625 -29.22 8.46 -27.01
CA ASP C 625 -27.86 8.30 -26.54
C ASP C 625 -27.58 9.27 -25.41
N ILE C 626 -26.71 8.86 -24.49
CA ILE C 626 -26.31 9.68 -23.35
C ILE C 626 -24.81 9.93 -23.44
N THR C 627 -24.42 11.19 -23.38
CA THR C 627 -23.03 11.57 -23.40
C THR C 627 -22.87 12.69 -22.37
N PRO C 628 -21.92 12.59 -21.45
CA PRO C 628 -21.80 13.63 -20.43
C PRO C 628 -21.31 14.94 -21.02
N CYS C 629 -21.67 16.02 -20.35
CA CYS C 629 -21.29 17.34 -20.83
C CYS C 629 -19.79 17.53 -20.72
N SER C 630 -19.26 18.41 -21.57
CA SER C 630 -17.81 18.52 -21.73
C SER C 630 -17.13 18.90 -20.43
N PHE C 631 -15.93 18.35 -20.22
CA PHE C 631 -15.11 18.68 -19.07
C PHE C 631 -13.65 18.60 -19.49
N GLY C 632 -12.79 19.23 -18.72
CA GLY C 632 -11.36 19.17 -19.00
C GLY C 632 -10.58 19.94 -17.96
N GLY C 633 -9.30 19.62 -17.88
CA GLY C 633 -8.42 20.32 -16.97
C GLY C 633 -8.05 21.70 -17.48
N VAL C 634 -7.43 22.47 -16.60
CA VAL C 634 -6.99 23.82 -16.94
C VAL C 634 -5.60 24.04 -16.38
N SER C 635 -4.76 24.74 -17.13
CA SER C 635 -3.41 25.09 -16.71
C SER C 635 -3.16 26.55 -17.03
N VAL C 636 -2.27 27.16 -16.25
CA VAL C 636 -1.96 28.58 -16.36
C VAL C 636 -0.51 28.73 -16.76
N ILE C 637 -0.25 29.54 -17.77
CA ILE C 637 1.09 29.81 -18.25
C ILE C 637 1.48 31.21 -17.80
N THR C 638 2.59 31.32 -17.08
CA THR C 638 3.03 32.59 -16.55
C THR C 638 4.50 32.82 -16.89
N PRO C 639 4.90 34.07 -17.08
CA PRO C 639 6.32 34.36 -17.36
C PRO C 639 7.16 34.66 -16.12
N GLY C 640 6.64 34.45 -14.93
CA GLY C 640 7.36 34.75 -13.72
C GLY C 640 6.87 36.01 -13.05
N THR C 641 6.44 35.91 -11.79
CA THR C 641 5.89 37.07 -11.11
C THR C 641 6.84 38.25 -11.17
N ASN C 642 8.14 37.98 -11.05
CA ASN C 642 9.12 39.06 -10.95
C ASN C 642 9.08 39.94 -12.19
N THR C 643 9.13 39.33 -13.37
CA THR C 643 9.19 40.12 -14.59
C THR C 643 7.89 40.85 -14.87
N SER C 644 6.76 40.18 -14.65
CA SER C 644 5.46 40.78 -14.92
C SER C 644 4.40 39.89 -14.28
N ASN C 645 3.13 40.21 -14.55
CA ASN C 645 2.01 39.46 -14.02
C ASN C 645 1.00 39.06 -15.10
N GLN C 646 1.32 39.31 -16.37
CA GLN C 646 0.45 38.91 -17.45
C GLN C 646 0.49 37.39 -17.62
N VAL C 647 -0.67 36.78 -17.87
CA VAL C 647 -0.78 35.33 -17.97
C VAL C 647 -1.66 34.94 -19.14
N ALA C 648 -1.54 33.69 -19.55
CA ALA C 648 -2.39 33.10 -20.58
C ALA C 648 -2.78 31.69 -20.14
N VAL C 649 -4.02 31.31 -20.42
CA VAL C 649 -4.58 30.08 -19.91
C VAL C 649 -4.63 29.04 -21.02
N LEU C 650 -4.96 27.80 -20.67
CA LEU C 650 -4.97 26.70 -21.62
C LEU C 650 -6.00 25.69 -21.18
N TYR C 651 -7.10 25.57 -21.93
CA TYR C 651 -8.13 24.57 -21.65
C TYR C 651 -7.78 23.31 -22.43
N GLN C 652 -6.91 22.50 -21.83
CA GLN C 652 -6.43 21.31 -22.50
C GLN C 652 -7.56 20.33 -22.75
N GLY C 653 -7.50 19.65 -23.90
CA GLY C 653 -8.47 18.62 -24.22
C GLY C 653 -9.83 19.13 -24.64
N VAL C 654 -9.98 20.44 -24.83
CA VAL C 654 -11.24 21.03 -25.25
C VAL C 654 -10.95 22.01 -26.38
N ASN C 655 -11.69 21.89 -27.48
CA ASN C 655 -11.50 22.82 -28.57
C ASN C 655 -12.34 24.07 -28.33
N CYS C 656 -12.02 25.14 -29.08
CA CYS C 656 -12.51 26.47 -28.78
C CYS C 656 -13.98 26.62 -29.21
N THR C 657 -14.84 25.83 -28.57
CA THR C 657 -16.28 25.99 -28.77
C THR C 657 -17.01 26.02 -27.44
N GLU C 658 -16.48 25.31 -26.43
CA GLU C 658 -17.15 25.27 -25.14
C GLU C 658 -17.20 26.66 -24.51
N VAL C 659 -16.09 27.40 -24.56
CA VAL C 659 -16.08 28.74 -23.98
C VAL C 659 -17.09 29.64 -24.69
N PRO C 660 -17.17 29.67 -26.02
CA PRO C 660 -18.30 30.37 -26.65
C PRO C 660 -19.65 29.88 -26.16
N VAL C 661 -19.79 28.57 -25.95
CA VAL C 661 -21.00 28.02 -25.35
C VAL C 661 -21.21 28.50 -23.92
N ALA C 662 -20.17 29.09 -23.31
CA ALA C 662 -20.26 29.66 -21.98
C ALA C 662 -20.63 31.14 -22.01
N ILE C 663 -21.37 31.57 -23.04
CA ILE C 663 -21.76 32.96 -23.22
C ILE C 663 -22.56 33.42 -22.01
N HIS C 664 -22.75 34.72 -21.87
CA HIS C 664 -23.40 35.29 -20.68
C HIS C 664 -24.80 34.73 -20.43
N ALA C 665 -25.38 33.99 -21.38
CA ALA C 665 -26.66 33.34 -21.13
C ALA C 665 -26.60 32.48 -19.87
N ASP C 666 -25.47 31.79 -19.66
CA ASP C 666 -25.22 31.04 -18.46
C ASP C 666 -24.01 31.63 -17.73
N GLN C 667 -23.75 31.13 -16.54
CA GLN C 667 -22.65 31.63 -15.74
C GLN C 667 -21.32 31.28 -16.39
N LEU C 668 -20.38 32.23 -16.37
CA LEU C 668 -19.09 32.08 -17.04
C LEU C 668 -18.08 31.46 -16.09
N THR C 669 -17.59 30.28 -16.44
CA THR C 669 -16.40 29.76 -15.78
C THR C 669 -15.19 30.65 -15.99
N PRO C 670 -14.93 31.18 -17.20
CA PRO C 670 -13.78 32.08 -17.36
C PRO C 670 -13.96 33.36 -16.57
N THR C 671 -13.16 33.53 -15.52
CA THR C 671 -13.30 34.68 -14.66
C THR C 671 -13.01 35.98 -15.39
N TRP C 672 -12.07 35.96 -16.34
CA TRP C 672 -11.76 37.16 -17.08
C TRP C 672 -12.91 37.54 -18.00
N ARG C 673 -12.98 38.84 -18.30
CA ARG C 673 -13.89 39.36 -19.32
C ARG C 673 -13.22 40.31 -20.30
N VAL C 674 -12.04 40.85 -19.97
CA VAL C 674 -11.37 41.78 -20.88
C VAL C 674 -10.96 41.08 -22.16
N TYR C 675 -10.55 39.81 -22.07
CA TYR C 675 -10.15 39.05 -23.24
C TYR C 675 -11.34 38.57 -24.06
N SER C 676 -12.56 38.96 -23.71
CA SER C 676 -13.73 38.53 -24.45
C SER C 676 -13.68 38.99 -25.91
N THR C 677 -12.91 40.03 -26.21
CA THR C 677 -12.77 40.47 -27.59
C THR C 677 -12.08 39.42 -28.46
N GLY C 678 -11.44 38.43 -27.85
CA GLY C 678 -10.80 37.39 -28.63
C GLY C 678 -9.72 37.98 -29.52
N SER C 679 -9.72 37.59 -30.79
CA SER C 679 -8.75 38.00 -31.79
C SER C 679 -7.37 37.39 -31.54
N ASN C 680 -7.18 36.65 -30.45
CA ASN C 680 -5.91 35.98 -30.19
C ASN C 680 -6.13 34.56 -29.66
N VAL C 681 -7.35 34.03 -29.74
CA VAL C 681 -7.60 32.65 -29.33
C VAL C 681 -7.00 31.71 -30.37
N PHE C 682 -6.24 30.73 -29.91
CA PHE C 682 -5.48 29.84 -30.77
C PHE C 682 -5.89 28.41 -30.49
N GLN C 683 -5.91 27.59 -31.54
CA GLN C 683 -6.29 26.20 -31.45
C GLN C 683 -5.04 25.32 -31.55
N THR C 684 -4.96 24.31 -30.69
CA THR C 684 -3.79 23.45 -30.64
C THR C 684 -4.22 22.01 -30.40
N ARG C 685 -3.34 21.08 -30.75
CA ARG C 685 -3.61 19.67 -30.49
C ARG C 685 -3.85 19.43 -29.01
N ALA C 686 -3.21 20.22 -28.14
CA ALA C 686 -3.42 20.06 -26.71
C ALA C 686 -4.78 20.57 -26.29
N GLY C 687 -5.20 21.71 -26.81
CA GLY C 687 -6.48 22.29 -26.44
C GLY C 687 -6.57 23.74 -26.86
N CYS C 688 -7.55 24.43 -26.30
CA CYS C 688 -7.79 25.82 -26.63
C CYS C 688 -6.89 26.71 -25.80
N LEU C 689 -6.09 27.54 -26.46
CA LEU C 689 -5.16 28.44 -25.81
C LEU C 689 -5.64 29.87 -25.98
N ILE C 690 -5.72 30.61 -24.88
CA ILE C 690 -6.29 31.95 -24.86
C ILE C 690 -5.31 32.90 -24.20
N GLY C 691 -5.13 34.07 -24.80
CA GLY C 691 -4.30 35.11 -24.22
C GLY C 691 -2.91 35.24 -24.82
N ALA C 692 -2.53 34.37 -25.75
CA ALA C 692 -1.23 34.41 -26.37
C ALA C 692 -1.38 34.55 -27.88
N GLU C 693 -0.55 35.41 -28.47
CA GLU C 693 -0.58 35.66 -29.90
C GLU C 693 0.25 34.63 -30.64
N HIS C 694 -0.26 34.16 -31.77
CA HIS C 694 0.43 33.15 -32.56
C HIS C 694 1.45 33.79 -33.49
N VAL C 695 2.61 33.17 -33.61
CA VAL C 695 3.67 33.63 -34.48
C VAL C 695 4.14 32.45 -35.32
N ASN C 696 4.83 32.77 -36.41
CA ASN C 696 5.29 31.77 -37.36
C ASN C 696 6.81 31.77 -37.49
N ASN C 697 7.51 32.21 -36.46
CA ASN C 697 8.95 32.05 -36.37
C ASN C 697 9.26 30.77 -35.60
N SER C 698 10.50 30.60 -35.16
CA SER C 698 10.86 29.44 -34.37
C SER C 698 12.08 29.78 -33.53
N TYR C 699 12.06 29.36 -32.27
CA TYR C 699 13.17 29.57 -31.36
C TYR C 699 13.28 28.35 -30.45
N GLU C 700 14.22 28.41 -29.51
CA GLU C 700 14.36 27.34 -28.54
C GLU C 700 13.15 27.30 -27.62
N CYS C 701 12.71 26.10 -27.27
CA CYS C 701 11.56 25.96 -26.40
C CYS C 701 11.84 26.60 -25.04
N ASP C 702 10.88 27.40 -24.57
CA ASP C 702 10.98 28.08 -23.29
C ASP C 702 10.05 27.46 -22.25
N ILE C 703 8.76 27.40 -22.54
CA ILE C 703 7.78 26.76 -21.66
C ILE C 703 7.04 25.72 -22.47
N PRO C 704 7.28 24.42 -22.26
CA PRO C 704 6.64 23.42 -23.09
C PRO C 704 5.14 23.44 -22.94
N ILE C 705 4.44 23.11 -24.03
CA ILE C 705 2.98 23.03 -24.01
C ILE C 705 2.55 21.65 -24.48
N GLY C 706 2.96 21.27 -25.67
CA GLY C 706 2.65 19.94 -26.18
C GLY C 706 2.52 19.95 -27.68
N ALA C 707 2.72 18.78 -28.27
CA ALA C 707 2.63 18.60 -29.71
C ALA C 707 3.59 19.54 -30.43
N GLY C 708 4.77 19.73 -29.86
CA GLY C 708 5.77 20.55 -30.49
C GLY C 708 5.45 22.03 -30.51
N ILE C 709 4.70 22.52 -29.52
CA ILE C 709 4.39 23.93 -29.39
C ILE C 709 4.93 24.42 -28.07
N CYS C 710 5.55 25.59 -28.08
CA CYS C 710 6.10 26.21 -26.88
C CYS C 710 5.62 27.65 -26.81
N ALA C 711 5.74 28.22 -25.61
CA ALA C 711 5.34 29.60 -25.37
C ALA C 711 6.43 30.30 -24.59
N SER C 712 6.52 31.62 -24.78
CA SER C 712 7.56 32.40 -24.12
C SER C 712 7.13 33.86 -24.07
N TYR C 713 7.80 34.61 -23.20
CA TYR C 713 7.53 36.02 -23.00
C TYR C 713 8.61 36.84 -23.72
N GLN C 714 8.19 37.65 -24.68
CA GLN C 714 9.13 38.43 -25.48
C GLN C 714 8.53 39.79 -25.78
N THR C 715 9.32 40.63 -26.44
CA THR C 715 8.86 41.98 -26.78
C THR C 715 7.63 41.94 -27.67
N GLN C 716 7.63 41.05 -28.66
CA GLN C 716 6.49 40.90 -29.55
C GLN C 716 6.16 39.42 -29.74
N ALA C 727 6.90 48.49 -26.69
CA ALA C 727 6.92 47.75 -25.43
C ALA C 727 5.71 46.84 -25.32
N SER C 728 5.38 46.16 -26.42
CA SER C 728 4.22 45.27 -26.42
C SER C 728 4.33 44.23 -25.31
N GLN C 729 5.47 43.54 -25.25
CA GLN C 729 5.78 42.60 -24.18
C GLN C 729 4.60 41.66 -23.92
N SER C 730 4.31 40.84 -24.93
CA SER C 730 3.17 39.93 -24.90
C SER C 730 3.64 38.49 -25.00
N ILE C 731 2.89 37.60 -24.36
CA ILE C 731 3.15 36.17 -24.47
C ILE C 731 2.85 35.71 -25.89
N ILE C 732 3.73 34.85 -26.43
CA ILE C 732 3.56 34.34 -27.78
C ILE C 732 3.71 32.82 -27.77
N ALA C 733 3.17 32.20 -28.82
CA ALA C 733 3.26 30.76 -29.02
C ALA C 733 3.76 30.50 -30.43
N TYR C 734 4.67 29.53 -30.56
CA TYR C 734 5.32 29.25 -31.83
C TYR C 734 5.58 27.75 -31.92
N THR C 735 6.37 27.35 -32.91
CA THR C 735 6.79 25.96 -33.10
C THR C 735 8.29 25.87 -32.83
N MET C 736 8.68 25.03 -31.89
CA MET C 736 10.07 24.95 -31.48
C MET C 736 10.96 24.53 -32.65
N SER C 737 12.21 24.97 -32.61
CA SER C 737 13.18 24.67 -33.65
C SER C 737 14.23 23.71 -33.12
N LEU C 738 14.58 22.73 -33.95
CA LEU C 738 15.55 21.72 -33.53
C LEU C 738 16.97 22.27 -33.53
N GLY C 739 17.32 23.05 -34.54
CA GLY C 739 18.65 23.62 -34.60
C GLY C 739 18.92 24.22 -35.96
N ALA C 740 20.03 24.94 -36.05
CA ALA C 740 20.41 25.58 -37.29
C ALA C 740 20.71 24.53 -38.36
N GLU C 741 20.19 24.76 -39.57
CA GLU C 741 20.44 23.83 -40.65
C GLU C 741 21.92 23.86 -41.03
N ASN C 742 22.38 22.75 -41.61
CA ASN C 742 23.76 22.61 -42.02
C ASN C 742 23.84 21.66 -43.20
N SER C 743 24.94 21.74 -43.95
CA SER C 743 25.14 20.88 -45.11
C SER C 743 26.64 20.70 -45.28
N VAL C 744 27.18 19.57 -44.83
CA VAL C 744 28.60 19.31 -44.95
C VAL C 744 28.94 19.03 -46.40
N ALA C 745 29.99 19.67 -46.90
CA ALA C 745 30.36 19.59 -48.30
C ALA C 745 31.14 18.31 -48.57
N TYR C 746 30.40 17.21 -48.58
CA TYR C 746 31.01 15.90 -48.81
C TYR C 746 31.41 15.74 -50.26
N SER C 747 32.45 14.95 -50.48
CA SER C 747 32.88 14.56 -51.81
C SER C 747 33.49 13.17 -51.67
N ASN C 748 34.26 12.74 -52.67
CA ASN C 748 34.95 11.46 -52.58
C ASN C 748 36.46 11.59 -52.56
N ASN C 749 37.01 12.79 -52.77
CA ASN C 749 38.45 13.00 -52.69
C ASN C 749 38.75 14.32 -51.98
N SER C 750 38.09 14.56 -50.86
CA SER C 750 38.28 15.81 -50.13
C SER C 750 38.13 15.56 -48.64
N ILE C 751 39.12 16.02 -47.86
CA ILE C 751 39.09 15.90 -46.40
C ILE C 751 39.50 17.24 -45.80
N ALA C 752 39.07 17.46 -44.56
CA ALA C 752 39.38 18.67 -43.82
C ALA C 752 40.03 18.27 -42.50
N ILE C 753 41.16 18.90 -42.19
CA ILE C 753 41.99 18.52 -41.06
C ILE C 753 42.14 19.75 -40.16
N PRO C 754 41.96 19.62 -38.85
CA PRO C 754 42.17 20.78 -37.96
C PRO C 754 43.63 21.17 -37.90
N THR C 755 43.87 22.42 -37.49
CA THR C 755 45.22 22.94 -37.34
C THR C 755 45.44 23.65 -36.01
N ASN C 756 44.48 23.63 -35.10
CA ASN C 756 44.61 24.32 -33.84
C ASN C 756 43.60 23.71 -32.87
N PHE C 757 43.90 23.82 -31.58
CA PHE C 757 43.11 23.18 -30.54
C PHE C 757 42.65 24.21 -29.53
N THR C 758 41.80 23.77 -28.60
CA THR C 758 41.36 24.62 -27.51
C THR C 758 41.06 23.72 -26.32
N ILE C 759 41.82 23.86 -25.25
CA ILE C 759 41.56 23.10 -24.03
C ILE C 759 40.34 23.70 -23.34
N SER C 760 39.44 22.85 -22.88
CA SER C 760 38.22 23.28 -22.23
C SER C 760 37.98 22.45 -20.97
N VAL C 761 37.32 23.06 -20.00
CA VAL C 761 36.94 22.38 -18.76
C VAL C 761 35.44 22.55 -18.58
N THR C 762 34.75 21.45 -18.29
CA THR C 762 33.32 21.45 -18.07
C THR C 762 33.03 20.81 -16.73
N THR C 763 31.91 21.21 -16.12
CA THR C 763 31.54 20.75 -14.80
C THR C 763 30.39 19.75 -14.90
N GLU C 764 30.11 19.09 -13.77
CA GLU C 764 29.07 18.07 -13.72
C GLU C 764 28.74 17.71 -12.28
N ILE C 765 27.46 17.72 -11.92
CA ILE C 765 27.01 17.54 -10.54
C ILE C 765 26.18 16.27 -10.45
N LEU C 766 26.37 15.53 -9.36
CA LEU C 766 25.68 14.27 -9.15
C LEU C 766 25.27 14.11 -7.69
N PRO C 767 24.02 13.78 -7.39
CA PRO C 767 23.66 13.46 -6.01
C PRO C 767 24.33 12.18 -5.55
N VAL C 768 24.58 12.10 -4.25
CA VAL C 768 25.22 10.93 -3.69
C VAL C 768 24.41 10.36 -2.53
N SER C 769 24.05 11.23 -1.57
CA SER C 769 23.38 10.77 -0.36
C SER C 769 22.31 11.79 0.03
N MET C 770 21.33 11.31 0.80
CA MET C 770 20.26 12.16 1.32
C MET C 770 20.17 11.98 2.82
N THR C 771 19.58 12.98 3.47
CA THR C 771 19.58 13.02 4.93
C THR C 771 18.90 11.79 5.51
N LYS C 772 19.46 11.28 6.61
CA LYS C 772 18.85 10.17 7.32
C LYS C 772 17.73 10.66 8.21
N THR C 773 16.74 9.79 8.41
CA THR C 773 15.61 10.11 9.28
C THR C 773 15.20 8.84 10.02
N SER C 774 14.52 9.05 11.15
CA SER C 774 13.97 7.95 11.94
C SER C 774 12.67 8.43 12.56
N VAL C 775 11.69 7.53 12.62
CA VAL C 775 10.36 7.85 13.13
C VAL C 775 10.00 6.82 14.20
N ASP C 776 9.54 7.29 15.35
CA ASP C 776 9.06 6.42 16.40
C ASP C 776 7.59 6.12 16.14
N CYS C 777 7.30 4.88 15.74
CA CYS C 777 5.96 4.55 15.28
C CYS C 777 4.91 4.88 16.33
N THR C 778 5.10 4.39 17.56
CA THR C 778 4.09 4.59 18.60
C THR C 778 3.93 6.06 18.93
N MET C 779 5.05 6.76 19.13
CA MET C 779 4.98 8.17 19.51
C MET C 779 4.26 8.97 18.44
N TYR C 780 4.58 8.72 17.17
CA TYR C 780 3.91 9.46 16.11
C TYR C 780 2.42 9.15 16.09
N ILE C 781 2.06 7.87 16.15
CA ILE C 781 0.65 7.51 16.01
C ILE C 781 -0.16 8.09 17.17
N CYS C 782 0.11 7.64 18.39
CA CYS C 782 -0.63 8.13 19.55
C CYS C 782 0.29 8.29 20.76
N GLY C 783 1.44 8.90 20.55
CA GLY C 783 2.37 9.12 21.64
C GLY C 783 1.71 9.53 22.94
N ASP C 784 2.17 8.95 24.04
CA ASP C 784 1.72 9.32 25.37
C ASP C 784 0.24 9.01 25.58
N SER C 785 -0.11 7.74 25.35
CA SER C 785 -1.45 7.26 25.69
C SER C 785 -1.37 5.75 25.86
N THR C 786 -1.46 5.28 27.10
CA THR C 786 -1.41 3.84 27.34
C THR C 786 -2.58 3.13 26.69
N GLU C 787 -3.75 3.77 26.70
CA GLU C 787 -4.93 3.15 26.10
C GLU C 787 -4.70 2.89 24.61
N CYS C 788 -4.23 3.90 23.89
CA CYS C 788 -3.99 3.70 22.47
C CYS C 788 -2.81 2.77 22.22
N SER C 789 -1.82 2.76 23.11
CA SER C 789 -0.74 1.79 22.96
C SER C 789 -1.31 0.38 23.01
N ASN C 790 -2.14 0.11 24.00
CA ASN C 790 -2.76 -1.21 24.10
C ASN C 790 -3.59 -1.52 22.87
N LEU C 791 -4.36 -0.55 22.39
CA LEU C 791 -5.15 -0.79 21.19
C LEU C 791 -4.25 -1.11 19.99
N LEU C 792 -3.16 -0.38 19.84
CA LEU C 792 -2.27 -0.60 18.71
C LEU C 792 -1.52 -1.92 18.83
N LEU C 793 -1.43 -2.50 20.02
CA LEU C 793 -0.72 -3.77 20.15
C LEU C 793 -1.35 -4.87 19.32
N GLN C 794 -2.60 -4.71 18.89
CA GLN C 794 -3.33 -5.77 18.21
C GLN C 794 -3.13 -5.76 16.70
N TYR C 795 -2.31 -4.87 16.16
CA TYR C 795 -2.15 -4.74 14.72
C TYR C 795 -0.95 -5.51 14.18
N GLY C 796 -0.15 -6.15 15.04
CA GLY C 796 0.96 -6.96 14.58
C GLY C 796 2.31 -6.31 14.72
N SER C 797 3.14 -6.39 13.68
CA SER C 797 4.53 -5.94 13.71
C SER C 797 4.78 -4.83 12.70
N PHE C 798 3.76 -4.02 12.42
CA PHE C 798 3.92 -2.96 11.42
C PHE C 798 5.00 -1.98 11.85
N CYS C 799 4.98 -1.57 13.12
CA CYS C 799 5.97 -0.60 13.58
C CYS C 799 7.38 -1.17 13.47
N THR C 800 7.54 -2.44 13.82
CA THR C 800 8.84 -3.08 13.68
C THR C 800 9.30 -3.07 12.23
N GLN C 801 8.40 -3.39 11.31
CA GLN C 801 8.77 -3.39 9.89
C GLN C 801 9.22 -2.01 9.45
N LEU C 802 8.47 -0.98 9.84
CA LEU C 802 8.82 0.38 9.41
C LEU C 802 10.17 0.79 9.97
N ASN C 803 10.42 0.50 11.25
CA ASN C 803 11.70 0.86 11.83
C ASN C 803 12.83 0.13 11.12
N ARG C 804 12.63 -1.14 10.79
CA ARG C 804 13.67 -1.87 10.07
C ARG C 804 13.96 -1.23 8.72
N ALA C 805 12.92 -0.86 7.99
CA ALA C 805 13.14 -0.27 6.66
C ALA C 805 13.90 1.05 6.78
N LEU C 806 13.49 1.90 7.71
CA LEU C 806 14.16 3.19 7.84
C LEU C 806 15.61 3.02 8.27
N THR C 807 15.89 2.08 9.17
CA THR C 807 17.27 1.82 9.55
C THR C 807 18.08 1.34 8.36
N GLY C 808 17.50 0.47 7.53
CA GLY C 808 18.21 0.02 6.35
C GLY C 808 18.61 1.18 5.45
N ILE C 809 17.67 2.10 5.19
CA ILE C 809 17.99 3.25 4.37
C ILE C 809 19.10 4.08 5.01
N ALA C 810 19.00 4.29 6.33
CA ALA C 810 19.99 5.12 7.00
C ALA C 810 21.38 4.54 6.85
N VAL C 811 21.53 3.23 7.01
CA VAL C 811 22.85 2.62 6.83
C VAL C 811 23.29 2.73 5.38
N GLU C 812 22.36 2.55 4.45
CA GLU C 812 22.71 2.60 3.04
C GLU C 812 23.33 3.94 2.68
N GLN C 813 22.85 5.03 3.28
CA GLN C 813 23.40 6.34 2.95
C GLN C 813 24.89 6.42 3.27
N ASP C 814 25.27 5.98 4.47
CA ASP C 814 26.67 6.01 4.86
C ASP C 814 27.49 5.11 3.95
N LYS C 815 26.96 3.93 3.60
CA LYS C 815 27.70 3.07 2.70
C LYS C 815 27.93 3.75 1.36
N ASN C 816 26.91 4.45 0.85
CA ASN C 816 27.06 5.16 -0.41
C ASN C 816 28.21 6.15 -0.35
N THR C 817 28.19 7.02 0.66
CA THR C 817 29.23 8.04 0.73
C THR C 817 30.61 7.40 0.86
N GLN C 818 30.73 6.39 1.72
CA GLN C 818 32.03 5.77 1.94
C GLN C 818 32.57 5.16 0.66
N GLU C 819 31.72 4.41 -0.07
CA GLU C 819 32.22 3.74 -1.27
C GLU C 819 32.51 4.72 -2.38
N VAL C 820 31.79 5.85 -2.44
CA VAL C 820 32.08 6.83 -3.49
C VAL C 820 33.40 7.53 -3.22
N PHE C 821 33.68 7.87 -1.97
CA PHE C 821 34.84 8.71 -1.69
C PHE C 821 36.09 7.93 -1.29
N ALA C 822 36.00 7.09 -0.26
CA ALA C 822 37.19 6.44 0.30
C ALA C 822 37.68 5.37 -0.67
N GLN C 823 38.49 5.81 -1.64
CA GLN C 823 39.06 4.90 -2.61
C GLN C 823 40.56 4.72 -2.47
N VAL C 824 41.24 5.59 -1.74
CA VAL C 824 42.67 5.48 -1.51
C VAL C 824 42.91 5.44 -0.01
N LYS C 825 43.49 4.35 0.46
CA LYS C 825 43.82 4.21 1.89
C LYS C 825 45.24 4.69 2.18
N GLN C 826 45.53 5.92 1.77
CA GLN C 826 46.79 6.56 2.10
C GLN C 826 46.72 8.04 1.75
N ILE C 827 46.84 8.91 2.76
CA ILE C 827 46.60 10.33 2.56
C ILE C 827 47.87 10.93 1.98
N TYR C 828 47.85 11.21 0.68
CA TYR C 828 48.94 11.94 0.05
C TYR C 828 48.80 13.42 0.35
N LYS C 829 49.83 14.18 0.02
CA LYS C 829 49.79 15.61 0.21
C LYS C 829 50.72 16.28 -0.78
N THR C 830 50.28 17.42 -1.32
CA THR C 830 51.08 18.15 -2.28
C THR C 830 52.35 18.67 -1.62
N PRO C 831 53.42 18.84 -2.39
CA PRO C 831 54.64 19.41 -1.83
C PRO C 831 54.47 20.90 -1.59
N PRO C 832 55.32 21.49 -0.73
CA PRO C 832 55.20 22.93 -0.49
C PRO C 832 55.40 23.78 -1.74
N ILE C 833 56.28 23.36 -2.64
CA ILE C 833 56.60 24.14 -3.83
C ILE C 833 55.58 23.81 -4.92
N LYS C 834 55.38 24.75 -5.84
CA LYS C 834 54.32 24.66 -6.83
C LYS C 834 54.88 24.88 -8.24
N ASP C 835 55.94 24.15 -8.58
CA ASP C 835 56.55 24.25 -9.91
C ASP C 835 55.94 23.19 -10.84
N PHE C 836 54.66 23.39 -11.16
CA PHE C 836 53.94 22.45 -12.02
C PHE C 836 54.01 22.86 -13.48
N GLY C 837 55.21 23.08 -13.99
CA GLY C 837 55.43 23.26 -15.41
C GLY C 837 54.60 24.36 -16.04
N GLY C 838 54.23 25.38 -15.27
CA GLY C 838 53.48 26.50 -15.77
C GLY C 838 52.00 26.47 -15.44
N PHE C 839 51.46 25.31 -15.07
CA PHE C 839 50.07 25.21 -14.65
C PHE C 839 49.91 25.81 -13.26
N ASN C 840 48.65 26.09 -12.89
CA ASN C 840 48.37 26.83 -11.67
C ASN C 840 47.07 26.31 -11.06
N PHE C 841 47.19 25.54 -9.97
CA PHE C 841 46.05 24.92 -9.31
C PHE C 841 45.63 25.66 -8.04
N SER C 842 46.08 26.90 -7.84
CA SER C 842 45.87 27.54 -6.56
C SER C 842 44.39 27.66 -6.19
N GLN C 843 43.49 27.59 -7.16
CA GLN C 843 42.07 27.77 -6.91
C GLN C 843 41.34 26.48 -6.61
N ILE C 844 42.03 25.34 -6.53
CA ILE C 844 41.37 24.09 -6.17
C ILE C 844 42.07 23.36 -5.03
N LEU C 845 43.34 23.57 -4.78
CA LEU C 845 44.01 22.91 -3.67
C LEU C 845 43.63 23.58 -2.35
N PRO C 846 43.73 22.86 -1.25
CA PRO C 846 43.34 23.45 0.05
C PRO C 846 44.19 24.66 0.38
N ASP C 847 43.57 25.63 1.05
CA ASP C 847 44.26 26.82 1.51
C ASP C 847 44.46 26.74 3.02
N PRO C 848 45.68 26.53 3.52
CA PRO C 848 45.85 26.37 4.97
C PRO C 848 45.40 27.57 5.77
N SER C 849 45.53 28.78 5.22
CA SER C 849 45.26 29.98 6.00
C SER C 849 43.84 29.99 6.53
N LYS C 850 42.87 29.66 5.69
CA LYS C 850 41.49 29.68 6.13
C LYS C 850 41.29 28.66 7.25
N PRO C 851 40.47 28.98 8.25
CA PRO C 851 40.29 28.02 9.37
C PRO C 851 39.79 26.66 8.91
N SER C 852 38.91 26.63 7.92
CA SER C 852 38.50 25.39 7.29
C SER C 852 39.43 25.07 6.12
N LYS C 853 39.54 23.78 5.80
CA LYS C 853 40.47 23.33 4.78
C LYS C 853 39.84 23.24 3.40
N ARG C 854 38.58 23.63 3.25
CA ARG C 854 37.95 23.59 1.93
C ARG C 854 38.63 24.59 1.01
N SER C 855 38.68 24.24 -0.28
CA SER C 855 39.29 25.10 -1.27
C SER C 855 38.31 26.16 -1.73
N PHE C 856 38.77 27.02 -2.65
CA PHE C 856 37.96 28.15 -3.08
C PHE C 856 36.64 27.70 -3.70
N ILE C 857 36.72 26.77 -4.65
CA ILE C 857 35.51 26.34 -5.34
C ILE C 857 34.58 25.62 -4.39
N GLU C 858 35.14 24.84 -3.47
CA GLU C 858 34.30 24.16 -2.49
C GLU C 858 33.57 25.16 -1.61
N ASP C 859 34.25 26.23 -1.20
CA ASP C 859 33.58 27.28 -0.44
C ASP C 859 32.47 27.92 -1.25
N LEU C 860 32.73 28.20 -2.52
CA LEU C 860 31.69 28.80 -3.36
C LEU C 860 30.46 27.90 -3.42
N LEU C 861 30.67 26.60 -3.64
CA LEU C 861 29.53 25.69 -3.73
C LEU C 861 28.78 25.63 -2.40
N PHE C 862 29.51 25.56 -1.29
CA PHE C 862 28.84 25.49 0.01
C PHE C 862 27.96 26.71 0.22
N ASN C 863 28.48 27.90 -0.08
CA ASN C 863 27.67 29.10 0.09
C ASN C 863 26.48 29.09 -0.86
N LYS C 864 26.68 28.61 -2.10
CA LYS C 864 25.59 28.63 -3.07
C LYS C 864 24.42 27.78 -2.60
N VAL C 865 24.69 26.55 -2.18
CA VAL C 865 23.61 25.66 -1.77
C VAL C 865 23.10 26.07 -0.41
N THR C 866 21.78 25.99 -0.22
CA THR C 866 21.12 26.40 1.02
C THR C 866 20.36 25.22 1.59
N LEU C 867 20.60 24.92 2.86
CA LEU C 867 19.87 23.88 3.56
C LEU C 867 18.55 24.43 4.08
N LEU C 888 11.05 25.66 12.35
CA LEU C 888 10.54 24.55 11.55
C LEU C 888 11.23 23.25 11.92
N ILE C 889 12.57 23.29 11.97
CA ILE C 889 13.35 22.08 12.22
C ILE C 889 12.99 21.51 13.59
N CYS C 890 12.97 22.37 14.62
CA CYS C 890 12.66 21.90 15.96
C CYS C 890 11.24 21.36 16.06
N ALA C 891 10.28 22.09 15.48
CA ALA C 891 8.88 21.65 15.54
C ALA C 891 8.71 20.29 14.87
N GLN C 892 9.34 20.10 13.70
CA GLN C 892 9.31 18.79 13.07
C GLN C 892 9.94 17.74 13.95
N LYS C 893 11.11 18.05 14.54
CA LYS C 893 11.81 17.10 15.38
C LYS C 893 11.04 16.75 16.65
N PHE C 894 10.04 17.55 17.01
CA PHE C 894 9.34 17.37 18.28
C PHE C 894 8.05 16.59 18.13
N ASN C 895 8.00 15.63 17.20
CA ASN C 895 6.82 14.79 17.02
C ASN C 895 7.22 13.35 16.75
N GLY C 896 8.28 12.88 17.42
CA GLY C 896 8.79 11.55 17.17
C GLY C 896 9.69 11.44 15.96
N LEU C 897 10.15 12.56 15.41
CA LEU C 897 11.00 12.57 14.23
C LEU C 897 12.41 13.00 14.62
N THR C 898 13.40 12.28 14.11
CA THR C 898 14.80 12.59 14.38
C THR C 898 15.59 12.53 13.09
N VAL C 899 16.70 13.25 13.07
CA VAL C 899 17.66 13.21 11.97
C VAL C 899 19.01 12.83 12.53
N LEU C 900 19.62 11.81 11.97
CA LEU C 900 20.88 11.33 12.50
C LEU C 900 22.05 11.92 11.73
N PRO C 901 23.15 12.29 12.40
CA PRO C 901 24.25 12.93 11.68
C PRO C 901 24.96 11.92 10.80
N PRO C 902 25.60 12.38 9.73
CA PRO C 902 26.38 11.46 8.90
C PRO C 902 27.62 10.97 9.63
N LEU C 903 28.09 9.78 9.26
CA LEU C 903 29.25 9.22 9.92
C LEU C 903 30.50 10.06 9.66
N LEU C 904 30.66 10.54 8.44
CA LEU C 904 31.84 11.30 8.04
C LEU C 904 31.51 12.78 7.99
N THR C 905 32.37 13.60 8.58
CA THR C 905 32.15 15.03 8.59
C THR C 905 32.76 15.68 7.35
N ASP C 906 32.34 16.92 7.11
CA ASP C 906 32.77 17.63 5.90
C ASP C 906 34.27 17.81 5.87
N GLU C 907 34.91 17.95 7.03
CA GLU C 907 36.36 18.02 7.06
C GLU C 907 36.98 16.73 6.54
N MET C 908 36.44 15.59 6.96
CA MET C 908 36.96 14.32 6.45
C MET C 908 36.75 14.19 4.95
N ILE C 909 35.58 14.61 4.47
CA ILE C 909 35.32 14.54 3.03
C ILE C 909 36.34 15.39 2.28
N ALA C 910 36.57 16.61 2.76
CA ALA C 910 37.54 17.49 2.12
C ALA C 910 38.93 16.89 2.16
N GLN C 911 39.27 16.22 3.25
CA GLN C 911 40.59 15.60 3.35
C GLN C 911 40.74 14.50 2.30
N TYR C 912 39.72 13.67 2.14
CA TYR C 912 39.78 12.62 1.12
C TYR C 912 39.95 13.24 -0.26
N THR C 913 39.17 14.28 -0.55
CA THR C 913 39.26 14.89 -1.87
C THR C 913 40.65 15.49 -2.10
N SER C 914 41.21 16.15 -1.09
CA SER C 914 42.53 16.71 -1.25
C SER C 914 43.58 15.62 -1.47
N ALA C 915 43.45 14.50 -0.77
CA ALA C 915 44.37 13.40 -0.99
C ALA C 915 44.30 12.90 -2.42
N LEU C 916 43.08 12.66 -2.91
CA LEU C 916 42.92 12.20 -4.29
C LEU C 916 43.57 13.18 -5.25
N LEU C 917 43.28 14.46 -5.09
CA LEU C 917 43.76 15.45 -6.04
C LEU C 917 45.28 15.55 -6.03
N ALA C 918 45.89 15.57 -4.84
CA ALA C 918 47.34 15.66 -4.77
C ALA C 918 47.99 14.44 -5.37
N GLY C 919 47.45 13.25 -5.08
CA GLY C 919 48.01 12.05 -5.67
C GLY C 919 47.96 12.11 -7.18
N THR C 920 46.82 12.52 -7.74
CA THR C 920 46.71 12.64 -9.19
C THR C 920 47.79 13.58 -9.73
N ILE C 921 47.87 14.79 -9.16
CA ILE C 921 48.77 15.80 -9.70
C ILE C 921 50.21 15.31 -9.67
N THR C 922 50.61 14.66 -8.58
CA THR C 922 52.02 14.30 -8.44
C THR C 922 52.39 12.96 -9.08
N SER C 923 51.42 12.09 -9.39
CA SER C 923 51.81 10.76 -9.85
C SER C 923 50.93 10.22 -10.97
N GLY C 924 50.23 11.05 -11.72
CA GLY C 924 49.51 10.53 -12.86
C GLY C 924 48.45 9.54 -12.43
N TRP C 925 48.52 8.32 -12.94
CA TRP C 925 47.53 7.29 -12.65
C TRP C 925 48.10 6.09 -11.93
N THR C 926 49.42 6.03 -11.72
CA THR C 926 50.00 4.82 -11.14
C THR C 926 49.43 4.55 -9.75
N PHE C 927 49.25 5.60 -8.95
CA PHE C 927 48.80 5.39 -7.59
C PHE C 927 47.44 4.70 -7.54
N GLY C 928 46.67 4.75 -8.62
CA GLY C 928 45.41 4.03 -8.65
C GLY C 928 45.57 2.54 -8.82
N ALA C 929 46.70 2.09 -9.36
CA ALA C 929 46.96 0.68 -9.57
C ALA C 929 47.95 0.08 -8.58
N GLY C 930 48.76 0.90 -7.93
CA GLY C 930 49.72 0.37 -6.98
C GLY C 930 50.40 1.46 -6.17
N ALA C 931 51.71 1.32 -5.98
CA ALA C 931 52.47 2.35 -5.28
C ALA C 931 52.56 3.60 -6.14
N ALA C 932 52.37 4.75 -5.51
CA ALA C 932 52.45 6.01 -6.23
C ALA C 932 53.87 6.26 -6.72
N LEU C 933 53.99 6.78 -7.93
CA LEU C 933 55.28 7.06 -8.54
C LEU C 933 55.28 8.47 -9.10
N GLN C 934 56.30 9.24 -8.75
CA GLN C 934 56.36 10.64 -9.17
C GLN C 934 56.68 10.74 -10.66
N ILE C 935 56.25 11.84 -11.26
CA ILE C 935 56.47 12.09 -12.69
C ILE C 935 56.18 13.55 -12.96
N PRO C 936 57.07 14.30 -13.62
CA PRO C 936 56.79 15.72 -13.85
C PRO C 936 55.50 15.92 -14.62
N PHE C 937 54.80 17.00 -14.28
CA PHE C 937 53.49 17.23 -14.87
C PHE C 937 53.57 17.41 -16.37
N ALA C 938 54.62 18.07 -16.86
CA ALA C 938 54.76 18.25 -18.29
C ALA C 938 54.78 16.89 -19.00
N MET C 939 55.58 15.95 -18.49
CA MET C 939 55.67 14.65 -19.13
C MET C 939 54.37 13.88 -18.96
N GLN C 940 53.68 14.03 -17.83
CA GLN C 940 52.39 13.37 -17.69
C GLN C 940 51.41 13.85 -18.75
N MET C 941 51.36 15.17 -18.97
CA MET C 941 50.44 15.69 -19.97
C MET C 941 50.86 15.24 -21.37
N ALA C 942 52.17 15.14 -21.62
CA ALA C 942 52.62 14.60 -22.90
C ALA C 942 52.12 13.18 -23.09
N TYR C 943 52.16 12.38 -22.03
CA TYR C 943 51.65 11.02 -22.11
C TYR C 943 50.17 11.02 -22.45
N ARG C 944 49.40 11.90 -21.82
CA ARG C 944 47.96 11.95 -22.13
C ARG C 944 47.75 12.29 -23.61
N PHE C 945 48.43 13.33 -24.09
CA PHE C 945 48.33 13.69 -25.49
C PHE C 945 48.61 12.49 -26.38
N ASN C 946 49.73 11.81 -26.13
CA ASN C 946 50.02 10.60 -26.89
C ASN C 946 48.87 9.61 -26.76
N GLY C 947 48.17 9.62 -25.63
CA GLY C 947 47.06 8.71 -25.46
C GLY C 947 45.91 8.99 -26.40
N ILE C 948 45.63 10.27 -26.66
CA ILE C 948 44.49 10.60 -27.51
C ILE C 948 44.90 10.63 -28.98
N GLY C 949 46.09 10.13 -29.29
CA GLY C 949 46.50 10.02 -30.67
C GLY C 949 47.12 11.25 -31.27
N VAL C 950 47.85 12.03 -30.47
CA VAL C 950 48.55 13.22 -30.94
C VAL C 950 50.00 13.12 -30.50
N THR C 951 50.91 13.42 -31.42
CA THR C 951 52.33 13.35 -31.11
C THR C 951 52.68 14.32 -29.99
N GLN C 952 53.63 13.92 -29.15
CA GLN C 952 53.94 14.70 -27.95
C GLN C 952 54.73 15.97 -28.24
N ASN C 953 55.48 16.01 -29.35
CA ASN C 953 56.19 17.23 -29.68
C ASN C 953 55.25 18.42 -29.74
N VAL C 954 53.99 18.19 -30.11
CA VAL C 954 53.02 19.26 -30.11
C VAL C 954 52.94 19.90 -28.73
N LEU C 955 52.82 19.09 -27.69
CA LEU C 955 52.77 19.63 -26.33
C LEU C 955 54.09 20.28 -25.96
N TYR C 956 55.20 19.59 -26.22
CA TYR C 956 56.45 20.18 -25.77
C TYR C 956 56.77 21.48 -26.49
N GLU C 957 56.07 21.79 -27.59
CA GLU C 957 56.26 23.05 -28.26
C GLU C 957 55.18 24.09 -27.95
N ASN C 958 54.01 23.67 -27.46
CA ASN C 958 52.95 24.61 -27.13
C ASN C 958 52.60 24.57 -25.64
N GLN C 959 53.58 24.21 -24.81
CA GLN C 959 53.37 24.20 -23.36
C GLN C 959 52.80 25.52 -22.85
N LYS C 960 53.40 26.64 -23.25
CA LYS C 960 52.97 27.93 -22.71
C LYS C 960 51.53 28.23 -23.06
N LEU C 961 51.18 28.04 -24.34
CA LEU C 961 49.82 28.32 -24.77
C LEU C 961 48.83 27.42 -24.05
N ILE C 962 49.17 26.15 -23.90
CA ILE C 962 48.26 25.23 -23.21
C ILE C 962 48.06 25.66 -21.76
N ALA C 963 49.14 26.04 -21.09
CA ALA C 963 49.02 26.48 -19.70
C ALA C 963 48.12 27.70 -19.60
N ASN C 964 48.31 28.68 -20.47
CA ASN C 964 47.47 29.88 -20.42
C ASN C 964 46.01 29.53 -20.66
N GLN C 965 45.73 28.66 -21.63
CA GLN C 965 44.36 28.29 -21.89
C GLN C 965 43.74 27.61 -20.67
N PHE C 966 44.47 26.72 -20.02
CA PHE C 966 43.91 26.03 -18.85
C PHE C 966 43.62 27.03 -17.73
N ASN C 967 44.55 27.94 -17.46
CA ASN C 967 44.32 28.91 -16.39
C ASN C 967 43.10 29.77 -16.70
N SER C 968 43.00 30.25 -17.94
CA SER C 968 41.83 31.06 -18.29
C SER C 968 40.55 30.26 -18.12
N ALA C 969 40.58 28.97 -18.46
CA ALA C 969 39.39 28.15 -18.32
C ALA C 969 38.95 28.05 -16.87
N ILE C 970 39.88 27.83 -15.96
CA ILE C 970 39.48 27.72 -14.56
C ILE C 970 38.95 29.06 -14.05
N GLY C 971 39.55 30.16 -14.51
CA GLY C 971 39.00 31.46 -14.15
C GLY C 971 37.56 31.61 -14.60
N LYS C 972 37.28 31.21 -15.84
CA LYS C 972 35.94 31.33 -16.38
C LYS C 972 34.94 30.50 -15.58
N ILE C 973 35.31 29.27 -15.23
CA ILE C 973 34.38 28.43 -14.49
C ILE C 973 34.11 29.00 -13.11
N GLN C 974 35.14 29.53 -12.46
CA GLN C 974 34.92 30.17 -11.16
C GLN C 974 33.93 31.31 -11.29
N ASP C 975 34.11 32.16 -12.31
CA ASP C 975 33.20 33.28 -12.48
C ASP C 975 31.77 32.82 -12.76
N SER C 976 31.61 31.81 -13.60
CA SER C 976 30.27 31.32 -13.91
C SER C 976 29.59 30.78 -12.67
N LEU C 977 30.31 30.02 -11.86
CA LEU C 977 29.72 29.53 -10.62
C LEU C 977 29.34 30.69 -9.71
N SER C 978 30.21 31.70 -9.61
CA SER C 978 29.91 32.83 -8.75
C SER C 978 28.65 33.55 -9.20
N SER C 979 28.47 33.71 -10.52
CA SER C 979 27.36 34.51 -11.02
C SER C 979 26.06 33.71 -11.04
N THR C 980 26.01 32.63 -11.82
CA THR C 980 24.75 31.90 -11.99
C THR C 980 24.33 31.25 -10.66
N ALA C 981 23.02 31.19 -10.45
CA ALA C 981 22.46 30.72 -9.19
C ALA C 981 21.73 29.39 -9.29
N SER C 982 21.24 29.02 -10.47
CA SER C 982 20.50 27.78 -10.66
C SER C 982 21.37 26.66 -11.23
N ALA C 983 22.66 26.65 -10.89
CA ALA C 983 23.56 25.61 -11.39
C ALA C 983 23.39 24.29 -10.66
N LEU C 984 23.05 24.33 -9.36
CA LEU C 984 22.98 23.14 -8.53
C LEU C 984 21.54 22.68 -8.30
N GLY C 985 20.69 22.86 -9.32
CA GLY C 985 19.32 22.42 -9.21
C GLY C 985 19.20 20.95 -8.90
N LYS C 986 20.18 20.15 -9.33
CA LYS C 986 20.11 18.72 -9.08
C LYS C 986 20.07 18.42 -7.58
N LEU C 987 20.91 19.09 -6.80
CA LEU C 987 20.92 18.89 -5.36
C LEU C 987 19.76 19.62 -4.69
N GLN C 988 19.44 20.80 -5.20
CA GLN C 988 18.32 21.55 -4.62
C GLN C 988 17.04 20.73 -4.71
N ASP C 989 16.88 19.96 -5.78
CA ASP C 989 15.68 19.14 -5.92
C ASP C 989 15.59 18.11 -4.81
N VAL C 990 16.70 17.46 -4.49
CA VAL C 990 16.68 16.47 -3.42
C VAL C 990 16.27 17.12 -2.10
N VAL C 991 16.88 18.27 -1.80
CA VAL C 991 16.57 18.92 -0.53
C VAL C 991 15.09 19.28 -0.48
N ASN C 992 14.57 19.87 -1.56
CA ASN C 992 13.18 20.30 -1.56
C ASN C 992 12.24 19.12 -1.43
N GLN C 993 12.54 18.01 -2.12
CA GLN C 993 11.66 16.85 -2.05
C GLN C 993 11.58 16.31 -0.63
N ASN C 994 12.73 16.20 0.03
CA ASN C 994 12.69 15.72 1.41
C ASN C 994 11.89 16.66 2.30
N ALA C 995 12.10 17.96 2.15
CA ALA C 995 11.35 18.91 2.97
C ALA C 995 9.85 18.75 2.75
N GLN C 996 9.43 18.64 1.49
CA GLN C 996 8.01 18.51 1.20
C GLN C 996 7.44 17.24 1.81
N ALA C 997 8.16 16.13 1.69
CA ALA C 997 7.66 14.88 2.25
C ALA C 997 7.44 15.01 3.75
N LEU C 998 8.43 15.53 4.46
CA LEU C 998 8.29 15.66 5.90
C LEU C 998 7.15 16.62 6.25
N ASN C 999 7.03 17.73 5.53
CA ASN C 999 5.98 18.69 5.85
C ASN C 999 4.61 18.08 5.68
N THR C 1000 4.39 17.34 4.59
CA THR C 1000 3.09 16.71 4.40
C THR C 1000 2.83 15.68 5.48
N LEU C 1001 3.83 14.89 5.84
CA LEU C 1001 3.62 13.90 6.88
C LEU C 1001 3.20 14.56 8.19
N VAL C 1002 3.85 15.66 8.57
CA VAL C 1002 3.48 16.33 9.79
C VAL C 1002 2.08 16.93 9.68
N LYS C 1003 1.78 17.55 8.54
CA LYS C 1003 0.47 18.17 8.37
C LYS C 1003 -0.65 17.15 8.45
N GLN C 1004 -0.37 15.90 8.10
CA GLN C 1004 -1.43 14.89 8.12
C GLN C 1004 -1.97 14.63 9.51
N LEU C 1005 -1.31 15.11 10.56
CA LEU C 1005 -1.77 14.91 11.93
C LEU C 1005 -2.96 15.79 12.31
N SER C 1006 -3.42 16.65 11.40
CA SER C 1006 -4.50 17.59 11.69
C SER C 1006 -5.77 17.25 10.91
N SER C 1007 -6.10 15.96 10.83
CA SER C 1007 -7.26 15.50 10.08
C SER C 1007 -8.18 14.69 10.99
N ASN C 1008 -9.49 14.87 10.81
CA ASN C 1008 -10.45 14.15 11.63
C ASN C 1008 -10.48 12.68 11.30
N PHE C 1009 -10.30 12.33 10.02
CA PHE C 1009 -10.39 10.96 9.54
C PHE C 1009 -11.76 10.35 9.78
N GLY C 1010 -12.74 11.15 10.19
CA GLY C 1010 -14.07 10.66 10.52
C GLY C 1010 -14.40 10.66 11.99
N ALA C 1011 -13.42 10.86 12.87
CA ALA C 1011 -13.69 10.93 14.29
C ALA C 1011 -14.34 12.27 14.63
N ILE C 1012 -14.65 12.47 15.91
CA ILE C 1012 -15.30 13.70 16.32
C ILE C 1012 -14.30 14.83 16.55
N SER C 1013 -13.03 14.50 16.77
CA SER C 1013 -12.01 15.51 16.98
C SER C 1013 -10.66 14.95 16.58
N SER C 1014 -9.73 15.85 16.30
CA SER C 1014 -8.39 15.47 15.85
C SER C 1014 -7.37 15.48 16.97
N VAL C 1015 -7.79 15.66 18.23
CA VAL C 1015 -6.89 15.71 19.36
C VAL C 1015 -7.20 14.53 20.26
N LEU C 1016 -6.20 13.67 20.47
CA LEU C 1016 -6.41 12.46 21.24
C LEU C 1016 -6.79 12.78 22.68
N ASN C 1017 -6.13 13.78 23.26
CA ASN C 1017 -6.42 14.13 24.65
C ASN C 1017 -7.86 14.61 24.80
N ASP C 1018 -8.33 15.43 23.86
CA ASP C 1018 -9.73 15.85 23.90
C ASP C 1018 -10.67 14.68 23.73
N ILE C 1019 -10.34 13.76 22.81
CA ILE C 1019 -11.20 12.60 22.60
C ILE C 1019 -11.34 11.82 23.90
N LEU C 1020 -10.22 11.57 24.58
CA LEU C 1020 -10.23 10.73 25.76
C LEU C 1020 -10.60 11.48 27.03
N SER C 1021 -10.72 12.80 26.97
CA SER C 1021 -11.08 13.60 28.14
C SER C 1021 -12.53 14.05 28.11
N ARG C 1022 -13.33 13.50 27.22
CA ARG C 1022 -14.75 13.85 27.15
C ARG C 1022 -15.65 12.61 27.18
N LEU C 1023 -15.23 11.52 26.56
CA LEU C 1023 -16.01 10.30 26.48
C LEU C 1023 -15.48 9.27 27.47
N ASP C 1024 -16.10 8.10 27.47
CA ASP C 1024 -15.75 7.01 28.35
C ASP C 1024 -15.15 5.83 27.58
N PRO C 1025 -14.48 4.92 28.26
CA PRO C 1025 -13.72 3.86 27.60
C PRO C 1025 -14.46 3.26 26.42
N PRO C 1026 -15.66 2.72 26.64
CA PRO C 1026 -16.36 2.02 25.55
C PRO C 1026 -16.62 2.90 24.34
N GLU C 1027 -16.83 4.20 24.54
CA GLU C 1027 -17.14 5.08 23.41
C GLU C 1027 -15.87 5.57 22.72
N ALA C 1028 -14.85 5.95 23.50
CA ALA C 1028 -13.65 6.50 22.91
C ALA C 1028 -13.03 5.56 21.90
N GLU C 1029 -13.13 4.26 22.13
CA GLU C 1029 -12.39 3.29 21.31
C GLU C 1029 -12.68 3.46 19.83
N VAL C 1030 -13.90 3.86 19.47
CA VAL C 1030 -14.23 4.00 18.05
C VAL C 1030 -13.37 5.09 17.42
N GLN C 1031 -13.33 6.27 18.03
CA GLN C 1031 -12.51 7.34 17.49
C GLN C 1031 -11.04 6.97 17.53
N ILE C 1032 -10.61 6.33 18.61
CA ILE C 1032 -9.21 5.90 18.69
C ILE C 1032 -8.87 5.02 17.49
N ASP C 1033 -9.75 4.07 17.17
CA ASP C 1033 -9.49 3.18 16.05
C ASP C 1033 -9.44 3.95 14.74
N ARG C 1034 -10.36 4.89 14.54
CA ARG C 1034 -10.37 5.65 13.29
C ARG C 1034 -9.05 6.40 13.11
N LEU C 1035 -8.62 7.11 14.15
CA LEU C 1035 -7.36 7.85 14.05
C LEU C 1035 -6.19 6.92 13.82
N ILE C 1036 -6.19 5.76 14.49
CA ILE C 1036 -5.09 4.82 14.32
C ILE C 1036 -4.99 4.38 12.87
N THR C 1037 -6.13 4.01 12.27
CA THR C 1037 -6.11 3.58 10.88
C THR C 1037 -5.56 4.67 9.98
N GLY C 1038 -6.06 5.90 10.16
CA GLY C 1038 -5.61 6.98 9.29
C GLY C 1038 -4.11 7.20 9.39
N ARG C 1039 -3.61 7.30 10.62
CA ARG C 1039 -2.19 7.62 10.78
C ARG C 1039 -1.32 6.46 10.31
N LEU C 1040 -1.76 5.23 10.51
CA LEU C 1040 -0.99 4.10 10.00
C LEU C 1040 -0.89 4.15 8.48
N GLN C 1041 -1.99 4.47 7.81
CA GLN C 1041 -1.93 4.59 6.36
C GLN C 1041 -0.95 5.67 5.94
N SER C 1042 -0.98 6.81 6.63
CA SER C 1042 -0.04 7.89 6.29
C SER C 1042 1.41 7.42 6.41
N LEU C 1043 1.73 6.74 7.51
CA LEU C 1043 3.09 6.27 7.70
C LEU C 1043 3.49 5.29 6.60
N GLN C 1044 2.60 4.37 6.24
CA GLN C 1044 2.94 3.41 5.21
C GLN C 1044 3.27 4.10 3.91
N THR C 1045 2.44 5.07 3.51
CA THR C 1045 2.70 5.78 2.26
C THR C 1045 4.05 6.48 2.31
N TYR C 1046 4.35 7.15 3.43
CA TYR C 1046 5.61 7.85 3.54
C TYR C 1046 6.78 6.89 3.38
N VAL C 1047 6.72 5.74 4.06
CA VAL C 1047 7.83 4.81 4.02
C VAL C 1047 8.04 4.28 2.61
N THR C 1048 6.96 3.95 1.91
CA THR C 1048 7.10 3.43 0.55
C THR C 1048 7.77 4.46 -0.35
N GLN C 1049 7.31 5.71 -0.26
CA GLN C 1049 7.92 6.75 -1.10
C GLN C 1049 9.41 6.86 -0.79
N GLN C 1050 9.77 6.84 0.49
CA GLN C 1050 11.17 6.97 0.84
C GLN C 1050 11.98 5.81 0.28
N LEU C 1051 11.44 4.60 0.31
CA LEU C 1051 12.17 3.46 -0.22
C LEU C 1051 12.47 3.66 -1.70
N ILE C 1052 11.47 4.09 -2.47
CA ILE C 1052 11.70 4.26 -3.91
C ILE C 1052 12.75 5.34 -4.15
N ARG C 1053 12.63 6.47 -3.45
CA ARG C 1053 13.59 7.55 -3.65
C ARG C 1053 14.99 7.09 -3.29
N ALA C 1054 15.14 6.31 -2.22
CA ALA C 1054 16.45 5.83 -1.83
C ALA C 1054 17.04 4.93 -2.91
N ALA C 1055 16.22 4.07 -3.51
CA ALA C 1055 16.74 3.25 -4.59
C ALA C 1055 17.27 4.11 -5.73
N GLU C 1056 16.52 5.14 -6.11
CA GLU C 1056 16.98 6.03 -7.17
C GLU C 1056 18.33 6.67 -6.82
N ILE C 1057 18.43 7.20 -5.59
CA ILE C 1057 19.66 7.86 -5.19
C ILE C 1057 20.82 6.88 -5.19
N ARG C 1058 20.56 5.63 -4.79
CA ARG C 1058 21.61 4.62 -4.79
C ARG C 1058 22.12 4.37 -6.21
N ALA C 1059 21.22 4.29 -7.17
CA ALA C 1059 21.67 4.13 -8.56
C ALA C 1059 22.56 5.29 -8.96
N SER C 1060 22.17 6.51 -8.61
CA SER C 1060 23.00 7.67 -8.96
C SER C 1060 24.36 7.59 -8.29
N ALA C 1061 24.41 7.15 -7.03
CA ALA C 1061 25.69 7.07 -6.32
C ALA C 1061 26.60 6.03 -6.96
N ASN C 1062 26.04 4.90 -7.38
CA ASN C 1062 26.86 3.91 -8.08
C ASN C 1062 27.44 4.50 -9.35
N LEU C 1063 26.63 5.23 -10.11
CA LEU C 1063 27.16 5.86 -11.31
C LEU C 1063 28.29 6.81 -10.97
N ALA C 1064 28.13 7.61 -9.91
CA ALA C 1064 29.18 8.57 -9.55
C ALA C 1064 30.47 7.86 -9.16
N ALA C 1065 30.36 6.75 -8.41
CA ALA C 1065 31.56 6.01 -8.05
C ALA C 1065 32.27 5.49 -9.29
N THR C 1066 31.52 4.96 -10.24
CA THR C 1066 32.13 4.50 -11.48
C THR C 1066 32.83 5.64 -12.19
N LYS C 1067 32.19 6.81 -12.27
CA LYS C 1067 32.80 7.95 -12.94
C LYS C 1067 34.11 8.31 -12.28
N MET C 1068 34.14 8.34 -10.95
CA MET C 1068 35.38 8.65 -10.26
C MET C 1068 36.45 7.64 -10.64
N SER C 1069 36.15 6.36 -10.48
CA SER C 1069 37.17 5.33 -10.70
C SER C 1069 37.73 5.40 -12.11
N GLU C 1070 36.88 5.65 -13.09
CA GLU C 1070 37.35 5.59 -14.48
C GLU C 1070 37.99 6.90 -14.92
N CYS C 1071 37.27 8.02 -14.80
CA CYS C 1071 37.80 9.29 -15.29
C CYS C 1071 38.98 9.76 -14.45
N VAL C 1072 38.86 9.74 -13.12
CA VAL C 1072 39.88 10.39 -12.30
C VAL C 1072 41.16 9.56 -12.26
N LEU C 1073 41.04 8.30 -11.87
CA LEU C 1073 42.20 7.45 -11.64
C LEU C 1073 42.87 6.98 -12.92
N GLY C 1074 42.29 7.24 -14.08
CA GLY C 1074 42.84 6.78 -15.34
C GLY C 1074 42.54 7.75 -16.45
N GLN C 1075 42.29 7.22 -17.65
CA GLN C 1075 41.93 8.05 -18.80
C GLN C 1075 40.99 7.24 -19.66
N SER C 1076 39.69 7.49 -19.53
CA SER C 1076 38.70 6.71 -20.23
C SER C 1076 38.68 7.04 -21.72
N LYS C 1077 38.52 6.00 -22.55
CA LYS C 1077 38.35 6.17 -23.98
C LYS C 1077 36.89 6.10 -24.41
N ARG C 1078 35.96 5.91 -23.48
CA ARG C 1078 34.55 5.89 -23.83
C ARG C 1078 34.11 7.28 -24.25
N VAL C 1079 33.30 7.33 -25.30
CA VAL C 1079 32.90 8.63 -25.86
C VAL C 1079 31.89 9.31 -24.97
N ASP C 1080 32.05 10.61 -24.80
CA ASP C 1080 31.09 11.46 -24.08
C ASP C 1080 30.77 10.93 -22.69
N PHE C 1081 31.65 10.12 -22.12
CA PHE C 1081 31.47 9.71 -20.73
C PHE C 1081 32.04 10.76 -19.80
N CYS C 1082 33.36 10.99 -19.87
CA CYS C 1082 34.01 11.99 -19.04
C CYS C 1082 34.19 13.29 -19.83
N GLY C 1083 33.06 13.92 -20.13
CA GLY C 1083 33.06 15.23 -20.74
C GLY C 1083 33.11 15.19 -22.26
N LYS C 1084 32.65 16.28 -22.87
CA LYS C 1084 32.58 16.37 -24.32
C LYS C 1084 33.98 16.47 -24.92
N GLY C 1085 34.10 15.98 -26.15
CA GLY C 1085 35.38 16.00 -26.82
C GLY C 1085 36.26 14.83 -26.40
N TYR C 1086 37.56 15.00 -26.59
CA TYR C 1086 38.53 14.00 -26.19
C TYR C 1086 38.95 14.25 -24.75
N HIS C 1087 39.06 13.17 -23.98
CA HIS C 1087 39.30 13.28 -22.54
C HIS C 1087 40.79 13.33 -22.24
N LEU C 1088 41.15 14.16 -21.26
CA LEU C 1088 42.54 14.31 -20.83
C LEU C 1088 42.73 13.98 -19.36
N MET C 1089 41.89 14.50 -18.48
CA MET C 1089 41.99 14.22 -17.05
C MET C 1089 40.83 14.93 -16.35
N SER C 1090 40.72 14.69 -15.05
CA SER C 1090 39.63 15.26 -14.28
C SER C 1090 40.07 15.52 -12.85
N PHE C 1091 39.32 16.35 -12.16
CA PHE C 1091 39.55 16.64 -10.75
C PHE C 1091 38.23 16.62 -10.00
N PRO C 1092 38.17 16.03 -8.80
CA PRO C 1092 36.94 16.05 -8.03
C PRO C 1092 36.89 17.19 -7.03
N GLN C 1093 35.67 17.64 -6.74
CA GLN C 1093 35.43 18.64 -5.72
C GLN C 1093 34.15 18.28 -4.99
N SER C 1094 34.18 18.32 -3.66
CA SER C 1094 33.05 17.90 -2.85
C SER C 1094 32.05 19.04 -2.68
N ALA C 1095 30.77 18.69 -2.73
CA ALA C 1095 29.69 19.64 -2.52
C ALA C 1095 28.64 18.97 -1.65
N PRO C 1096 27.78 19.75 -1.00
CA PRO C 1096 26.84 19.16 -0.04
C PRO C 1096 26.00 18.05 -0.64
N HIS C 1097 26.09 16.85 -0.07
CA HIS C 1097 25.28 15.72 -0.53
C HIS C 1097 25.50 15.44 -2.01
N GLY C 1098 26.74 15.59 -2.47
CA GLY C 1098 27.03 15.37 -3.87
C GLY C 1098 28.51 15.48 -4.14
N VAL C 1099 28.84 15.51 -5.43
CA VAL C 1099 30.22 15.63 -5.87
C VAL C 1099 30.23 16.36 -7.20
N VAL C 1100 31.30 17.11 -7.45
CA VAL C 1100 31.45 17.92 -8.65
C VAL C 1100 32.77 17.57 -9.32
N PHE C 1101 32.73 17.31 -10.62
CA PHE C 1101 33.90 16.99 -11.41
C PHE C 1101 34.27 18.16 -12.30
N LEU C 1102 35.51 18.17 -12.78
CA LEU C 1102 36.01 19.17 -13.71
C LEU C 1102 36.72 18.42 -14.85
N HIS C 1103 35.98 18.10 -15.90
CA HIS C 1103 36.53 17.31 -17.00
C HIS C 1103 37.33 18.20 -17.93
N VAL C 1104 38.61 17.88 -18.11
CA VAL C 1104 39.49 18.62 -19.01
C VAL C 1104 39.57 17.85 -20.32
N THR C 1105 39.28 18.52 -21.43
CA THR C 1105 39.16 17.87 -22.72
C THR C 1105 39.83 18.69 -23.80
N TYR C 1106 40.20 18.01 -24.89
CA TYR C 1106 40.93 18.59 -26.00
C TYR C 1106 40.03 18.63 -27.22
N VAL C 1107 39.87 19.80 -27.82
CA VAL C 1107 38.91 20.00 -28.91
C VAL C 1107 39.58 20.65 -30.11
N PRO C 1108 39.51 20.06 -31.30
CA PRO C 1108 40.10 20.71 -32.48
C PRO C 1108 39.34 21.97 -32.86
N ALA C 1109 40.07 22.95 -33.40
CA ALA C 1109 39.52 24.29 -33.58
C ALA C 1109 39.43 24.72 -35.04
N GLN C 1110 40.54 24.80 -35.77
CA GLN C 1110 40.56 25.44 -37.07
C GLN C 1110 40.87 24.40 -38.15
N GLU C 1111 39.96 24.25 -39.10
CA GLU C 1111 40.07 23.23 -40.13
C GLU C 1111 40.29 23.86 -41.50
N LYS C 1112 41.14 23.23 -42.29
CA LYS C 1112 41.42 23.62 -43.65
C LYS C 1112 41.34 22.38 -44.53
N ASN C 1113 40.76 22.52 -45.72
CA ASN C 1113 40.40 21.37 -46.54
C ASN C 1113 41.42 21.15 -47.65
N PHE C 1114 41.73 19.87 -47.91
CA PHE C 1114 42.71 19.50 -48.91
C PHE C 1114 42.16 18.45 -49.88
N THR C 1115 43.02 17.89 -50.71
CA THR C 1115 42.69 16.80 -51.61
C THR C 1115 43.45 15.55 -51.20
N THR C 1116 42.76 14.42 -51.18
CA THR C 1116 43.29 13.18 -50.63
C THR C 1116 43.32 12.08 -51.68
N ALA C 1117 43.86 10.92 -51.28
CA ALA C 1117 43.99 9.77 -52.15
C ALA C 1117 44.28 8.53 -51.31
N PRO C 1118 43.57 7.42 -51.53
CA PRO C 1118 43.72 6.28 -50.61
C PRO C 1118 45.12 5.70 -50.59
N ALA C 1119 45.84 5.73 -51.70
CA ALA C 1119 47.14 5.05 -51.78
C ALA C 1119 48.02 5.88 -52.70
N ILE C 1120 49.09 5.27 -53.22
CA ILE C 1120 50.01 5.96 -54.11
C ILE C 1120 50.86 4.91 -54.82
N CYS C 1121 51.07 5.13 -56.11
CA CYS C 1121 51.81 4.21 -56.96
C CYS C 1121 53.13 4.84 -57.35
N HIS C 1122 54.24 4.13 -57.11
CA HIS C 1122 55.56 4.61 -57.45
C HIS C 1122 56.22 3.79 -58.55
N ASP C 1123 56.33 2.47 -58.36
CA ASP C 1123 57.03 1.61 -59.29
C ASP C 1123 56.25 0.32 -59.49
N GLY C 1124 54.94 0.46 -59.67
CA GLY C 1124 54.07 -0.69 -59.79
C GLY C 1124 53.63 -1.29 -58.46
N LYS C 1125 54.05 -0.70 -57.34
CA LYS C 1125 53.70 -1.19 -56.02
C LYS C 1125 52.96 -0.10 -55.27
N ALA C 1126 51.82 -0.44 -54.68
CA ALA C 1126 51.01 0.53 -53.98
C ALA C 1126 51.52 0.73 -52.56
N HIS C 1127 51.83 1.97 -52.20
CA HIS C 1127 52.30 2.30 -50.87
C HIS C 1127 51.15 2.90 -50.07
N PHE C 1128 50.98 2.42 -48.85
CA PHE C 1128 49.95 2.90 -47.93
C PHE C 1128 50.60 3.59 -46.74
N PRO C 1129 49.89 4.50 -46.07
CA PRO C 1129 50.48 5.22 -44.93
C PRO C 1129 50.54 4.32 -43.70
N ARG C 1130 51.67 4.32 -43.01
CA ARG C 1130 51.78 3.55 -41.78
C ARG C 1130 50.75 4.02 -40.77
N GLU C 1131 50.71 5.34 -40.52
CA GLU C 1131 49.61 5.95 -39.79
C GLU C 1131 49.51 7.39 -40.24
N GLY C 1132 48.30 7.83 -40.56
CA GLY C 1132 48.06 9.14 -41.12
C GLY C 1132 47.36 9.03 -42.46
N VAL C 1133 47.29 10.15 -43.16
CA VAL C 1133 46.60 10.25 -44.43
C VAL C 1133 47.46 11.00 -45.43
N PHE C 1134 47.19 10.77 -46.70
CA PHE C 1134 47.85 11.48 -47.77
C PHE C 1134 47.02 12.71 -48.12
N VAL C 1135 47.68 13.86 -48.22
CA VAL C 1135 47.01 15.10 -48.58
C VAL C 1135 47.89 15.85 -49.57
N SER C 1136 47.26 16.72 -50.35
CA SER C 1136 47.98 17.54 -51.32
C SER C 1136 47.49 18.96 -51.23
N ASN C 1137 48.42 19.91 -51.19
CA ASN C 1137 48.04 21.31 -51.19
C ASN C 1137 47.72 21.84 -52.57
N GLY C 1138 48.00 21.07 -53.62
CA GLY C 1138 47.71 21.50 -54.97
C GLY C 1138 48.79 21.10 -55.95
N THR C 1139 50.02 20.92 -55.46
CA THR C 1139 51.13 20.59 -56.34
C THR C 1139 51.92 19.38 -55.82
N HIS C 1140 51.94 19.19 -54.51
CA HIS C 1140 52.71 18.12 -53.89
C HIS C 1140 51.86 17.37 -52.89
N TRP C 1141 52.21 16.11 -52.66
CA TRP C 1141 51.54 15.26 -51.69
C TRP C 1141 52.39 15.11 -50.43
N PHE C 1142 51.71 14.98 -49.30
CA PHE C 1142 52.36 14.78 -48.01
C PHE C 1142 51.58 13.76 -47.22
N VAL C 1143 52.18 13.27 -46.15
CA VAL C 1143 51.54 12.39 -45.19
C VAL C 1143 51.54 13.08 -43.84
N THR C 1144 50.38 13.18 -43.22
CA THR C 1144 50.23 13.92 -41.98
C THR C 1144 49.40 13.11 -40.99
N GLN C 1145 49.66 13.34 -39.70
CA GLN C 1145 48.85 12.71 -38.68
C GLN C 1145 47.41 13.22 -38.75
N ARG C 1146 46.48 12.43 -38.22
CA ARG C 1146 45.08 12.63 -38.54
C ARG C 1146 44.46 13.80 -37.78
N ASN C 1147 44.85 14.01 -36.53
CA ASN C 1147 44.18 14.99 -35.67
C ASN C 1147 44.89 16.33 -35.62
N PHE C 1148 45.89 16.55 -36.45
CA PHE C 1148 46.64 17.80 -36.43
C PHE C 1148 47.39 17.91 -37.74
N TYR C 1149 47.55 19.13 -38.23
CA TYR C 1149 48.16 19.35 -39.53
C TYR C 1149 49.65 19.62 -39.34
N GLU C 1150 50.47 18.68 -39.76
CA GLU C 1150 51.90 18.90 -39.88
C GLU C 1150 52.43 18.03 -41.01
N PRO C 1151 52.79 18.60 -42.15
CA PRO C 1151 53.18 17.78 -43.29
C PRO C 1151 54.52 17.10 -43.07
N GLN C 1152 54.70 15.97 -43.75
CA GLN C 1152 55.94 15.23 -43.73
C GLN C 1152 56.20 14.68 -45.12
N ILE C 1153 57.42 14.81 -45.61
CA ILE C 1153 57.75 14.24 -46.91
C ILE C 1153 57.53 12.74 -46.85
N ILE C 1154 56.95 12.19 -47.91
CA ILE C 1154 56.64 10.76 -47.94
C ILE C 1154 57.88 10.00 -48.39
N THR C 1155 58.35 9.10 -47.54
CA THR C 1155 59.51 8.27 -47.84
C THR C 1155 59.21 6.84 -47.42
N THR C 1156 60.22 5.98 -47.55
CA THR C 1156 60.04 4.57 -47.24
C THR C 1156 59.82 4.33 -45.75
N ASP C 1157 60.05 5.32 -44.90
CA ASP C 1157 59.86 5.18 -43.46
C ASP C 1157 58.45 5.54 -43.01
N ASN C 1158 57.60 5.99 -43.93
CA ASN C 1158 56.21 6.28 -43.61
C ASN C 1158 55.23 5.27 -44.19
N THR C 1159 55.62 4.56 -45.25
CA THR C 1159 54.71 3.72 -46.00
C THR C 1159 55.27 2.31 -46.11
N PHE C 1160 54.36 1.35 -46.28
CA PHE C 1160 54.73 -0.04 -46.46
C PHE C 1160 54.07 -0.58 -47.71
N VAL C 1161 54.83 -1.34 -48.50
CA VAL C 1161 54.35 -1.83 -49.79
C VAL C 1161 53.42 -3.00 -49.58
N SER C 1162 52.46 -3.15 -50.50
CA SER C 1162 51.55 -4.29 -50.49
C SER C 1162 50.83 -4.41 -51.82
N GLY C 1163 50.96 -5.54 -52.49
CA GLY C 1163 50.25 -5.73 -53.74
C GLY C 1163 50.83 -4.89 -54.87
N ASN C 1164 50.02 -4.73 -55.91
CA ASN C 1164 50.41 -3.92 -57.07
C ASN C 1164 49.35 -2.87 -57.37
N CYS C 1165 49.47 -2.19 -58.51
CA CYS C 1165 48.73 -0.98 -58.79
C CYS C 1165 47.41 -1.22 -59.52
N ASP C 1166 47.03 -2.47 -59.74
CA ASP C 1166 45.94 -2.78 -60.66
C ASP C 1166 44.63 -3.10 -59.96
N VAL C 1167 44.55 -2.95 -58.63
CA VAL C 1167 43.37 -3.33 -57.88
C VAL C 1167 42.74 -2.16 -57.15
N VAL C 1168 43.55 -1.33 -56.51
CA VAL C 1168 43.00 -0.24 -55.70
C VAL C 1168 42.19 0.70 -56.58
N ILE C 1169 41.17 1.31 -55.99
CA ILE C 1169 40.34 2.29 -56.67
C ILE C 1169 40.77 3.68 -56.22
N GLY C 1170 40.94 4.58 -57.18
CA GLY C 1170 41.31 5.95 -56.85
C GLY C 1170 42.76 6.14 -56.48
N ILE C 1171 43.62 5.18 -56.79
CA ILE C 1171 45.03 5.34 -56.50
C ILE C 1171 45.57 6.54 -57.29
N VAL C 1172 46.65 7.13 -56.78
CA VAL C 1172 47.26 8.29 -57.40
C VAL C 1172 48.65 7.91 -57.90
N ASN C 1173 49.35 8.85 -58.53
CA ASN C 1173 50.51 8.53 -59.35
C ASN C 1173 51.68 9.44 -59.03
N ASN C 1174 51.99 9.63 -57.75
CA ASN C 1174 53.12 10.46 -57.35
C ASN C 1174 54.29 9.56 -56.93
N THR C 1175 55.47 10.16 -56.84
CA THR C 1175 56.69 9.43 -56.50
C THR C 1175 56.89 9.34 -55.00
N VAL C 1176 57.90 8.57 -54.60
CA VAL C 1176 58.26 8.36 -53.21
C VAL C 1176 59.77 8.42 -53.06
N TYR C 1177 60.23 9.15 -52.05
CA TYR C 1177 61.66 9.32 -51.83
C TYR C 1177 62.26 8.09 -51.16
N ASP C 1178 63.58 7.96 -51.29
CA ASP C 1178 64.34 6.87 -50.66
C ASP C 1178 65.47 7.49 -49.86
N PRO C 1179 65.55 7.25 -48.54
CA PRO C 1179 66.61 7.91 -47.75
C PRO C 1179 68.00 7.41 -48.04
N LEU C 1180 68.16 6.18 -48.52
CA LEU C 1180 69.50 5.60 -48.66
C LEU C 1180 70.24 6.06 -49.91
N GLN C 1181 69.54 6.64 -50.88
CA GLN C 1181 70.19 7.02 -52.13
C GLN C 1181 71.36 7.97 -51.93
N PRO C 1182 71.22 9.09 -51.20
CA PRO C 1182 72.36 10.00 -51.08
C PRO C 1182 73.60 9.35 -50.47
N GLU C 1183 73.42 8.41 -49.54
CA GLU C 1183 74.59 7.76 -48.95
C GLU C 1183 75.38 6.99 -49.99
N LEU C 1184 74.67 6.32 -50.92
CA LEU C 1184 75.36 5.57 -51.96
C LEU C 1184 76.22 6.49 -52.81
N ASP C 1185 75.69 7.67 -53.18
CA ASP C 1185 76.47 8.59 -54.00
C ASP C 1185 77.74 9.02 -53.27
N SER C 1186 77.62 9.38 -51.98
CA SER C 1186 78.80 9.68 -51.19
C SER C 1186 79.69 8.45 -51.07
N PHE C 1187 79.09 7.28 -50.85
CA PHE C 1187 79.85 6.05 -50.75
C PHE C 1187 80.63 5.78 -52.03
N LYS C 1188 79.99 5.99 -53.19
CA LYS C 1188 80.71 5.86 -54.46
C LYS C 1188 81.78 6.92 -54.60
N GLU C 1189 81.50 8.13 -54.12
CA GLU C 1189 82.47 9.23 -54.26
C GLU C 1189 83.78 8.89 -53.56
N GLU C 1190 83.71 8.36 -52.35
CA GLU C 1190 84.91 7.98 -51.61
C GLU C 1190 84.94 6.47 -51.38
C1 NAG D . -26.19 -40.24 -22.88
C2 NAG D . -26.22 -41.71 -22.50
C3 NAG D . -25.14 -42.05 -21.53
C4 NAG D . -23.79 -41.56 -21.95
C5 NAG D . -23.83 -40.08 -22.37
C6 NAG D . -22.48 -39.66 -22.89
C7 NAG D . -28.75 -42.17 -22.71
C8 NAG D . -30.10 -42.51 -22.07
N2 NAG D . -27.55 -42.04 -21.88
O3 NAG D . -25.09 -43.50 -21.40
O4 NAG D . -22.87 -41.69 -20.86
O5 NAG D . -24.84 -39.85 -23.41
O6 NAG D . -22.44 -38.27 -22.99
O7 NAG D . -28.68 -42.01 -23.88
H2 NAG D . -26.09 -42.31 -23.39
H3 NAG D . -25.38 -41.61 -20.57
H4 NAG D . -23.45 -42.16 -22.79
H5 NAG D . -24.07 -39.49 -21.50
H61 NAG D . -22.31 -40.11 -23.85
H62 NAG D . -21.71 -39.99 -22.20
H81 NAG D . -30.42 -41.68 -21.44
H82 NAG D . -29.99 -43.40 -21.46
H83 NAG D . -30.84 -42.68 -22.84
HN2 NAG D . -27.62 -42.17 -20.89
HO3 NAG D . -24.55 -43.86 -22.07
HO6 NAG D . -21.67 -38.01 -23.46
C1 NAG D . -22.29 -43.01 -20.87
C2 NAG D . -20.78 -42.89 -20.96
C3 NAG D . -20.12 -44.23 -20.95
C4 NAG D . -20.52 -45.01 -19.74
C5 NAG D . -22.04 -45.11 -19.59
C6 NAG D . -22.35 -45.73 -18.25
C7 NAG D . -20.82 -42.71 -23.52
C8 NAG D . -20.43 -41.96 -24.81
N2 NAG D . -20.39 -42.18 -22.22
O3 NAG D . -18.68 -44.05 -20.96
O4 NAG D . -19.97 -46.33 -19.84
O5 NAG D . -22.71 -43.82 -19.67
O6 NAG D . -21.83 -44.91 -17.23
O7 NAG D . -21.47 -43.70 -23.58
C1 NAG E . -60.37 -18.62 -28.03
C2 NAG E . -61.44 -17.67 -28.54
C3 NAG E . -62.81 -18.24 -28.50
C4 NAG E . -63.10 -18.94 -27.20
C5 NAG E . -62.06 -20.03 -26.86
C6 NAG E . -62.66 -21.40 -26.95
C7 NAG E . -60.35 -15.43 -27.92
C8 NAG E . -60.32 -14.16 -27.06
N2 NAG E . -61.41 -16.43 -27.72
O3 NAG E . -62.96 -19.21 -29.58
O4 NAG E . -63.08 -17.96 -26.16
O5 NAG E . -60.91 -20.01 -27.78
O6 NAG E . -62.31 -21.97 -28.18
O7 NAG E . -59.51 -15.62 -28.74
H2 NAG E . -61.20 -17.39 -29.57
H3 NAG E . -63.53 -17.45 -28.64
H4 NAG E . -64.08 -19.37 -27.27
H5 NAG E . -61.70 -19.86 -25.86
H61 NAG E . -63.74 -21.35 -26.87
H62 NAG E . -62.27 -22.00 -26.14
H81 NAG E . -60.25 -14.44 -26.01
H82 NAG E . -61.23 -13.59 -27.23
H83 NAG E . -59.46 -13.56 -27.33
HN2 NAG E . -62.11 -16.27 -27.02
HO3 NAG E . -63.68 -19.78 -29.39
HO6 NAG E . -61.38 -22.14 -28.19
C1 NAG E . -64.39 -17.36 -26.09
C2 NAG E . -65.10 -17.82 -24.82
C3 NAG E . -66.45 -17.23 -24.70
C4 NAG E . -66.40 -15.73 -24.78
C5 NAG E . -65.65 -15.23 -26.02
C6 NAG E . -65.46 -13.74 -25.90
C7 NAG E . -64.13 -20.13 -24.25
C8 NAG E . -64.25 -21.66 -24.23
N2 NAG E . -65.21 -19.31 -24.81
O3 NAG E . -67.04 -17.63 -23.45
O4 NAG E . -67.74 -15.23 -24.80
O5 NAG E . -64.33 -15.86 -26.19
O6 NAG E . -66.66 -13.09 -26.23
O7 NAG E . -63.16 -19.60 -23.79
C1 NAG F . -43.77 -28.99 -5.29
C2 NAG F . -43.86 -28.72 -3.79
C3 NAG F . -44.84 -29.63 -3.14
C4 NAG F . -44.80 -30.97 -3.78
C5 NAG F . -45.34 -30.88 -5.22
C6 NAG F . -46.82 -31.10 -5.23
C7 NAG F . -41.48 -27.90 -3.13
C8 NAG F . -41.73 -26.49 -3.69
N2 NAG F . -42.51 -28.95 -3.19
O3 NAG F . -46.16 -29.05 -3.29
O4 NAG F . -43.44 -31.42 -3.80
O5 NAG F . -45.06 -29.56 -5.82
O6 NAG F . -47.13 -32.19 -6.06
O7 NAG F . -40.43 -28.15 -2.65
H2 NAG F . -44.17 -27.70 -3.62
H3 NAG F . -44.60 -29.72 -2.09
H4 NAG F . -45.42 -31.66 -3.22
H5 NAG F . -44.86 -31.65 -5.82
H61 NAG F . -47.32 -30.22 -5.61
H62 NAG F . -47.19 -31.31 -4.23
H81 NAG F . -42.72 -26.16 -3.45
H82 NAG F . -41.58 -26.49 -4.76
H83 NAG F . -41.01 -25.81 -3.24
HN2 NAG F . -42.29 -29.86 -2.82
HO3 NAG F . -46.21 -28.59 -4.11
HO6 NAG F . -47.87 -32.66 -5.71
C1 NAG F . -43.21 -32.59 -2.98
C2 NAG F . -43.67 -32.38 -1.54
C3 NAG F . -43.40 -33.57 -0.69
C4 NAG F . -43.90 -34.85 -1.30
C5 NAG F . -43.48 -35.00 -2.76
C6 NAG F . -44.14 -36.21 -3.33
C7 NAG F . -41.52 -31.16 -0.85
C8 NAG F . -40.81 -29.94 -0.24
N2 NAG F . -42.97 -31.20 -0.93
O3 NAG F . -44.05 -33.39 0.61
O4 NAG F . -43.37 -35.95 -0.56
O5 NAG F . -43.85 -33.82 -3.55
O6 NAG F . -43.75 -37.34 -2.58
O7 NAG F . -40.87 -32.07 -1.28
C1 NAG G . -25.01 -6.05 -38.59
C2 NAG G . -25.17 -7.17 -39.60
C3 NAG G . -24.46 -6.84 -40.85
C4 NAG G . -25.03 -5.59 -41.45
C5 NAG G . -24.84 -4.43 -40.46
C6 NAG G . -25.46 -3.17 -40.98
C7 NAG G . -23.44 -8.67 -38.31
C8 NAG G . -22.49 -7.53 -37.96
N2 NAG G . -24.68 -8.49 -39.07
O3 NAG G . -24.56 -7.93 -41.81
O4 NAG G . -24.35 -5.35 -42.69
O5 NAG G . -25.46 -4.73 -39.15
O6 NAG G . -26.65 -3.48 -41.66
O7 NAG G . -23.15 -9.76 -37.95
H2 NAG G . -26.23 -7.26 -39.83
H3 NAG G . -23.41 -6.65 -40.63
H4 NAG G . -26.09 -5.75 -41.57
H5 NAG G . -23.78 -4.27 -40.32
H61 NAG G . -24.78 -2.68 -41.66
H62 NAG G . -25.69 -2.51 -40.16
H81 NAG G . -22.91 -6.94 -37.16
H82 NAG G . -22.32 -6.90 -38.82
H83 NAG G . -21.54 -7.94 -37.63
HN2 NAG G . -25.24 -9.30 -39.26
HO3 NAG G . -25.05 -8.63 -41.41
HO6 NAG G . -26.72 -2.93 -42.43
C1 NAG G . -25.16 -4.92 -43.83
C2 NAG G . -26.49 -5.67 -43.94
C3 NAG G . -27.25 -5.25 -45.15
C4 NAG G . -27.46 -3.76 -45.16
C5 NAG G . -26.15 -2.98 -45.00
C6 NAG G . -26.47 -1.52 -44.85
C7 NAG G . -27.04 -8.00 -43.09
C8 NAG G . -26.81 -9.52 -43.12
N2 NAG G . -26.26 -7.14 -43.97
O3 NAG G . -28.55 -5.91 -45.14
O4 NAG G . -28.17 -3.29 -46.32
O5 NAG G . -25.40 -3.42 -43.81
O6 NAG G . -27.01 -1.28 -43.59
O7 NAG G . -27.83 -7.53 -42.35
C1 BMA G . -27.88 -3.93 -47.61
C2 BMA G . -26.36 -3.80 -47.99
C3 BMA G . -26.19 -4.37 -49.40
C4 BMA G . -26.74 -5.81 -49.48
C5 BMA G . -28.21 -5.86 -48.97
C6 BMA G . -28.78 -7.28 -48.93
O2 BMA G . -25.53 -4.59 -47.16
O3 BMA G . -24.83 -4.35 -49.80
O4 BMA G . -26.69 -6.26 -50.82
O5 BMA G . -28.27 -5.33 -47.64
O6 BMA G . -28.06 -8.01 -47.94
C1 NAG H . -32.45 -45.47 41.08
C2 NAG H . -31.34 -46.37 40.57
C3 NAG H . -31.54 -46.64 39.12
C4 NAG H . -32.89 -47.20 38.80
C5 NAG H . -34.03 -46.38 39.45
C6 NAG H . -35.34 -47.13 39.35
C7 NAG H . -29.08 -46.09 41.82
C8 NAG H . -29.42 -47.23 42.78
N2 NAG H . -30.01 -45.69 40.76
O3 NAG H . -30.53 -47.60 38.68
O4 NAG H . -33.00 -47.15 37.37
O5 NAG H . -33.79 -46.11 40.87
O6 NAG H . -36.11 -46.56 38.33
O7 NAG H . -28.05 -45.52 41.92
H2 NAG H . -31.36 -47.31 41.11
H3 NAG H . -31.40 -45.72 38.58
H4 NAG H . -32.93 -48.21 39.18
H5 NAG H . -34.12 -45.45 38.92
H61 NAG H . -35.86 -47.04 40.29
H62 NAG H . -35.15 -48.17 39.14
H81 NAG H . -28.65 -47.30 43.55
H82 NAG H . -29.47 -48.17 42.24
H83 NAG H . -30.38 -47.04 43.26
HN2 NAG H . -29.77 -44.94 40.14
HO3 NAG H . -30.36 -48.22 39.37
HO6 NAG H . -36.52 -47.25 37.83
C1 NAG H . -33.75 -48.18 36.67
C2 NAG H . -33.53 -49.59 37.23
C3 NAG H . -34.13 -50.62 36.34
C4 NAG H . -35.53 -50.22 35.92
C5 NAG H . -35.89 -48.75 35.67
C6 NAG H . -37.38 -48.58 35.73
C7 NAG H . -31.48 -50.56 38.48
C8 NAG H . -32.35 -51.06 39.64
N2 NAG H . -32.05 -49.86 37.33
O3 NAG H . -34.19 -51.89 37.06
O4 NAG H . -36.43 -51.25 35.47
O5 NAG H . -35.23 -47.88 36.64
O6 NAG H . -37.97 -49.28 34.68
O7 NAG H . -30.31 -50.74 38.52
H2 NAG H . -33.99 -49.69 38.19
H3 NAG H . -33.51 -50.73 35.46
H4 NAG H . -35.13 -50.22 34.91
H5 NAG H . -35.55 -48.48 34.67
H61 NAG H . -37.63 -47.53 35.65
H62 NAG H . -37.74 -48.96 36.68
H81 NAG H . -31.75 -51.66 40.32
H82 NAG H . -33.17 -51.65 39.25
H83 NAG H . -32.75 -50.21 40.19
HN2 NAG H . -31.45 -49.55 36.60
HO3 NAG H . -34.56 -52.55 36.50
HO6 NAG H . -38.81 -48.91 34.48
C1 NAG I . 70.02 -24.53 -33.10
C2 NAG I . 69.69 -25.84 -32.40
C3 NAG I . 70.41 -25.91 -31.12
C4 NAG I . 71.87 -25.81 -31.36
C5 NAG I . 72.28 -24.56 -32.13
C6 NAG I . 73.73 -24.65 -32.49
C7 NAG I . 67.38 -26.76 -32.95
C8 NAG I . 65.88 -26.85 -32.68
N2 NAG I . 68.23 -25.89 -32.13
O3 NAG I . 70.09 -27.17 -30.47
O4 NAG I . 72.52 -25.86 -30.07
O5 NAG I . 71.50 -24.42 -33.37
O6 NAG I . 73.87 -25.53 -33.58
O7 NAG I . 67.87 -27.39 -33.82
C1 NAG I . 73.55 -26.87 -30.08
C2 NAG I . 73.50 -27.73 -31.35
C3 NAG I . 74.66 -28.65 -31.44
C4 NAG I . 75.96 -27.93 -31.30
C5 NAG I . 76.03 -27.09 -30.03
C6 NAG I . 77.27 -26.24 -30.08
C7 NAG I . 71.39 -28.53 -32.56
C8 NAG I . 70.12 -29.38 -32.63
N2 NAG I . 72.26 -28.58 -31.38
O3 NAG I . 74.63 -29.32 -32.72
O4 NAG I . 77.02 -28.89 -31.28
O5 NAG I . 74.88 -26.19 -29.91
O6 NAG I . 77.09 -25.23 -31.02
O7 NAG I . 71.67 -27.80 -33.47
C1 BMA I . 76.88 -29.71 -30.11
C2 BMA I . 77.39 -31.13 -30.48
C3 BMA I . 77.44 -32.01 -29.22
C4 BMA I . 78.16 -31.31 -28.07
C5 BMA I . 77.50 -29.94 -27.81
C6 BMA I . 78.18 -29.17 -26.69
O2 BMA I . 78.71 -31.08 -30.97
O3 BMA I . 78.07 -33.26 -29.49
O4 BMA I . 78.09 -32.09 -26.90
O5 BMA I . 77.60 -29.17 -29.02
O6 BMA I . 79.51 -28.86 -27.10
C1 NAG J . 3.51 -41.46 -6.19
C2 NAG J . 4.97 -41.51 -5.78
C3 NAG J . 5.31 -42.92 -5.55
C4 NAG J . 4.62 -43.34 -4.29
C5 NAG J . 3.10 -43.24 -4.47
C6 NAG J . 2.45 -43.38 -3.12
C7 NAG J . 6.36 -39.55 -6.62
C8 NAG J . 5.96 -38.75 -5.38
N2 NAG J . 5.87 -40.91 -6.82
O3 NAG J . 6.74 -43.09 -5.44
O4 NAG J . 5.01 -44.68 -4.02
O5 NAG J . 2.63 -41.98 -5.09
O6 NAG J . 3.25 -42.75 -2.15
O7 NAG J . 7.08 -39.06 -7.44
C1 NAG J . 6.04 -44.76 -3.02
C2 NAG J . 6.42 -43.37 -2.48
C3 NAG J . 7.25 -43.43 -1.23
C4 NAG J . 6.67 -44.36 -0.20
C5 NAG J . 6.50 -45.75 -0.79
C6 NAG J . 5.90 -46.66 0.25
C7 NAG J . 7.19 -41.17 -3.58
C8 NAG J . 6.21 -40.38 -2.70
N2 NAG J . 7.28 -42.63 -3.46
O3 NAG J . 7.34 -42.09 -0.67
O4 NAG J . 7.58 -44.42 0.90
O5 NAG J . 5.60 -45.72 -1.95
O6 NAG J . 5.06 -47.59 -0.39
O7 NAG J . 7.87 -40.61 -4.38
C1 NAG K . -11.07 -44.47 28.16
C2 NAG K . -11.17 -45.48 29.31
C3 NAG K . -9.88 -46.15 29.62
C4 NAG K . -9.15 -46.57 28.41
C5 NAG K . -8.96 -45.42 27.42
C6 NAG K . -8.16 -45.88 26.24
C7 NAG K . -10.91 -43.47 30.92
C8 NAG K . -9.68 -42.91 30.18
N2 NAG K . -11.60 -44.71 30.50
O3 NAG K . -10.15 -47.33 30.42
O4 NAG K . -7.88 -47.09 28.80
O5 NAG K . -10.28 -44.97 26.98
O6 NAG K . -7.59 -44.77 25.60
O7 NAG K . -11.30 -42.90 31.88
C1 NAG K . -7.73 -48.34 28.12
C2 NAG K . -6.30 -48.81 28.24
C3 NAG K . -6.11 -50.10 27.53
C4 NAG K . -7.14 -51.15 27.89
C5 NAG K . -8.58 -50.62 27.92
C6 NAG K . -9.43 -51.63 28.63
C7 NAG K . -5.34 -46.42 28.09
C8 NAG K . -4.42 -45.40 27.40
N2 NAG K . -5.41 -47.80 27.60
O3 NAG K . -4.80 -50.63 27.86
O4 NAG K . -7.06 -52.19 26.91
O5 NAG K . -8.71 -49.35 28.65
O6 NAG K . -8.91 -51.85 29.90
O7 NAG K . -6.00 -46.09 29.02
C1 BMA K . -7.05 -53.45 27.62
C2 BMA K . -5.84 -54.26 27.12
C3 BMA K . -5.71 -55.55 27.93
C4 BMA K . -5.75 -55.25 29.44
C5 BMA K . -7.00 -54.44 29.78
C6 BMA K . -7.09 -54.07 31.25
O2 BMA K . -4.63 -53.54 27.30
O3 BMA K . -4.52 -56.25 27.60
O4 BMA K . -5.75 -56.46 30.17
O5 BMA K . -6.98 -53.23 29.01
O6 BMA K . -6.83 -55.23 32.01
C1 NAG L . 36.48 -15.95 -48.99
C2 NAG L . 35.02 -15.48 -49.02
C3 NAG L . 34.20 -16.08 -50.10
C4 NAG L . 34.84 -15.96 -51.44
C5 NAG L . 36.27 -16.51 -51.42
C6 NAG L . 36.89 -16.13 -52.73
C7 NAG L . 34.56 -15.17 -46.52
C8 NAG L . 33.85 -15.63 -45.24
N2 NAG L . 34.35 -15.91 -47.76
O3 NAG L . 32.92 -15.39 -50.15
O4 NAG L . 34.08 -16.78 -52.33
O5 NAG L . 37.11 -15.94 -50.35
O6 NAG L . 36.05 -15.18 -53.35
O7 NAG L . 35.26 -14.21 -46.50
C1 NAG L . 33.25 -15.96 -53.16
C2 NAG L . 32.43 -16.87 -54.08
C3 NAG L . 31.59 -16.08 -55.02
C4 NAG L . 30.69 -15.14 -54.27
C5 NAG L . 31.46 -14.27 -53.27
C6 NAG L . 30.46 -13.50 -52.45
C7 NAG L . 34.39 -17.22 -55.74
C8 NAG L . 34.60 -15.70 -55.90
N2 NAG L . 33.35 -17.75 -54.86
O3 NAG L . 30.76 -16.99 -55.79
O4 NAG L . 30.06 -14.28 -55.23
O5 NAG L . 32.33 -15.06 -52.38
O6 NAG L . 30.10 -12.33 -53.13
O7 NAG L . 35.10 -17.97 -56.33
C1 NAG M . 21.17 0.74 -53.48
C2 NAG M . 19.87 1.12 -52.82
C3 NAG M . 18.87 0.05 -53.01
C4 NAG M . 18.65 -0.26 -54.46
C5 NAG M . 19.90 -0.25 -55.35
C6 NAG M . 19.46 0.14 -56.74
C7 NAG M . 20.59 0.32 -50.45
C8 NAG M . 20.86 -1.10 -50.95
N2 NAG M . 20.11 1.37 -51.36
O3 NAG M . 17.61 0.44 -52.41
O4 NAG M . 18.09 -1.58 -54.47
O5 NAG M . 20.95 0.70 -54.96
O6 NAG M . 19.68 1.51 -56.90
O7 NAG M . 20.77 0.59 -49.30
C1 NAG M . 16.81 -1.65 -55.15
C2 NAG M . 16.28 -0.28 -55.56
C3 NAG M . 15.01 -0.38 -56.32
C4 NAG M . 15.11 -1.31 -57.49
C5 NAG M . 15.66 -2.68 -57.08
C6 NAG M . 15.89 -3.49 -58.32
C7 NAG M . 16.36 1.97 -54.41
C8 NAG M . 17.04 2.51 -55.68
N2 NAG M . 15.98 0.56 -54.35
O3 NAG M . 14.65 0.94 -56.81
O4 NAG M . 13.81 -1.51 -58.03
O5 NAG M . 16.93 -2.56 -56.34
O6 NAG M . 14.76 -3.41 -59.15
O7 NAG M . 16.15 2.68 -53.50
C1 BMA M . 13.57 -0.53 -59.06
C2 BMA M . 14.92 -0.14 -59.69
C3 BMA M . 14.68 0.82 -60.86
C4 BMA M . 13.62 0.26 -61.83
C5 BMA M . 12.34 -0.10 -61.06
C6 BMA M . 11.27 -0.72 -61.94
O2 BMA M . 15.58 -1.27 -60.24
O3 BMA M . 15.88 1.10 -61.56
O4 BMA M . 13.31 1.23 -62.82
O5 BMA M . 12.69 -1.05 -60.04
O6 BMA M . 10.91 0.23 -62.93
C1 NAG N . 44.96 -28.04 -37.01
C2 NAG N . 45.34 -29.43 -36.51
C3 NAG N . 44.18 -30.31 -36.19
C4 NAG N . 42.90 -30.02 -36.93
C5 NAG N . 42.60 -28.54 -37.21
C6 NAG N . 41.24 -28.26 -36.65
C7 NAG N . 46.12 -29.89 -38.95
C8 NAG N . 47.10 -30.61 -39.90
N2 NAG N . 46.25 -30.09 -37.51
O3 NAG N . 43.92 -30.25 -34.76
O4 NAG N . 42.91 -30.75 -38.15
O5 NAG N . 43.57 -27.65 -36.58
O6 NAG N . 40.71 -29.46 -36.15
O7 NAG N . 45.28 -29.18 -39.41
C1 NAG N . 42.05 -31.87 -37.87
C2 NAG N . 42.85 -32.92 -37.11
C3 NAG N . 42.00 -33.95 -36.47
C4 NAG N . 40.85 -33.37 -35.70
C5 NAG N . 40.02 -32.43 -36.56
C6 NAG N . 38.98 -31.78 -35.70
C7 NAG N . 45.22 -33.66 -37.76
C8 NAG N . 45.77 -33.04 -36.47
N2 NAG N . 43.79 -33.59 -38.05
O3 NAG N . 42.83 -34.72 -35.56
O4 NAG N . 40.01 -34.44 -35.26
O5 NAG N . 40.83 -31.36 -37.18
O6 NAG N . 38.27 -30.82 -36.45
O7 NAG N . 45.96 -34.21 -38.51
C1 BMA N . 39.48 -35.11 -36.42
C2 BMA N . 39.56 -36.63 -36.14
C3 BMA N . 38.55 -37.02 -35.07
C4 BMA N . 37.14 -36.50 -35.38
C5 BMA N . 37.14 -34.99 -35.71
C6 BMA N . 37.29 -34.09 -34.49
O2 BMA N . 40.84 -36.99 -35.64
O3 BMA N . 38.96 -36.57 -33.78
O4 BMA N . 36.58 -37.24 -36.46
O5 BMA N . 38.16 -34.67 -36.71
O6 BMA N . 38.56 -34.34 -33.88
C1 NAG O . 55.63 -23.47 -47.65
C2 NAG O . 55.53 -24.49 -48.78
C3 NAG O . 56.89 -24.74 -49.30
C4 NAG O . 57.46 -23.48 -49.84
C5 NAG O . 57.56 -22.43 -48.72
C6 NAG O . 58.17 -21.18 -49.24
C7 NAG O . 53.66 -26.19 -48.75
C8 NAG O . 53.04 -27.51 -48.23
N2 NAG O . 54.96 -25.77 -48.27
O3 NAG O . 56.83 -25.77 -50.34
O4 NAG O . 58.74 -23.75 -50.41
O5 NAG O . 56.22 -22.18 -48.15
O6 NAG O . 57.53 -20.74 -50.41
O7 NAG O . 53.06 -25.53 -49.53
C1 NAG O . 58.79 -23.16 -51.72
C2 NAG O . 57.38 -22.90 -52.25
C3 NAG O . 57.38 -22.19 -53.54
C4 NAG O . 58.21 -20.95 -53.53
C5 NAG O . 59.62 -21.19 -52.97
C6 NAG O . 60.28 -19.85 -52.76
C7 NAG O . 55.25 -24.25 -51.95
C8 NAG O . 54.43 -25.53 -52.12
N2 NAG O . 56.62 -24.18 -52.45
O3 NAG O . 56.01 -21.86 -53.89
O4 NAG O . 58.35 -20.48 -54.87
O5 NAG O . 59.62 -21.91 -51.70
O6 NAG O . 61.63 -20.05 -52.45
O7 NAG O . 54.78 -23.32 -51.40
C1 BMA O . 58.28 -21.61 -55.76
C2 BMA O . 58.55 -21.13 -57.19
C3 BMA O . 58.49 -22.36 -58.12
C4 BMA O . 59.41 -23.49 -57.64
C5 BMA O . 59.10 -23.80 -56.16
C6 BMA O . 60.02 -24.83 -55.54
O2 BMA O . 59.85 -20.58 -57.26
O3 BMA O . 58.69 -22.07 -59.54
O4 BMA O . 59.20 -24.66 -58.41
O5 BMA O . 59.24 -22.60 -55.42
O6 BMA O . 59.67 -24.95 -54.17
C1 MAN O . 59.83 -21.22 -59.79
C2 MAN O . 59.60 -20.55 -61.16
C3 MAN O . 60.83 -19.72 -61.57
C4 MAN O . 62.16 -20.50 -61.41
C5 MAN O . 62.24 -21.23 -60.05
C6 MAN O . 62.51 -20.31 -58.87
O2 MAN O . 58.51 -19.62 -61.11
O3 MAN O . 60.88 -18.48 -60.88
O4 MAN O . 62.30 -21.45 -62.46
O5 MAN O . 61.02 -21.97 -59.77
O6 MAN O . 62.97 -21.11 -57.78
C1 NAG O . 60.39 -24.96 -59.16
C2 NAG O . 60.16 -24.56 -60.61
C3 NAG O . 61.35 -24.88 -61.44
C4 NAG O . 62.59 -24.22 -60.89
C5 NAG O . 62.81 -24.53 -59.40
C6 NAG O . 63.92 -23.66 -58.90
C7 NAG O . 57.66 -24.64 -61.15
C8 NAG O . 56.43 -25.39 -61.69
N2 NAG O . 58.97 -25.30 -61.13
O3 NAG O . 61.13 -24.40 -62.79
O4 NAG O . 63.72 -24.70 -61.64
O5 NAG O . 61.61 -24.28 -58.59
O6 NAG O . 64.01 -23.76 -57.50
O7 NAG O . 57.55 -23.52 -60.76
C1 FUC O . 56.77 -19.56 -50.09
C2 FUC O . 56.51 -18.77 -51.39
C3 FUC O . 55.55 -19.52 -52.31
C4 FUC O . 54.28 -19.90 -51.55
C5 FUC O . 54.65 -20.69 -50.30
C6 FUC O . 53.46 -21.03 -49.43
O2 FUC O . 57.72 -18.45 -52.07
O3 FUC O . 55.16 -18.68 -53.39
O4 FUC O . 53.57 -18.73 -51.18
O5 FUC O . 55.56 -19.94 -49.47
C1 NAG P . 54.92 -29.80 -26.43
C2 NAG P . 56.26 -29.15 -26.16
C3 NAG P . 57.37 -30.10 -26.35
C4 NAG P . 57.30 -31.23 -25.39
C5 NAG P . 55.92 -31.87 -25.23
C6 NAG P . 55.67 -32.09 -23.77
C7 NAG P . 55.73 -26.81 -27.08
C8 NAG P . 55.95 -25.70 -28.11
N2 NAG P . 56.48 -28.06 -27.17
O3 NAG P . 58.62 -29.38 -26.14
O4 NAG P . 58.23 -32.20 -25.88
O5 NAG P . 54.74 -31.15 -25.79
O6 NAG P . 56.45 -31.19 -23.04
O7 NAG P . 54.94 -26.66 -26.21
C1 NAG P . 57.83 -33.54 -25.52
C2 NAG P . 57.49 -34.31 -26.79
C3 NAG P . 57.23 -35.75 -26.53
C4 NAG P . 58.35 -36.38 -25.76
C5 NAG P . 58.66 -35.64 -24.46
C6 NAG P . 59.90 -36.21 -23.87
C7 NAG P . 56.37 -32.51 -28.24
C8 NAG P . 55.12 -31.91 -28.87
N2 NAG P . 56.27 -33.72 -27.41
O3 NAG P . 57.10 -36.43 -27.80
O4 NAG P . 57.96 -37.72 -25.44
O5 NAG P . 58.89 -34.20 -24.68
O6 NAG P . 60.97 -36.00 -24.75
O7 NAG P . 57.43 -32.01 -28.42
C1 BMA P . 58.89 -38.72 -25.94
C2 BMA P . 59.42 -38.36 -27.37
C3 BMA P . 60.30 -39.49 -27.83
C4 BMA P . 61.43 -39.77 -26.82
C5 BMA P . 60.83 -40.00 -25.41
C6 BMA P . 61.89 -40.18 -24.33
O2 BMA P . 60.27 -37.22 -27.36
O3 BMA P . 60.86 -39.24 -29.12
O4 BMA P . 62.18 -40.90 -27.20
O5 BMA P . 60.01 -38.87 -25.06
O6 BMA P . 62.46 -41.47 -24.49
C1 NAG Q . 63.49 22.21 -11.21
C2 NAG Q . 64.08 22.81 -12.47
C3 NAG Q . 65.49 23.16 -12.21
C4 NAG Q . 65.53 24.24 -11.17
C5 NAG Q . 64.92 23.74 -9.87
C6 NAG Q . 64.82 24.89 -8.91
C7 NAG Q . 63.44 22.19 -14.87
C8 NAG Q . 63.38 21.17 -16.01
N2 NAG Q . 64.03 21.82 -13.59
O3 NAG Q . 66.12 23.60 -13.45
O4 NAG Q . 66.90 24.59 -10.99
O5 NAG Q . 63.55 23.18 -10.07
O6 NAG Q . 66.11 25.26 -8.50
O7 NAG Q . 63.00 23.28 -15.03
H2 NAG Q . 63.53 23.71 -12.75
H3 NAG Q . 66.00 22.30 -11.84
H4 NAG Q . 64.92 25.07 -11.51
H5 NAG Q . 65.55 22.98 -9.45
H61 NAG Q . 64.24 24.60 -8.05
H62 NAG Q . 64.34 25.73 -9.40
H81 NAG Q . 62.68 21.50 -16.76
H82 NAG Q . 63.07 20.21 -15.62
H83 NAG Q . 64.36 21.08 -16.46
HN2 NAG Q . 64.39 20.89 -13.46
HO3 NAG Q . 67.06 23.60 -13.33
HO6 NAG Q . 66.06 26.04 -7.97
C1 NAG Q . 67.27 25.98 -11.05
C2 NAG Q . 66.42 26.83 -12.00
C3 NAG Q . 67.00 28.19 -12.11
C4 NAG Q . 67.06 28.86 -10.78
C5 NAG Q . 67.74 27.99 -9.71
C6 NAG Q . 67.52 28.62 -8.36
C7 NAG Q . 64.99 26.03 -13.97
C8 NAG Q . 64.86 25.40 -15.35
N2 NAG Q . 66.32 26.21 -13.36
O3 NAG Q . 66.17 28.98 -13.01
O4 NAG Q . 67.80 30.08 -10.91
O5 NAG Q . 67.21 26.61 -9.68
O6 NAG Q . 66.65 27.81 -7.61
O7 NAG Q . 64.02 26.38 -13.37
C1 NAG R . 15.69 -36.47 25.66
C2 NAG R . 16.12 -36.41 24.20
C3 NAG R . 17.28 -37.29 23.94
C4 NAG R . 18.42 -37.04 24.88
C5 NAG R . 18.01 -36.93 26.36
C6 NAG R . 19.13 -36.29 27.11
C7 NAG R . 13.98 -35.93 22.86
C8 NAG R . 12.80 -36.42 22.01
N2 NAG R . 14.96 -36.89 23.37
O3 NAG R . 17.74 -37.04 22.58
O4 NAG R . 19.33 -38.14 24.74
O5 NAG R . 16.82 -36.10 26.57
O6 NAG R . 18.79 -34.96 27.40
O7 NAG R . 14.09 -34.77 23.11
C1 NAG R . 19.09 -39.10 25.79
C2 NAG R . 18.61 -40.42 25.16
C3 NAG R . 18.54 -41.54 26.15
C4 NAG R . 19.81 -41.68 26.92
C5 NAG R . 20.17 -40.36 27.61
C6 NAG R . 21.46 -40.54 28.36
C7 NAG R . 16.16 -39.76 25.43
C8 NAG R . 14.76 -39.55 24.84
N2 NAG R . 17.25 -40.22 24.58
O3 NAG R . 18.27 -42.77 25.44
O4 NAG R . 19.66 -42.69 27.92
O5 NAG R . 20.32 -39.27 26.64
O6 NAG R . 21.38 -41.71 29.12
O7 NAG R . 16.34 -39.53 26.58
C1 BMA R . 20.08 -43.98 27.41
C2 BMA R . 20.89 -43.79 26.10
C3 BMA R . 21.30 -45.17 25.60
C4 BMA R . 22.04 -45.95 26.69
C5 BMA R . 21.21 -46.01 27.98
C6 BMA R . 21.96 -46.66 29.14
O2 BMA R . 22.10 -43.09 26.35
O3 BMA R . 22.11 -45.08 24.43
O4 BMA R . 22.31 -47.28 26.24
O5 BMA R . 20.87 -44.67 28.38
O6 BMA R . 21.15 -46.57 30.30
C1 NAG S . 23.51 20.88 28.56
C2 NAG S . 23.99 21.92 27.54
C3 NAG S . 24.92 22.90 28.14
C4 NAG S . 24.30 23.56 29.32
C5 NAG S . 23.90 22.53 30.38
C6 NAG S . 23.21 23.23 31.51
C7 NAG S . 24.52 21.67 25.06
C8 NAG S . 25.22 20.96 23.90
N2 NAG S . 24.69 21.20 26.43
O3 NAG S . 25.22 23.91 27.13
O4 NAG S . 25.22 24.49 29.89
O5 NAG S . 22.99 21.51 29.82
O6 NAG S . 24.14 24.04 32.17
O7 NAG S . 23.82 22.61 24.84
C1 NAG S . 24.77 25.81 29.57
C2 NAG S . 24.62 26.60 30.85
C3 NAG S . 25.93 26.94 31.46
C4 NAG S . 26.86 27.61 30.50
C5 NAG S . 26.99 26.85 29.15
C6 NAG S . 27.81 25.62 29.36
C7 NAG S . 22.57 27.82 29.93
C8 NAG S . 21.82 29.12 29.61
N2 NAG S . 23.90 27.88 30.55
O3 NAG S . 26.55 25.70 31.94
O4 NAG S . 26.36 28.92 30.23
O5 NAG S . 25.68 26.49 28.58
O6 NAG S . 27.26 24.57 28.60
O7 NAG S . 22.08 26.77 29.66
C1 NAG T . 60.92 -10.61 -7.75
C2 NAG T . 62.23 -10.96 -7.07
C3 NAG T . 62.50 -12.40 -7.23
C4 NAG T . 61.45 -13.21 -6.52
C5 NAG T . 60.02 -12.74 -6.82
C6 NAG T . 59.15 -13.16 -5.67
C7 NAG T . 63.61 -10.31 -9.12
C8 NAG T . 64.76 -9.52 -9.76
N2 NAG T . 63.35 -10.18 -7.69
O3 NAG T . 63.80 -12.69 -6.65
O4 NAG T . 61.54 -14.55 -6.99
O5 NAG T . 59.82 -11.28 -6.98
O6 NAG T . 58.07 -12.28 -5.54
O7 NAG T . 62.93 -11.01 -9.78
C1 NAG T . 62.12 -15.45 -6.02
C2 NAG T . 63.62 -15.52 -6.29
C3 NAG T . 64.38 -16.24 -5.25
C4 NAG T . 64.06 -15.71 -3.89
C5 NAG T . 62.57 -15.80 -3.60
C6 NAG T . 62.31 -15.18 -2.27
C7 NAG T . 64.14 -15.48 -8.81
C8 NAG T . 64.35 -16.20 -10.13
N2 NAG T . 63.83 -16.23 -7.59
O3 NAG T . 65.80 -16.08 -5.50
O4 NAG T . 64.86 -16.40 -2.91
O5 NAG T . 61.79 -15.05 -4.60
O6 NAG T . 63.48 -14.53 -1.84
O7 NAG T . 64.24 -14.29 -8.75
C1 BMA T . 64.21 -17.60 -2.43
C2 BMA T . 64.52 -18.76 -3.40
C3 BMA T . 64.08 -20.09 -2.78
C4 BMA T . 64.65 -20.24 -1.37
C5 BMA T . 64.17 -19.07 -0.52
C6 BMA T . 64.68 -19.15 0.90
O2 BMA T . 65.91 -18.86 -3.63
O3 BMA T . 64.48 -21.20 -3.59
O4 BMA T . 64.19 -21.46 -0.80
O5 BMA T . 64.68 -17.87 -1.10
O6 BMA T . 66.10 -18.99 0.87
C1 NAG U . 48.21 -28.90 -9.26
C2 NAG U . 49.08 -30.13 -9.17
C3 NAG U . 48.46 -31.20 -8.34
C4 NAG U . 47.92 -30.73 -7.02
C5 NAG U . 47.23 -29.37 -7.07
C6 NAG U . 47.12 -28.86 -5.67
C7 NAG U . 50.57 -31.10 -10.98
C8 NAG U . 51.76 -30.96 -10.02
N2 NAG U . 49.25 -30.68 -10.55
O3 NAG U . 49.47 -32.22 -8.08
O4 NAG U . 46.96 -31.68 -6.58
O5 NAG U . 47.95 -28.37 -7.88
O6 NAG U . 47.94 -29.65 -4.85
O7 NAG U . 50.73 -31.54 -12.08
C1 NAG U . 47.53 -32.50 -5.54
C2 NAG U . 47.71 -33.92 -6.09
C3 NAG U . 48.68 -34.78 -5.38
C4 NAG U . 49.89 -34.04 -4.89
C5 NAG U . 49.51 -32.78 -4.13
C6 NAG U . 50.77 -32.08 -3.67
C7 NAG U . 45.36 -34.48 -7.03
C8 NAG U . 45.63 -33.63 -8.27
N2 NAG U . 46.38 -34.62 -5.99
O3 NAG U . 49.12 -35.84 -6.28
O4 NAG U . 50.74 -34.86 -4.08
O5 NAG U . 48.79 -31.87 -5.02
O6 NAG U . 51.13 -31.13 -4.63
O7 NAG U . 44.32 -35.04 -6.91
C1 BMA U . 50.08 -35.59 -3.01
C2 BMA U . 50.89 -35.33 -1.73
C3 BMA U . 49.97 -35.07 -0.51
C4 BMA U . 48.68 -35.96 -0.49
C5 BMA U . 48.09 -36.14 -1.91
C6 BMA U . 46.58 -35.94 -1.96
O2 BMA U . 51.70 -34.17 -1.87
O3 BMA U . 49.61 -33.70 -0.40
O4 BMA U . 48.98 -37.23 0.08
O5 BMA U . 48.72 -35.20 -2.78
O6 BMA U . 46.25 -35.25 -3.16
C1 MAN U . 45.87 -33.91 -2.80
C2 MAN U . 44.84 -33.40 -3.84
C3 MAN U . 44.78 -31.89 -3.79
C4 MAN U . 45.27 -31.41 -2.42
C5 MAN U . 46.77 -31.74 -2.29
C6 MAN U . 47.28 -31.64 -0.86
O2 MAN U . 43.52 -33.84 -3.53
O3 MAN U . 43.47 -31.41 -4.05
O4 MAN U . 45.08 -30.01 -2.30
O5 MAN U . 47.01 -33.08 -2.74
O6 MAN U . 46.85 -32.80 -0.17
C1 NAG V . 75.85 3.75 -15.36
C2 NAG V . 77.00 3.32 -14.49
C3 NAG V . 78.28 3.52 -15.22
C4 NAG V . 78.33 2.81 -16.52
C5 NAG V . 77.04 2.92 -17.35
C6 NAG V . 77.03 1.81 -18.34
C7 NAG V . 76.30 3.67 -12.06
C8 NAG V . 76.31 4.49 -10.77
N2 NAG V . 77.03 4.14 -13.25
O3 NAG V . 79.37 3.07 -14.38
O4 NAG V . 79.40 3.38 -17.27
O5 NAG V . 75.80 2.85 -16.57
O6 NAG V . 77.09 0.58 -17.66
O7 NAG V . 75.71 2.64 -12.12
C1 NAG V . 80.31 2.39 -17.80
C2 NAG V . 79.96 0.99 -17.26
C3 NAG V . 80.67 -0.11 -17.96
C4 NAG V . 80.49 0.00 -19.43
C5 NAG V . 81.04 1.34 -19.94
C6 NAG V . 80.89 1.41 -21.42
C7 NAG V . 79.35 0.30 -14.89
C8 NAG V . 79.68 0.16 -13.40
N2 NAG V . 80.33 0.89 -15.81
O3 NAG V . 80.12 -1.38 -17.51
O4 NAG V . 81.05 -1.10 -20.18
O5 NAG V . 80.31 2.45 -19.31
O6 NAG V . 81.41 0.23 -21.99
O7 NAG V . 78.30 -0.07 -15.31
C1 BMA V . 82.32 -1.68 -19.73
C2 BMA V . 83.47 -0.63 -19.84
C3 BMA V . 84.76 -1.36 -19.54
C4 BMA V . 84.70 -2.02 -18.15
C5 BMA V . 83.46 -2.93 -18.02
C6 BMA V . 83.27 -3.48 -16.62
O2 BMA V . 83.34 0.36 -18.84
O3 BMA V . 85.88 -0.49 -19.62
O4 BMA V . 85.87 -2.79 -17.92
O5 BMA V . 82.27 -2.19 -18.38
O6 BMA V . 84.50 -4.01 -16.18
C1 NAG W . 63.03 7.57 -4.64
C2 NAG W . 63.10 6.66 -3.41
C3 NAG W . 62.42 7.23 -2.22
C4 NAG W . 63.04 8.54 -1.89
C5 NAG W . 62.79 9.54 -3.03
C6 NAG W . 63.58 10.78 -2.73
C7 NAG W . 63.20 4.11 -3.43
C8 NAG W . 62.60 2.75 -3.77
N2 NAG W . 62.47 5.35 -3.74
O3 NAG W . 62.63 6.32 -1.10
O4 NAG W . 62.50 9.05 -0.67
O5 NAG W . 63.22 9.03 -4.34
O6 NAG W . 64.27 11.23 -3.86
O7 NAG W . 64.28 4.18 -2.92
C1 NAG W . 63.61 9.65 0.02
C2 NAG W . 63.12 10.74 0.98
C3 NAG W . 64.27 11.47 1.56
C4 NAG W . 65.58 10.78 1.30
C5 NAG W . 65.51 9.26 1.52
C6 NAG W . 65.30 8.99 2.98
C7 NAG W . 61.54 12.77 0.91
C8 NAG W . 61.62 12.90 2.42
N2 NAG W . 62.27 11.71 0.21
O3 NAG W . 64.07 11.58 2.99
O4 NAG W . 66.00 11.04 -0.05
O5 NAG W . 64.40 8.62 0.79
O6 NAG W . 63.94 8.85 3.25
O7 NAG W . 60.87 13.53 0.29
C1 FUC W . 65.51 10.50 -4.00
C2 FUC W . 66.68 11.50 -3.76
C3 FUC W . 68.02 10.75 -3.73
C4 FUC W . 67.83 9.28 -4.11
C5 FUC W . 66.78 8.63 -3.19
C6 FUC W . 66.33 7.24 -3.66
O2 FUC W . 66.49 12.25 -2.57
O3 FUC W . 68.92 11.33 -4.66
O4 FUC W . 67.45 9.16 -5.47
O5 FUC W . 65.59 9.43 -3.09
C1 NAG X . 74.49 22.19 -25.25
C2 NAG X . 74.54 23.21 -24.12
C3 NAG X . 74.53 24.61 -24.61
C4 NAG X . 75.61 24.85 -25.62
C5 NAG X . 75.54 23.84 -26.78
C6 NAG X . 76.75 24.03 -27.64
C7 NAG X . 73.30 21.90 -22.33
C8 NAG X . 72.08 21.68 -21.42
N2 NAG X . 73.34 23.03 -23.25
O3 NAG X . 74.75 25.49 -23.47
O4 NAG X . 75.44 26.17 -26.14
O5 NAG X . 75.52 22.46 -26.31
O6 NAG X . 77.42 22.81 -27.76
O7 NAG X . 74.22 21.14 -22.29
C1 NAG X . 76.62 26.94 -25.82
C2 NAG X . 76.78 28.04 -26.85
C3 NAG X . 77.96 28.88 -26.57
C4 NAG X . 77.94 29.42 -25.17
C5 NAG X . 77.75 28.32 -24.13
C6 NAG X . 77.57 28.95 -22.78
C7 NAG X . 75.73 27.04 -28.94
C8 NAG X . 75.85 26.40 -30.33
N2 NAG X . 76.92 27.41 -28.20
O3 NAG X . 77.99 29.99 -27.50
O4 NAG X . 79.18 30.09 -24.91
O5 NAG X . 76.57 27.48 -24.42
O6 NAG X . 78.62 29.86 -22.56
O7 NAG X . 74.66 27.25 -28.46
C1 BMA X . 78.96 31.51 -24.99
C2 BMA X . 80.29 32.17 -25.45
C3 BMA X . 80.08 33.67 -25.66
C4 BMA X . 78.86 33.94 -26.54
C5 BMA X . 77.62 33.24 -25.96
C6 BMA X . 76.38 33.42 -26.81
O2 BMA X . 80.70 31.63 -26.71
O3 BMA X . 81.23 34.28 -26.23
O4 BMA X . 78.62 35.34 -26.62
O5 BMA X . 77.91 31.83 -25.88
O6 BMA X . 76.66 32.95 -28.12
C1 NAG Y . -36.28 21.66 41.09
C2 NAG Y . -34.81 21.81 40.68
C3 NAG Y . -33.90 20.84 41.32
C4 NAG Y . -34.13 20.65 42.78
C5 NAG Y . -35.61 20.38 43.09
C6 NAG Y . -35.81 20.26 44.56
C7 NAG Y . -35.12 20.35 38.56
C8 NAG Y . -35.63 19.17 39.39
N2 NAG Y . -34.73 21.62 39.19
O3 NAG Y . -32.53 21.29 41.13
O4 NAG Y . -33.34 19.53 43.19
O5 NAG Y . -36.45 21.48 42.58
O6 NAG Y . -36.88 21.07 44.96
O7 NAG Y . -35.04 20.24 37.38
C1 NAG Y . -32.70 19.80 44.46
C2 NAG Y . -32.81 21.28 44.81
C3 NAG Y . -32.42 21.58 46.21
C4 NAG Y . -33.14 20.69 47.18
C5 NAG Y . -32.86 19.22 46.87
C6 NAG Y . -33.60 18.36 47.85
C7 NAG Y . -32.45 23.26 43.20
C8 NAG Y . -31.55 24.08 42.28
N2 NAG Y . -31.92 22.09 43.91
O3 NAG Y . -32.75 22.96 46.51
O4 NAG Y . -32.73 21.00 48.51
O5 NAG Y . -33.30 18.89 45.51
O6 NAG Y . -34.82 18.98 48.20
O7 NAG Y . -33.60 23.55 43.34
C1 BMA Y . -33.85 21.46 49.31
C2 BMA Y . -34.93 22.17 48.43
C3 BMA Y . -35.96 22.75 49.37
C4 BMA Y . -36.55 21.63 50.25
C5 BMA Y . -35.43 20.85 50.98
C6 BMA Y . -35.94 19.65 51.75
O2 BMA Y . -35.66 21.25 47.63
O3 BMA Y . -37.00 23.42 48.67
O4 BMA Y . -37.45 22.19 51.20
O5 BMA Y . -34.47 20.38 50.01
O6 BMA Y . -36.93 20.10 52.67
C1 NAG Z . -59.87 1.95 4.67
C2 NAG Z . -60.51 3.04 3.81
C3 NAG Z . -60.18 4.39 4.32
C4 NAG Z . -60.48 4.56 5.78
C5 NAG Z . -59.92 3.42 6.64
C6 NAG Z . -60.46 3.53 8.03
C7 NAG Z . -60.89 2.57 1.32
C8 NAG Z . -60.35 2.44 -0.11
N2 NAG Z . -59.99 2.89 2.41
O3 NAG Z . -60.95 5.37 3.57
O4 NAG Z . -59.90 5.78 6.22
O5 NAG Z . -60.27 2.09 6.12
O6 NAG Z . -59.51 3.10 8.94
O7 NAG Z . -62.06 2.42 1.53
H2 NAG Z . -61.58 2.91 3.82
H3 NAG Z . -59.12 4.58 4.15
H4 NAG Z . -61.56 4.60 5.91
H5 NAG Z . -58.84 3.50 6.67
H61 NAG Z . -61.36 2.92 8.12
H62 NAG Z . -60.73 4.57 8.23
H81 NAG Z . -61.17 2.28 -0.80
H82 NAG Z . -59.68 1.58 -0.16
H83 NAG Z . -59.81 3.34 -0.38
HN2 NAG Z . -59.01 3.03 2.24
HO3 NAG Z . -60.60 6.23 3.71
HO6 NAG Z . -59.88 2.45 9.52
C1 NAG Z . -60.94 6.77 6.35
C2 NAG Z . -60.43 7.86 7.28
C3 NAG Z . -61.39 8.99 7.40
C4 NAG Z . -61.81 9.52 6.07
C5 NAG Z . -62.34 8.40 5.16
C6 NAG Z . -62.65 8.99 3.81
C7 NAG Z . -58.97 6.53 8.90
C8 NAG Z . -58.74 5.90 10.29
N2 NAG Z . -60.21 7.25 8.63
O3 NAG Z . -60.76 10.06 8.16
O4 NAG Z . -62.84 10.49 6.27
O5 NAG Z . -61.37 7.31 5.01
O6 NAG Z . -62.98 10.34 3.96
O7 NAG Z . -58.15 6.42 8.06
H2 NAG Z . -59.49 8.25 6.90
H3 NAG Z . -62.26 8.64 7.94
H4 NAG Z . -60.96 9.98 5.60
H5 NAG Z . -63.25 8.00 5.59
H61 NAG Z . -63.47 8.45 3.37
H62 NAG Z . -61.76 8.90 3.18
H81 NAG Z . -57.73 5.51 10.35
H82 NAG Z . -59.45 5.10 10.44
H83 NAG Z . -58.88 6.66 11.06
HN2 NAG Z . -60.91 7.35 9.34
HO3 NAG Z . -61.34 10.36 8.84
HO4 NAG Z . -62.75 11.18 5.62
HO6 NAG Z . -63.92 10.43 3.96
C1 NAG AA . 34.73 11.00 -57.45
C2 NAG AA . 34.76 9.91 -58.50
C3 NAG AA . 34.91 10.43 -59.89
C4 NAG AA . 33.96 11.55 -60.19
C5 NAG AA . 33.94 12.62 -59.10
C6 NAG AA . 32.86 13.61 -59.40
C7 NAG AA . 35.82 7.58 -58.38
C8 NAG AA . 37.02 6.70 -58.07
N2 NAG AA . 35.93 9.03 -58.20
O3 NAG AA . 34.65 9.35 -60.81
O4 NAG AA . 34.40 12.16 -61.41
O5 NAG AA . 33.70 12.04 -57.77
O6 NAG AA . 32.98 14.71 -58.53
O7 NAG AA . 34.81 7.10 -58.77
H2 NAG AA . 33.84 9.33 -58.44
H3 NAG AA . 35.92 10.79 -60.02
H4 NAG AA . 32.95 11.14 -60.27
H5 NAG AA . 34.90 13.13 -59.09
H61 NAG AA . 31.89 13.14 -59.26
H62 NAG AA . 32.95 13.96 -60.42
H81 NAG AA . 36.72 5.65 -58.11
H82 NAG AA . 37.40 6.93 -57.09
H83 NAG AA . 37.80 6.85 -58.81
HN2 NAG AA . 36.79 9.43 -57.87
HO3 NAG AA . 34.08 9.65 -61.50
HO6 NAG AA . 32.49 15.44 -58.87
C1 NAG AA . 33.49 12.02 -62.52
C2 NAG AA . 34.32 11.63 -63.75
C3 NAG AA . 33.49 11.52 -64.97
C4 NAG AA . 32.32 10.59 -64.77
C5 NAG AA . 31.52 10.92 -63.52
C6 NAG AA . 30.50 9.84 -63.28
C7 NAG AA . 36.78 12.37 -63.69
C8 NAG AA . 37.85 13.43 -63.94
N2 NAG AA . 35.37 12.67 -63.99
O3 NAG AA . 34.31 11.01 -66.05
O4 NAG AA . 31.47 10.69 -65.92
O5 NAG AA . 32.38 11.02 -62.32
O6 NAG AA . 29.32 10.41 -62.81
O7 NAG AA . 37.08 11.30 -63.26
H2 NAG AA . 34.79 10.67 -63.56
H3 NAG AA . 33.10 12.50 -65.23
H4 NAG AA . 32.70 9.58 -64.70
H5 NAG AA . 31.01 11.86 -63.66
H61 NAG AA . 30.88 9.14 -62.54
H62 NAG AA . 30.32 9.31 -64.20
H81 NAG AA . 38.81 13.06 -63.60
H82 NAG AA . 37.60 14.33 -63.39
H83 NAG AA . 37.90 13.66 -65.00
HN2 NAG AA . 35.12 13.56 -64.35
HO3 NAG AA . 33.76 10.58 -66.69
HO4 NAG AA . 31.20 9.83 -66.19
HO6 NAG AA . 29.06 9.99 -62.00
C1 NAG BA . -45.40 44.12 25.22
C2 NAG BA . -45.92 43.46 23.94
C3 NAG BA . -47.40 43.34 23.89
C4 NAG BA . -47.95 42.72 25.13
C5 NAG BA . -47.51 43.48 26.38
C6 NAG BA . -47.99 42.73 27.60
C7 NAG BA . -45.95 45.57 22.44
C8 NAG BA . -46.94 46.29 23.36
N2 NAG BA . -45.46 44.22 22.74
O3 NAG BA . -47.78 42.54 22.74
O4 NAG BA . -49.38 42.73 25.03
O5 NAG BA . -46.05 43.58 26.47
O6 NAG BA . -47.26 41.54 27.71
O7 NAG BA . -45.55 46.13 21.47
C1 NAG BA . -49.91 41.45 25.42
C2 NAG BA . -48.79 40.40 25.47
C3 NAG BA . -49.19 39.13 26.14
C4 NAG BA . -49.88 39.35 27.44
C5 NAG BA . -51.07 40.28 27.28
C6 NAG BA . -51.72 40.52 28.61
C7 NAG BA . -46.96 39.96 23.73
C8 NAG BA . -46.53 39.61 22.30
N2 NAG BA . -48.38 40.06 24.06
O3 NAG BA . -47.99 38.35 26.38
O4 NAG BA . -50.33 38.09 27.95
O5 NAG BA . -50.66 41.58 26.72
O6 NAG BA . -52.34 41.78 28.61
O7 NAG BA . -46.14 40.16 24.57
C1 NAG CA . -36.25 37.84 9.66
C2 NAG CA . -37.27 38.92 9.32
C3 NAG CA . -37.57 38.95 7.86
C4 NAG CA . -36.96 37.82 7.09
C5 NAG CA . -35.46 37.58 7.36
C6 NAG CA . -34.67 38.40 6.39
C7 NAG CA . -39.19 37.35 9.93
C8 NAG CA . -40.48 37.06 10.70
N2 NAG CA . -38.53 38.64 10.07
O3 NAG CA . -37.10 40.22 7.31
O4 NAG CA . -37.69 36.62 7.37
O5 NAG CA . -35.07 37.93 8.73
O6 NAG CA . -35.51 38.80 5.34
O7 NAG CA . -38.73 36.51 9.21
C1 NAG CA . -38.57 36.41 6.26
C2 NAG CA . -38.80 34.92 6.04
C3 NAG CA . -39.62 34.70 4.82
C4 NAG CA . -40.93 35.42 4.90
C5 NAG CA . -40.77 36.90 5.29
C6 NAG CA . -42.13 37.45 5.63
C7 NAG CA . -36.59 34.09 7.05
C8 NAG CA . -35.24 33.37 6.90
N2 NAG CA . -37.48 34.21 5.90
O3 NAG CA . -39.87 33.28 4.66
O4 NAG CA . -41.56 35.36 3.62
O5 NAG CA . -39.88 37.11 6.43
O6 NAG CA . -42.19 38.79 5.22
O7 NAG CA . -36.90 34.56 8.09
C1 BMA CA . -40.74 36.05 2.67
C2 BMA CA . -40.70 35.20 1.38
C3 BMA CA . -42.07 35.22 0.69
C4 BMA CA . -42.63 36.64 0.51
C5 BMA CA . -42.54 37.47 1.82
C6 BMA CA . -43.60 37.11 2.83
O2 BMA CA . -40.42 33.84 1.69
O3 BMA CA . -43.01 34.39 1.36
O4 BMA CA . -41.94 37.32 -0.54
O5 BMA CA . -41.22 37.38 2.41
O6 BMA CA . -44.86 37.06 2.17
C1 NAG DA . 7.07 43.76 16.11
C2 NAG DA . 7.13 45.06 15.32
C3 NAG DA . 8.48 45.67 15.38
C4 NAG DA . 8.91 45.85 16.80
C5 NAG DA . 8.77 44.58 17.66
C6 NAG DA . 9.04 44.92 19.09
C7 NAG DA . 7.55 43.88 13.06
C8 NAG DA . 8.78 43.16 13.62
N2 NAG DA . 6.77 44.79 13.89
O3 NAG DA . 8.45 46.96 14.71
O4 NAG DA . 10.29 46.24 16.82
O5 NAG DA . 7.43 43.99 17.55
O6 NAG DA . 10.30 45.53 19.18
O7 NAG DA . 7.23 43.69 11.94
C1 NAG DA . 10.36 47.67 16.67
C2 NAG DA . 10.53 48.30 18.05
C3 NAG DA . 10.74 49.76 17.97
C4 NAG DA . 11.86 50.12 17.05
C5 NAG DA . 11.64 49.52 15.66
C6 NAG DA . 12.82 49.82 14.80
C7 NAG DA . 7.98 48.41 18.41
C8 NAG DA . 6.74 48.12 19.26
N2 NAG DA . 9.31 48.03 18.88
O3 NAG DA . 11.04 50.26 19.31
O4 NAG DA . 11.96 51.54 16.92
O5 NAG DA . 11.45 48.06 15.72
O6 NAG DA . 13.92 49.04 15.23
O7 NAG DA . 7.86 48.96 17.36
C1 BMA DA . 12.77 52.08 17.99
C2 BMA DA . 14.10 51.33 18.03
C3 BMA DA . 15.19 52.21 18.69
C4 BMA DA . 14.62 53.33 19.62
C5 BMA DA . 13.43 54.09 19.00
C6 BMA DA . 13.74 55.55 18.67
O2 BMA DA . 14.57 51.05 16.72
O3 BMA DA . 16.07 52.75 17.73
O4 BMA DA . 14.25 52.79 20.88
O5 BMA DA . 13.00 53.45 17.80
O6 BMA DA . 12.57 56.14 18.12
C1 NAG EA . -14.73 22.99 -32.17
C2 NAG EA . -14.55 23.46 -33.62
C3 NAG EA . -15.72 23.28 -34.52
C4 NAG EA . -16.52 22.04 -34.24
C5 NAG EA . -16.88 21.93 -32.76
C6 NAG EA . -17.73 20.72 -32.53
C7 NAG EA . -13.36 25.57 -32.61
C8 NAG EA . -13.07 27.07 -32.71
N2 NAG EA . -14.21 24.92 -33.62
O3 NAG EA . -15.24 23.20 -35.88
O4 NAG EA . -17.72 22.07 -35.01
O5 NAG EA . -15.64 21.82 -31.97
O6 NAG EA . -17.47 20.20 -31.26
O7 NAG EA . -12.88 24.94 -31.72
C1 NAG EA . -17.67 20.95 -35.92
C2 NAG EA . -17.23 21.44 -37.29
C3 NAG EA . -17.06 20.33 -38.24
C4 NAG EA . -16.11 19.29 -37.71
C5 NAG EA . -16.54 18.78 -36.34
C6 NAG EA . -15.49 17.86 -35.81
C7 NAG EA . -17.89 23.65 -38.42
C8 NAG EA . -18.95 24.60 -38.98
N2 NAG EA . -18.28 22.37 -37.82
O3 NAG EA . -16.53 20.86 -39.49
O4 NAG EA . -16.07 18.20 -38.63
O5 NAG EA . -16.75 19.87 -35.38
O6 NAG EA . -15.82 17.47 -34.51
O7 NAG EA . -16.73 23.94 -38.47
C1 NAG FA . 45.44 28.73 -31.83
C2 NAG FA . 46.24 29.79 -32.59
C3 NAG FA . 46.92 30.75 -31.70
C4 NAG FA . 46.03 31.34 -30.64
C5 NAG FA . 45.17 30.28 -29.94
C6 NAG FA . 44.14 30.95 -29.10
C7 NAG FA . 47.06 28.89 -34.81
C8 NAG FA . 48.14 28.21 -35.67
N2 NAG FA . 47.31 29.12 -33.39
O3 NAG FA . 47.44 31.84 -32.51
O4 NAG FA . 46.87 31.92 -29.65
O5 NAG FA . 44.48 29.38 -30.88
O6 NAG FA . 43.67 30.04 -28.14
O7 NAG FA . 46.04 29.23 -35.30
C1 NAG FA . 46.35 33.21 -29.28
C2 NAG FA . 47.24 33.83 -28.21
C3 NAG FA . 46.87 35.22 -27.87
C4 NAG FA . 46.66 36.08 -29.07
C5 NAG FA . 45.74 35.44 -30.12
C6 NAG FA . 45.73 36.29 -31.34
C7 NAG FA . 45.89 32.98 -26.20
C8 NAG FA . 45.79 32.14 -24.92
N2 NAG FA . 47.15 33.01 -26.96
O3 NAG FA . 47.94 35.80 -27.08
O4 NAG FA . 46.05 37.31 -28.66
O5 NAG FA . 46.21 34.10 -30.49
O6 NAG FA . 47.06 36.64 -31.64
O7 NAG FA . 44.94 33.59 -26.57
C1 BMA FA . 46.81 38.41 -29.20
C2 BMA FA . 46.35 39.71 -28.50
C3 BMA FA . 47.26 40.88 -28.90
C4 BMA FA . 48.74 40.50 -28.78
C5 BMA FA . 49.03 39.22 -29.56
C6 BMA FA . 50.47 38.77 -29.43
O2 BMA FA . 46.44 39.59 -27.08
O3 BMA FA . 46.99 42.03 -28.12
O4 BMA FA . 49.55 41.55 -29.28
O5 BMA FA . 48.20 38.18 -29.02
O6 BMA FA . 50.65 38.18 -28.16
C1 NAG GA . 47.16 31.24 -9.90
C2 NAG GA . 48.25 32.21 -9.51
C3 NAG GA . 47.85 33.11 -8.40
C4 NAG GA . 46.50 33.73 -8.60
C5 NAG GA . 45.44 32.72 -9.03
C6 NAG GA . 44.18 33.46 -9.36
C7 NAG GA . 50.77 31.94 -9.27
C8 NAG GA . 50.96 33.29 -9.97
N2 NAG GA . 49.43 31.42 -9.05
O3 NAG GA . 48.83 34.18 -8.31
O4 NAG GA . 46.06 34.30 -7.37
O5 NAG GA . 45.87 31.95 -10.20
O6 NAG GA . 43.20 33.17 -8.38
O7 NAG GA . 51.71 31.31 -8.90
C1 NAG GA . 46.62 35.62 -7.25
C2 NAG GA . 45.55 36.67 -7.53
C3 NAG GA . 46.13 38.03 -7.50
C4 NAG GA . 46.86 38.32 -6.22
C5 NAG GA . 47.83 37.20 -5.81
C6 NAG GA . 48.24 37.41 -4.39
C7 NAG GA . 45.83 36.37 -10.06
C8 NAG GA . 45.23 36.11 -11.45
N2 NAG GA . 44.96 36.43 -8.88
O3 NAG GA . 45.05 38.99 -7.66
O4 NAG GA . 47.63 39.52 -6.42
O5 NAG GA . 47.24 35.86 -5.91
O6 NAG GA . 47.88 36.29 -3.63
O7 NAG GA . 47.01 36.51 -9.93
C1 BMA GA . 47.28 40.48 -5.40
C2 BMA GA . 47.52 41.89 -6.01
C3 BMA GA . 47.03 42.97 -5.04
C4 BMA GA . 45.61 42.67 -4.54
C5 BMA GA . 45.54 41.26 -3.95
C6 BMA GA . 44.16 40.89 -3.47
O2 BMA GA . 46.78 42.05 -7.20
O3 BMA GA . 47.08 44.26 -5.63
O4 BMA GA . 45.23 43.61 -3.56
O5 BMA GA . 45.93 40.32 -4.98
O6 BMA GA . 43.21 41.34 -4.43
C1 NAG HA . 38.51 23.61 -50.25
C2 NAG HA . 38.25 23.13 -51.67
C3 NAG HA . 37.94 24.24 -52.61
C4 NAG HA . 36.81 25.08 -52.09
C5 NAG HA . 37.17 25.65 -50.72
C6 NAG HA . 36.00 26.45 -50.17
C7 NAG HA . 40.73 23.11 -52.32
C8 NAG HA . 41.96 22.36 -52.84
N2 NAG HA . 39.46 22.40 -52.17
O3 NAG HA . 37.58 23.70 -53.90
O4 NAG HA . 36.55 26.13 -53.03
O5 NAG HA . 37.47 24.59 -49.75
O6 NAG HA . 34.99 25.59 -49.73
O7 NAG HA . 40.80 24.27 -52.06
C1 NAG HA . 35.12 26.34 -53.12
C2 NAG HA . 34.42 25.11 -52.53
C3 NAG HA . 33.02 25.32 -52.09
C4 NAG HA . 32.83 26.60 -51.33
C5 NAG HA . 33.33 27.79 -52.15
C6 NAG HA . 33.14 29.05 -51.35
C7 NAG HA . 34.97 22.72 -53.23
C8 NAG HA . 34.97 21.60 -54.28
N2 NAG HA . 34.42 24.04 -53.57
O3 NAG HA . 32.63 24.23 -51.23
O4 NAG HA . 31.45 26.78 -51.03
O5 NAG HA . 34.76 27.65 -52.49
O6 NAG HA . 33.72 28.88 -50.09
O7 NAG HA . 35.41 22.53 -52.15
C1 FUC HA . 35.04 25.50 -48.30
C2 FUC HA . 34.94 24.00 -47.94
C3 FUC HA . 35.76 23.67 -46.69
C4 FUC HA . 35.74 24.86 -45.74
C5 FUC HA . 36.49 26.01 -46.39
C6 FUC HA . 36.09 27.37 -45.84
O2 FUC HA . 35.33 23.18 -49.02
O3 FUC HA . 35.18 22.57 -46.00
O4 FUC HA . 34.40 25.25 -45.48
O5 FUC HA . 36.26 26.06 -47.82
C1 NAG IA . 52.58 23.19 -51.76
C2 NAG IA . 52.93 24.67 -51.91
C3 NAG IA . 54.15 24.87 -52.73
C4 NAG IA . 55.29 24.07 -52.19
C5 NAG IA . 54.91 22.59 -52.13
C6 NAG IA . 56.07 21.80 -51.62
C7 NAG IA . 50.69 25.86 -51.74
C8 NAG IA . 49.52 26.59 -52.39
N2 NAG IA . 51.80 25.37 -52.57
O3 NAG IA . 54.48 26.29 -52.69
O4 NAG IA . 56.46 24.19 -53.00
O5 NAG IA . 53.74 22.39 -51.25
O6 NAG IA . 56.76 21.24 -52.71
O7 NAG IA . 50.72 25.69 -50.57
C1 NAG IA . 57.09 25.47 -52.79
C2 NAG IA . 57.94 25.46 -51.53
C3 NAG IA . 58.63 26.76 -51.32
C4 NAG IA . 59.39 27.24 -52.53
C5 NAG IA . 58.57 27.16 -53.81
C6 NAG IA . 59.50 27.38 -54.97
C7 NAG IA . 57.19 23.98 -49.57
C8 NAG IA . 56.29 23.74 -48.34
N2 NAG IA . 57.07 25.22 -50.33
O3 NAG IA . 59.55 26.63 -50.21
O4 NAG IA . 59.74 28.60 -52.30
O5 NAG IA . 57.91 25.85 -53.99
O6 NAG IA . 60.65 26.62 -54.78
O7 NAG IA . 57.97 23.14 -49.90
C1 BMA IA . 61.19 28.83 -52.30
C2 BMA IA . 61.94 27.70 -51.53
C3 BMA IA . 63.41 28.08 -51.50
C4 BMA IA . 63.95 28.33 -52.92
C5 BMA IA . 63.07 29.36 -53.67
C6 BMA IA . 63.49 29.55 -55.11
O2 BMA IA . 61.90 26.46 -52.22
O3 BMA IA . 64.20 27.08 -50.85
O4 BMA IA . 65.29 28.81 -52.86
O5 BMA IA . 61.70 28.91 -53.64
O6 BMA IA . 64.88 29.79 -55.14
C1 NAG JA . 51.21 6.60 -63.80
C2 NAG JA . 50.16 5.96 -64.67
C3 NAG JA . 50.71 4.76 -65.34
C4 NAG JA . 51.95 5.08 -66.13
C5 NAG JA . 52.96 5.98 -65.38
C6 NAG JA . 53.93 6.53 -66.37
C7 NAG JA . 47.92 6.50 -63.59
C8 NAG JA . 46.73 6.11 -62.71
N2 NAG JA . 49.01 5.55 -63.80
O3 NAG JA . 49.66 4.28 -66.22
O4 NAG JA . 52.66 3.89 -66.46
O5 NAG JA . 52.32 7.11 -64.66
O6 NAG JA . 54.66 5.48 -66.94
O7 NAG JA . 47.96 7.56 -64.11
C1 NAG JA . 51.81 2.98 -67.18
C2 NAG JA . 51.95 3.20 -68.69
C3 NAG JA . 51.01 2.33 -69.43
C4 NAG JA . 51.11 0.87 -69.06
C5 NAG JA . 51.24 0.60 -67.55
C6 NAG JA . 51.84 -0.78 -67.37
C7 NAG JA . 50.31 5.17 -68.76
C8 NAG JA . 50.00 6.63 -69.11
N2 NAG JA . 51.64 4.62 -69.02
O3 NAG JA . 51.29 2.47 -70.85
O4 NAG JA . 49.94 0.21 -69.55
O5 NAG JA . 52.11 1.54 -66.83
O6 NAG JA . 51.46 -1.29 -66.13
O7 NAG JA . 49.48 4.49 -68.26
C1 BMA JA . 49.03 -0.07 -68.46
C2 BMA JA . 47.86 0.91 -68.56
C3 BMA JA . 47.17 0.71 -69.89
C4 BMA JA . 46.72 -0.77 -70.09
C5 BMA JA . 47.84 -1.79 -69.74
C6 BMA JA . 48.83 -2.05 -70.88
O2 BMA JA . 48.32 2.25 -68.53
O3 BMA JA . 48.01 1.10 -70.95
O4 BMA JA . 45.56 -1.03 -69.31
O5 BMA JA . 48.57 -1.42 -68.53
O6 BMA JA . 49.37 -0.80 -71.29
C1 MAN JA . 47.24 1.91 -71.87
C2 MAN JA . 48.12 2.17 -73.11
C3 MAN JA . 49.27 3.09 -72.75
C4 MAN JA . 48.78 4.34 -72.03
C5 MAN JA . 47.95 3.94 -70.80
C6 MAN JA . 47.34 5.13 -70.08
O2 MAN JA . 47.39 2.84 -74.14
O3 MAN JA . 50.03 3.45 -73.91
O4 MAN JA . 49.87 5.13 -71.61
O5 MAN JA . 46.85 3.12 -71.24
O6 MAN JA . 47.66 6.30 -70.82
C1 NAG JA . 46.89 1.85 -75.06
C2 NAG JA . 47.99 1.52 -76.07
C3 NAG JA . 47.58 0.45 -77.01
C4 NAG JA . 47.13 -0.77 -76.28
C5 NAG JA . 46.02 -0.46 -75.26
C6 NAG JA . 45.75 -1.69 -74.46
C7 NAG JA . 49.71 3.10 -77.13
C8 NAG JA . 50.04 4.37 -77.93
N2 NAG JA . 48.32 2.76 -76.85
O3 NAG JA . 48.72 0.11 -77.85
O4 NAG JA . 46.62 -1.71 -77.23
O5 NAG JA . 46.41 0.62 -74.34
O6 NAG JA . 46.90 -2.04 -73.73
O7 NAG JA . 50.58 2.41 -76.74
C1 NAG KA . -60.86 -24.78 -6.53
C2 NAG KA . -60.00 -25.91 -5.94
C3 NAG KA . -60.69 -27.09 -5.31
C4 NAG KA . -62.13 -26.80 -4.94
C5 NAG KA . -62.87 -25.53 -5.41
C6 NAG KA . -63.92 -25.14 -4.42
C7 NAG KA . -57.61 -24.97 -6.23
C8 NAG KA . -56.15 -25.17 -6.63
N2 NAG KA . -58.56 -26.08 -6.34
O3 NAG KA . -59.96 -27.48 -4.12
O4 NAG KA . -62.90 -27.88 -4.40
O5 NAG KA . -61.96 -24.40 -5.59
O6 NAG KA . -63.38 -24.21 -3.52
O7 NAG KA . -57.98 -23.92 -5.81
H2 NAG KA . -60.22 -26.41 -6.88
H3 NAG KA . -60.67 -27.91 -6.01
H4 NAG KA . -62.37 -27.19 -5.92
H5 NAG KA . -63.34 -25.74 -6.36
H61 NAG KA . -64.27 -26.01 -3.88
H62 NAG KA . -64.76 -24.69 -4.94
H81 NAG KA . -55.64 -24.21 -6.67
H82 NAG KA . -56.10 -25.64 -7.60
H83 NAG KA . -55.66 -25.80 -5.90
HN2 NAG KA . -58.24 -26.96 -6.69
HO6 NAG KA . -62.76 -23.67 -3.96
C1 NAG LA . -2.30 -18.45 -36.96
C2 NAG LA . -2.80 -17.44 -35.92
C3 NAG LA . -2.83 -16.03 -36.39
C4 NAG LA . -1.49 -15.57 -36.89
C5 NAG LA . -0.87 -16.58 -37.86
C6 NAG LA . 0.23 -16.12 -38.79
C7 NAG LA . -4.50 -18.73 -34.46
C8 NAG LA . -5.95 -19.08 -34.14
N2 NAG LA . -4.21 -17.81 -35.57
O3 NAG LA . -3.23 -15.18 -35.29
O4 NAG LA . -1.66 -14.31 -37.57
O5 NAG LA . -1.04 -18.04 -37.68
O6 NAG LA . 1.44 -16.72 -38.43
O7 NAG LA . -3.61 -19.19 -33.82
H2 NAG LA . -2.18 -17.50 -35.04
H3 NAG LA . -3.55 -15.95 -37.19
H4 NAG LA . -0.83 -15.43 -36.05
H5 NAG LA . -0.09 -16.68 -37.11
H61 NAG LA . -0.01 -16.39 -39.81
H62 NAG LA . 0.33 -15.04 -38.72
H81 NAG LA . -6.05 -20.16 -34.05
H82 NAG LA . -6.25 -18.61 -33.22
H83 NAG LA . -6.59 -18.73 -34.95
HN2 NAG LA . -4.97 -17.44 -36.10
HO3 NAG LA . -2.93 -14.30 -35.45
HO4 NAG LA . -1.84 -14.48 -38.48
HO6 NAG LA . 2.14 -16.41 -38.99
C1 NAG MA . 15.39 -43.33 -22.62
C2 NAG MA . 14.11 -43.55 -21.81
C3 NAG MA . 13.70 -44.97 -21.66
C4 NAG MA . 14.83 -45.84 -21.20
C5 NAG MA . 16.09 -45.73 -22.07
C6 NAG MA . 15.89 -46.44 -23.38
C7 NAG MA . 13.19 -42.56 -19.63
C8 NAG MA . 13.42 -41.96 -18.24
N2 NAG MA . 14.33 -42.97 -20.45
O3 NAG MA . 13.19 -45.46 -22.94
O4 NAG MA . 15.17 -45.46 -19.87
O5 NAG MA . 16.49 -44.33 -22.35
O6 NAG MA . 15.42 -47.74 -23.13
O7 NAG MA . 12.09 -42.70 -20.06
H2 NAG MA . 13.30 -43.01 -22.30
H3 NAG MA . 12.91 -45.02 -20.93
H4 NAG MA . 14.49 -46.87 -21.19
H5 NAG MA . 16.90 -46.20 -21.54
H61 NAG MA . 16.85 -46.51 -23.89
H62 NAG MA . 15.20 -45.90 -24.00
H81 NAG MA . 13.98 -41.03 -18.34
H82 NAG MA . 13.98 -42.65 -17.63
H83 NAG MA . 12.47 -41.75 -17.78
HN2 NAG MA . 15.27 -42.85 -20.11
HO3 NAG MA . 13.22 -46.40 -22.95
HO4 NAG MA . 15.85 -44.81 -19.88
HO6 NAG MA . 14.56 -47.84 -23.53
C1 NAG NA . -62.57 -26.34 -1.78
C2 NAG NA . -61.55 -25.48 -1.08
C3 NAG NA . -61.69 -25.59 0.40
C4 NAG NA . -63.08 -25.24 0.84
C5 NAG NA . -64.15 -26.02 0.08
C6 NAG NA . -65.49 -25.45 0.41
C7 NAG NA . -59.46 -25.18 -2.53
C8 NAG NA . -58.05 -25.61 -2.94
N2 NAG NA . -60.17 -25.90 -1.47
O3 NAG NA . -60.74 -24.69 1.04
O4 NAG NA . -63.20 -25.53 2.23
O5 NAG NA . -63.97 -25.98 -1.38
O6 NAG NA . -66.02 -26.10 1.53
O7 NAG NA . -59.99 -24.26 -3.07
C1 NAG OA . 17.62 -6.08 49.18
C2 NAG OA . 18.56 -5.38 48.20
C3 NAG OA . 19.97 -5.39 48.69
C4 NAG OA . 20.08 -4.81 50.07
C5 NAG OA . 19.10 -5.47 51.04
C6 NAG OA . 19.15 -4.75 52.36
C7 NAG OA . 18.24 -5.29 45.65
C8 NAG OA . 18.19 -6.00 44.30
N2 NAG OA . 18.51 -6.06 46.87
O3 NAG OA . 20.79 -4.61 47.78
O4 NAG OA . 21.40 -5.00 50.55
O5 NAG OA . 17.71 -5.43 50.53
O6 NAG OA . 20.25 -3.90 52.39
O7 NAG OA . 18.07 -4.12 45.72
H2 NAG OA . 18.24 -4.35 48.09
H3 NAG OA . 20.32 -6.41 48.70
H4 NAG OA . 19.86 -3.75 50.02
H5 NAG OA . 19.38 -6.50 51.19
H61 NAG OA . 19.23 -5.49 53.16
H62 NAG OA . 18.24 -4.18 52.50
H81 NAG OA . 17.90 -5.29 43.53
H82 NAG OA . 17.47 -6.80 44.33
H83 NAG OA . 19.16 -6.40 44.06
HN2 NAG OA . 18.66 -7.06 46.81
HO3 NAG OA . 21.70 -4.78 47.96
HO4 NAG OA . 21.57 -4.41 51.27
HO6 NAG OA . 20.34 -3.52 53.25
C1 NAG PA . 11.97 -34.22 77.87
C2 NAG PA . 11.29 -33.23 76.94
C3 NAG PA . 9.82 -33.20 77.16
C4 NAG PA . 9.22 -34.58 77.06
C5 NAG PA . 9.95 -35.59 77.96
C6 NAG PA . 9.38 -36.97 77.78
C7 NAG PA . 12.31 -31.05 76.05
C8 NAG PA . 12.90 -29.65 76.30
N2 NAG PA . 11.87 -31.87 77.18
O3 NAG PA . 9.20 -32.34 76.18
O4 NAG PA . 7.85 -34.51 77.46
O5 NAG PA . 11.40 -35.61 77.67
O6 NAG PA . 9.04 -37.19 76.45
O7 NAG PA . 12.20 -31.45 74.94
H2 NAG PA . 11.47 -33.51 75.91
H3 NAG PA . 9.63 -32.80 78.16
H4 NAG PA . 9.29 -34.90 76.03
H5 NAG PA . 9.82 -35.28 79.00
H61 NAG PA . 8.49 -37.07 78.40
H62 NAG PA . 10.12 -37.70 78.09
H81 NAG PA . 12.95 -29.11 75.37
H82 NAG PA . 13.90 -29.76 76.72
H83 NAG PA . 12.27 -29.12 77.00
HN2 NAG PA . 11.96 -31.53 78.12
HO3 NAG PA . 8.26 -32.40 76.25
HO4 NAG PA . 7.42 -35.31 77.20
HO6 NAG PA . 8.64 -38.03 76.36
C1 NAG QA . -13.35 -11.30 45.64
C2 NAG QA . -13.99 -10.08 44.99
C3 NAG QA . -14.29 -10.32 43.55
C4 NAG QA . -15.29 -11.42 43.39
C5 NAG QA . -15.02 -12.58 44.35
C6 NAG QA . -15.25 -13.89 43.64
C7 NAG QA . -15.90 -8.45 45.53
C8 NAG QA . -17.22 -8.14 46.24
N2 NAG QA . -15.29 -9.78 45.68
O3 NAG QA . -13.05 -10.71 42.89
O4 NAG QA . -16.61 -10.90 43.64
O5 NAG QA . -13.64 -12.54 44.84
O6 NAG QA . -15.40 -14.90 44.59
O7 NAG QA . -15.38 -7.62 44.87
H2 NAG QA . -13.33 -9.24 45.07
H3 NAG QA . -14.67 -9.41 43.11
H4 NAG QA . -15.25 -11.79 42.37
H5 NAG QA . -15.70 -12.50 45.18
H61 NAG QA . -14.40 -14.11 43.01
H62 NAG QA . -16.14 -13.82 43.04
H81 NAG QA . -17.45 -7.08 46.13
H82 NAG QA . -17.14 -8.39 47.30
H83 NAG QA . -18.02 -8.73 45.80
HN2 NAG QA . -15.73 -10.47 46.24
HO3 NAG QA . -13.15 -10.62 41.95
HO6 NAG QA . -15.79 -15.66 44.18
C1 NAG RA . -9.87 37.04 41.97
C2 NAG RA . -8.82 36.55 42.96
C3 NAG RA . -7.64 37.44 43.01
C4 NAG RA . -7.23 37.90 41.65
C5 NAG RA . -8.32 38.75 41.02
C6 NAG RA . -8.34 38.52 39.53
C7 NAG RA . -8.96 35.55 45.32
C8 NAG RA . -9.59 35.50 46.71
N2 NAG RA . -9.45 36.51 44.33
O3 NAG RA . -6.53 36.71 43.62
O4 NAG RA . -6.03 38.66 41.74
O5 NAG RA . -9.66 38.47 41.59
O6 NAG RA . -7.21 39.11 38.96
O7 NAG RA . -8.07 34.81 45.03
H2 NAG RA . -8.50 35.56 42.69
H3 NAG RA . -7.87 38.30 43.62
H4 NAG RA . -7.06 37.02 41.03
H5 NAG RA . -8.09 39.79 41.19
H61 NAG RA . -9.24 38.97 39.10
H62 NAG RA . -8.34 37.46 39.32
H81 NAG RA . -9.15 34.69 47.27
H82 NAG RA . -10.65 35.34 46.62
H83 NAG RA . -9.41 36.44 47.23
HN2 NAG RA . -10.20 37.14 44.56
HO3 NAG RA . -6.00 37.30 44.11
HO4 NAG RA . -5.94 39.20 40.97
HO6 NAG RA . -6.87 38.55 38.29
C1 NAG SA . 33.95 -15.46 20.10
C2 NAG SA . 34.59 -16.60 19.33
C3 NAG SA . 35.17 -16.16 18.05
C4 NAG SA . 36.10 -15.00 18.22
C5 NAG SA . 35.43 -13.84 18.98
C6 NAG SA . 35.44 -12.63 18.11
C7 NAG SA . 36.16 -18.54 19.96
C8 NAG SA . 37.29 -19.11 20.82
N2 NAG SA . 35.70 -17.17 20.18
O3 NAG SA . 34.08 -15.76 17.16
O4 NAG SA . 37.23 -15.43 18.97
O5 NAG SA . 34.04 -14.16 19.34
O6 NAG SA . 34.67 -12.86 16.96
O7 NAG SA . 35.65 -19.21 19.11
H2 NAG SA . 33.85 -17.37 19.15
H3 NAG SA . 35.71 -16.98 17.60
H4 NAG SA . 36.42 -14.65 17.25
H5 NAG SA . 36.00 -13.65 19.89
H61 NAG SA . 36.46 -12.39 17.83
H62 NAG SA . 35.02 -11.78 18.66
H81 NAG SA . 37.47 -20.13 20.55
H82 NAG SA . 37.02 -19.06 21.87
H83 NAG SA . 38.19 -18.53 20.65
HN2 NAG SA . 36.12 -16.60 20.88
HO3 NAG SA . 33.58 -15.07 17.55
HO4 NAG SA . 37.84 -14.72 19.08
HO6 NAG SA . 33.77 -12.67 17.14
C1 NAG TA . 43.91 13.85 25.67
C2 NAG TA . 43.44 15.21 25.15
C3 NAG TA . 42.47 15.86 26.06
C4 NAG TA . 41.32 14.94 26.38
C5 NAG TA . 41.81 13.61 26.95
C6 NAG TA . 40.63 12.71 27.17
C7 NAG TA . 45.52 16.40 26.09
C8 NAG TA . 46.72 17.33 25.87
N2 NAG TA . 44.62 16.12 24.97
O3 NAG TA . 41.94 17.06 25.42
O4 NAG TA . 40.48 15.58 27.34
O5 NAG TA . 42.76 12.95 26.05
O6 NAG TA . 39.49 13.47 27.45
O7 NAG TA . 45.33 15.90 27.15
H2 NAG TA . 42.96 15.09 24.18
H3 NAG TA . 42.96 16.12 26.98
H4 NAG TA . 40.75 14.75 25.48
H5 NAG TA . 42.29 13.79 27.91
H61 NAG TA . 40.84 12.04 27.99
H62 NAG TA . 40.45 12.12 26.28
H81 NAG TA . 47.25 17.47 26.81
H82 NAG TA . 46.36 18.30 25.52
H83 NAG TA . 47.38 16.90 25.13
HN2 NAG TA . 44.78 16.55 24.07
HO3 NAG TA . 41.01 17.10 25.55
HO4 NAG TA . 40.58 15.17 28.17
HO6 NAG TA . 39.12 13.20 28.28
C1 NAG UA . -22.66 -19.96 54.86
C2 NAG UA . -23.13 -20.94 53.78
C3 NAG UA . -24.42 -21.61 54.11
C4 NAG UA . -25.48 -20.61 54.41
C5 NAG UA . -25.13 -19.66 55.56
C6 NAG UA . -25.31 -20.34 56.89
C7 NAG UA . -23.39 -20.78 51.20
C8 NAG UA . -23.37 -22.31 51.03
N2 NAG UA . -23.29 -20.15 52.51
O3 NAG UA . -24.21 -22.49 55.26
O4 NAG UA . -25.68 -19.82 53.23
O5 NAG UA . -23.76 -19.11 55.50
O6 NAG UA . -26.58 -20.95 56.95
O7 NAG UA . -23.50 -20.10 50.24
H2 NAG UA . -22.36 -21.68 53.61
H3 NAG UA . -24.73 -22.21 53.26
H4 NAG UA . -26.40 -21.14 54.63
H5 NAG UA . -25.82 -18.82 55.51
H61 NAG UA . -25.25 -19.60 57.68
H62 NAG UA . -24.55 -21.08 57.04
H81 NAG UA . -22.99 -22.55 50.05
H82 NAG UA . -24.38 -22.69 51.12
H83 NAG UA . -22.74 -22.76 51.79
HN2 NAG UA . -23.31 -19.14 52.57
HO3 NAG UA . -25.01 -22.94 55.45
HO6 NAG UA . -26.48 -21.87 57.12
C1 NAG VA . -4.95 -34.68 59.13
C2 NAG VA . -5.72 -35.90 58.64
C3 NAG VA . -7.18 -35.64 58.51
C4 NAG VA . -7.62 -34.50 59.38
C5 NAG VA . -6.84 -34.43 60.71
C6 NAG VA . -7.10 -35.69 61.49
C7 NAG VA . -5.30 -37.72 56.89
C8 NAG VA . -4.76 -38.14 55.53
N2 NAG VA . -5.19 -36.32 57.30
O3 NAG VA . -7.91 -36.83 58.87
O4 NAG VA . -7.44 -33.27 58.68
O5 NAG VA . -5.39 -34.28 60.51
O6 NAG VA . -6.42 -35.63 62.71
O7 NAG VA . -5.79 -38.53 57.61
C1 NAG WA . -20.02 48.38 -10.84
C2 NAG WA . -19.47 47.58 -12.02
C3 NAG WA . -20.12 47.98 -13.30
C4 NAG WA . -21.61 47.86 -13.23
C5 NAG WA . -22.20 48.62 -12.04
C6 NAG WA . -22.98 47.68 -11.16
C7 NAG WA . -17.04 46.74 -12.25
C8 NAG WA . -17.49 45.27 -12.26
N2 NAG WA . -18.00 47.84 -12.14
O3 NAG WA . -19.63 47.12 -14.36
O4 NAG WA . -22.17 48.37 -14.43
O5 NAG WA . -21.16 49.28 -11.23
O6 NAG WA . -23.22 48.29 -9.93
O7 NAG WA . -15.88 47.00 -12.33
H2 NAG WA . -19.67 46.53 -11.85
H3 NAG WA . -19.87 49.01 -13.52
H4 NAG WA . -21.87 46.81 -13.14
H5 NAG WA . -22.87 49.38 -12.42
H61 NAG WA . -22.42 46.77 -11.01
H62 NAG WA . -23.92 47.45 -11.64
H81 NAG WA . -16.63 44.63 -12.40
H82 NAG WA . -18.19 45.11 -13.07
H83 NAG WA . -17.97 45.04 -11.32
HN2 NAG WA . -17.67 48.79 -12.13
HO3 NAG WA . -20.35 46.85 -14.91
HO4 NAG WA . -23.01 47.97 -14.59
HO6 NAG WA . -24.15 48.32 -9.76
C1 NAG XA . -32.83 75.78 17.51
C2 NAG XA . -34.00 74.94 18.01
C3 NAG XA . -33.82 74.49 19.41
C4 NAG XA . -32.37 74.18 19.67
C5 NAG XA . -31.56 75.48 19.66
C6 NAG XA . -30.10 75.18 19.44
C7 NAG XA . -36.53 75.09 17.63
C8 NAG XA . -37.83 75.90 17.53
N2 NAG XA . -35.26 75.75 17.92
O3 NAG XA . -34.61 73.29 19.65
O4 NAG XA . -32.25 73.55 20.94
O5 NAG XA . -32.03 76.41 18.62
O6 NAG XA . -29.84 73.83 19.69
O7 NAG XA . -36.58 73.90 17.47
H2 NAG XA . -34.10 74.06 17.37
H3 NAG XA . -34.14 75.27 20.08
H4 NAG XA . -32.01 73.52 18.89
H5 NAG XA . -31.67 75.96 20.62
H61 NAG XA . -29.51 75.79 20.11
H62 NAG XA . -29.84 75.42 18.42
H81 NAG XA . -38.67 75.24 17.35
H82 NAG XA . -37.75 76.62 16.71
H83 NAG XA . -37.99 76.44 18.46
HN2 NAG XA . -35.23 76.74 18.05
HO3 NAG XA . -34.92 73.29 20.53
HO4 NAG XA . -31.54 73.94 21.42
HO6 NAG XA . -29.33 73.74 20.48
C1 NAG YA . -50.29 7.94 -22.31
C2 NAG YA . -51.53 8.00 -23.21
C3 NAG YA . -51.37 7.12 -24.40
C4 NAG YA . -50.15 7.49 -25.17
C5 NAG YA . -48.89 7.52 -24.30
C6 NAG YA . -47.76 8.09 -25.10
C7 NAG YA . -53.64 8.53 -21.83
C8 NAG YA . -54.84 8.06 -21.01
N2 NAG YA . -52.71 7.54 -22.39
O3 NAG YA . -52.54 7.28 -25.25
O4 NAG YA . -49.95 6.51 -26.21
O5 NAG YA . -49.06 8.33 -23.09
O6 NAG YA . -48.12 9.35 -25.59
O7 NAG YA . -53.47 9.69 -22.02
H2 NAG YA . -51.69 9.01 -23.53
H3 NAG YA . -51.30 6.09 -24.07
H4 NAG YA . -50.30 8.46 -25.62
H5 NAG YA . -48.65 6.50 -24.00
H61 NAG YA . -47.54 7.42 -25.93
H62 NAG YA . -46.89 8.18 -24.48
H81 NAG YA . -55.46 8.91 -20.74
H82 NAG YA . -54.49 7.58 -20.10
H83 NAG YA . -55.43 7.36 -21.59
HN2 NAG YA . -52.86 6.57 -22.23
HO3 NAG YA . -52.77 6.45 -25.62
HO4 NAG YA . -49.46 6.90 -26.91
HO6 NAG YA . -47.39 9.71 -26.08
C1 NAG ZA . 3.06 32.83 -40.82
C2 NAG ZA . 1.88 33.55 -41.49
C3 NAG ZA . 2.03 33.61 -42.96
C4 NAG ZA . 3.47 33.73 -43.37
C5 NAG ZA . 4.27 32.49 -42.97
C6 NAG ZA . 5.71 32.88 -42.73
C7 NAG ZA . -0.34 33.35 -40.21
C8 NAG ZA . -1.62 32.57 -39.88
N2 NAG ZA . 0.63 32.80 -41.16
O3 NAG ZA . 1.30 34.77 -43.47
O4 NAG ZA . 3.54 33.89 -44.79
O5 NAG ZA . 3.73 31.86 -41.75
O6 NAG ZA . 6.31 33.19 -43.95
O7 NAG ZA . -0.12 34.39 -39.68
H2 NAG ZA . 1.82 34.55 -41.10
H3 NAG ZA . 1.62 32.70 -43.40
H4 NAG ZA . 3.89 34.61 -42.89
H5 NAG ZA . 4.23 31.78 -43.78
H61 NAG ZA . 6.23 32.04 -42.27
H62 NAG ZA . 5.75 33.73 -42.08
H81 NAG ZA . -2.23 33.15 -39.22
H82 NAG ZA . -1.36 31.63 -39.41
H83 NAG ZA . -2.16 32.38 -40.80
HN2 NAG ZA . 0.44 31.92 -41.60
HO3 NAG ZA . 1.53 34.92 -44.36
HO4 NAG ZA . 4.43 34.04 -45.04
HO6 NAG ZA . 7.23 33.00 -43.91
C1 NAG AB . -23.60 62.12 17.67
C2 NAG AB . -23.77 61.62 16.25
C3 NAG AB . -24.32 62.79 15.54
C4 NAG AB . -25.70 63.10 16.07
C5 NAG AB . -25.82 63.13 17.60
C6 NAG AB . -27.25 62.81 17.95
C7 NAG AB . -21.90 59.86 16.14
C8 NAG AB . -20.57 59.36 15.55
N2 NAG AB . -22.48 61.13 15.68
O3 NAG AB . -24.37 62.55 14.11
O4 NAG AB . -26.11 64.37 15.55
O5 NAG AB . -24.95 62.17 18.32
O6 NAG AB . -27.47 61.44 17.85
O7 NAG AB . -22.46 59.20 16.96
C1 NAG BB . 13.50 40.55 -9.82
C2 NAG BB . 14.89 40.48 -10.40
C3 NAG BB . 15.83 41.28 -9.57
C4 NAG BB . 15.38 42.71 -9.48
C5 NAG BB . 13.91 42.86 -9.07
C6 NAG BB . 13.48 44.27 -9.31
C7 NAG BB . 14.94 38.19 -11.53
C8 NAG BB . 15.39 36.72 -11.56
N2 NAG BB . 15.34 39.05 -10.42
O3 NAG BB . 17.16 41.23 -10.16
O4 NAG BB . 16.21 43.38 -8.52
O5 NAG BB . 12.99 41.97 -9.81
O6 NAG BB . 12.49 44.28 -10.31
O7 NAG BB . 14.26 38.62 -12.40
#